data_3V93
#
_entry.id   3V93
#
_cell.length_a   130.342
_cell.length_b   130.342
_cell.length_c   388.853
_cell.angle_alpha   90.00
_cell.angle_beta   90.00
_cell.angle_gamma   90.00
#
_symmetry.space_group_name_H-M   'P 41 21 2'
#
loop_
_entity.id
_entity.type
_entity.pdbx_description
1 polymer 'Cyclic nucleotide specific phosphodiesterase'
2 non-polymer 'ZINC ION'
3 non-polymer 'MAGNESIUM ION'
4 water water
#
_entity_poly.entity_id   1
_entity_poly.type   'polypeptide(L)'
_entity_poly.pdbx_seq_one_letter_code
;GVSGHRDMISTRRLPPSIVQDTILAVVPPKSCAAIGTDVDLRDWGFDTFEVASRVPSVLQSVAMHVALAWDFFASQEEAQ
KWAFLVAAVENNYRPNPYHNAIHAADVLQGTFSLVSAAKPLMEHLTPLECKAAAFAALTHDVCHPGRTNAFLAAVQDPVS
FKFSGKGTLEQLHTATAFELLNVTEFDFTSSMDNASFLEFKNIVSHLIGHTDMSLHSETVAKHGAKLSAGGFDCTCKEDR
LEALSLLLHAADIGASSRGVAIARKWLVILQEFADQAEDERRRGLPVTPGFETPSSVEKSQIPFLDFFVIPTFDLLHQLF
PSIEEPLHNLRKLRELYAAKAGVTT
;
_entity_poly.pdbx_strand_id   A,B,C,D,E,F,G,H
#
loop_
_chem_comp.id
_chem_comp.type
_chem_comp.name
_chem_comp.formula
MG non-polymer 'MAGNESIUM ION' 'Mg 2'
ZN non-polymer 'ZINC ION' 'Zn 2'
#
# COMPACT_ATOMS: atom_id res chain seq x y z
N THR A 11 -37.94 -20.78 -44.45
CA THR A 11 -38.24 -20.40 -43.04
C THR A 11 -37.23 -21.01 -42.08
N ARG A 12 -36.93 -20.30 -41.00
CA ARG A 12 -35.97 -20.80 -40.02
C ARG A 12 -36.66 -21.71 -39.01
N ARG A 13 -36.21 -22.96 -38.98
CA ARG A 13 -36.77 -23.94 -38.06
C ARG A 13 -35.98 -23.92 -36.75
N LEU A 14 -36.50 -23.23 -35.75
CA LEU A 14 -35.84 -23.15 -34.46
C LEU A 14 -36.68 -23.79 -33.35
N PRO A 15 -36.02 -24.45 -32.39
CA PRO A 15 -36.77 -25.08 -31.30
C PRO A 15 -37.27 -23.99 -30.34
N PRO A 16 -38.21 -24.35 -29.44
CA PRO A 16 -38.72 -23.36 -28.50
C PRO A 16 -37.55 -22.94 -27.61
N SER A 17 -37.54 -21.70 -27.16
CA SER A 17 -36.47 -21.21 -26.30
C SER A 17 -36.55 -21.82 -24.91
N ILE A 18 -35.40 -21.96 -24.25
CA ILE A 18 -35.38 -22.48 -22.89
C ILE A 18 -35.51 -21.31 -21.91
N VAL A 19 -35.50 -20.09 -22.46
CA VAL A 19 -35.64 -18.88 -21.65
C VAL A 19 -37.11 -18.51 -21.63
N GLN A 20 -37.61 -18.18 -20.44
CA GLN A 20 -39.01 -17.81 -20.30
C GLN A 20 -39.25 -16.35 -20.66
N ASP A 21 -40.44 -16.08 -21.20
CA ASP A 21 -40.82 -14.72 -21.56
C ASP A 21 -40.98 -13.90 -20.29
N THR A 22 -40.93 -12.58 -20.43
CA THR A 22 -41.07 -11.67 -19.29
C THR A 22 -42.45 -11.77 -18.67
N ILE A 23 -42.52 -11.88 -17.35
CA ILE A 23 -43.81 -11.93 -16.67
C ILE A 23 -44.10 -10.50 -16.23
N LEU A 24 -45.07 -9.85 -16.86
CA LEU A 24 -45.42 -8.46 -16.57
C LEU A 24 -46.41 -8.26 -15.43
N ALA A 25 -46.96 -9.35 -14.90
CA ALA A 25 -47.95 -9.27 -13.84
C ALA A 25 -47.52 -8.52 -12.58
N VAL A 26 -48.44 -7.72 -12.06
CA VAL A 26 -48.22 -6.95 -10.84
C VAL A 26 -48.33 -7.93 -9.69
N VAL A 27 -47.25 -8.12 -8.94
CA VAL A 27 -47.27 -9.03 -7.80
C VAL A 27 -47.06 -8.22 -6.53
N PRO A 28 -47.75 -8.60 -5.45
CA PRO A 28 -47.61 -7.88 -4.18
C PRO A 28 -46.21 -8.00 -3.59
N PRO A 29 -45.59 -6.86 -3.28
CA PRO A 29 -44.24 -6.89 -2.69
C PRO A 29 -44.29 -7.56 -1.32
N LYS A 30 -43.17 -8.15 -0.91
CA LYS A 30 -43.10 -8.82 0.38
C LYS A 30 -42.71 -7.88 1.51
N SER A 31 -43.04 -8.30 2.74
CA SER A 31 -42.73 -7.51 3.93
C SER A 31 -41.25 -7.23 4.08
N CYS A 32 -40.89 -5.95 4.13
CA CYS A 32 -39.49 -5.56 4.27
C CYS A 32 -39.21 -4.97 5.64
N ALA A 33 -38.18 -5.50 6.30
CA ALA A 33 -37.77 -5.03 7.62
C ALA A 33 -36.26 -4.86 7.60
N ALA A 34 -35.75 -4.03 8.52
CA ALA A 34 -34.31 -3.79 8.60
C ALA A 34 -33.53 -5.10 8.69
N ILE A 35 -33.06 -5.58 7.54
CA ILE A 35 -32.30 -6.82 7.46
C ILE A 35 -30.96 -6.77 8.18
N VAL A 39 -26.04 -3.77 12.22
CA VAL A 39 -26.11 -4.30 10.82
C VAL A 39 -25.96 -3.18 9.79
N ASP A 40 -24.82 -3.15 9.11
CA ASP A 40 -24.54 -2.13 8.12
C ASP A 40 -24.66 -2.73 6.72
N LEU A 41 -25.53 -2.15 5.90
CA LEU A 41 -25.73 -2.61 4.52
C LEU A 41 -24.50 -2.34 3.67
N ARG A 42 -23.61 -1.49 4.16
CA ARG A 42 -22.40 -1.14 3.42
C ARG A 42 -21.26 -2.12 3.65
N ASP A 43 -21.42 -3.06 4.58
CA ASP A 43 -20.36 -4.01 4.86
C ASP A 43 -20.24 -5.09 3.79
N TRP A 44 -19.00 -5.41 3.44
CA TRP A 44 -18.71 -6.41 2.42
C TRP A 44 -18.99 -7.82 2.94
N GLY A 45 -18.96 -7.97 4.27
CA GLY A 45 -19.20 -9.26 4.89
C GLY A 45 -20.67 -9.66 4.92
N PHE A 46 -21.51 -8.88 4.25
CA PHE A 46 -22.94 -9.16 4.18
C PHE A 46 -23.16 -10.57 3.62
N ASP A 47 -23.83 -11.43 4.39
CA ASP A 47 -24.08 -12.81 3.95
C ASP A 47 -25.51 -12.87 3.41
N THR A 48 -25.65 -12.64 2.10
CA THR A 48 -26.98 -12.63 1.47
C THR A 48 -27.77 -13.93 1.65
N PHE A 49 -27.11 -15.06 1.52
CA PHE A 49 -27.79 -16.35 1.70
C PHE A 49 -28.38 -16.46 3.10
N GLU A 50 -27.61 -16.07 4.11
CA GLU A 50 -28.06 -16.13 5.49
C GLU A 50 -29.28 -15.24 5.72
N VAL A 51 -29.23 -14.02 5.20
CA VAL A 51 -30.36 -13.12 5.35
C VAL A 51 -31.59 -13.70 4.66
N ALA A 52 -31.37 -14.31 3.49
CA ALA A 52 -32.47 -14.91 2.74
C ALA A 52 -33.18 -15.99 3.55
N SER A 53 -32.45 -16.63 4.45
CA SER A 53 -33.03 -17.70 5.27
C SER A 53 -33.90 -17.18 6.41
N ARG A 54 -33.84 -15.88 6.68
CA ARG A 54 -34.61 -15.28 7.77
C ARG A 54 -35.63 -14.21 7.37
N VAL A 55 -35.67 -13.82 6.10
CA VAL A 55 -36.62 -12.79 5.68
C VAL A 55 -37.41 -13.25 4.45
N PRO A 56 -38.63 -12.73 4.26
CA PRO A 56 -39.40 -13.16 3.08
C PRO A 56 -38.69 -12.93 1.75
N SER A 57 -37.97 -11.81 1.63
CA SER A 57 -37.25 -11.51 0.39
C SER A 57 -36.04 -10.62 0.65
N VAL A 58 -34.84 -11.19 0.53
CA VAL A 58 -33.65 -10.40 0.76
C VAL A 58 -33.48 -9.40 -0.38
N LEU A 59 -33.91 -9.77 -1.58
CA LEU A 59 -33.81 -8.85 -2.73
C LEU A 59 -34.65 -7.61 -2.49
N GLN A 60 -35.90 -7.80 -2.07
CA GLN A 60 -36.76 -6.64 -1.84
C GLN A 60 -36.31 -5.82 -0.62
N SER A 61 -35.79 -6.48 0.41
CA SER A 61 -35.31 -5.74 1.58
C SER A 61 -34.07 -4.92 1.22
N VAL A 62 -33.15 -5.52 0.47
CA VAL A 62 -31.96 -4.79 0.08
C VAL A 62 -32.32 -3.61 -0.83
N ALA A 63 -33.15 -3.85 -1.84
CA ALA A 63 -33.53 -2.78 -2.76
C ALA A 63 -34.19 -1.60 -2.03
N MET A 64 -35.01 -1.90 -1.03
CA MET A 64 -35.67 -0.84 -0.26
C MET A 64 -34.61 -0.04 0.50
N HIS A 65 -33.75 -0.74 1.22
CA HIS A 65 -32.70 -0.08 2.00
C HIS A 65 -31.77 0.77 1.17
N VAL A 66 -31.37 0.27 -0.01
CA VAL A 66 -30.49 1.03 -0.88
C VAL A 66 -31.20 2.31 -1.32
N ALA A 67 -32.46 2.19 -1.72
CA ALA A 67 -33.26 3.34 -2.17
C ALA A 67 -33.36 4.42 -1.09
N LEU A 68 -33.45 4.00 0.16
CA LEU A 68 -33.53 4.93 1.27
C LEU A 68 -32.14 5.47 1.58
N ALA A 69 -31.15 4.58 1.68
CA ALA A 69 -29.78 4.98 1.99
C ALA A 69 -29.26 5.99 0.96
N TRP A 70 -29.75 5.89 -0.26
CA TRP A 70 -29.32 6.81 -1.31
C TRP A 70 -30.39 7.84 -1.69
N ASP A 71 -31.36 8.02 -0.79
CA ASP A 71 -32.45 8.99 -0.96
C ASP A 71 -32.97 9.06 -2.39
N PHE A 72 -33.42 7.93 -2.92
CA PHE A 72 -33.93 7.86 -4.28
C PHE A 72 -35.20 8.67 -4.58
N PHE A 73 -36.18 8.56 -3.69
CA PHE A 73 -37.47 9.17 -3.94
C PHE A 73 -37.92 10.34 -3.09
N ALA A 74 -38.55 11.31 -3.76
CA ALA A 74 -39.07 12.49 -3.10
C ALA A 74 -40.56 12.28 -2.82
N SER A 75 -41.18 11.38 -3.56
CA SER A 75 -42.60 11.10 -3.40
C SER A 75 -42.87 9.65 -3.01
N GLN A 76 -44.01 9.42 -2.37
CA GLN A 76 -44.39 8.08 -1.95
C GLN A 76 -44.77 7.27 -3.18
N GLU A 77 -45.30 7.95 -4.19
CA GLU A 77 -45.70 7.28 -5.42
C GLU A 77 -44.51 6.62 -6.10
N GLU A 78 -43.37 7.32 -6.13
CA GLU A 78 -42.17 6.76 -6.74
C GLU A 78 -41.69 5.59 -5.91
N ALA A 79 -41.74 5.73 -4.60
CA ALA A 79 -41.30 4.67 -3.70
C ALA A 79 -42.12 3.42 -3.93
N GLN A 80 -43.42 3.60 -4.12
CA GLN A 80 -44.31 2.47 -4.33
C GLN A 80 -44.05 1.76 -5.67
N LYS A 81 -43.73 2.54 -6.70
CA LYS A 81 -43.45 1.93 -8.00
C LYS A 81 -42.17 1.10 -7.92
N TRP A 82 -41.20 1.60 -7.17
CA TRP A 82 -39.92 0.89 -7.00
C TRP A 82 -40.19 -0.44 -6.31
N ALA A 83 -40.99 -0.41 -5.25
CA ALA A 83 -41.33 -1.61 -4.51
C ALA A 83 -41.97 -2.67 -5.42
N PHE A 84 -42.96 -2.26 -6.21
CA PHE A 84 -43.62 -3.20 -7.10
C PHE A 84 -42.71 -3.69 -8.21
N LEU A 85 -41.83 -2.81 -8.70
CA LEU A 85 -40.89 -3.18 -9.74
C LEU A 85 -39.97 -4.30 -9.25
N VAL A 86 -39.38 -4.12 -8.08
CA VAL A 86 -38.47 -5.11 -7.53
C VAL A 86 -39.17 -6.44 -7.30
N ALA A 87 -40.42 -6.37 -6.85
CA ALA A 87 -41.21 -7.57 -6.63
C ALA A 87 -41.37 -8.30 -7.96
N ALA A 88 -41.68 -7.54 -9.02
CA ALA A 88 -41.87 -8.11 -10.35
C ALA A 88 -40.55 -8.66 -10.87
N VAL A 89 -39.46 -7.96 -10.61
CA VAL A 89 -38.16 -8.42 -11.06
C VAL A 89 -37.88 -9.77 -10.38
N GLU A 90 -38.14 -9.86 -9.09
CA GLU A 90 -37.90 -11.12 -8.37
C GLU A 90 -38.76 -12.24 -8.96
N ASN A 91 -39.95 -11.87 -9.44
CA ASN A 91 -40.89 -12.81 -10.03
C ASN A 91 -40.35 -13.33 -11.37
N ASN A 92 -39.36 -12.63 -11.91
CA ASN A 92 -38.75 -12.99 -13.19
C ASN A 92 -37.40 -13.70 -13.10
N TYR A 93 -36.94 -14.01 -11.89
CA TYR A 93 -35.70 -14.77 -11.73
C TYR A 93 -36.13 -16.22 -11.53
N ARG A 94 -35.44 -17.16 -12.19
CA ARG A 94 -35.79 -18.58 -12.08
C ARG A 94 -35.20 -19.19 -10.81
N PRO A 95 -35.75 -20.33 -10.36
CA PRO A 95 -35.25 -21.00 -9.16
C PRO A 95 -33.94 -21.75 -9.39
N ASN A 96 -32.96 -21.06 -9.98
CA ASN A 96 -31.65 -21.64 -10.27
C ASN A 96 -30.83 -21.75 -9.00
N PRO A 97 -29.84 -22.66 -8.98
CA PRO A 97 -29.01 -22.80 -7.78
C PRO A 97 -28.18 -21.51 -7.56
N TYR A 98 -27.70 -20.93 -8.65
CA TYR A 98 -26.86 -19.72 -8.58
C TYR A 98 -27.46 -18.44 -9.20
N HIS A 99 -27.80 -18.47 -10.48
CA HIS A 99 -28.36 -17.29 -11.12
C HIS A 99 -29.84 -17.11 -10.77
N ASN A 100 -30.05 -16.65 -9.53
CA ASN A 100 -31.39 -16.44 -8.98
C ASN A 100 -31.53 -15.09 -8.29
N ALA A 101 -32.69 -14.87 -7.67
CA ALA A 101 -32.95 -13.61 -6.97
C ALA A 101 -32.01 -13.35 -5.79
N ILE A 102 -31.43 -14.41 -5.23
CA ILE A 102 -30.50 -14.22 -4.12
C ILE A 102 -29.21 -13.64 -4.69
N HIS A 103 -28.75 -14.15 -5.83
CA HIS A 103 -27.55 -13.64 -6.51
C HIS A 103 -27.80 -12.19 -6.87
N ALA A 104 -29.01 -11.88 -7.35
CA ALA A 104 -29.36 -10.52 -7.71
C ALA A 104 -29.22 -9.62 -6.50
N ALA A 105 -29.76 -10.05 -5.37
CA ALA A 105 -29.69 -9.26 -4.14
C ALA A 105 -28.24 -9.07 -3.72
N ASP A 106 -27.45 -10.13 -3.88
CA ASP A 106 -26.04 -10.13 -3.51
C ASP A 106 -25.25 -9.12 -4.36
N VAL A 107 -25.53 -9.09 -5.65
CA VAL A 107 -24.84 -8.18 -6.55
C VAL A 107 -25.29 -6.74 -6.29
N LEU A 108 -26.58 -6.57 -5.97
CA LEU A 108 -27.10 -5.23 -5.68
C LEU A 108 -26.44 -4.70 -4.41
N GLN A 109 -26.43 -5.52 -3.37
CA GLN A 109 -25.82 -5.12 -2.10
C GLN A 109 -24.31 -4.92 -2.28
N GLY A 110 -23.70 -5.76 -3.09
CA GLY A 110 -22.26 -5.65 -3.32
C GLY A 110 -21.88 -4.37 -4.06
N THR A 111 -22.70 -3.97 -5.02
CA THR A 111 -22.46 -2.75 -5.78
C THR A 111 -22.59 -1.56 -4.83
N PHE A 112 -23.62 -1.61 -4.00
CA PHE A 112 -23.88 -0.56 -3.02
C PHE A 112 -22.68 -0.46 -2.07
N SER A 113 -22.18 -1.61 -1.65
CA SER A 113 -21.03 -1.68 -0.74
C SER A 113 -19.76 -1.12 -1.37
N LEU A 114 -19.42 -1.56 -2.59
CA LEU A 114 -18.21 -1.09 -3.25
C LEU A 114 -18.27 0.40 -3.56
N VAL A 115 -19.43 0.86 -4.05
CA VAL A 115 -19.58 2.27 -4.39
C VAL A 115 -19.50 3.14 -3.14
N SER A 116 -20.15 2.68 -2.07
CA SER A 116 -20.15 3.42 -0.81
C SER A 116 -18.75 3.52 -0.23
N ALA A 117 -17.88 2.56 -0.54
CA ALA A 117 -16.52 2.56 -0.01
C ALA A 117 -15.53 3.47 -0.75
N ALA A 118 -15.89 3.92 -1.95
CA ALA A 118 -15.01 4.79 -2.73
C ALA A 118 -15.53 6.22 -2.72
N LYS A 119 -14.94 7.05 -1.86
CA LYS A 119 -15.34 8.46 -1.68
C LYS A 119 -15.41 9.31 -2.96
N PRO A 120 -14.35 9.30 -3.78
CA PRO A 120 -14.35 10.09 -5.02
C PRO A 120 -15.57 9.80 -5.89
N LEU A 121 -15.79 8.51 -6.19
CA LEU A 121 -16.92 8.10 -7.01
C LEU A 121 -18.24 8.42 -6.30
N MET A 122 -18.38 7.99 -5.05
CA MET A 122 -19.61 8.24 -4.31
C MET A 122 -20.00 9.71 -4.29
N GLU A 123 -19.03 10.58 -4.04
CA GLU A 123 -19.27 12.02 -3.97
C GLU A 123 -19.64 12.67 -5.30
N HIS A 124 -19.28 12.04 -6.41
CA HIS A 124 -19.58 12.62 -7.72
C HIS A 124 -20.73 11.98 -8.47
N LEU A 125 -21.20 10.83 -8.01
CA LEU A 125 -22.32 10.16 -8.66
C LEU A 125 -23.58 11.00 -8.52
N THR A 126 -24.33 11.14 -9.60
CA THR A 126 -25.58 11.90 -9.55
C THR A 126 -26.68 10.96 -9.05
N PRO A 127 -27.81 11.51 -8.58
CA PRO A 127 -28.89 10.63 -8.11
C PRO A 127 -29.32 9.68 -9.24
N LEU A 128 -29.39 10.19 -10.47
CA LEU A 128 -29.79 9.36 -11.60
C LEU A 128 -28.82 8.21 -11.81
N GLU A 129 -27.53 8.49 -11.68
CA GLU A 129 -26.53 7.45 -11.87
C GLU A 129 -26.66 6.38 -10.79
N CYS A 130 -26.97 6.79 -9.57
CA CYS A 130 -27.12 5.82 -8.48
C CYS A 130 -28.34 4.94 -8.71
N LYS A 131 -29.42 5.54 -9.21
CA LYS A 131 -30.62 4.78 -9.47
C LYS A 131 -30.34 3.78 -10.58
N ALA A 132 -29.59 4.22 -11.59
CA ALA A 132 -29.25 3.34 -12.70
C ALA A 132 -28.40 2.17 -12.25
N ALA A 133 -27.46 2.44 -11.34
CA ALA A 133 -26.56 1.41 -10.84
C ALA A 133 -27.33 0.35 -10.06
N ALA A 134 -28.24 0.81 -9.20
CA ALA A 134 -29.05 -0.11 -8.40
C ALA A 134 -29.99 -0.93 -9.28
N PHE A 135 -30.63 -0.28 -10.25
CA PHE A 135 -31.57 -0.95 -11.14
C PHE A 135 -30.83 -1.99 -12.00
N ALA A 136 -29.64 -1.63 -12.48
CA ALA A 136 -28.86 -2.55 -13.30
C ALA A 136 -28.44 -3.79 -12.51
N ALA A 137 -27.94 -3.59 -11.30
CA ALA A 137 -27.50 -4.70 -10.45
C ALA A 137 -28.68 -5.62 -10.14
N LEU A 138 -29.80 -5.01 -9.81
CA LEU A 138 -31.02 -5.71 -9.48
C LEU A 138 -31.51 -6.61 -10.62
N THR A 139 -31.44 -6.10 -11.85
CA THR A 139 -31.91 -6.83 -13.02
C THR A 139 -30.84 -7.48 -13.90
N HIS A 140 -29.57 -7.42 -13.49
CA HIS A 140 -28.50 -7.90 -14.35
C HIS A 140 -28.55 -9.35 -14.87
N ASP A 141 -29.26 -10.23 -14.16
CA ASP A 141 -29.38 -11.64 -14.57
C ASP A 141 -30.85 -12.08 -14.69
N VAL A 142 -31.77 -11.13 -14.77
CA VAL A 142 -33.18 -11.47 -14.85
C VAL A 142 -33.50 -12.43 -15.98
N CYS A 143 -34.27 -13.47 -15.65
CA CYS A 143 -34.68 -14.52 -16.59
C CYS A 143 -33.57 -15.51 -16.96
N HIS A 144 -32.42 -15.40 -16.30
CA HIS A 144 -31.31 -16.30 -16.57
C HIS A 144 -31.80 -17.76 -16.49
N PRO A 145 -31.55 -18.56 -17.54
CA PRO A 145 -31.98 -19.96 -17.57
C PRO A 145 -31.06 -20.97 -16.88
N GLY A 146 -29.96 -20.50 -16.30
CA GLY A 146 -29.05 -21.42 -15.63
C GLY A 146 -28.18 -22.19 -16.60
N ARG A 147 -28.01 -21.63 -17.79
CA ARG A 147 -27.17 -22.20 -18.84
C ARG A 147 -26.37 -21.03 -19.43
N THR A 148 -25.21 -21.32 -20.00
CA THR A 148 -24.35 -20.27 -20.56
C THR A 148 -24.74 -19.81 -21.96
N ASN A 149 -24.12 -18.72 -22.40
CA ASN A 149 -24.36 -18.19 -23.74
C ASN A 149 -23.94 -19.26 -24.76
N ALA A 150 -22.85 -19.96 -24.47
CA ALA A 150 -22.36 -21.00 -25.38
C ALA A 150 -23.38 -22.13 -25.52
N PHE A 151 -24.04 -22.48 -24.42
CA PHE A 151 -25.04 -23.54 -24.43
C PHE A 151 -26.21 -23.12 -25.30
N LEU A 152 -26.67 -21.89 -25.12
CA LEU A 152 -27.77 -21.37 -25.91
C LEU A 152 -27.41 -21.48 -27.40
N ALA A 153 -26.17 -21.14 -27.74
CA ALA A 153 -25.72 -21.22 -29.12
C ALA A 153 -25.67 -22.68 -29.60
N ALA A 154 -25.20 -23.57 -28.72
CA ALA A 154 -25.09 -24.99 -29.06
C ALA A 154 -26.43 -25.64 -29.35
N VAL A 155 -27.47 -25.22 -28.63
CA VAL A 155 -28.80 -25.80 -28.86
C VAL A 155 -29.62 -24.99 -29.85
N GLN A 156 -29.00 -23.96 -30.43
CA GLN A 156 -29.67 -23.11 -31.41
C GLN A 156 -30.93 -22.47 -30.84
N ASP A 157 -30.81 -21.93 -29.63
CA ASP A 157 -31.95 -21.29 -28.97
C ASP A 157 -32.31 -20.00 -29.70
N PRO A 158 -33.61 -19.71 -29.83
CA PRO A 158 -34.10 -18.50 -30.50
C PRO A 158 -33.44 -17.23 -29.95
N VAL A 159 -33.17 -17.20 -28.65
CA VAL A 159 -32.56 -16.02 -28.03
C VAL A 159 -31.19 -15.72 -28.65
N SER A 160 -30.45 -16.76 -29.03
CA SER A 160 -29.13 -16.60 -29.64
C SER A 160 -29.22 -15.96 -31.04
N PHE A 161 -30.34 -16.18 -31.71
CA PHE A 161 -30.55 -15.60 -33.04
C PHE A 161 -31.11 -14.17 -32.90
N LYS A 162 -31.90 -13.94 -31.86
CA LYS A 162 -32.50 -12.62 -31.61
C LYS A 162 -31.46 -11.60 -31.17
N PHE A 163 -30.61 -11.99 -30.23
CA PHE A 163 -29.56 -11.11 -29.73
C PHE A 163 -28.23 -11.66 -30.26
N SER A 164 -27.75 -11.05 -31.35
CA SER A 164 -26.53 -11.50 -32.00
C SER A 164 -25.26 -10.91 -31.42
N GLY A 165 -24.14 -11.55 -31.71
CA GLY A 165 -22.87 -11.07 -31.21
C GLY A 165 -22.63 -11.60 -29.80
N LYS A 166 -21.60 -11.08 -29.14
CA LYS A 166 -21.29 -11.51 -27.78
C LYS A 166 -22.38 -11.10 -26.79
N GLY A 167 -22.35 -11.71 -25.62
CA GLY A 167 -23.29 -11.38 -24.56
C GLY A 167 -24.77 -11.57 -24.86
N THR A 168 -25.12 -12.76 -25.35
CA THR A 168 -26.50 -13.07 -25.68
C THR A 168 -27.45 -12.83 -24.49
N LEU A 169 -27.18 -13.50 -23.37
CA LEU A 169 -28.02 -13.36 -22.19
C LEU A 169 -27.99 -11.94 -21.63
N GLU A 170 -26.82 -11.32 -21.66
CA GLU A 170 -26.69 -9.96 -21.16
C GLU A 170 -27.64 -9.01 -21.90
N GLN A 171 -27.72 -9.17 -23.22
CA GLN A 171 -28.62 -8.33 -24.03
C GLN A 171 -30.06 -8.64 -23.63
N LEU A 172 -30.35 -9.90 -23.39
CA LEU A 172 -31.70 -10.32 -22.99
C LEU A 172 -32.08 -9.75 -21.62
N HIS A 173 -31.16 -9.81 -20.66
CA HIS A 173 -31.44 -9.27 -19.33
C HIS A 173 -31.76 -7.78 -19.46
N THR A 174 -30.95 -7.07 -20.26
CA THR A 174 -31.14 -5.65 -20.45
C THR A 174 -32.52 -5.36 -21.03
N ALA A 175 -32.89 -6.08 -22.10
CA ALA A 175 -34.19 -5.89 -22.74
C ALA A 175 -35.33 -6.19 -21.77
N THR A 176 -35.18 -7.27 -20.99
CA THR A 176 -36.20 -7.67 -20.04
C THR A 176 -36.38 -6.61 -18.96
N ALA A 177 -35.27 -6.06 -18.48
CA ALA A 177 -35.33 -5.03 -17.46
C ALA A 177 -36.15 -3.84 -17.92
N PHE A 178 -35.92 -3.39 -19.16
CA PHE A 178 -36.66 -2.24 -19.69
C PHE A 178 -38.12 -2.57 -19.94
N GLU A 179 -38.40 -3.81 -20.33
CA GLU A 179 -39.78 -4.22 -20.57
C GLU A 179 -40.57 -4.08 -19.28
N LEU A 180 -39.94 -4.46 -18.17
CA LEU A 180 -40.59 -4.39 -16.87
C LEU A 180 -40.74 -2.94 -16.42
N LEU A 181 -39.68 -2.15 -16.60
CA LEU A 181 -39.72 -0.75 -16.21
C LEU A 181 -40.78 0.00 -17.01
N ASN A 182 -41.20 -0.59 -18.12
CA ASN A 182 -42.21 0.02 -18.98
C ASN A 182 -43.62 -0.13 -18.42
N VAL A 183 -43.81 -1.07 -17.50
CA VAL A 183 -45.12 -1.27 -16.91
C VAL A 183 -45.43 -0.06 -16.01
N THR A 184 -46.57 0.58 -16.26
CA THR A 184 -46.97 1.78 -15.52
C THR A 184 -46.82 1.66 -14.01
N GLU A 185 -47.28 0.55 -13.43
CA GLU A 185 -47.18 0.33 -12.00
C GLU A 185 -45.74 0.14 -11.50
N PHE A 186 -44.81 -0.13 -12.41
CA PHE A 186 -43.41 -0.35 -12.02
C PHE A 186 -42.50 0.80 -12.47
N ASP A 187 -43.02 1.71 -13.30
CA ASP A 187 -42.20 2.79 -13.84
C ASP A 187 -41.84 3.92 -12.88
N PHE A 188 -40.85 3.67 -12.02
CA PHE A 188 -40.43 4.68 -11.06
C PHE A 188 -39.64 5.83 -11.69
N THR A 189 -39.28 5.69 -12.96
CA THR A 189 -38.54 6.74 -13.67
C THR A 189 -39.49 7.56 -14.54
N SER A 190 -40.80 7.33 -14.40
CA SER A 190 -41.78 8.04 -15.22
C SER A 190 -41.69 9.56 -15.08
N SER A 191 -41.23 10.04 -13.93
CA SER A 191 -41.13 11.48 -13.73
C SER A 191 -39.89 12.12 -14.35
N MET A 192 -38.95 11.30 -14.83
CA MET A 192 -37.74 11.84 -15.45
C MET A 192 -38.11 12.42 -16.81
N ASP A 193 -37.45 13.49 -17.24
CA ASP A 193 -37.75 14.02 -18.56
C ASP A 193 -37.09 13.08 -19.58
N ASN A 194 -37.37 13.24 -20.87
CA ASN A 194 -36.80 12.34 -21.86
C ASN A 194 -35.28 12.27 -21.86
N ALA A 195 -34.61 13.40 -21.71
CA ALA A 195 -33.15 13.40 -21.71
C ALA A 195 -32.57 12.60 -20.54
N SER A 196 -33.20 12.73 -19.38
CA SER A 196 -32.76 12.02 -18.18
C SER A 196 -33.02 10.52 -18.33
N PHE A 197 -34.20 10.15 -18.79
CA PHE A 197 -34.53 8.73 -18.95
C PHE A 197 -33.60 8.06 -19.96
N LEU A 198 -33.25 8.77 -21.04
CA LEU A 198 -32.34 8.22 -22.03
C LEU A 198 -30.98 7.96 -21.38
N GLU A 199 -30.52 8.92 -20.57
CA GLU A 199 -29.23 8.77 -19.89
C GLU A 199 -29.30 7.54 -18.97
N PHE A 200 -30.43 7.39 -18.28
CA PHE A 200 -30.63 6.27 -17.37
C PHE A 200 -30.50 4.97 -18.15
N LYS A 201 -31.26 4.87 -19.24
CA LYS A 201 -31.25 3.68 -20.08
C LYS A 201 -29.85 3.35 -20.58
N ASN A 202 -29.13 4.37 -21.05
CA ASN A 202 -27.78 4.14 -21.55
C ASN A 202 -26.81 3.63 -20.50
N ILE A 203 -26.94 4.15 -19.28
CA ILE A 203 -26.06 3.70 -18.20
C ILE A 203 -26.38 2.24 -17.88
N VAL A 204 -27.66 1.94 -17.73
CA VAL A 204 -28.12 0.59 -17.42
C VAL A 204 -27.66 -0.42 -18.49
N SER A 205 -27.79 -0.04 -19.76
CA SER A 205 -27.39 -0.91 -20.85
C SER A 205 -25.90 -1.23 -20.77
N HIS A 206 -25.12 -0.19 -20.54
CA HIS A 206 -23.67 -0.31 -20.43
C HIS A 206 -23.29 -1.23 -19.26
N LEU A 207 -23.86 -0.98 -18.08
CA LEU A 207 -23.56 -1.77 -16.89
C LEU A 207 -23.91 -3.25 -17.03
N ILE A 208 -25.12 -3.55 -17.47
CA ILE A 208 -25.53 -4.94 -17.62
C ILE A 208 -24.70 -5.59 -18.73
N GLY A 209 -24.44 -4.82 -19.79
CA GLY A 209 -23.66 -5.34 -20.90
C GLY A 209 -22.26 -5.77 -20.48
N HIS A 210 -21.68 -5.05 -19.54
CA HIS A 210 -20.33 -5.37 -19.10
C HIS A 210 -20.23 -6.49 -18.06
N THR A 211 -21.34 -7.17 -17.79
CA THR A 211 -21.29 -8.29 -16.85
C THR A 211 -20.97 -9.54 -17.66
N ASP A 212 -20.91 -9.38 -18.97
CA ASP A 212 -20.58 -10.49 -19.88
C ASP A 212 -19.15 -10.94 -19.60
N MET A 213 -19.01 -12.18 -19.15
CA MET A 213 -17.68 -12.70 -18.83
C MET A 213 -16.69 -12.70 -19.98
N SER A 214 -17.17 -12.62 -21.21
CA SER A 214 -16.25 -12.64 -22.35
C SER A 214 -15.44 -11.36 -22.49
N LEU A 215 -15.84 -10.32 -21.76
CA LEU A 215 -15.13 -9.03 -21.82
C LEU A 215 -14.14 -8.83 -20.68
N HIS A 216 -14.11 -9.79 -19.75
CA HIS A 216 -13.23 -9.70 -18.59
C HIS A 216 -11.76 -9.32 -18.86
N SER A 217 -11.04 -10.13 -19.64
CA SER A 217 -9.64 -9.83 -19.92
C SER A 217 -9.47 -8.44 -20.53
N GLU A 218 -10.33 -8.11 -21.48
CA GLU A 218 -10.27 -6.82 -22.14
C GLU A 218 -10.48 -5.69 -21.13
N THR A 219 -11.44 -5.86 -20.23
CA THR A 219 -11.72 -4.83 -19.23
C THR A 219 -10.58 -4.68 -18.23
N VAL A 220 -9.97 -5.81 -17.85
CA VAL A 220 -8.85 -5.78 -16.90
C VAL A 220 -7.68 -5.00 -17.52
N ALA A 221 -7.37 -5.28 -18.78
CA ALA A 221 -6.28 -4.59 -19.46
C ALA A 221 -6.64 -3.13 -19.68
N LYS A 222 -7.91 -2.88 -20.02
CA LYS A 222 -8.40 -1.53 -20.24
C LYS A 222 -8.25 -0.68 -18.98
N HIS A 223 -8.75 -1.20 -17.86
CA HIS A 223 -8.67 -0.47 -16.61
C HIS A 223 -7.26 -0.45 -16.01
N GLY A 224 -6.45 -1.43 -16.40
CA GLY A 224 -5.07 -1.47 -15.93
C GLY A 224 -4.36 -0.27 -16.53
N ALA A 225 -4.66 0.03 -17.79
CA ALA A 225 -4.05 1.16 -18.48
C ALA A 225 -4.58 2.46 -17.85
N LYS A 226 -5.88 2.50 -17.56
CA LYS A 226 -6.46 3.69 -16.93
C LYS A 226 -5.73 3.95 -15.61
N LEU A 227 -5.46 2.87 -14.87
CA LEU A 227 -4.76 2.96 -13.59
C LEU A 227 -3.38 3.61 -13.79
N SER A 228 -2.62 3.09 -14.75
CA SER A 228 -1.28 3.64 -15.03
C SER A 228 -1.37 5.10 -15.43
N ALA A 229 -2.47 5.48 -16.06
CA ALA A 229 -2.66 6.85 -16.48
C ALA A 229 -3.15 7.73 -15.33
N GLY A 230 -3.26 7.17 -14.13
CA GLY A 230 -3.71 7.98 -13.01
C GLY A 230 -5.07 7.66 -12.40
N GLY A 231 -5.76 6.67 -12.94
CA GLY A 231 -7.06 6.30 -12.41
C GLY A 231 -8.23 7.06 -13.02
N PHE A 232 -9.38 6.95 -12.37
CA PHE A 232 -10.59 7.62 -12.84
C PHE A 232 -10.68 9.07 -12.41
N ASP A 233 -11.24 9.90 -13.29
CA ASP A 233 -11.47 11.30 -13.01
C ASP A 233 -12.99 11.34 -12.83
N CYS A 234 -13.45 11.27 -11.59
CA CYS A 234 -14.87 11.21 -11.32
C CYS A 234 -15.69 12.45 -11.62
N THR A 235 -15.04 13.52 -12.06
CA THR A 235 -15.79 14.72 -12.42
C THR A 235 -16.26 14.47 -13.85
N CYS A 236 -15.68 13.45 -14.47
CA CYS A 236 -16.02 13.07 -15.84
C CYS A 236 -17.06 11.96 -15.85
N LYS A 237 -18.22 12.25 -16.44
CA LYS A 237 -19.32 11.30 -16.53
C LYS A 237 -18.88 9.96 -17.11
N GLU A 238 -18.06 10.02 -18.16
CA GLU A 238 -17.58 8.82 -18.82
C GLU A 238 -16.78 7.94 -17.85
N ASP A 239 -15.93 8.56 -17.04
CA ASP A 239 -15.13 7.81 -16.08
C ASP A 239 -15.99 7.20 -14.99
N ARG A 240 -17.04 7.92 -14.57
CA ARG A 240 -17.92 7.39 -13.53
C ARG A 240 -18.65 6.16 -14.05
N LEU A 241 -19.03 6.18 -15.31
CA LEU A 241 -19.72 5.05 -15.92
C LEU A 241 -18.81 3.83 -15.98
N GLU A 242 -17.55 4.05 -16.34
CA GLU A 242 -16.60 2.94 -16.42
C GLU A 242 -16.30 2.41 -15.03
N ALA A 243 -16.20 3.31 -14.06
CA ALA A 243 -15.94 2.91 -12.68
C ALA A 243 -17.11 2.08 -12.15
N LEU A 244 -18.34 2.52 -12.44
CA LEU A 244 -19.53 1.80 -12.00
C LEU A 244 -19.56 0.41 -12.64
N SER A 245 -19.20 0.35 -13.91
CA SER A 245 -19.18 -0.92 -14.64
C SER A 245 -18.21 -1.92 -14.02
N LEU A 246 -17.04 -1.42 -13.66
CA LEU A 246 -16.03 -2.28 -13.05
C LEU A 246 -16.48 -2.78 -11.67
N LEU A 247 -17.04 -1.87 -10.88
CA LEU A 247 -17.51 -2.25 -9.55
C LEU A 247 -18.68 -3.23 -9.60
N LEU A 248 -19.58 -3.05 -10.57
CA LEU A 248 -20.71 -3.96 -10.70
C LEU A 248 -20.20 -5.34 -11.09
N HIS A 249 -19.28 -5.36 -12.03
CA HIS A 249 -18.69 -6.61 -12.49
C HIS A 249 -17.98 -7.33 -11.33
N ALA A 250 -17.24 -6.58 -10.54
CA ALA A 250 -16.52 -7.15 -9.40
C ALA A 250 -17.51 -7.72 -8.39
N ALA A 251 -18.62 -7.01 -8.19
CA ALA A 251 -19.65 -7.47 -7.25
C ALA A 251 -20.28 -8.75 -7.80
N ASP A 252 -20.49 -8.79 -9.11
CA ASP A 252 -21.10 -9.94 -9.80
C ASP A 252 -20.29 -11.21 -9.59
N ILE A 253 -18.96 -11.14 -9.78
CA ILE A 253 -18.11 -12.33 -9.63
C ILE A 253 -17.36 -12.41 -8.31
N GLY A 254 -17.61 -11.48 -7.39
CA GLY A 254 -16.84 -11.50 -6.16
C GLY A 254 -17.37 -12.04 -4.84
N ALA A 255 -18.47 -12.78 -4.84
CA ALA A 255 -18.96 -13.31 -3.58
C ALA A 255 -17.88 -14.13 -2.85
N SER A 256 -16.97 -14.73 -3.62
CA SER A 256 -15.90 -15.54 -3.01
C SER A 256 -14.92 -14.69 -2.22
N SER A 257 -15.02 -13.37 -2.35
CA SER A 257 -14.12 -12.46 -1.65
C SER A 257 -14.74 -11.86 -0.38
N ARG A 258 -15.94 -12.29 -0.03
CA ARG A 258 -16.62 -11.76 1.15
C ARG A 258 -16.27 -12.47 2.44
N GLY A 259 -15.49 -13.55 2.34
CA GLY A 259 -15.12 -14.31 3.51
C GLY A 259 -15.29 -15.79 3.22
N VAL A 260 -14.47 -16.62 3.86
CA VAL A 260 -14.50 -18.07 3.65
C VAL A 260 -15.87 -18.74 3.76
N ALA A 261 -16.58 -18.47 4.84
CA ALA A 261 -17.89 -19.07 5.06
C ALA A 261 -18.86 -18.69 3.94
N ILE A 262 -18.86 -17.42 3.56
CA ILE A 262 -19.74 -16.97 2.49
C ILE A 262 -19.33 -17.58 1.15
N ALA A 263 -18.03 -17.63 0.86
CA ALA A 263 -17.54 -18.19 -0.40
C ALA A 263 -18.04 -19.62 -0.62
N ARG A 264 -18.03 -20.41 0.44
CA ARG A 264 -18.49 -21.79 0.34
C ARG A 264 -19.94 -21.88 -0.12
N LYS A 265 -20.77 -20.97 0.36
CA LYS A 265 -22.17 -20.99 -0.01
C LYS A 265 -22.38 -20.76 -1.49
N TRP A 266 -21.51 -19.95 -2.10
CA TRP A 266 -21.65 -19.67 -3.52
C TRP A 266 -21.08 -20.70 -4.47
N LEU A 267 -20.60 -21.81 -3.92
CA LEU A 267 -20.09 -22.90 -4.76
C LEU A 267 -21.27 -23.59 -5.45
N VAL A 268 -22.49 -23.11 -5.15
CA VAL A 268 -23.68 -23.68 -5.79
C VAL A 268 -23.60 -23.47 -7.30
N ILE A 269 -22.69 -22.61 -7.75
CA ILE A 269 -22.52 -22.39 -9.18
C ILE A 269 -22.11 -23.71 -9.83
N LEU A 270 -21.39 -24.54 -9.07
CA LEU A 270 -20.96 -25.85 -9.58
C LEU A 270 -22.15 -26.75 -9.87
N GLN A 271 -23.26 -26.51 -9.19
CA GLN A 271 -24.46 -27.32 -9.41
C GLN A 271 -25.02 -27.00 -10.79
N GLU A 272 -25.06 -25.72 -11.13
CA GLU A 272 -25.57 -25.31 -12.45
C GLU A 272 -24.69 -25.86 -13.56
N PHE A 273 -23.37 -25.81 -13.37
CA PHE A 273 -22.47 -26.31 -14.39
C PHE A 273 -22.69 -27.80 -14.58
N ALA A 274 -22.84 -28.53 -13.48
CA ALA A 274 -23.06 -29.96 -13.55
C ALA A 274 -24.39 -30.24 -14.24
N ASP A 275 -25.40 -29.45 -13.90
CA ASP A 275 -26.72 -29.61 -14.51
C ASP A 275 -26.57 -29.42 -16.02
N GLN A 276 -25.80 -28.41 -16.41
CA GLN A 276 -25.59 -28.15 -17.84
C GLN A 276 -24.82 -29.31 -18.50
N ALA A 277 -23.79 -29.80 -17.83
CA ALA A 277 -23.03 -30.91 -18.41
C ALA A 277 -23.96 -32.09 -18.69
N GLU A 278 -24.87 -32.36 -17.75
CA GLU A 278 -25.82 -33.47 -17.92
C GLU A 278 -26.83 -33.14 -19.02
N ASP A 279 -27.23 -31.86 -19.09
CA ASP A 279 -28.19 -31.41 -20.10
C ASP A 279 -27.53 -31.67 -21.47
N GLU A 280 -26.25 -31.31 -21.58
CA GLU A 280 -25.51 -31.50 -22.82
C GLU A 280 -25.46 -32.99 -23.17
N ARG A 281 -25.15 -33.81 -22.18
CA ARG A 281 -25.07 -35.25 -22.40
C ARG A 281 -26.42 -35.81 -22.87
N ARG A 282 -27.49 -35.41 -22.20
CA ARG A 282 -28.82 -35.90 -22.56
C ARG A 282 -29.22 -35.50 -23.98
N ARG A 283 -28.72 -34.35 -24.44
CA ARG A 283 -29.02 -33.84 -25.77
C ARG A 283 -28.08 -34.41 -26.83
N GLY A 284 -27.08 -35.15 -26.39
CA GLY A 284 -26.13 -35.72 -27.33
C GLY A 284 -25.09 -34.72 -27.81
N LEU A 285 -24.92 -33.63 -27.05
CA LEU A 285 -23.94 -32.61 -27.40
C LEU A 285 -22.63 -32.84 -26.67
N PRO A 286 -21.52 -32.31 -27.21
CA PRO A 286 -20.23 -32.49 -26.53
C PRO A 286 -20.33 -31.84 -25.15
N VAL A 287 -19.76 -32.48 -24.14
CA VAL A 287 -19.80 -31.94 -22.79
C VAL A 287 -18.74 -30.87 -22.60
N THR A 288 -19.15 -29.74 -22.02
CA THR A 288 -18.25 -28.63 -21.77
C THR A 288 -17.18 -29.04 -20.77
N PRO A 289 -15.89 -28.87 -21.13
CA PRO A 289 -14.78 -29.23 -20.26
C PRO A 289 -14.87 -28.59 -18.87
N GLY A 290 -14.69 -29.41 -17.85
CA GLY A 290 -14.73 -28.90 -16.48
C GLY A 290 -16.09 -28.62 -15.86
N PHE A 291 -17.17 -28.82 -16.60
CA PHE A 291 -18.49 -28.54 -16.03
C PHE A 291 -19.04 -29.68 -15.16
N GLU A 292 -18.60 -30.90 -15.42
CA GLU A 292 -19.07 -32.01 -14.57
C GLU A 292 -18.48 -31.74 -13.18
N THR A 293 -19.19 -32.18 -12.15
CA THR A 293 -18.75 -31.96 -10.78
C THR A 293 -17.30 -32.39 -10.63
N PRO A 294 -16.43 -31.47 -10.14
CA PRO A 294 -15.02 -31.82 -9.97
C PRO A 294 -14.79 -32.72 -8.76
N SER A 295 -13.81 -33.62 -8.88
CA SER A 295 -13.49 -34.53 -7.78
C SER A 295 -13.03 -33.73 -6.57
N SER A 296 -12.32 -32.64 -6.82
CA SER A 296 -11.84 -31.78 -5.75
C SER A 296 -12.32 -30.36 -5.99
N VAL A 297 -13.41 -29.98 -5.33
CA VAL A 297 -13.95 -28.64 -5.47
C VAL A 297 -12.87 -27.62 -5.16
N GLU A 298 -12.17 -27.84 -4.05
CA GLU A 298 -11.10 -26.93 -3.61
C GLU A 298 -10.04 -26.70 -4.66
N LYS A 299 -9.47 -27.77 -5.21
CA LYS A 299 -8.43 -27.65 -6.23
C LYS A 299 -8.97 -26.92 -7.46
N SER A 300 -10.19 -27.27 -7.85
CA SER A 300 -10.80 -26.67 -9.03
C SER A 300 -11.00 -25.16 -8.89
N GLN A 301 -11.11 -24.67 -7.65
CA GLN A 301 -11.33 -23.25 -7.44
C GLN A 301 -10.10 -22.36 -7.53
N ILE A 302 -8.94 -22.89 -7.17
CA ILE A 302 -7.70 -22.12 -7.20
C ILE A 302 -7.45 -21.39 -8.53
N PRO A 303 -7.59 -22.09 -9.67
CA PRO A 303 -7.39 -21.46 -10.99
C PRO A 303 -8.34 -20.29 -11.22
N PHE A 304 -9.57 -20.46 -10.76
CA PHE A 304 -10.60 -19.44 -10.88
C PHE A 304 -10.19 -18.19 -10.11
N LEU A 305 -9.74 -18.39 -8.87
CA LEU A 305 -9.31 -17.27 -8.04
C LEU A 305 -8.07 -16.61 -8.66
N ASP A 306 -7.10 -17.40 -9.09
CA ASP A 306 -5.88 -16.86 -9.68
C ASP A 306 -6.06 -16.15 -11.00
N PHE A 307 -6.92 -16.68 -11.85
CA PHE A 307 -7.13 -16.10 -13.18
C PHE A 307 -8.19 -15.01 -13.26
N PHE A 308 -9.26 -15.13 -12.48
CA PHE A 308 -10.34 -14.14 -12.53
C PHE A 308 -10.51 -13.20 -11.34
N VAL A 309 -10.87 -13.76 -10.20
CA VAL A 309 -11.16 -12.99 -9.01
C VAL A 309 -10.03 -12.19 -8.39
N ILE A 310 -8.90 -12.83 -8.08
CA ILE A 310 -7.79 -12.11 -7.47
C ILE A 310 -7.30 -10.94 -8.34
N PRO A 311 -7.00 -11.19 -9.62
CA PRO A 311 -6.55 -10.04 -10.41
C PRO A 311 -7.57 -8.91 -10.45
N THR A 312 -8.85 -9.26 -10.43
CA THR A 312 -9.91 -8.25 -10.45
C THR A 312 -9.88 -7.37 -9.20
N PHE A 313 -9.81 -7.98 -8.03
CA PHE A 313 -9.79 -7.18 -6.81
C PHE A 313 -8.45 -6.52 -6.51
N ASP A 314 -7.40 -6.97 -7.19
CA ASP A 314 -6.09 -6.38 -7.05
C ASP A 314 -6.22 -5.03 -7.79
N LEU A 315 -6.78 -5.10 -9.00
CA LEU A 315 -6.98 -3.94 -9.84
C LEU A 315 -7.91 -2.93 -9.15
N LEU A 316 -8.95 -3.45 -8.51
CA LEU A 316 -9.90 -2.62 -7.80
C LEU A 316 -9.22 -1.88 -6.66
N HIS A 317 -8.40 -2.59 -5.90
CA HIS A 317 -7.71 -1.98 -4.78
C HIS A 317 -6.76 -0.88 -5.25
N GLN A 318 -6.10 -1.10 -6.38
CA GLN A 318 -5.19 -0.10 -6.91
C GLN A 318 -5.94 1.14 -7.41
N LEU A 319 -7.09 0.93 -8.04
CA LEU A 319 -7.88 2.05 -8.53
C LEU A 319 -8.63 2.75 -7.39
N PHE A 320 -9.09 1.96 -6.41
CA PHE A 320 -9.82 2.48 -5.25
C PHE A 320 -9.16 1.92 -4.00
N PRO A 321 -8.11 2.60 -3.50
CA PRO A 321 -7.37 2.19 -2.30
C PRO A 321 -8.17 1.81 -1.07
N SER A 322 -9.38 2.33 -0.94
CA SER A 322 -10.21 2.01 0.21
C SER A 322 -10.79 0.59 0.12
N ILE A 323 -10.81 0.02 -1.08
CA ILE A 323 -11.35 -1.32 -1.25
C ILE A 323 -10.21 -2.33 -1.14
N GLU A 324 -9.91 -2.74 0.08
CA GLU A 324 -8.81 -3.65 0.35
C GLU A 324 -9.24 -5.03 0.86
N GLU A 325 -10.28 -5.05 1.69
CA GLU A 325 -10.79 -6.28 2.27
C GLU A 325 -10.94 -7.48 1.32
N PRO A 326 -11.56 -7.26 0.14
CA PRO A 326 -11.76 -8.36 -0.81
C PRO A 326 -10.48 -9.11 -1.14
N LEU A 327 -9.42 -8.37 -1.44
CA LEU A 327 -8.14 -8.98 -1.77
C LEU A 327 -7.63 -9.87 -0.63
N HIS A 328 -7.66 -9.36 0.59
CA HIS A 328 -7.20 -10.15 1.73
C HIS A 328 -8.05 -11.41 1.94
N ASN A 329 -9.36 -11.29 1.76
CA ASN A 329 -10.24 -12.44 1.93
C ASN A 329 -9.95 -13.51 0.89
N LEU A 330 -9.68 -13.07 -0.33
CA LEU A 330 -9.38 -13.99 -1.43
C LEU A 330 -8.11 -14.78 -1.17
N ARG A 331 -7.09 -14.11 -0.64
CA ARG A 331 -5.83 -14.77 -0.36
C ARG A 331 -6.04 -15.78 0.78
N LYS A 332 -6.87 -15.42 1.75
CA LYS A 332 -7.16 -16.33 2.86
C LYS A 332 -7.88 -17.55 2.29
N LEU A 333 -8.81 -17.32 1.38
CA LEU A 333 -9.57 -18.42 0.79
C LEU A 333 -8.67 -19.34 -0.03
N ARG A 334 -7.77 -18.76 -0.82
CA ARG A 334 -6.87 -19.55 -1.65
C ARG A 334 -5.98 -20.45 -0.79
N GLU A 335 -5.43 -19.89 0.27
CA GLU A 335 -4.56 -20.66 1.16
C GLU A 335 -5.33 -21.83 1.76
N LEU A 336 -6.59 -21.59 2.14
CA LEU A 336 -7.41 -22.64 2.71
C LEU A 336 -7.65 -23.73 1.67
N TYR A 337 -8.02 -23.33 0.44
CA TYR A 337 -8.25 -24.30 -0.62
C TYR A 337 -7.00 -25.11 -0.91
N ALA A 338 -5.86 -24.42 -1.02
CA ALA A 338 -4.60 -25.08 -1.31
C ALA A 338 -4.19 -26.03 -0.19
N ALA A 339 -4.42 -25.61 1.05
CA ALA A 339 -4.07 -26.40 2.22
C ALA A 339 -4.92 -27.66 2.37
N LYS A 340 -6.18 -27.59 1.92
CA LYS A 340 -7.07 -28.74 2.00
C LYS A 340 -6.89 -29.65 0.80
N ALA A 341 -6.49 -29.06 -0.32
CA ALA A 341 -6.26 -29.81 -1.55
C ALA A 341 -5.05 -30.72 -1.38
N GLY A 342 -4.13 -30.33 -0.49
CA GLY A 342 -2.94 -31.12 -0.24
C GLY A 342 -2.69 -31.35 1.24
N THR B 11 21.08 -36.20 -46.35
CA THR B 11 21.52 -35.72 -45.00
C THR B 11 21.01 -34.30 -44.78
N ARG B 12 21.06 -33.83 -43.53
CA ARG B 12 20.61 -32.48 -43.21
C ARG B 12 21.63 -31.44 -43.62
N ARG B 13 21.34 -30.74 -44.70
CA ARG B 13 22.21 -29.69 -45.20
C ARG B 13 21.56 -28.37 -44.83
N LEU B 14 22.13 -27.69 -43.85
CA LEU B 14 21.59 -26.41 -43.38
C LEU B 14 22.46 -25.25 -43.85
N PRO B 15 21.88 -24.04 -43.91
CA PRO B 15 22.69 -22.88 -44.35
C PRO B 15 23.66 -22.50 -43.24
N PRO B 16 24.68 -21.70 -43.56
CA PRO B 16 25.63 -21.31 -42.51
C PRO B 16 24.88 -20.48 -41.46
N SER B 17 25.34 -20.54 -40.22
CA SER B 17 24.67 -19.79 -39.15
C SER B 17 24.99 -18.30 -39.14
N ILE B 18 24.04 -17.48 -38.71
CA ILE B 18 24.28 -16.04 -38.67
C ILE B 18 24.95 -15.72 -37.32
N VAL B 19 24.99 -16.71 -36.45
CA VAL B 19 25.58 -16.56 -35.12
C VAL B 19 27.06 -16.92 -35.19
N GLN B 20 27.90 -16.08 -34.59
CA GLN B 20 29.34 -16.31 -34.58
C GLN B 20 29.72 -17.28 -33.48
N ASP B 21 30.64 -18.19 -33.79
CA ASP B 21 31.11 -19.16 -32.80
C ASP B 21 31.83 -18.43 -31.67
N THR B 22 31.94 -19.11 -30.53
CA THR B 22 32.60 -18.55 -29.35
C THR B 22 34.06 -18.21 -29.61
N ILE B 23 34.47 -17.01 -29.19
CA ILE B 23 35.85 -16.57 -29.34
C ILE B 23 36.55 -16.86 -28.00
N LEU B 24 37.35 -17.92 -27.96
CA LEU B 24 38.05 -18.32 -26.73
C LEU B 24 39.35 -17.59 -26.45
N ALA B 25 39.78 -16.73 -27.37
CA ALA B 25 41.04 -16.00 -27.20
C ALA B 25 41.13 -15.23 -25.88
N VAL B 26 42.33 -15.26 -25.30
CA VAL B 26 42.61 -14.55 -24.06
C VAL B 26 42.87 -13.09 -24.45
N VAL B 27 41.96 -12.20 -24.05
CA VAL B 27 42.13 -10.80 -24.37
C VAL B 27 42.46 -9.99 -23.13
N PRO B 28 43.33 -8.97 -23.29
CA PRO B 28 43.73 -8.11 -22.18
C PRO B 28 42.59 -7.23 -21.68
N PRO B 29 42.19 -7.41 -20.41
CA PRO B 29 41.11 -6.60 -19.85
C PRO B 29 41.41 -5.11 -19.94
N LYS B 30 40.37 -4.30 -20.09
CA LYS B 30 40.57 -2.87 -20.20
C LYS B 30 40.71 -2.19 -18.85
N SER B 31 41.23 -0.95 -18.89
CA SER B 31 41.49 -0.13 -17.71
C SER B 31 40.65 -0.33 -16.45
N CYS B 32 39.32 -0.27 -16.58
CA CYS B 32 38.42 -0.42 -15.43
C CYS B 32 38.43 0.86 -14.59
N ALA B 33 38.00 1.96 -15.19
CA ALA B 33 37.96 3.25 -14.52
C ALA B 33 36.79 3.30 -13.51
N ALA B 34 36.88 4.23 -12.57
CA ALA B 34 35.83 4.40 -11.58
C ALA B 34 34.53 4.80 -12.26
N ILE B 35 33.45 4.11 -11.92
CA ILE B 35 32.16 4.41 -12.53
C ILE B 35 31.14 4.96 -11.53
N GLY B 36 31.62 5.39 -10.36
CA GLY B 36 30.75 5.94 -9.35
C GLY B 36 30.99 5.38 -7.97
N THR B 37 30.24 5.87 -6.98
CA THR B 37 30.38 5.41 -5.61
C THR B 37 29.55 4.15 -5.41
N ASP B 38 29.70 3.51 -4.24
CA ASP B 38 28.95 2.30 -3.94
C ASP B 38 27.46 2.62 -4.00
N VAL B 39 27.10 3.84 -3.59
CA VAL B 39 25.70 4.26 -3.61
C VAL B 39 25.25 4.42 -5.06
N ASP B 40 26.10 5.00 -5.89
CA ASP B 40 25.78 5.19 -7.29
C ASP B 40 25.49 3.84 -7.93
N LEU B 41 26.41 2.91 -7.77
CA LEU B 41 26.29 1.58 -8.34
C LEU B 41 25.08 0.77 -7.88
N ARG B 42 24.50 1.14 -6.75
CA ARG B 42 23.32 0.43 -6.25
C ARG B 42 22.04 1.11 -6.70
N ASP B 43 22.17 2.29 -7.29
CA ASP B 43 21.00 3.05 -7.72
C ASP B 43 20.42 2.64 -9.06
N TRP B 44 19.10 2.55 -9.11
CA TRP B 44 18.38 2.19 -10.33
C TRP B 44 18.59 3.25 -11.40
N GLY B 45 18.94 4.46 -10.97
CA GLY B 45 19.16 5.56 -11.90
C GLY B 45 20.49 5.51 -12.65
N PHE B 46 21.30 4.49 -12.38
CA PHE B 46 22.59 4.34 -13.03
C PHE B 46 22.39 4.37 -14.56
N ASP B 47 23.12 5.25 -15.25
CA ASP B 47 22.99 5.38 -16.71
C ASP B 47 24.16 4.68 -17.40
N THR B 48 23.97 3.41 -17.74
CA THR B 48 25.01 2.61 -18.38
C THR B 48 25.54 3.20 -19.68
N PHE B 49 24.65 3.72 -20.53
CA PHE B 49 25.07 4.33 -21.79
C PHE B 49 25.96 5.54 -21.53
N GLU B 50 25.59 6.34 -20.53
CA GLU B 50 26.36 7.52 -20.20
C GLU B 50 27.75 7.13 -19.71
N VAL B 51 27.82 6.15 -18.82
CA VAL B 51 29.10 5.69 -18.29
C VAL B 51 29.98 5.15 -19.41
N ALA B 52 29.34 4.45 -20.36
CA ALA B 52 30.05 3.87 -21.50
C ALA B 52 30.75 4.92 -22.35
N SER B 53 30.22 6.14 -22.37
CA SER B 53 30.82 7.21 -23.15
C SER B 53 31.97 7.90 -22.40
N ARG B 54 32.30 7.38 -21.21
CA ARG B 54 33.35 7.99 -20.39
C ARG B 54 34.47 7.05 -19.95
N VAL B 55 34.25 5.73 -20.01
CA VAL B 55 35.28 4.79 -19.60
C VAL B 55 35.61 3.83 -20.73
N PRO B 56 36.73 3.09 -20.58
CA PRO B 56 37.09 2.14 -21.63
C PRO B 56 36.12 0.97 -21.78
N SER B 57 35.58 0.50 -20.66
CA SER B 57 34.63 -0.61 -20.66
C SER B 57 33.69 -0.58 -19.46
N VAL B 58 32.45 -0.14 -19.68
CA VAL B 58 31.49 -0.08 -18.59
C VAL B 58 31.20 -1.49 -18.06
N LEU B 59 31.24 -2.49 -18.93
CA LEU B 59 30.98 -3.86 -18.51
C LEU B 59 32.06 -4.39 -17.56
N GLN B 60 33.32 -4.17 -17.89
CA GLN B 60 34.40 -4.66 -17.03
C GLN B 60 34.45 -3.91 -15.70
N SER B 61 34.13 -2.62 -15.72
CA SER B 61 34.12 -1.82 -14.50
C SER B 61 32.98 -2.30 -13.58
N VAL B 62 31.79 -2.47 -14.16
CA VAL B 62 30.65 -2.93 -13.37
C VAL B 62 30.94 -4.34 -12.83
N ALA B 63 31.43 -5.21 -13.70
CA ALA B 63 31.75 -6.58 -13.27
C ALA B 63 32.73 -6.55 -12.11
N MET B 64 33.74 -5.69 -12.19
CA MET B 64 34.72 -5.61 -11.12
C MET B 64 34.06 -5.08 -9.84
N HIS B 65 33.34 -3.97 -9.97
CA HIS B 65 32.66 -3.39 -8.82
C HIS B 65 31.78 -4.41 -8.09
N VAL B 66 30.96 -5.13 -8.84
CA VAL B 66 30.08 -6.12 -8.24
C VAL B 66 30.89 -7.19 -7.50
N ALA B 67 31.96 -7.66 -8.13
CA ALA B 67 32.80 -8.69 -7.51
C ALA B 67 33.35 -8.19 -6.18
N LEU B 68 33.73 -6.93 -6.12
CA LEU B 68 34.27 -6.36 -4.88
C LEU B 68 33.18 -6.10 -3.86
N ALA B 69 32.07 -5.50 -4.30
CA ALA B 69 30.96 -5.19 -3.40
C ALA B 69 30.42 -6.44 -2.71
N TRP B 70 30.36 -7.56 -3.44
CA TRP B 70 29.85 -8.80 -2.87
C TRP B 70 30.96 -9.77 -2.43
N ASP B 71 32.16 -9.24 -2.23
CA ASP B 71 33.30 -10.03 -1.78
C ASP B 71 33.38 -11.42 -2.41
N PHE B 72 33.51 -11.44 -3.73
CA PHE B 72 33.57 -12.69 -4.47
C PHE B 72 34.85 -13.49 -4.27
N PHE B 73 36.00 -12.82 -4.25
CA PHE B 73 37.27 -13.52 -4.18
C PHE B 73 38.11 -13.51 -2.90
N ALA B 74 38.73 -14.65 -2.63
CA ALA B 74 39.60 -14.82 -1.47
C ALA B 74 41.05 -14.63 -1.94
N SER B 75 41.35 -15.08 -3.15
CA SER B 75 42.70 -14.97 -3.69
C SER B 75 42.78 -14.07 -4.91
N GLN B 76 43.95 -13.48 -5.11
CA GLN B 76 44.21 -12.59 -6.24
C GLN B 76 44.06 -13.35 -7.56
N GLU B 77 44.24 -14.66 -7.51
CA GLU B 77 44.12 -15.50 -8.69
C GLU B 77 42.69 -15.49 -9.19
N GLU B 78 41.75 -15.82 -8.30
CA GLU B 78 40.33 -15.85 -8.64
C GLU B 78 39.93 -14.52 -9.26
N ALA B 79 40.30 -13.43 -8.61
CA ALA B 79 39.98 -12.10 -9.09
C ALA B 79 40.52 -11.85 -10.50
N GLN B 80 41.72 -12.35 -10.78
CA GLN B 80 42.32 -12.18 -12.10
C GLN B 80 41.55 -12.96 -13.15
N LYS B 81 41.16 -14.19 -12.81
CA LYS B 81 40.41 -15.04 -13.74
C LYS B 81 39.08 -14.37 -14.10
N TRP B 82 38.44 -13.78 -13.10
CA TRP B 82 37.18 -13.09 -13.30
C TRP B 82 37.41 -11.97 -14.30
N ALA B 83 38.44 -11.15 -14.04
CA ALA B 83 38.79 -10.04 -14.90
C ALA B 83 38.99 -10.47 -16.35
N PHE B 84 39.67 -11.60 -16.55
CA PHE B 84 39.91 -12.07 -17.91
C PHE B 84 38.65 -12.65 -18.52
N LEU B 85 37.84 -13.31 -17.71
CA LEU B 85 36.59 -13.87 -18.18
C LEU B 85 35.70 -12.76 -18.73
N VAL B 86 35.54 -11.69 -17.96
CA VAL B 86 34.69 -10.57 -18.39
C VAL B 86 35.17 -9.91 -19.68
N ALA B 87 36.49 -9.75 -19.84
CA ALA B 87 37.01 -9.13 -21.06
C ALA B 87 36.70 -10.05 -22.24
N ALA B 88 36.78 -11.36 -22.00
CA ALA B 88 36.50 -12.35 -23.04
C ALA B 88 35.01 -12.30 -23.38
N VAL B 89 34.16 -12.22 -22.34
CA VAL B 89 32.72 -12.16 -22.57
C VAL B 89 32.40 -10.94 -23.43
N GLU B 90 33.00 -9.79 -23.09
CA GLU B 90 32.76 -8.57 -23.84
C GLU B 90 33.20 -8.73 -25.29
N ASN B 91 34.30 -9.46 -25.48
CA ASN B 91 34.83 -9.72 -26.81
C ASN B 91 33.88 -10.62 -27.60
N ASN B 92 32.91 -11.22 -26.90
CA ASN B 92 31.95 -12.10 -27.53
C ASN B 92 30.56 -11.47 -27.76
N TYR B 93 30.43 -10.19 -27.45
CA TYR B 93 29.17 -9.50 -27.74
C TYR B 93 29.34 -8.78 -29.06
N ARG B 94 28.34 -8.86 -29.93
CA ARG B 94 28.38 -8.21 -31.24
C ARG B 94 28.09 -6.73 -31.09
N PRO B 95 28.52 -5.93 -32.08
CA PRO B 95 28.30 -4.48 -32.06
C PRO B 95 26.86 -4.14 -32.45
N ASN B 96 25.90 -4.85 -31.85
CA ASN B 96 24.49 -4.62 -32.13
C ASN B 96 24.04 -3.30 -31.52
N PRO B 97 22.95 -2.72 -32.05
CA PRO B 97 22.44 -1.45 -31.50
C PRO B 97 21.99 -1.65 -30.05
N TYR B 98 21.33 -2.78 -29.78
CA TYR B 98 20.82 -3.08 -28.45
C TYR B 98 21.45 -4.27 -27.72
N HIS B 99 21.42 -5.46 -28.33
CA HIS B 99 21.99 -6.64 -27.67
C HIS B 99 23.52 -6.66 -27.77
N ASN B 100 24.13 -5.79 -26.98
CA ASN B 100 25.58 -5.64 -26.98
C ASN B 100 26.14 -5.66 -25.55
N ALA B 101 27.43 -5.39 -25.43
CA ALA B 101 28.13 -5.39 -24.16
C ALA B 101 27.61 -4.34 -23.16
N ILE B 102 27.04 -3.26 -23.67
CA ILE B 102 26.49 -2.23 -22.80
C ILE B 102 25.18 -2.73 -22.16
N HIS B 103 24.41 -3.51 -22.92
CA HIS B 103 23.16 -4.10 -22.41
C HIS B 103 23.57 -5.09 -21.32
N ALA B 104 24.64 -5.84 -21.59
CA ALA B 104 25.13 -6.82 -20.61
C ALA B 104 25.48 -6.09 -19.32
N ALA B 105 26.19 -4.97 -19.44
CA ALA B 105 26.58 -4.19 -18.27
C ALA B 105 25.34 -3.62 -17.57
N ASP B 106 24.40 -3.12 -18.36
CA ASP B 106 23.16 -2.55 -17.84
C ASP B 106 22.35 -3.58 -17.05
N VAL B 107 22.28 -4.80 -17.56
CA VAL B 107 21.53 -5.86 -16.90
C VAL B 107 22.26 -6.34 -15.66
N LEU B 108 23.59 -6.43 -15.73
CA LEU B 108 24.37 -6.84 -14.58
C LEU B 108 24.17 -5.83 -13.44
N GLN B 109 24.32 -4.56 -13.76
CA GLN B 109 24.15 -3.50 -12.76
C GLN B 109 22.70 -3.46 -12.24
N GLY B 110 21.75 -3.69 -13.13
CA GLY B 110 20.35 -3.70 -12.74
C GLY B 110 20.04 -4.83 -11.78
N THR B 111 20.63 -5.98 -12.02
CA THR B 111 20.41 -7.13 -11.14
C THR B 111 21.03 -6.82 -9.79
N PHE B 112 22.20 -6.20 -9.82
CA PHE B 112 22.92 -5.82 -8.61
C PHE B 112 22.08 -4.82 -7.82
N SER B 113 21.51 -3.85 -8.53
CA SER B 113 20.68 -2.82 -7.93
C SER B 113 19.41 -3.38 -7.30
N LEU B 114 18.67 -4.20 -8.05
CA LEU B 114 17.43 -4.78 -7.55
C LEU B 114 17.67 -5.71 -6.37
N VAL B 115 18.68 -6.56 -6.48
CA VAL B 115 19.00 -7.49 -5.40
C VAL B 115 19.43 -6.73 -4.15
N SER B 116 20.26 -5.71 -4.32
CA SER B 116 20.72 -4.91 -3.20
C SER B 116 19.59 -4.16 -2.50
N ALA B 117 18.52 -3.87 -3.24
CA ALA B 117 17.38 -3.15 -2.68
C ALA B 117 16.43 -4.01 -1.85
N ALA B 118 16.51 -5.32 -2.03
CA ALA B 118 15.67 -6.26 -1.27
C ALA B 118 16.53 -6.89 -0.18
N LYS B 119 16.56 -6.26 0.99
CA LYS B 119 17.37 -6.74 2.11
C LYS B 119 17.09 -8.20 2.50
N PRO B 120 15.81 -8.58 2.61
CA PRO B 120 15.51 -9.97 2.98
C PRO B 120 16.20 -11.00 2.08
N LEU B 121 16.20 -10.75 0.78
CA LEU B 121 16.84 -11.67 -0.16
C LEU B 121 18.36 -11.57 -0.08
N MET B 122 18.88 -10.35 -0.12
CA MET B 122 20.32 -10.11 -0.07
C MET B 122 20.99 -10.80 1.10
N GLU B 123 20.40 -10.63 2.29
CA GLU B 123 20.95 -11.20 3.51
C GLU B 123 20.94 -12.71 3.55
N HIS B 124 20.13 -13.35 2.71
CA HIS B 124 20.08 -14.80 2.69
C HIS B 124 20.71 -15.48 1.47
N LEU B 125 21.12 -14.69 0.49
CA LEU B 125 21.75 -15.26 -0.71
C LEU B 125 23.15 -15.77 -0.33
N THR B 126 23.51 -16.97 -0.78
CA THR B 126 24.83 -17.49 -0.46
C THR B 126 25.84 -16.87 -1.45
N PRO B 127 27.12 -16.80 -1.05
CA PRO B 127 28.12 -16.22 -1.95
C PRO B 127 28.12 -16.91 -3.31
N LEU B 128 27.82 -18.21 -3.32
CA LEU B 128 27.76 -18.98 -4.56
C LEU B 128 26.61 -18.48 -5.44
N GLU B 129 25.47 -18.24 -4.82
CA GLU B 129 24.30 -17.76 -5.57
C GLU B 129 24.55 -16.37 -6.12
N CYS B 130 25.25 -15.53 -5.37
CA CYS B 130 25.54 -14.17 -5.83
C CYS B 130 26.46 -14.22 -7.05
N LYS B 131 27.41 -15.15 -7.02
CA LYS B 131 28.33 -15.31 -8.14
C LYS B 131 27.59 -15.82 -9.37
N ALA B 132 26.67 -16.75 -9.16
CA ALA B 132 25.88 -17.30 -10.25
C ALA B 132 25.01 -16.22 -10.89
N ALA B 133 24.48 -15.33 -10.06
CA ALA B 133 23.64 -14.24 -10.53
C ALA B 133 24.42 -13.24 -11.37
N ALA B 134 25.56 -12.81 -10.86
CA ALA B 134 26.40 -11.86 -11.58
C ALA B 134 26.86 -12.45 -12.91
N PHE B 135 27.32 -13.70 -12.87
CA PHE B 135 27.80 -14.38 -14.07
C PHE B 135 26.69 -14.58 -15.11
N ALA B 136 25.51 -14.99 -14.66
CA ALA B 136 24.38 -15.19 -15.56
C ALA B 136 24.00 -13.87 -16.24
N ALA B 137 23.92 -12.79 -15.45
CA ALA B 137 23.58 -11.48 -16.00
C ALA B 137 24.62 -11.03 -17.03
N LEU B 138 25.88 -11.21 -16.66
CA LEU B 138 27.00 -10.84 -17.52
C LEU B 138 26.96 -11.51 -18.89
N THR B 139 26.68 -12.81 -18.89
CA THR B 139 26.64 -13.60 -20.11
C THR B 139 25.26 -13.86 -20.71
N HIS B 140 24.20 -13.34 -20.08
CA HIS B 140 22.85 -13.64 -20.55
C HIS B 140 22.53 -13.45 -22.03
N ASP B 141 23.20 -12.54 -22.72
CA ASP B 141 22.96 -12.33 -24.16
C ASP B 141 24.22 -12.51 -25.03
N VAL B 142 25.26 -13.14 -24.48
CA VAL B 142 26.52 -13.33 -25.23
C VAL B 142 26.33 -13.94 -26.62
N CYS B 143 26.93 -13.31 -27.63
CA CYS B 143 26.85 -13.76 -29.02
C CYS B 143 25.48 -13.49 -29.69
N HIS B 144 24.63 -12.72 -29.03
CA HIS B 144 23.30 -12.40 -29.61
C HIS B 144 23.54 -11.81 -31.00
N PRO B 145 22.85 -12.35 -32.03
CA PRO B 145 22.99 -11.87 -33.40
C PRO B 145 22.13 -10.67 -33.80
N GLY B 146 21.38 -10.11 -32.86
CA GLY B 146 20.55 -8.96 -33.18
C GLY B 146 19.27 -9.34 -33.92
N ARG B 147 18.90 -10.61 -33.79
CA ARG B 147 17.70 -11.17 -34.42
C ARG B 147 17.02 -12.08 -33.40
N THR B 148 15.71 -12.26 -33.55
CA THR B 148 14.94 -13.08 -32.61
C THR B 148 14.97 -14.58 -32.85
N ASN B 149 14.54 -15.34 -31.84
CA ASN B 149 14.48 -16.78 -31.94
C ASN B 149 13.58 -17.16 -33.13
N ALA B 150 12.53 -16.39 -33.36
CA ALA B 150 11.62 -16.68 -34.47
C ALA B 150 12.34 -16.47 -35.80
N PHE B 151 13.15 -15.42 -35.88
CA PHE B 151 13.87 -15.16 -37.11
C PHE B 151 14.82 -16.33 -37.42
N LEU B 152 15.53 -16.79 -36.39
CA LEU B 152 16.47 -17.90 -36.55
C LEU B 152 15.76 -19.12 -37.10
N ALA B 153 14.57 -19.39 -36.56
CA ALA B 153 13.77 -20.53 -37.01
C ALA B 153 13.32 -20.32 -38.46
N ALA B 154 12.92 -19.11 -38.79
CA ALA B 154 12.45 -18.78 -40.14
C ALA B 154 13.51 -18.98 -41.23
N VAL B 155 14.78 -18.77 -40.89
CA VAL B 155 15.84 -18.95 -41.87
C VAL B 155 16.50 -20.31 -41.69
N GLN B 156 15.87 -21.16 -40.87
CA GLN B 156 16.38 -22.49 -40.58
C GLN B 156 17.85 -22.47 -40.20
N ASP B 157 18.20 -21.57 -39.28
CA ASP B 157 19.57 -21.44 -38.83
C ASP B 157 20.00 -22.68 -38.03
N PRO B 158 21.26 -23.12 -38.22
CA PRO B 158 21.78 -24.29 -37.51
C PRO B 158 21.56 -24.23 -36.00
N VAL B 159 21.62 -23.04 -35.42
CA VAL B 159 21.43 -22.92 -33.98
C VAL B 159 20.01 -23.33 -33.56
N SER B 160 19.04 -23.12 -34.44
CA SER B 160 17.65 -23.49 -34.14
C SER B 160 17.51 -25.00 -34.08
N PHE B 161 18.37 -25.71 -34.80
CA PHE B 161 18.36 -27.17 -34.81
C PHE B 161 19.22 -27.71 -33.67
N LYS B 162 20.34 -27.03 -33.41
CA LYS B 162 21.23 -27.46 -32.34
C LYS B 162 20.53 -27.33 -30.99
N PHE B 163 19.86 -26.20 -30.76
CA PHE B 163 19.13 -25.99 -29.52
C PHE B 163 17.63 -26.02 -29.81
N SER B 164 17.01 -27.17 -29.54
CA SER B 164 15.59 -27.38 -29.81
C SER B 164 14.66 -26.90 -28.72
N GLY B 165 13.40 -26.71 -29.09
CA GLY B 165 12.41 -26.25 -28.15
C GLY B 165 12.43 -24.75 -27.98
N LYS B 166 11.74 -24.26 -26.96
CA LYS B 166 11.68 -22.83 -26.71
C LYS B 166 13.03 -22.26 -26.26
N GLY B 167 13.19 -20.96 -26.42
CA GLY B 167 14.40 -20.29 -26.00
C GLY B 167 15.68 -20.73 -26.69
N THR B 168 15.68 -20.73 -28.02
CA THR B 168 16.86 -21.11 -28.79
C THR B 168 18.12 -20.34 -28.37
N LEU B 169 18.07 -19.02 -28.50
CA LEU B 169 19.20 -18.18 -28.15
C LEU B 169 19.60 -18.29 -26.68
N GLU B 170 18.60 -18.28 -25.80
CA GLU B 170 18.89 -18.39 -24.37
C GLU B 170 19.71 -19.65 -24.08
N GLN B 171 19.42 -20.73 -24.79
CA GLN B 171 20.18 -21.98 -24.62
C GLN B 171 21.59 -21.75 -25.12
N LEU B 172 21.71 -21.04 -26.24
CA LEU B 172 23.02 -20.76 -26.82
C LEU B 172 23.83 -19.84 -25.90
N HIS B 173 23.19 -18.84 -25.32
CA HIS B 173 23.90 -17.93 -24.41
C HIS B 173 24.47 -18.74 -23.24
N THR B 174 23.66 -19.67 -22.74
CA THR B 174 24.06 -20.53 -21.62
C THR B 174 25.25 -21.43 -21.98
N ALA B 175 25.18 -22.08 -23.13
CA ALA B 175 26.26 -22.96 -23.56
C ALA B 175 27.56 -22.16 -23.74
N THR B 176 27.45 -20.97 -24.31
CA THR B 176 28.60 -20.12 -24.54
C THR B 176 29.25 -19.70 -23.22
N ALA B 177 28.41 -19.36 -22.24
CA ALA B 177 28.91 -18.95 -20.93
C ALA B 177 29.76 -20.04 -20.31
N PHE B 178 29.28 -21.28 -20.32
CA PHE B 178 30.02 -22.39 -19.75
C PHE B 178 31.25 -22.74 -20.57
N GLU B 179 31.21 -22.46 -21.87
CA GLU B 179 32.36 -22.74 -22.72
C GLU B 179 33.48 -21.79 -22.36
N LEU B 180 33.15 -20.51 -22.18
CA LEU B 180 34.16 -19.52 -21.83
C LEU B 180 34.69 -19.77 -20.43
N LEU B 181 33.79 -20.10 -19.50
CA LEU B 181 34.18 -20.36 -18.13
C LEU B 181 35.12 -21.55 -18.04
N ASN B 182 35.03 -22.43 -19.04
CA ASN B 182 35.85 -23.64 -19.09
C ASN B 182 37.30 -23.35 -19.48
N VAL B 183 37.58 -22.12 -19.91
CA VAL B 183 38.92 -21.74 -20.29
C VAL B 183 39.71 -21.49 -19.01
N THR B 184 40.75 -22.29 -18.79
CA THR B 184 41.57 -22.18 -17.58
C THR B 184 41.80 -20.75 -17.09
N GLU B 185 42.18 -19.84 -17.98
CA GLU B 185 42.43 -18.45 -17.58
C GLU B 185 41.17 -17.69 -17.17
N PHE B 186 40.00 -18.20 -17.55
CA PHE B 186 38.75 -17.54 -17.20
C PHE B 186 37.98 -18.26 -16.09
N ASP B 187 38.42 -19.45 -15.74
CA ASP B 187 37.72 -20.27 -14.74
C ASP B 187 37.83 -19.80 -13.29
N PHE B 188 37.15 -18.72 -12.94
CA PHE B 188 37.18 -18.20 -11.59
C PHE B 188 36.50 -19.16 -10.60
N THR B 189 35.76 -20.13 -11.12
CA THR B 189 35.06 -21.08 -10.26
C THR B 189 35.87 -22.35 -10.04
N SER B 190 37.11 -22.35 -10.52
CA SER B 190 38.00 -23.49 -10.38
C SER B 190 38.16 -23.94 -8.93
N SER B 191 38.21 -22.98 -8.01
CA SER B 191 38.36 -23.30 -6.59
C SER B 191 37.13 -23.98 -5.99
N MET B 192 36.04 -24.02 -6.75
CA MET B 192 34.81 -24.63 -6.25
C MET B 192 34.85 -26.15 -6.18
N ASP B 193 34.10 -26.68 -5.23
CA ASP B 193 33.96 -28.12 -5.02
C ASP B 193 33.08 -28.58 -6.17
N ASN B 194 33.21 -29.84 -6.60
CA ASN B 194 32.40 -30.34 -7.69
C ASN B 194 30.90 -30.13 -7.43
N ALA B 195 30.46 -30.48 -6.22
CA ALA B 195 29.06 -30.31 -5.86
C ALA B 195 28.67 -28.84 -5.95
N SER B 196 29.59 -27.96 -5.58
CA SER B 196 29.33 -26.52 -5.62
C SER B 196 29.25 -26.02 -7.06
N PHE B 197 30.10 -26.54 -7.92
CA PHE B 197 30.11 -26.12 -9.31
C PHE B 197 28.86 -26.60 -10.02
N LEU B 198 28.35 -27.75 -9.61
CA LEU B 198 27.13 -28.29 -10.21
C LEU B 198 25.97 -27.37 -9.85
N GLU B 199 25.94 -26.94 -8.60
CA GLU B 199 24.89 -26.04 -8.12
C GLU B 199 24.99 -24.73 -8.89
N PHE B 200 26.22 -24.21 -9.00
CA PHE B 200 26.48 -22.96 -9.70
C PHE B 200 25.95 -23.02 -11.14
N LYS B 201 26.25 -24.13 -11.80
CA LYS B 201 25.86 -24.32 -13.18
C LYS B 201 24.35 -24.37 -13.35
N ASN B 202 23.67 -25.12 -12.48
CA ASN B 202 22.22 -25.23 -12.57
C ASN B 202 21.51 -23.89 -12.33
N ILE B 203 22.06 -23.09 -11.43
CA ILE B 203 21.49 -21.78 -11.14
C ILE B 203 21.61 -20.89 -12.37
N VAL B 204 22.82 -20.85 -12.94
CA VAL B 204 23.08 -20.05 -14.13
C VAL B 204 22.17 -20.49 -15.27
N SER B 205 22.03 -21.80 -15.45
CA SER B 205 21.17 -22.33 -16.51
C SER B 205 19.71 -21.86 -16.30
N HIS B 206 19.23 -21.91 -15.06
CA HIS B 206 17.87 -21.48 -14.76
C HIS B 206 17.68 -19.99 -15.04
N LEU B 207 18.61 -19.19 -14.54
CA LEU B 207 18.56 -17.74 -14.71
C LEU B 207 18.58 -17.27 -16.16
N ILE B 208 19.53 -17.75 -16.95
CA ILE B 208 19.61 -17.35 -18.35
C ILE B 208 18.42 -17.90 -19.13
N GLY B 209 18.06 -19.15 -18.83
CA GLY B 209 16.94 -19.79 -19.51
C GLY B 209 15.66 -18.99 -19.35
N HIS B 210 15.46 -18.42 -18.16
CA HIS B 210 14.27 -17.64 -17.88
C HIS B 210 14.27 -16.21 -18.38
N THR B 211 15.24 -15.85 -19.21
CA THR B 211 15.25 -14.52 -19.79
C THR B 211 14.49 -14.60 -21.13
N ASP B 212 14.07 -15.80 -21.50
CA ASP B 212 13.32 -16.00 -22.75
C ASP B 212 12.02 -15.20 -22.70
N MET B 213 11.85 -14.27 -23.63
CA MET B 213 10.66 -13.41 -23.66
C MET B 213 9.35 -14.15 -23.89
N SER B 214 9.40 -15.32 -24.53
CA SER B 214 8.18 -16.06 -24.79
C SER B 214 7.55 -16.54 -23.49
N LEU B 215 8.29 -16.45 -22.39
CA LEU B 215 7.80 -16.89 -21.08
C LEU B 215 7.05 -15.83 -20.26
N HIS B 216 7.02 -14.59 -20.74
CA HIS B 216 6.37 -13.50 -20.01
C HIS B 216 5.04 -13.86 -19.34
N SER B 217 4.01 -14.10 -20.15
CA SER B 217 2.69 -14.42 -19.61
C SER B 217 2.72 -15.49 -18.53
N GLU B 218 3.48 -16.57 -18.78
CA GLU B 218 3.57 -17.66 -17.82
C GLU B 218 4.28 -17.22 -16.54
N THR B 219 5.35 -16.46 -16.69
CA THR B 219 6.11 -15.98 -15.53
C THR B 219 5.26 -15.08 -14.64
N VAL B 220 4.49 -14.20 -15.26
CA VAL B 220 3.62 -13.29 -14.51
C VAL B 220 2.55 -14.07 -13.76
N ALA B 221 2.00 -15.10 -14.40
CA ALA B 221 0.97 -15.92 -13.80
C ALA B 221 1.51 -16.68 -12.60
N LYS B 222 2.66 -17.34 -12.78
CA LYS B 222 3.26 -18.11 -11.70
C LYS B 222 3.63 -17.26 -10.49
N HIS B 223 4.27 -16.12 -10.72
CA HIS B 223 4.67 -15.25 -9.62
C HIS B 223 3.48 -14.53 -9.01
N GLY B 224 2.41 -14.36 -9.80
CA GLY B 224 1.22 -13.72 -9.29
C GLY B 224 0.62 -14.66 -8.25
N ALA B 225 0.61 -15.95 -8.58
CA ALA B 225 0.07 -16.96 -7.67
C ALA B 225 0.98 -17.09 -6.44
N LYS B 226 2.30 -17.00 -6.68
CA LYS B 226 3.27 -17.08 -5.60
C LYS B 226 3.01 -15.93 -4.63
N LEU B 227 2.78 -14.74 -5.18
CA LEU B 227 2.50 -13.56 -4.39
C LEU B 227 1.25 -13.82 -3.54
N SER B 228 0.18 -14.28 -4.20
CA SER B 228 -1.06 -14.56 -3.48
C SER B 228 -0.84 -15.57 -2.35
N ALA B 229 0.14 -16.44 -2.53
CA ALA B 229 0.45 -17.47 -1.54
C ALA B 229 1.34 -16.99 -0.41
N GLY B 230 1.79 -15.75 -0.47
CA GLY B 230 2.63 -15.21 0.59
C GLY B 230 3.98 -14.68 0.15
N GLY B 231 4.27 -14.73 -1.15
CA GLY B 231 5.55 -14.23 -1.64
C GLY B 231 6.68 -15.22 -1.46
N PHE B 232 7.91 -14.74 -1.55
CA PHE B 232 9.07 -15.62 -1.40
C PHE B 232 9.53 -15.78 0.04
N ASP B 233 9.97 -16.99 0.38
CA ASP B 233 10.53 -17.28 1.70
C ASP B 233 12.02 -17.34 1.39
N CYS B 234 12.72 -16.26 1.67
CA CYS B 234 14.13 -16.20 1.36
C CYS B 234 15.04 -17.16 2.13
N THR B 235 14.47 -18.00 2.99
CA THR B 235 15.27 -18.98 3.72
C THR B 235 15.23 -20.27 2.91
N CYS B 236 14.43 -20.24 1.84
CA CYS B 236 14.29 -21.38 0.96
C CYS B 236 15.12 -21.18 -0.29
N LYS B 237 16.05 -22.11 -0.52
CA LYS B 237 16.94 -22.08 -1.68
C LYS B 237 16.14 -21.94 -2.98
N GLU B 238 15.11 -22.76 -3.11
CA GLU B 238 14.26 -22.77 -4.30
C GLU B 238 13.59 -21.41 -4.50
N ASP B 239 13.14 -20.78 -3.42
CA ASP B 239 12.51 -19.47 -3.54
C ASP B 239 13.50 -18.38 -3.94
N ARG B 240 14.71 -18.45 -3.40
CA ARG B 240 15.73 -17.44 -3.73
C ARG B 240 16.04 -17.49 -5.23
N LEU B 241 16.05 -18.70 -5.78
CA LEU B 241 16.33 -18.89 -7.20
C LEU B 241 15.24 -18.22 -8.04
N GLU B 242 13.99 -18.43 -7.67
CA GLU B 242 12.88 -17.83 -8.41
C GLU B 242 12.97 -16.31 -8.29
N ALA B 243 13.30 -15.82 -7.09
CA ALA B 243 13.41 -14.39 -6.87
C ALA B 243 14.50 -13.82 -7.78
N LEU B 244 15.65 -14.48 -7.80
CA LEU B 244 16.74 -14.03 -8.65
C LEU B 244 16.31 -14.04 -10.12
N SER B 245 15.64 -15.10 -10.53
CA SER B 245 15.18 -15.22 -11.90
C SER B 245 14.28 -14.06 -12.27
N LEU B 246 13.32 -13.76 -11.40
CA LEU B 246 12.40 -12.66 -11.66
C LEU B 246 13.12 -11.31 -11.71
N LEU B 247 14.05 -11.09 -10.79
CA LEU B 247 14.80 -9.84 -10.75
C LEU B 247 15.69 -9.68 -11.99
N LEU B 248 16.32 -10.78 -12.43
CA LEU B 248 17.18 -10.71 -13.60
C LEU B 248 16.35 -10.34 -14.83
N HIS B 249 15.19 -10.98 -14.97
CA HIS B 249 14.28 -10.72 -16.09
C HIS B 249 13.87 -9.25 -16.05
N ALA B 250 13.56 -8.74 -14.86
CA ALA B 250 13.15 -7.35 -14.72
C ALA B 250 14.28 -6.40 -15.15
N ALA B 251 15.51 -6.68 -14.73
CA ALA B 251 16.62 -5.83 -15.13
C ALA B 251 16.81 -5.91 -16.66
N ASP B 252 16.67 -7.11 -17.20
CA ASP B 252 16.83 -7.33 -18.64
C ASP B 252 15.89 -6.45 -19.48
N ILE B 253 14.61 -6.45 -19.15
CA ILE B 253 13.63 -5.67 -19.90
C ILE B 253 13.30 -4.32 -19.25
N GLY B 254 14.01 -3.96 -18.20
CA GLY B 254 13.68 -2.73 -17.48
C GLY B 254 14.35 -1.38 -17.67
N ALA B 255 15.20 -1.24 -18.69
CA ALA B 255 15.87 0.05 -18.89
C ALA B 255 14.86 1.20 -19.03
N SER B 256 13.68 0.91 -19.58
CA SER B 256 12.68 1.96 -19.76
C SER B 256 12.10 2.47 -18.44
N SER B 257 12.35 1.74 -17.34
CA SER B 257 11.84 2.15 -16.03
C SER B 257 12.89 2.86 -15.19
N ARG B 258 14.04 3.16 -15.79
CA ARG B 258 15.12 3.80 -15.06
C ARG B 258 15.08 5.32 -15.09
N GLY B 259 14.10 5.87 -15.80
CA GLY B 259 13.99 7.31 -15.91
C GLY B 259 13.80 7.64 -17.36
N VAL B 260 13.17 8.77 -17.62
CA VAL B 260 12.88 9.21 -18.97
C VAL B 260 14.09 9.34 -19.91
N ALA B 261 15.16 9.94 -19.43
CA ALA B 261 16.36 10.14 -20.25
C ALA B 261 16.99 8.81 -20.62
N ILE B 262 17.06 7.91 -19.65
CA ILE B 262 17.63 6.59 -19.90
C ILE B 262 16.75 5.83 -20.88
N ALA B 263 15.44 5.87 -20.66
CA ALA B 263 14.48 5.18 -21.51
C ALA B 263 14.65 5.54 -22.99
N ARG B 264 14.77 6.83 -23.28
CA ARG B 264 14.93 7.29 -24.65
C ARG B 264 16.14 6.61 -25.32
N LYS B 265 17.24 6.52 -24.58
CA LYS B 265 18.46 5.92 -25.12
C LYS B 265 18.29 4.45 -25.53
N TRP B 266 17.43 3.72 -24.81
CA TRP B 266 17.26 2.31 -25.12
C TRP B 266 16.28 1.96 -26.21
N LEU B 267 15.78 2.98 -26.89
CA LEU B 267 14.86 2.78 -28.00
C LEU B 267 15.64 2.23 -29.19
N VAL B 268 16.96 2.14 -29.04
CA VAL B 268 17.81 1.61 -30.10
C VAL B 268 17.39 0.19 -30.42
N ILE B 269 16.57 -0.40 -29.55
CA ILE B 269 16.09 -1.75 -29.80
C ILE B 269 15.31 -1.73 -31.10
N LEU B 270 14.59 -0.64 -31.36
CA LEU B 270 13.80 -0.51 -32.58
C LEU B 270 14.68 -0.59 -33.85
N GLN B 271 15.95 -0.23 -33.71
CA GLN B 271 16.87 -0.29 -34.85
C GLN B 271 17.08 -1.75 -35.22
N GLU B 272 17.23 -2.63 -34.22
CA GLU B 272 17.40 -4.05 -34.50
C GLU B 272 16.11 -4.59 -35.11
N PHE B 273 14.98 -4.15 -34.59
CA PHE B 273 13.71 -4.63 -35.13
C PHE B 273 13.58 -4.22 -36.59
N ALA B 274 13.91 -2.97 -36.91
CA ALA B 274 13.83 -2.48 -38.28
C ALA B 274 14.83 -3.22 -39.17
N ASP B 275 16.03 -3.47 -38.64
CA ASP B 275 17.05 -4.20 -39.38
C ASP B 275 16.53 -5.61 -39.73
N GLN B 276 15.90 -6.27 -38.75
CA GLN B 276 15.35 -7.61 -38.97
C GLN B 276 14.26 -7.61 -40.03
N ALA B 277 13.38 -6.61 -39.98
CA ALA B 277 12.30 -6.52 -40.95
C ALA B 277 12.82 -6.35 -42.38
N GLU B 278 13.90 -5.58 -42.53
CA GLU B 278 14.49 -5.34 -43.85
C GLU B 278 15.19 -6.64 -44.30
N ASP B 279 15.74 -7.36 -43.34
CA ASP B 279 16.44 -8.62 -43.57
C ASP B 279 15.41 -9.64 -44.06
N GLU B 280 14.27 -9.71 -43.39
CA GLU B 280 13.19 -10.61 -43.75
C GLU B 280 12.71 -10.27 -45.17
N ARG B 281 12.54 -8.99 -45.45
CA ARG B 281 12.09 -8.55 -46.76
C ARG B 281 13.10 -8.97 -47.82
N ARG B 282 14.37 -8.69 -47.56
CA ARG B 282 15.42 -9.05 -48.52
C ARG B 282 15.48 -10.56 -48.78
N ARG B 283 15.17 -11.37 -47.76
CA ARG B 283 15.19 -12.82 -47.91
C ARG B 283 13.92 -13.33 -48.55
N GLY B 284 12.95 -12.44 -48.76
CA GLY B 284 11.68 -12.87 -49.33
C GLY B 284 10.82 -13.59 -48.31
N LEU B 285 11.04 -13.31 -47.02
CA LEU B 285 10.25 -13.93 -45.96
C LEU B 285 9.19 -12.96 -45.46
N PRO B 286 8.14 -13.49 -44.78
CA PRO B 286 7.08 -12.65 -44.25
C PRO B 286 7.69 -11.69 -43.22
N VAL B 287 7.32 -10.43 -43.28
CA VAL B 287 7.85 -9.44 -42.36
C VAL B 287 7.17 -9.51 -41.00
N THR B 288 7.96 -9.56 -39.94
CA THR B 288 7.43 -9.62 -38.58
C THR B 288 6.56 -8.40 -38.28
N PRO B 289 5.30 -8.64 -37.84
CA PRO B 289 4.43 -7.52 -37.53
C PRO B 289 5.02 -6.59 -36.47
N GLY B 290 4.89 -5.29 -36.67
CA GLY B 290 5.39 -4.33 -35.70
C GLY B 290 6.89 -4.07 -35.70
N PHE B 291 7.66 -4.79 -36.50
CA PHE B 291 9.11 -4.57 -36.51
C PHE B 291 9.60 -3.41 -37.38
N GLU B 292 8.88 -3.09 -38.44
CA GLU B 292 9.27 -1.95 -39.28
C GLU B 292 9.05 -0.70 -38.43
N THR B 293 9.87 0.32 -38.63
CA THR B 293 9.75 1.56 -37.87
C THR B 293 8.33 2.13 -37.96
N PRO B 294 7.69 2.39 -36.82
CA PRO B 294 6.33 2.93 -36.78
C PRO B 294 6.29 4.42 -37.07
N SER B 295 5.15 4.92 -37.55
CA SER B 295 5.02 6.34 -37.85
C SER B 295 5.20 7.19 -36.58
N SER B 296 4.84 6.61 -35.43
CA SER B 296 4.99 7.32 -34.15
C SER B 296 5.65 6.42 -33.11
N VAL B 297 6.93 6.67 -32.85
CA VAL B 297 7.66 5.88 -31.87
C VAL B 297 7.00 5.90 -30.49
N GLU B 298 6.81 7.10 -29.94
CA GLU B 298 6.21 7.27 -28.63
C GLU B 298 4.90 6.53 -28.49
N LYS B 299 4.01 6.77 -29.44
CA LYS B 299 2.69 6.14 -29.42
C LYS B 299 2.79 4.62 -29.42
N SER B 300 3.74 4.09 -30.18
CA SER B 300 3.92 2.65 -30.27
C SER B 300 4.56 2.02 -29.04
N GLN B 301 5.19 2.85 -28.20
CA GLN B 301 5.81 2.32 -26.99
C GLN B 301 4.76 2.04 -25.90
N ILE B 302 3.65 2.76 -25.94
CA ILE B 302 2.60 2.60 -24.94
C ILE B 302 2.07 1.16 -24.80
N PRO B 303 1.69 0.50 -25.92
CA PRO B 303 1.20 -0.88 -25.78
C PRO B 303 2.26 -1.76 -25.11
N PHE B 304 3.52 -1.47 -25.43
CA PHE B 304 4.66 -2.19 -24.88
C PHE B 304 4.77 -2.04 -23.38
N LEU B 305 4.62 -0.80 -22.91
CA LEU B 305 4.69 -0.54 -21.48
C LEU B 305 3.50 -1.17 -20.75
N ASP B 306 2.31 -1.08 -21.34
CA ASP B 306 1.11 -1.63 -20.71
C ASP B 306 1.05 -3.16 -20.68
N PHE B 307 1.57 -3.80 -21.72
CA PHE B 307 1.51 -5.25 -21.82
C PHE B 307 2.67 -5.97 -21.14
N PHE B 308 3.88 -5.42 -21.26
CA PHE B 308 5.04 -6.07 -20.66
C PHE B 308 5.66 -5.47 -19.41
N VAL B 309 6.22 -4.27 -19.55
CA VAL B 309 6.94 -3.59 -18.49
C VAL B 309 6.20 -3.18 -17.23
N ILE B 310 5.11 -2.43 -17.36
CA ILE B 310 4.36 -2.00 -16.18
C ILE B 310 3.86 -3.20 -15.38
N PRO B 311 3.28 -4.20 -16.04
CA PRO B 311 2.80 -5.35 -15.27
C PRO B 311 3.96 -6.04 -14.54
N THR B 312 5.13 -6.11 -15.20
CA THR B 312 6.29 -6.75 -14.59
C THR B 312 6.72 -6.02 -13.31
N PHE B 313 6.83 -4.69 -13.38
CA PHE B 313 7.27 -3.97 -12.19
C PHE B 313 6.21 -3.76 -11.11
N ASP B 314 4.94 -3.95 -11.46
CA ASP B 314 3.84 -3.85 -10.50
C ASP B 314 3.99 -5.10 -9.65
N LEU B 315 4.13 -6.24 -10.33
CA LEU B 315 4.30 -7.53 -9.67
C LEU B 315 5.55 -7.53 -8.80
N LEU B 316 6.64 -6.97 -9.33
CA LEU B 316 7.89 -6.92 -8.60
C LEU B 316 7.70 -6.12 -7.32
N HIS B 317 7.06 -4.96 -7.42
CA HIS B 317 6.82 -4.12 -6.25
C HIS B 317 5.96 -4.82 -5.19
N GLN B 318 4.98 -5.62 -5.62
CA GLN B 318 4.12 -6.31 -4.68
C GLN B 318 4.89 -7.43 -3.96
N LEU B 319 5.81 -8.08 -4.68
CA LEU B 319 6.63 -9.15 -4.11
C LEU B 319 7.79 -8.57 -3.29
N PHE B 320 8.29 -7.41 -3.69
CA PHE B 320 9.38 -6.73 -2.99
C PHE B 320 8.99 -5.27 -2.79
N PRO B 321 8.19 -4.98 -1.75
CA PRO B 321 7.75 -3.60 -1.51
C PRO B 321 8.82 -2.49 -1.52
N SER B 322 10.09 -2.85 -1.30
CA SER B 322 11.14 -1.83 -1.30
C SER B 322 11.48 -1.33 -2.70
N ILE B 323 11.01 -2.04 -3.73
CA ILE B 323 11.29 -1.67 -5.12
C ILE B 323 10.08 -0.96 -5.72
N GLU B 324 10.03 0.36 -5.52
CA GLU B 324 8.91 1.17 -5.95
C GLU B 324 9.21 2.15 -7.09
N GLU B 325 10.44 2.66 -7.14
CA GLU B 325 10.85 3.63 -8.15
C GLU B 325 10.58 3.26 -9.61
N PRO B 326 10.87 2.02 -10.01
CA PRO B 326 10.64 1.62 -11.41
C PRO B 326 9.21 1.86 -11.90
N LEU B 327 8.24 1.44 -11.10
CA LEU B 327 6.85 1.61 -11.46
C LEU B 327 6.51 3.09 -11.57
N HIS B 328 7.04 3.90 -10.64
CA HIS B 328 6.81 5.35 -10.67
C HIS B 328 7.39 5.95 -11.95
N ASN B 329 8.59 5.51 -12.33
CA ASN B 329 9.24 6.01 -13.53
C ASN B 329 8.47 5.61 -14.78
N LEU B 330 7.96 4.39 -14.78
CA LEU B 330 7.22 3.90 -15.94
C LEU B 330 5.95 4.71 -16.17
N ARG B 331 5.26 5.06 -15.09
CA ARG B 331 4.03 5.84 -15.21
C ARG B 331 4.35 7.24 -15.74
N LYS B 332 5.46 7.82 -15.28
CA LYS B 332 5.85 9.13 -15.77
C LYS B 332 6.16 9.02 -17.26
N LEU B 333 6.85 7.94 -17.64
CA LEU B 333 7.20 7.74 -19.03
C LEU B 333 5.93 7.59 -19.89
N ARG B 334 5.00 6.73 -19.47
CA ARG B 334 3.77 6.52 -20.23
C ARG B 334 3.03 7.84 -20.48
N GLU B 335 2.91 8.65 -19.44
CA GLU B 335 2.22 9.93 -19.54
C GLU B 335 2.88 10.83 -20.59
N LEU B 336 4.20 10.89 -20.57
CA LEU B 336 4.94 11.71 -21.52
C LEU B 336 4.67 11.18 -22.93
N TYR B 337 4.67 9.86 -23.09
CA TYR B 337 4.40 9.27 -24.41
C TYR B 337 2.99 9.60 -24.87
N ALA B 338 2.02 9.44 -23.98
CA ALA B 338 0.63 9.71 -24.31
C ALA B 338 0.39 11.19 -24.61
N ALA B 339 1.16 12.06 -23.98
CA ALA B 339 1.03 13.50 -24.22
C ALA B 339 1.67 13.85 -25.55
N LYS B 340 2.92 13.42 -25.73
CA LYS B 340 3.66 13.67 -26.96
C LYS B 340 2.84 13.21 -28.16
N ALA B 341 2.42 11.95 -28.13
CA ALA B 341 1.63 11.38 -29.23
C ALA B 341 0.18 11.87 -29.19
N GLY B 342 -0.11 12.81 -28.30
CA GLY B 342 -1.46 13.33 -28.19
C GLY B 342 -2.48 12.23 -27.99
N VAL B 343 -2.18 11.31 -27.08
CA VAL B 343 -3.08 10.20 -26.78
C VAL B 343 -4.00 10.56 -25.62
N THR C 11 -46.82 4.67 -21.80
CA THR C 11 -45.51 5.04 -22.41
C THR C 11 -45.34 6.56 -22.46
N ARG C 12 -44.11 7.02 -22.32
CA ARG C 12 -43.84 8.46 -22.35
C ARG C 12 -43.90 8.91 -23.80
N ARG C 13 -43.98 10.21 -24.01
CA ARG C 13 -44.02 10.74 -25.36
C ARG C 13 -42.64 11.15 -25.82
N LEU C 14 -42.17 10.50 -26.88
CA LEU C 14 -40.88 10.79 -27.45
C LEU C 14 -41.08 11.60 -28.70
N PRO C 15 -40.05 12.34 -29.14
CA PRO C 15 -40.21 13.13 -30.36
C PRO C 15 -40.18 12.17 -31.55
N PRO C 16 -40.55 12.66 -32.74
CA PRO C 16 -40.51 11.75 -33.89
C PRO C 16 -39.05 11.48 -34.23
N SER C 17 -38.79 10.43 -35.00
CA SER C 17 -37.42 10.07 -35.36
C SER C 17 -36.95 10.64 -36.71
N ILE C 18 -35.66 10.93 -36.80
CA ILE C 18 -35.12 11.42 -38.06
C ILE C 18 -34.76 10.23 -38.96
N VAL C 19 -34.80 9.02 -38.40
CA VAL C 19 -34.50 7.82 -39.16
C VAL C 19 -35.78 7.26 -39.80
N GLN C 20 -35.69 6.93 -41.08
CA GLN C 20 -36.85 6.40 -41.79
C GLN C 20 -37.01 4.90 -41.58
N ASP C 21 -38.26 4.44 -41.64
CA ASP C 21 -38.56 3.03 -41.48
C ASP C 21 -37.86 2.22 -42.57
N THR C 22 -37.61 0.96 -42.28
CA THR C 22 -36.97 0.10 -43.29
C THR C 22 -37.99 -0.13 -44.41
N ILE C 23 -37.52 -0.07 -45.65
CA ILE C 23 -38.39 -0.31 -46.80
C ILE C 23 -38.08 -1.72 -47.29
N LEU C 24 -39.05 -2.62 -47.14
CA LEU C 24 -38.86 -4.02 -47.52
C LEU C 24 -39.28 -4.35 -48.94
N ALA C 25 -39.85 -3.37 -49.64
CA ALA C 25 -40.33 -3.60 -51.00
C ALA C 25 -39.28 -4.23 -51.91
N VAL C 26 -39.72 -5.19 -52.71
CA VAL C 26 -38.86 -5.88 -53.66
C VAL C 26 -38.66 -4.94 -54.84
N VAL C 27 -37.44 -4.43 -54.98
CA VAL C 27 -37.14 -3.52 -56.07
C VAL C 27 -36.28 -4.22 -57.12
N PRO C 28 -36.59 -4.01 -58.40
CA PRO C 28 -35.81 -4.65 -59.46
C PRO C 28 -34.37 -4.13 -59.49
N PRO C 29 -33.40 -5.05 -59.54
CA PRO C 29 -31.99 -4.63 -59.57
C PRO C 29 -31.67 -3.88 -60.86
N LYS C 30 -30.58 -3.13 -60.84
CA LYS C 30 -30.20 -2.37 -62.04
C LYS C 30 -29.18 -3.12 -62.90
N SER C 31 -29.01 -2.61 -64.12
CA SER C 31 -28.13 -3.17 -65.13
C SER C 31 -26.86 -3.89 -64.67
N CYS C 32 -26.02 -3.22 -63.88
CA CYS C 32 -24.76 -3.81 -63.42
C CYS C 32 -23.75 -3.84 -64.55
N ALA C 33 -23.30 -2.66 -64.98
CA ALA C 33 -22.34 -2.56 -66.07
C ALA C 33 -20.90 -2.80 -65.59
N ALA C 34 -19.98 -2.87 -66.53
CA ALA C 34 -18.57 -3.10 -66.22
C ALA C 34 -18.04 -1.91 -65.42
N ILE C 35 -17.21 -2.19 -64.43
CA ILE C 35 -16.64 -1.14 -63.60
C ILE C 35 -15.13 -1.24 -63.46
N GLY C 36 -14.50 -1.95 -64.40
CA GLY C 36 -13.06 -2.08 -64.35
C GLY C 36 -12.55 -3.50 -64.52
N THR C 37 -11.22 -3.65 -64.51
CA THR C 37 -10.60 -4.95 -64.67
C THR C 37 -10.46 -5.64 -63.32
N ASP C 38 -10.28 -6.96 -63.37
CA ASP C 38 -10.11 -7.77 -62.16
C ASP C 38 -9.06 -7.10 -61.27
N VAL C 39 -8.00 -6.59 -61.88
CA VAL C 39 -6.92 -5.93 -61.17
C VAL C 39 -7.38 -4.58 -60.65
N ASP C 40 -8.29 -3.94 -61.39
CA ASP C 40 -8.80 -2.64 -60.97
C ASP C 40 -9.61 -2.78 -59.67
N LEU C 41 -10.42 -3.82 -59.58
CA LEU C 41 -11.27 -4.05 -58.40
C LEU C 41 -10.50 -4.39 -57.12
N ARG C 42 -9.30 -4.91 -57.27
CA ARG C 42 -8.48 -5.22 -56.09
C ARG C 42 -7.63 -4.01 -55.76
N ASP C 43 -7.61 -3.05 -56.67
CA ASP C 43 -6.79 -1.85 -56.49
C ASP C 43 -7.36 -0.84 -55.49
N TRP C 44 -6.51 -0.42 -54.56
CA TRP C 44 -6.90 0.54 -53.53
C TRP C 44 -7.23 1.87 -54.20
N GLY C 45 -6.69 2.07 -55.40
CA GLY C 45 -6.92 3.30 -56.15
C GLY C 45 -8.25 3.35 -56.88
N PHE C 46 -9.11 2.37 -56.60
CA PHE C 46 -10.43 2.31 -57.21
C PHE C 46 -11.16 3.61 -56.79
N ASP C 47 -11.72 4.33 -57.77
CA ASP C 47 -12.43 5.57 -57.52
C ASP C 47 -13.94 5.32 -57.59
N THR C 48 -14.55 5.02 -56.45
CA THR C 48 -15.98 4.71 -56.41
C THR C 48 -16.87 5.83 -56.96
N PHE C 49 -16.58 7.08 -56.62
CA PHE C 49 -17.37 8.20 -57.12
C PHE C 49 -17.32 8.29 -58.65
N GLU C 50 -16.12 8.16 -59.21
CA GLU C 50 -15.99 8.24 -60.66
C GLU C 50 -16.79 7.14 -61.33
N VAL C 51 -16.74 5.93 -60.80
CA VAL C 51 -17.49 4.83 -61.39
C VAL C 51 -18.99 5.12 -61.31
N ALA C 52 -19.43 5.71 -60.20
CA ALA C 52 -20.85 6.03 -60.03
C ALA C 52 -21.34 6.96 -61.14
N SER C 53 -20.40 7.66 -61.77
CA SER C 53 -20.74 8.58 -62.85
C SER C 53 -21.02 7.86 -64.16
N ARG C 54 -20.42 6.68 -64.33
CA ARG C 54 -20.55 5.91 -65.56
C ARG C 54 -21.56 4.77 -65.58
N VAL C 55 -21.97 4.28 -64.41
CA VAL C 55 -22.91 3.16 -64.37
C VAL C 55 -24.16 3.48 -63.57
N PRO C 56 -25.24 2.71 -63.78
CA PRO C 56 -26.50 2.93 -63.06
C PRO C 56 -26.39 2.68 -61.56
N SER C 57 -25.49 1.79 -61.16
CA SER C 57 -25.32 1.50 -59.73
C SER C 57 -23.97 0.82 -59.43
N VAL C 58 -23.06 1.58 -58.83
CA VAL C 58 -21.76 1.03 -58.49
C VAL C 58 -21.86 0.06 -57.32
N LEU C 59 -22.83 0.27 -56.44
CA LEU C 59 -23.00 -0.61 -55.30
C LEU C 59 -23.38 -2.00 -55.82
N GLN C 60 -24.35 -2.05 -56.73
CA GLN C 60 -24.78 -3.32 -57.27
C GLN C 60 -23.73 -3.97 -58.17
N SER C 61 -22.92 -3.18 -58.86
CA SER C 61 -21.89 -3.75 -59.72
C SER C 61 -20.76 -4.29 -58.86
N VAL C 62 -20.41 -3.55 -57.80
CA VAL C 62 -19.35 -4.00 -56.92
C VAL C 62 -19.77 -5.28 -56.20
N ALA C 63 -21.02 -5.32 -55.76
CA ALA C 63 -21.54 -6.49 -55.03
C ALA C 63 -21.54 -7.71 -55.95
N MET C 64 -21.85 -7.49 -57.21
CA MET C 64 -21.87 -8.57 -58.20
C MET C 64 -20.44 -9.07 -58.41
N HIS C 65 -19.52 -8.15 -58.58
CA HIS C 65 -18.11 -8.47 -58.78
C HIS C 65 -17.52 -9.25 -57.60
N VAL C 66 -17.82 -8.81 -56.38
CA VAL C 66 -17.30 -9.50 -55.21
C VAL C 66 -17.85 -10.92 -55.15
N ALA C 67 -19.15 -11.08 -55.37
CA ALA C 67 -19.77 -12.40 -55.36
C ALA C 67 -19.11 -13.33 -56.39
N LEU C 68 -18.83 -12.81 -57.58
CA LEU C 68 -18.17 -13.60 -58.63
C LEU C 68 -16.71 -13.87 -58.26
N ALA C 69 -15.96 -12.82 -57.93
CA ALA C 69 -14.56 -12.96 -57.57
C ALA C 69 -14.35 -13.97 -56.44
N TRP C 70 -15.20 -13.89 -55.41
CA TRP C 70 -15.06 -14.81 -54.28
C TRP C 70 -15.92 -16.06 -54.40
N ASP C 71 -16.48 -16.29 -55.58
CA ASP C 71 -17.29 -17.48 -55.85
C ASP C 71 -18.33 -17.79 -54.77
N PHE C 72 -19.20 -16.83 -54.51
CA PHE C 72 -20.26 -16.98 -53.50
C PHE C 72 -21.36 -17.96 -53.90
N PHE C 73 -21.76 -17.93 -55.16
CA PHE C 73 -22.87 -18.76 -55.61
C PHE C 73 -22.61 -19.60 -56.85
N ALA C 74 -23.23 -20.78 -56.89
CA ALA C 74 -23.09 -21.69 -58.01
C ALA C 74 -24.45 -21.91 -58.65
N SER C 75 -25.44 -21.14 -58.22
CA SER C 75 -26.78 -21.27 -58.77
C SER C 75 -27.42 -19.91 -58.99
N GLN C 76 -28.24 -19.81 -60.03
CA GLN C 76 -28.92 -18.58 -60.35
C GLN C 76 -29.90 -18.18 -59.26
N GLU C 77 -30.44 -19.16 -58.54
CA GLU C 77 -31.39 -18.87 -57.49
C GLU C 77 -30.75 -18.05 -56.38
N GLU C 78 -29.63 -18.54 -55.85
CA GLU C 78 -28.93 -17.82 -54.79
C GLU C 78 -28.42 -16.48 -55.29
N ALA C 79 -27.85 -16.47 -56.49
CA ALA C 79 -27.33 -15.24 -57.07
C ALA C 79 -28.44 -14.19 -57.21
N GLN C 80 -29.65 -14.65 -57.54
CA GLN C 80 -30.79 -13.74 -57.70
C GLN C 80 -31.16 -13.08 -56.36
N LYS C 81 -31.15 -13.87 -55.28
CA LYS C 81 -31.47 -13.33 -53.97
C LYS C 81 -30.47 -12.25 -53.57
N TRP C 82 -29.19 -12.47 -53.90
CA TRP C 82 -28.14 -11.51 -53.58
C TRP C 82 -28.32 -10.22 -54.38
N ALA C 83 -28.66 -10.35 -55.66
CA ALA C 83 -28.87 -9.19 -56.51
C ALA C 83 -30.05 -8.37 -56.01
N PHE C 84 -31.14 -9.05 -55.66
CA PHE C 84 -32.34 -8.37 -55.16
C PHE C 84 -32.10 -7.75 -53.79
N LEU C 85 -31.34 -8.46 -52.96
CA LEU C 85 -31.01 -7.99 -51.63
C LEU C 85 -30.22 -6.69 -51.73
N VAL C 86 -29.20 -6.70 -52.58
CA VAL C 86 -28.37 -5.51 -52.76
C VAL C 86 -29.16 -4.33 -53.30
N ALA C 87 -30.12 -4.62 -54.19
CA ALA C 87 -30.94 -3.56 -54.75
C ALA C 87 -31.82 -2.96 -53.65
N ALA C 88 -32.37 -3.81 -52.79
CA ALA C 88 -33.22 -3.34 -51.70
C ALA C 88 -32.39 -2.57 -50.67
N VAL C 89 -31.15 -3.01 -50.46
CA VAL C 89 -30.27 -2.33 -49.53
C VAL C 89 -29.98 -0.92 -50.07
N GLU C 90 -29.72 -0.82 -51.38
CA GLU C 90 -29.45 0.48 -51.97
C GLU C 90 -30.67 1.39 -51.79
N ASN C 91 -31.85 0.77 -51.81
CA ASN C 91 -33.11 1.48 -51.66
C ASN C 91 -33.32 1.94 -50.22
N ASN C 92 -32.43 1.50 -49.32
CA ASN C 92 -32.54 1.90 -47.92
C ASN C 92 -31.46 2.85 -47.47
N TYR C 93 -30.64 3.32 -48.42
CA TYR C 93 -29.62 4.29 -48.13
C TYR C 93 -30.20 5.64 -48.55
N ARG C 94 -30.05 6.64 -47.69
CA ARG C 94 -30.56 7.98 -47.96
C ARG C 94 -29.62 8.72 -48.90
N PRO C 95 -30.14 9.72 -49.63
CA PRO C 95 -29.30 10.48 -50.55
C PRO C 95 -28.47 11.55 -49.80
N ASN C 96 -27.76 11.11 -48.76
CA ASN C 96 -26.90 11.99 -47.97
C ASN C 96 -25.66 12.36 -48.77
N PRO C 97 -24.98 13.45 -48.39
CA PRO C 97 -23.78 13.82 -49.13
C PRO C 97 -22.68 12.76 -48.98
N TYR C 98 -22.60 12.15 -47.81
CA TYR C 98 -21.56 11.15 -47.55
C TYR C 98 -22.07 9.74 -47.22
N HIS C 99 -22.91 9.62 -46.20
CA HIS C 99 -23.42 8.29 -45.83
C HIS C 99 -24.53 7.86 -46.78
N ASN C 100 -24.11 7.39 -47.94
CA ASN C 100 -25.01 6.96 -48.98
C ASN C 100 -24.58 5.65 -49.62
N ALA C 101 -25.32 5.22 -50.63
CA ALA C 101 -25.05 3.97 -51.33
C ALA C 101 -23.67 3.95 -52.00
N ILE C 102 -23.16 5.13 -52.34
CA ILE C 102 -21.83 5.21 -52.95
C ILE C 102 -20.78 4.88 -51.87
N HIS C 103 -21.01 5.37 -50.65
CA HIS C 103 -20.12 5.09 -49.52
C HIS C 103 -20.16 3.58 -49.27
N ALA C 104 -21.35 3.00 -49.34
CA ALA C 104 -21.52 1.56 -49.12
C ALA C 104 -20.68 0.79 -50.12
N ALA C 105 -20.74 1.19 -51.39
CA ALA C 105 -19.98 0.54 -52.45
C ALA C 105 -18.48 0.69 -52.23
N ASP C 106 -18.07 1.88 -51.80
CA ASP C 106 -16.67 2.18 -51.55
C ASP C 106 -16.13 1.33 -50.40
N VAL C 107 -16.93 1.16 -49.35
CA VAL C 107 -16.51 0.35 -48.22
C VAL C 107 -16.45 -1.12 -48.59
N LEU C 108 -17.40 -1.56 -49.41
CA LEU C 108 -17.42 -2.96 -49.85
C LEU C 108 -16.19 -3.24 -50.72
N GLN C 109 -15.94 -2.36 -51.69
CA GLN C 109 -14.80 -2.55 -52.57
C GLN C 109 -13.50 -2.43 -51.78
N GLY C 110 -13.49 -1.51 -50.82
CA GLY C 110 -12.32 -1.32 -49.99
C GLY C 110 -12.03 -2.54 -49.13
N THR C 111 -13.08 -3.15 -48.59
CA THR C 111 -12.91 -4.33 -47.74
C THR C 111 -12.38 -5.47 -48.60
N PHE C 112 -12.97 -5.63 -49.78
CA PHE C 112 -12.57 -6.65 -50.73
C PHE C 112 -11.10 -6.44 -51.10
N SER C 113 -10.72 -5.18 -51.30
CA SER C 113 -9.34 -4.84 -51.66
C SER C 113 -8.34 -5.19 -50.57
N LEU C 114 -8.59 -4.73 -49.35
CA LEU C 114 -7.69 -5.00 -48.23
C LEU C 114 -7.57 -6.50 -47.94
N VAL C 115 -8.70 -7.20 -47.94
CA VAL C 115 -8.68 -8.63 -47.67
C VAL C 115 -7.87 -9.36 -48.74
N SER C 116 -8.07 -8.99 -50.00
CA SER C 116 -7.35 -9.61 -51.11
C SER C 116 -5.84 -9.41 -51.05
N ALA C 117 -5.39 -8.32 -50.43
CA ALA C 117 -3.97 -8.04 -50.32
C ALA C 117 -3.33 -8.66 -49.06
N ALA C 118 -4.13 -9.35 -48.26
CA ALA C 118 -3.64 -9.98 -47.04
C ALA C 118 -3.61 -11.49 -47.23
N LYS C 119 -2.46 -11.99 -47.69
CA LYS C 119 -2.26 -13.41 -47.95
C LYS C 119 -2.74 -14.35 -46.83
N PRO C 120 -2.33 -14.09 -45.58
CA PRO C 120 -2.77 -14.96 -44.49
C PRO C 120 -4.31 -15.06 -44.33
N LEU C 121 -5.01 -13.96 -44.58
CA LEU C 121 -6.47 -13.98 -44.47
C LEU C 121 -7.08 -14.75 -45.62
N MET C 122 -6.58 -14.49 -46.82
CA MET C 122 -7.06 -15.17 -48.02
C MET C 122 -6.85 -16.67 -47.91
N GLU C 123 -5.80 -17.06 -47.21
CA GLU C 123 -5.49 -18.48 -47.05
C GLU C 123 -6.39 -19.20 -46.06
N HIS C 124 -6.87 -18.50 -45.04
CA HIS C 124 -7.70 -19.17 -44.05
C HIS C 124 -9.16 -18.73 -43.91
N LEU C 125 -9.57 -17.67 -44.60
CA LEU C 125 -10.96 -17.25 -44.50
C LEU C 125 -11.85 -18.30 -45.12
N THR C 126 -12.98 -18.58 -44.47
CA THR C 126 -13.93 -19.55 -44.98
C THR C 126 -14.92 -18.80 -45.88
N PRO C 127 -15.61 -19.52 -46.76
CA PRO C 127 -16.56 -18.81 -47.62
C PRO C 127 -17.65 -18.10 -46.82
N LEU C 128 -18.09 -18.71 -45.72
CA LEU C 128 -19.12 -18.10 -44.88
C LEU C 128 -18.61 -16.76 -44.33
N GLU C 129 -17.36 -16.73 -43.89
CA GLU C 129 -16.78 -15.51 -43.35
C GLU C 129 -16.65 -14.43 -44.42
N CYS C 130 -16.32 -14.83 -45.64
CA CYS C 130 -16.19 -13.88 -46.74
C CYS C 130 -17.57 -13.29 -47.05
N LYS C 131 -18.59 -14.14 -47.06
CA LYS C 131 -19.94 -13.68 -47.34
C LYS C 131 -20.37 -12.67 -46.27
N ALA C 132 -20.12 -13.00 -45.00
CA ALA C 132 -20.47 -12.12 -43.89
C ALA C 132 -19.74 -10.79 -44.00
N ALA C 133 -18.47 -10.82 -44.39
CA ALA C 133 -17.70 -9.59 -44.52
C ALA C 133 -18.31 -8.69 -45.58
N ALA C 134 -18.62 -9.26 -46.74
CA ALA C 134 -19.21 -8.50 -47.83
C ALA C 134 -20.60 -7.98 -47.45
N PHE C 135 -21.40 -8.84 -46.83
CA PHE C 135 -22.74 -8.46 -46.43
C PHE C 135 -22.69 -7.33 -45.40
N ALA C 136 -21.74 -7.43 -44.47
CA ALA C 136 -21.59 -6.40 -43.44
C ALA C 136 -21.18 -5.05 -44.06
N ALA C 137 -20.17 -5.06 -44.93
CA ALA C 137 -19.71 -3.83 -45.56
C ALA C 137 -20.85 -3.16 -46.33
N LEU C 138 -21.57 -3.98 -47.09
CA LEU C 138 -22.72 -3.55 -47.91
C LEU C 138 -23.79 -2.84 -47.10
N THR C 139 -24.11 -3.40 -45.94
CA THR C 139 -25.16 -2.86 -45.08
C THR C 139 -24.67 -2.03 -43.89
N HIS C 140 -23.36 -1.84 -43.75
CA HIS C 140 -22.81 -1.16 -42.56
C HIS C 140 -23.35 0.21 -42.17
N ASP C 141 -23.91 0.96 -43.13
CA ASP C 141 -24.48 2.29 -42.87
C ASP C 141 -25.91 2.43 -43.39
N VAL C 142 -26.60 1.31 -43.59
CA VAL C 142 -27.96 1.36 -44.12
C VAL C 142 -28.91 2.22 -43.27
N CYS C 143 -29.67 3.09 -43.92
CA CYS C 143 -30.61 4.01 -43.25
C CYS C 143 -29.94 5.12 -42.44
N HIS C 144 -28.64 5.30 -42.61
CA HIS C 144 -27.93 6.36 -41.90
C HIS C 144 -28.64 7.67 -42.23
N PRO C 145 -28.97 8.47 -41.21
CA PRO C 145 -29.67 9.74 -41.40
C PRO C 145 -28.80 10.99 -41.61
N GLY C 146 -27.48 10.81 -41.68
CA GLY C 146 -26.60 11.96 -41.87
C GLY C 146 -26.34 12.75 -40.60
N ARG C 147 -26.49 12.08 -39.46
CA ARG C 147 -26.24 12.69 -38.16
C ARG C 147 -25.53 11.63 -37.30
N THR C 148 -24.75 12.08 -36.33
CA THR C 148 -24.01 11.18 -35.46
C THR C 148 -24.83 10.58 -34.32
N ASN C 149 -24.24 9.60 -33.64
CA ASN C 149 -24.90 8.97 -32.50
C ASN C 149 -25.12 9.98 -31.40
N ALA C 150 -24.16 10.89 -31.22
CA ALA C 150 -24.25 11.92 -30.19
C ALA C 150 -25.40 12.89 -30.49
N PHE C 151 -25.63 13.14 -31.77
CA PHE C 151 -26.71 14.04 -32.16
C PHE C 151 -28.05 13.37 -31.84
N LEU C 152 -28.18 12.11 -32.24
CA LEU C 152 -29.43 11.38 -31.99
C LEU C 152 -29.74 11.39 -30.49
N ALA C 153 -28.73 11.21 -29.66
CA ALA C 153 -28.92 11.21 -28.22
C ALA C 153 -29.35 12.59 -27.71
N ALA C 154 -28.67 13.63 -28.22
CA ALA C 154 -28.96 15.00 -27.81
C ALA C 154 -30.39 15.47 -28.13
N VAL C 155 -30.99 14.88 -29.16
CA VAL C 155 -32.36 15.27 -29.54
C VAL C 155 -33.38 14.23 -29.04
N GLN C 156 -32.89 13.28 -28.25
CA GLN C 156 -33.74 12.21 -27.71
C GLN C 156 -34.50 11.47 -28.81
N ASP C 157 -33.79 11.13 -29.89
CA ASP C 157 -34.41 10.41 -31.00
C ASP C 157 -34.86 9.03 -30.53
N PRO C 158 -36.04 8.58 -30.96
CA PRO C 158 -36.56 7.26 -30.58
C PRO C 158 -35.59 6.11 -30.83
N VAL C 159 -34.77 6.21 -31.88
CA VAL C 159 -33.81 5.15 -32.19
C VAL C 159 -32.79 5.00 -31.05
N SER C 160 -32.55 6.09 -30.33
CA SER C 160 -31.61 6.09 -29.21
C SER C 160 -32.21 5.37 -28.01
N PHE C 161 -33.53 5.36 -27.90
CA PHE C 161 -34.20 4.65 -26.81
C PHE C 161 -34.34 3.18 -27.19
N LYS C 162 -34.58 2.90 -28.47
CA LYS C 162 -34.75 1.54 -28.94
C LYS C 162 -33.44 0.75 -28.85
N PHE C 163 -32.36 1.37 -29.32
CA PHE C 163 -31.04 0.74 -29.28
C PHE C 163 -30.22 1.53 -28.26
N SER C 164 -30.15 0.99 -27.04
CA SER C 164 -29.44 1.64 -25.94
C SER C 164 -27.95 1.40 -25.93
N GLY C 165 -27.25 2.26 -25.19
CA GLY C 165 -25.81 2.16 -25.07
C GLY C 165 -25.06 2.75 -26.25
N LYS C 166 -23.78 2.42 -26.34
CA LYS C 166 -22.93 2.91 -27.42
C LYS C 166 -23.32 2.32 -28.77
N GLY C 167 -22.89 3.00 -29.84
CA GLY C 167 -23.15 2.53 -31.18
C GLY C 167 -24.61 2.45 -31.56
N THR C 168 -25.36 3.49 -31.25
CA THR C 168 -26.79 3.54 -31.56
C THR C 168 -27.06 3.20 -33.03
N LEU C 169 -26.47 3.98 -33.93
CA LEU C 169 -26.67 3.77 -35.36
C LEU C 169 -26.20 2.39 -35.80
N GLU C 170 -25.06 1.95 -35.29
CA GLU C 170 -24.52 0.65 -35.67
C GLU C 170 -25.47 -0.48 -35.31
N GLN C 171 -26.13 -0.37 -34.16
CA GLN C 171 -27.08 -1.38 -33.76
C GLN C 171 -28.25 -1.34 -34.76
N LEU C 172 -28.63 -0.12 -35.15
CA LEU C 172 -29.72 0.02 -36.09
C LEU C 172 -29.35 -0.51 -37.47
N HIS C 173 -28.14 -0.26 -37.95
CA HIS C 173 -27.73 -0.75 -39.27
C HIS C 173 -27.79 -2.29 -39.25
N THR C 174 -27.28 -2.87 -38.18
CA THR C 174 -27.26 -4.32 -37.98
C THR C 174 -28.67 -4.91 -38.00
N ALA C 175 -29.57 -4.36 -37.19
CA ALA C 175 -30.94 -4.84 -37.13
C ALA C 175 -31.63 -4.72 -38.49
N THR C 176 -31.37 -3.63 -39.20
CA THR C 176 -31.97 -3.40 -40.51
C THR C 176 -31.41 -4.39 -41.51
N ALA C 177 -30.11 -4.67 -41.41
CA ALA C 177 -29.47 -5.62 -42.31
C ALA C 177 -30.17 -6.97 -42.18
N PHE C 178 -30.36 -7.42 -40.95
CA PHE C 178 -31.02 -8.72 -40.71
C PHE C 178 -32.49 -8.74 -41.10
N GLU C 179 -33.16 -7.60 -40.94
CA GLU C 179 -34.55 -7.48 -41.30
C GLU C 179 -34.69 -7.62 -42.83
N LEU C 180 -33.77 -7.01 -43.56
CA LEU C 180 -33.82 -7.11 -45.02
C LEU C 180 -33.47 -8.53 -45.45
N LEU C 181 -32.45 -9.12 -44.82
CA LEU C 181 -32.00 -10.46 -45.15
C LEU C 181 -33.08 -11.50 -44.91
N ASN C 182 -34.00 -11.18 -43.99
CA ASN C 182 -35.08 -12.09 -43.64
C ASN C 182 -36.17 -12.15 -44.71
N VAL C 183 -36.16 -11.21 -45.64
CA VAL C 183 -37.15 -11.19 -46.72
C VAL C 183 -36.87 -12.38 -47.63
N THR C 184 -37.85 -13.26 -47.82
CA THR C 184 -37.70 -14.46 -48.64
C THR C 184 -36.96 -14.23 -49.96
N GLU C 185 -37.31 -13.18 -50.69
CA GLU C 185 -36.66 -12.91 -51.97
C GLU C 185 -35.23 -12.38 -51.85
N PHE C 186 -34.81 -11.97 -50.65
CA PHE C 186 -33.47 -11.45 -50.46
C PHE C 186 -32.60 -12.37 -49.61
N ASP C 187 -33.19 -13.44 -49.09
CA ASP C 187 -32.44 -14.34 -48.22
C ASP C 187 -31.49 -15.28 -48.93
N PHE C 188 -30.31 -14.77 -49.29
CA PHE C 188 -29.33 -15.60 -49.97
C PHE C 188 -28.65 -16.61 -49.03
N THR C 189 -28.96 -16.55 -47.74
CA THR C 189 -28.37 -17.48 -46.78
C THR C 189 -29.38 -18.53 -46.35
N SER C 190 -30.57 -18.49 -46.93
CA SER C 190 -31.61 -19.44 -46.58
C SER C 190 -31.15 -20.89 -46.62
N SER C 191 -30.15 -21.19 -47.43
CA SER C 191 -29.66 -22.56 -47.55
C SER C 191 -28.66 -22.96 -46.46
N MET C 192 -28.20 -21.98 -45.67
CA MET C 192 -27.25 -22.29 -44.60
C MET C 192 -27.99 -23.05 -43.50
N ASP C 193 -27.34 -24.04 -42.88
CA ASP C 193 -28.01 -24.75 -41.80
C ASP C 193 -28.07 -23.78 -40.63
N ASN C 194 -28.88 -24.08 -39.62
CA ASN C 194 -29.03 -23.17 -38.50
C ASN C 194 -27.73 -22.76 -37.83
N ALA C 195 -26.86 -23.72 -37.58
CA ALA C 195 -25.58 -23.44 -36.95
C ALA C 195 -24.76 -22.45 -37.77
N SER C 196 -24.72 -22.64 -39.08
CA SER C 196 -23.96 -21.75 -39.95
C SER C 196 -24.57 -20.34 -39.97
N PHE C 197 -25.89 -20.24 -40.05
CA PHE C 197 -26.52 -18.94 -40.08
C PHE C 197 -26.27 -18.20 -38.76
N LEU C 198 -26.21 -18.92 -37.65
CA LEU C 198 -25.96 -18.28 -36.37
C LEU C 198 -24.56 -17.64 -36.37
N GLU C 199 -23.57 -18.37 -36.87
CA GLU C 199 -22.21 -17.87 -36.94
C GLU C 199 -22.16 -16.65 -37.87
N PHE C 200 -22.93 -16.71 -38.96
CA PHE C 200 -23.01 -15.64 -39.93
C PHE C 200 -23.53 -14.36 -39.26
N LYS C 201 -24.64 -14.50 -38.55
CA LYS C 201 -25.21 -13.35 -37.85
C LYS C 201 -24.26 -12.78 -36.81
N ASN C 202 -23.58 -13.65 -36.08
CA ASN C 202 -22.66 -13.17 -35.06
C ASN C 202 -21.46 -12.44 -35.65
N ILE C 203 -20.98 -12.88 -36.80
CA ILE C 203 -19.85 -12.21 -37.45
C ILE C 203 -20.30 -10.83 -37.97
N VAL C 204 -21.44 -10.79 -38.67
CA VAL C 204 -21.96 -9.54 -39.19
C VAL C 204 -22.20 -8.52 -38.07
N SER C 205 -22.86 -8.97 -37.01
CA SER C 205 -23.16 -8.13 -35.85
C SER C 205 -21.86 -7.52 -35.30
N HIS C 206 -20.83 -8.36 -35.19
CA HIS C 206 -19.55 -7.90 -34.69
C HIS C 206 -18.90 -6.88 -35.62
N LEU C 207 -18.87 -7.19 -36.91
CA LEU C 207 -18.25 -6.33 -37.90
C LEU C 207 -18.90 -4.95 -37.99
N ILE C 208 -20.21 -4.93 -38.07
CA ILE C 208 -20.92 -3.65 -38.15
C ILE C 208 -20.77 -2.91 -36.83
N GLY C 209 -20.91 -3.64 -35.73
CA GLY C 209 -20.80 -3.04 -34.42
C GLY C 209 -19.51 -2.27 -34.20
N HIS C 210 -18.40 -2.82 -34.70
CA HIS C 210 -17.12 -2.19 -34.52
C HIS C 210 -16.75 -1.07 -35.50
N THR C 211 -17.72 -0.61 -36.28
CA THR C 211 -17.48 0.52 -37.18
C THR C 211 -17.80 1.81 -36.42
N ASP C 212 -18.27 1.67 -35.18
CA ASP C 212 -18.61 2.82 -34.34
C ASP C 212 -17.33 3.60 -34.02
N MET C 213 -17.22 4.82 -34.53
CA MET C 213 -16.02 5.61 -34.31
C MET C 213 -15.77 6.05 -32.87
N SER C 214 -16.77 5.93 -32.02
CA SER C 214 -16.59 6.33 -30.62
C SER C 214 -15.63 5.33 -29.96
N LEU C 215 -15.49 4.16 -30.58
CA LEU C 215 -14.62 3.11 -30.07
C LEU C 215 -13.18 3.20 -30.56
N HIS C 216 -12.86 4.22 -31.36
CA HIS C 216 -11.51 4.34 -31.90
C HIS C 216 -10.37 4.13 -30.92
N SER C 217 -10.24 5.04 -29.96
CA SER C 217 -9.17 4.94 -28.97
C SER C 217 -9.07 3.57 -28.33
N GLU C 218 -10.22 3.00 -27.97
CA GLU C 218 -10.25 1.70 -27.33
C GLU C 218 -9.82 0.57 -28.26
N THR C 219 -10.23 0.65 -29.52
CA THR C 219 -9.87 -0.37 -30.49
C THR C 219 -8.38 -0.31 -30.82
N VAL C 220 -7.85 0.91 -30.92
CA VAL C 220 -6.43 1.10 -31.21
C VAL C 220 -5.60 0.43 -30.12
N ALA C 221 -6.01 0.65 -28.87
CA ALA C 221 -5.30 0.04 -27.75
C ALA C 221 -5.44 -1.48 -27.80
N LYS C 222 -6.64 -1.97 -28.09
CA LYS C 222 -6.88 -3.41 -28.16
C LYS C 222 -5.98 -4.11 -29.16
N HIS C 223 -5.93 -3.60 -30.38
CA HIS C 223 -5.09 -4.21 -31.42
C HIS C 223 -3.63 -3.95 -31.09
N GLY C 224 -3.36 -2.85 -30.40
CA GLY C 224 -1.99 -2.54 -30.02
C GLY C 224 -1.48 -3.65 -29.13
N ALA C 225 -2.29 -4.05 -28.16
CA ALA C 225 -1.93 -5.12 -27.26
C ALA C 225 -1.83 -6.43 -28.04
N LYS C 226 -2.70 -6.59 -29.02
CA LYS C 226 -2.71 -7.78 -29.86
C LYS C 226 -1.39 -7.88 -30.60
N LEU C 227 -0.94 -6.75 -31.14
CA LEU C 227 0.31 -6.69 -31.88
C LEU C 227 1.44 -7.07 -30.91
N SER C 228 1.36 -6.51 -29.70
CA SER C 228 2.34 -6.76 -28.66
C SER C 228 2.40 -8.25 -28.33
N ALA C 229 1.26 -8.92 -28.41
CA ALA C 229 1.20 -10.35 -28.13
C ALA C 229 1.71 -11.21 -29.28
N GLY C 230 2.07 -10.56 -30.39
CA GLY C 230 2.57 -11.30 -31.53
C GLY C 230 1.81 -11.08 -32.82
N GLY C 231 0.64 -10.45 -32.73
CA GLY C 231 -0.14 -10.19 -33.93
C GLY C 231 -1.23 -11.22 -34.15
N PHE C 232 -1.85 -11.18 -35.33
CA PHE C 232 -2.94 -12.11 -35.65
C PHE C 232 -2.47 -13.49 -36.09
N ASP C 233 -3.15 -14.52 -35.62
CA ASP C 233 -2.87 -15.89 -36.02
C ASP C 233 -4.10 -16.24 -36.83
N CYS C 234 -4.01 -16.08 -38.15
CA CYS C 234 -5.15 -16.33 -39.01
C CYS C 234 -5.68 -17.75 -39.06
N THR C 235 -5.05 -18.66 -38.32
CA THR C 235 -5.49 -20.04 -38.25
C THR C 235 -6.58 -20.08 -37.18
N CYS C 236 -6.59 -19.04 -36.35
CA CYS C 236 -7.57 -18.91 -35.28
C CYS C 236 -8.78 -18.10 -35.75
N LYS C 237 -9.94 -18.75 -35.73
CA LYS C 237 -11.20 -18.16 -36.14
C LYS C 237 -11.45 -16.79 -35.50
N GLU C 238 -11.21 -16.69 -34.20
CA GLU C 238 -11.41 -15.45 -33.47
C GLU C 238 -10.47 -14.35 -33.96
N ASP C 239 -9.26 -14.74 -34.32
CA ASP C 239 -8.31 -13.75 -34.82
C ASP C 239 -8.73 -13.25 -36.20
N ARG C 240 -9.30 -14.13 -37.01
CA ARG C 240 -9.75 -13.75 -38.36
C ARG C 240 -10.90 -12.75 -38.27
N LEU C 241 -11.74 -12.91 -37.25
CA LEU C 241 -12.86 -12.00 -37.06
C LEU C 241 -12.33 -10.63 -36.65
N GLU C 242 -11.35 -10.61 -35.75
CA GLU C 242 -10.77 -9.35 -35.30
C GLU C 242 -10.07 -8.64 -36.44
N ALA C 243 -9.38 -9.40 -37.27
CA ALA C 243 -8.67 -8.86 -38.42
C ALA C 243 -9.68 -8.26 -39.39
N LEU C 244 -10.73 -9.01 -39.71
CA LEU C 244 -11.77 -8.53 -40.61
C LEU C 244 -12.40 -7.24 -40.07
N SER C 245 -12.63 -7.21 -38.77
CA SER C 245 -13.21 -6.03 -38.14
C SER C 245 -12.32 -4.82 -38.39
N LEU C 246 -11.02 -4.99 -38.22
CA LEU C 246 -10.08 -3.88 -38.41
C LEU C 246 -10.05 -3.46 -39.87
N LEU C 247 -10.01 -4.42 -40.79
CA LEU C 247 -9.98 -4.09 -42.22
C LEU C 247 -11.24 -3.37 -42.65
N LEU C 248 -12.39 -3.81 -42.13
CA LEU C 248 -13.67 -3.20 -42.48
C LEU C 248 -13.68 -1.75 -42.00
N HIS C 249 -13.26 -1.55 -40.75
CA HIS C 249 -13.21 -0.23 -40.17
C HIS C 249 -12.30 0.67 -41.00
N ALA C 250 -11.14 0.13 -41.40
CA ALA C 250 -10.16 0.86 -42.19
C ALA C 250 -10.74 1.24 -43.55
N ALA C 251 -11.49 0.33 -44.17
CA ALA C 251 -12.11 0.61 -45.45
C ALA C 251 -13.18 1.70 -45.27
N ASP C 252 -13.91 1.63 -44.16
CA ASP C 252 -14.98 2.57 -43.83
C ASP C 252 -14.47 4.02 -43.82
N ILE C 253 -13.36 4.26 -43.14
CA ILE C 253 -12.75 5.58 -43.03
C ILE C 253 -11.52 5.71 -43.95
N GLY C 254 -11.41 4.85 -44.95
CA GLY C 254 -10.23 4.89 -45.81
C GLY C 254 -10.19 5.75 -47.07
N ALA C 255 -11.30 6.36 -47.46
CA ALA C 255 -11.30 7.17 -48.67
C ALA C 255 -10.15 8.16 -48.78
N SER C 256 -9.81 8.82 -47.68
CA SER C 256 -8.73 9.79 -47.73
C SER C 256 -7.34 9.18 -47.91
N SER C 257 -7.23 7.86 -47.87
CA SER C 257 -5.93 7.20 -48.04
C SER C 257 -5.77 6.59 -49.43
N ARG C 258 -6.75 6.82 -50.30
CA ARG C 258 -6.72 6.26 -51.65
C ARG C 258 -6.10 7.20 -52.69
N GLY C 259 -5.50 8.29 -52.23
CA GLY C 259 -4.91 9.23 -53.16
C GLY C 259 -5.52 10.61 -53.02
N VAL C 260 -4.75 11.62 -53.40
CA VAL C 260 -5.21 13.00 -53.32
C VAL C 260 -6.53 13.26 -54.02
N ALA C 261 -6.61 12.84 -55.28
CA ALA C 261 -7.82 13.06 -56.07
C ALA C 261 -9.07 12.45 -55.43
N ILE C 262 -8.97 11.22 -54.95
CA ILE C 262 -10.11 10.56 -54.34
C ILE C 262 -10.44 11.18 -52.97
N ALA C 263 -9.42 11.43 -52.17
CA ALA C 263 -9.61 12.01 -50.84
C ALA C 263 -10.41 13.31 -50.93
N ARG C 264 -10.12 14.11 -51.95
CA ARG C 264 -10.81 15.37 -52.14
C ARG C 264 -12.31 15.17 -52.34
N LYS C 265 -12.67 14.17 -53.15
CA LYS C 265 -14.07 13.90 -53.43
C LYS C 265 -14.89 13.55 -52.20
N TRP C 266 -14.27 12.90 -51.22
CA TRP C 266 -14.99 12.52 -50.02
C TRP C 266 -15.05 13.59 -48.94
N LEU C 267 -14.64 14.80 -49.28
CA LEU C 267 -14.70 15.90 -48.33
C LEU C 267 -16.15 16.33 -48.18
N VAL C 268 -17.04 15.66 -48.91
CA VAL C 268 -18.47 15.94 -48.85
C VAL C 268 -19.00 15.65 -47.45
N ILE C 269 -18.17 14.98 -46.64
CA ILE C 269 -18.56 14.66 -45.28
C ILE C 269 -18.73 15.98 -44.51
N LEU C 270 -17.95 16.99 -44.90
CA LEU C 270 -18.01 18.30 -44.26
C LEU C 270 -19.40 18.93 -44.42
N GLN C 271 -20.12 18.50 -45.46
CA GLN C 271 -21.46 19.01 -45.69
C GLN C 271 -22.43 18.49 -44.63
N GLU C 272 -22.30 17.21 -44.26
CA GLU C 272 -23.17 16.64 -43.23
C GLU C 272 -22.80 17.26 -41.89
N PHE C 273 -21.50 17.52 -41.69
CA PHE C 273 -21.03 18.12 -40.45
C PHE C 273 -21.60 19.54 -40.27
N ALA C 274 -21.53 20.35 -41.32
CA ALA C 274 -22.05 21.72 -41.26
C ALA C 274 -23.57 21.68 -41.07
N ASP C 275 -24.23 20.75 -41.78
CA ASP C 275 -25.67 20.60 -41.65
C ASP C 275 -26.01 20.28 -40.20
N GLN C 276 -25.24 19.36 -39.61
CA GLN C 276 -25.49 18.98 -38.23
C GLN C 276 -25.23 20.13 -37.28
N ALA C 277 -24.17 20.90 -37.52
CA ALA C 277 -23.86 22.03 -36.65
C ALA C 277 -25.00 23.06 -36.65
N GLU C 278 -25.56 23.33 -37.84
CA GLU C 278 -26.64 24.30 -37.95
C GLU C 278 -27.89 23.71 -37.29
N ASP C 279 -28.07 22.41 -37.46
CA ASP C 279 -29.20 21.69 -36.87
C ASP C 279 -29.12 21.82 -35.34
N GLU C 280 -27.95 21.49 -34.79
CA GLU C 280 -27.73 21.59 -33.35
C GLU C 280 -28.01 23.01 -32.88
N ARG C 281 -27.49 23.99 -33.62
CA ARG C 281 -27.69 25.39 -33.25
C ARG C 281 -29.17 25.76 -33.24
N ARG C 282 -29.89 25.39 -34.30
CA ARG C 282 -31.31 25.69 -34.40
C ARG C 282 -32.14 25.02 -33.32
N ARG C 283 -31.68 23.88 -32.83
CA ARG C 283 -32.40 23.14 -31.79
C ARG C 283 -32.03 23.65 -30.39
N GLY C 284 -31.04 24.54 -30.31
CA GLY C 284 -30.63 25.07 -29.02
C GLY C 284 -29.69 24.16 -28.27
N LEU C 285 -28.98 23.31 -29.01
CA LEU C 285 -28.05 22.35 -28.43
C LEU C 285 -26.60 22.76 -28.62
N PRO C 286 -25.70 22.26 -27.77
CA PRO C 286 -24.29 22.59 -27.89
C PRO C 286 -23.84 22.17 -29.28
N VAL C 287 -23.06 23.02 -29.94
CA VAL C 287 -22.59 22.72 -31.29
C VAL C 287 -21.34 21.86 -31.21
N THR C 288 -21.35 20.76 -31.96
CA THR C 288 -20.19 19.87 -31.98
C THR C 288 -18.97 20.65 -32.44
N PRO C 289 -17.93 20.74 -31.58
CA PRO C 289 -16.72 21.48 -31.94
C PRO C 289 -16.15 21.05 -33.30
N GLY C 290 -15.84 22.04 -34.14
CA GLY C 290 -15.28 21.75 -35.44
C GLY C 290 -16.22 21.30 -36.55
N PHE C 291 -17.51 21.13 -36.24
CA PHE C 291 -18.44 20.69 -37.26
C PHE C 291 -18.86 21.80 -38.22
N GLU C 292 -18.78 23.05 -37.78
CA GLU C 292 -19.14 24.16 -38.64
C GLU C 292 -18.10 24.25 -39.76
N THR C 293 -18.53 24.75 -40.93
CA THR C 293 -17.62 24.87 -42.06
C THR C 293 -16.33 25.56 -41.59
N PRO C 294 -15.18 24.88 -41.75
CA PRO C 294 -13.91 25.46 -41.32
C PRO C 294 -13.45 26.58 -42.25
N SER C 295 -12.76 27.57 -41.71
CA SER C 295 -12.26 28.67 -42.52
C SER C 295 -11.30 28.08 -43.55
N SER C 296 -10.52 27.10 -43.11
CA SER C 296 -9.57 26.41 -43.99
C SER C 296 -9.77 24.90 -43.94
N VAL C 297 -10.30 24.34 -45.02
CA VAL C 297 -10.54 22.91 -45.11
C VAL C 297 -9.26 22.13 -44.80
N GLU C 298 -8.20 22.44 -45.54
CA GLU C 298 -6.92 21.77 -45.37
C GLU C 298 -6.42 21.78 -43.93
N LYS C 299 -6.44 22.95 -43.31
CA LYS C 299 -5.97 23.06 -41.93
C LYS C 299 -6.75 22.14 -40.98
N SER C 300 -8.06 22.07 -41.17
CA SER C 300 -8.93 21.24 -40.32
C SER C 300 -8.74 19.74 -40.50
N GLN C 301 -8.43 19.33 -41.73
CA GLN C 301 -8.23 17.91 -42.03
C GLN C 301 -7.04 17.30 -41.30
N ILE C 302 -5.98 18.09 -41.15
CA ILE C 302 -4.77 17.65 -40.48
C ILE C 302 -5.06 16.91 -39.17
N PRO C 303 -5.84 17.53 -38.26
CA PRO C 303 -6.15 16.87 -36.99
C PRO C 303 -6.90 15.54 -37.18
N PHE C 304 -7.85 15.51 -38.10
CA PHE C 304 -8.62 14.30 -38.35
C PHE C 304 -7.68 13.18 -38.82
N LEU C 305 -6.72 13.54 -39.65
CA LEU C 305 -5.76 12.55 -40.15
C LEU C 305 -4.83 12.13 -39.03
N ASP C 306 -4.42 13.09 -38.21
CA ASP C 306 -3.49 12.80 -37.11
C ASP C 306 -4.06 11.97 -35.97
N PHE C 307 -5.35 12.10 -35.69
CA PHE C 307 -5.95 11.34 -34.59
C PHE C 307 -6.75 10.12 -35.01
N PHE C 308 -7.19 10.08 -36.27
CA PHE C 308 -7.99 8.95 -36.71
C PHE C 308 -7.47 8.09 -37.85
N VAL C 309 -7.48 8.64 -39.06
CA VAL C 309 -7.05 7.89 -40.23
C VAL C 309 -5.62 7.36 -40.19
N ILE C 310 -4.66 8.22 -39.89
CA ILE C 310 -3.28 7.78 -39.86
C ILE C 310 -3.03 6.67 -38.81
N PRO C 311 -3.51 6.85 -37.57
CA PRO C 311 -3.28 5.80 -36.56
C PRO C 311 -3.92 4.47 -36.90
N THR C 312 -5.06 4.50 -37.59
CA THR C 312 -5.73 3.27 -37.97
C THR C 312 -4.88 2.54 -39.01
N PHE C 313 -4.40 3.27 -40.00
CA PHE C 313 -3.61 2.65 -41.05
C PHE C 313 -2.18 2.33 -40.63
N ASP C 314 -1.68 3.01 -39.60
CA ASP C 314 -0.34 2.70 -39.12
C ASP C 314 -0.47 1.37 -38.40
N LEU C 315 -1.52 1.25 -37.58
CA LEU C 315 -1.77 0.02 -36.84
C LEU C 315 -1.93 -1.13 -37.84
N LEU C 316 -2.74 -0.89 -38.86
CA LEU C 316 -2.99 -1.88 -39.90
C LEU C 316 -1.69 -2.32 -40.57
N HIS C 317 -0.84 -1.36 -40.91
CA HIS C 317 0.43 -1.66 -41.56
C HIS C 317 1.36 -2.45 -40.64
N GLN C 318 1.26 -2.18 -39.34
CA GLN C 318 2.09 -2.87 -38.36
C GLN C 318 1.64 -4.31 -38.21
N LEU C 319 0.33 -4.54 -38.23
CA LEU C 319 -0.23 -5.87 -38.10
C LEU C 319 -0.15 -6.68 -39.40
N PHE C 320 -0.24 -5.98 -40.52
CA PHE C 320 -0.17 -6.60 -41.85
C PHE C 320 0.78 -5.79 -42.72
N PRO C 321 2.10 -6.01 -42.57
CA PRO C 321 3.10 -5.28 -43.35
C PRO C 321 2.91 -5.18 -44.87
N SER C 322 2.15 -6.09 -45.47
CA SER C 322 1.93 -6.02 -46.90
C SER C 322 1.09 -4.81 -47.30
N ILE C 323 0.30 -4.31 -46.37
CA ILE C 323 -0.57 -3.16 -46.62
C ILE C 323 0.18 -1.85 -46.32
N GLU C 324 0.86 -1.33 -47.33
CA GLU C 324 1.66 -0.12 -47.20
C GLU C 324 1.10 1.11 -47.92
N GLU C 325 0.55 0.92 -49.12
CA GLU C 325 0.04 2.03 -49.92
C GLU C 325 -0.83 3.05 -49.19
N PRO C 326 -1.90 2.61 -48.50
CA PRO C 326 -2.74 3.57 -47.80
C PRO C 326 -1.97 4.48 -46.85
N LEU C 327 -1.16 3.88 -45.98
CA LEU C 327 -0.36 4.66 -45.02
C LEU C 327 0.57 5.59 -45.79
N HIS C 328 1.00 5.13 -46.96
CA HIS C 328 1.89 5.91 -47.81
C HIS C 328 1.15 7.13 -48.37
N ASN C 329 -0.06 6.91 -48.87
CA ASN C 329 -0.85 7.99 -49.44
C ASN C 329 -1.23 9.03 -48.39
N LEU C 330 -1.54 8.57 -47.18
CA LEU C 330 -1.92 9.46 -46.09
C LEU C 330 -0.84 10.45 -45.73
N ARG C 331 0.41 9.99 -45.67
CA ARG C 331 1.52 10.87 -45.34
C ARG C 331 1.67 11.94 -46.41
N LYS C 332 1.46 11.56 -47.67
CA LYS C 332 1.56 12.51 -48.77
C LYS C 332 0.39 13.50 -48.72
N LEU C 333 -0.79 13.01 -48.34
CA LEU C 333 -1.97 13.87 -48.27
C LEU C 333 -1.78 14.88 -47.15
N ARG C 334 -1.38 14.40 -45.99
CA ARG C 334 -1.16 15.25 -44.82
C ARG C 334 -0.14 16.33 -45.15
N GLU C 335 0.93 15.92 -45.82
CA GLU C 335 1.99 16.84 -46.21
C GLU C 335 1.40 17.87 -47.17
N LEU C 336 0.52 17.41 -48.05
CA LEU C 336 -0.12 18.29 -49.02
C LEU C 336 -1.02 19.31 -48.33
N TYR C 337 -1.69 18.89 -47.26
CA TYR C 337 -2.58 19.78 -46.52
C TYR C 337 -1.81 20.84 -45.75
N ALA C 338 -0.74 20.43 -45.07
CA ALA C 338 0.06 21.37 -44.30
C ALA C 338 0.63 22.45 -45.22
N ALA C 339 0.90 22.07 -46.47
CA ALA C 339 1.44 23.00 -47.45
C ALA C 339 0.41 24.08 -47.76
N LYS C 340 -0.72 23.67 -48.32
CA LYS C 340 -1.79 24.61 -48.67
C LYS C 340 -2.18 25.43 -47.44
N ALA C 341 -2.18 24.78 -46.29
CA ALA C 341 -2.53 25.42 -45.03
C ALA C 341 -1.49 26.44 -44.62
N GLY C 342 -0.23 25.98 -44.54
CA GLY C 342 0.85 26.85 -44.15
C GLY C 342 1.61 26.30 -42.97
N VAL C 343 1.32 25.06 -42.60
CA VAL C 343 1.98 24.42 -41.47
C VAL C 343 3.43 24.10 -41.83
N THR D 11 40.67 -28.06 -15.28
CA THR D 11 40.13 -29.35 -15.81
C THR D 11 39.33 -30.07 -14.73
N ARG D 12 38.01 -30.01 -14.83
CA ARG D 12 37.14 -30.67 -13.87
C ARG D 12 37.33 -32.17 -13.89
N ARG D 13 37.82 -32.72 -12.79
CA ARG D 13 38.03 -34.16 -12.69
C ARG D 13 36.78 -34.80 -12.10
N LEU D 14 35.97 -35.40 -12.95
CA LEU D 14 34.72 -36.05 -12.54
C LEU D 14 34.81 -37.56 -12.68
N PRO D 15 33.89 -38.29 -12.05
CA PRO D 15 33.88 -39.75 -12.13
C PRO D 15 33.23 -40.23 -13.42
N PRO D 16 33.53 -41.47 -13.85
CA PRO D 16 32.92 -41.94 -15.08
C PRO D 16 31.40 -41.98 -14.90
N SER D 17 30.66 -41.74 -15.98
CA SER D 17 29.20 -41.74 -15.91
C SER D 17 28.60 -43.13 -15.81
N ILE D 18 27.42 -43.22 -15.19
CA ILE D 18 26.74 -44.49 -15.04
C ILE D 18 25.80 -44.68 -16.23
N VAL D 19 25.84 -43.71 -17.14
CA VAL D 19 25.02 -43.74 -18.33
C VAL D 19 25.89 -44.19 -19.50
N GLN D 20 25.46 -45.25 -20.19
CA GLN D 20 26.22 -45.76 -21.33
C GLN D 20 26.12 -44.85 -22.53
N ASP D 21 27.17 -44.84 -23.34
CA ASP D 21 27.20 -44.01 -24.53
C ASP D 21 26.20 -44.57 -25.53
N THR D 22 25.68 -43.69 -26.38
CA THR D 22 24.71 -44.11 -27.38
C THR D 22 25.34 -45.14 -28.33
N ILE D 23 24.61 -46.21 -28.61
CA ILE D 23 25.07 -47.24 -29.53
C ILE D 23 24.41 -46.96 -30.87
N LEU D 24 25.20 -46.46 -31.82
CA LEU D 24 24.70 -46.11 -33.13
C LEU D 24 24.68 -47.28 -34.13
N ALA D 25 25.34 -48.38 -33.78
CA ALA D 25 25.40 -49.55 -34.64
C ALA D 25 24.00 -49.94 -35.12
N VAL D 26 23.91 -50.48 -36.32
CA VAL D 26 22.62 -50.89 -36.87
C VAL D 26 22.22 -52.24 -36.26
N VAL D 27 20.92 -52.49 -36.19
CA VAL D 27 20.42 -53.75 -35.64
C VAL D 27 19.21 -54.19 -36.45
N PRO D 28 19.29 -55.38 -37.05
CA PRO D 28 18.19 -55.92 -37.86
C PRO D 28 16.87 -56.05 -37.09
N PRO D 29 15.78 -55.56 -37.69
CA PRO D 29 14.47 -55.64 -37.04
C PRO D 29 13.98 -57.08 -36.93
N LYS D 30 13.33 -57.41 -35.81
CA LYS D 30 12.83 -58.76 -35.59
C LYS D 30 11.48 -59.04 -36.24
N SER D 31 10.90 -60.19 -35.89
CA SER D 31 9.61 -60.61 -36.41
C SER D 31 8.50 -59.63 -36.07
N VAL D 39 -6.08 -55.26 -33.20
CA VAL D 39 -6.10 -56.25 -32.09
C VAL D 39 -6.05 -55.56 -30.72
N ASP D 40 -6.97 -54.61 -30.52
CA ASP D 40 -7.08 -53.88 -29.25
C ASP D 40 -6.05 -52.76 -29.04
N LEU D 41 -5.14 -52.57 -29.98
CA LEU D 41 -4.14 -51.51 -29.82
C LEU D 41 -4.68 -50.18 -29.30
N ARG D 42 -5.93 -49.86 -29.63
CA ARG D 42 -6.53 -48.61 -29.19
C ARG D 42 -7.12 -48.67 -27.79
N ASP D 43 -7.16 -49.87 -27.22
CA ASP D 43 -7.72 -50.05 -25.87
C ASP D 43 -6.73 -49.84 -24.74
N TRP D 44 -7.16 -49.11 -23.72
CA TRP D 44 -6.34 -48.81 -22.56
C TRP D 44 -5.94 -50.08 -21.83
N GLY D 45 -6.75 -51.12 -21.99
CA GLY D 45 -6.48 -52.39 -21.34
C GLY D 45 -5.27 -53.17 -21.80
N PHE D 46 -4.62 -52.69 -22.86
CA PHE D 46 -3.43 -53.36 -23.39
C PHE D 46 -2.46 -53.74 -22.28
N ASP D 47 -1.95 -54.96 -22.32
CA ASP D 47 -0.99 -55.45 -21.33
C ASP D 47 0.34 -55.71 -22.01
N THR D 48 1.25 -54.75 -21.90
CA THR D 48 2.57 -54.83 -22.52
C THR D 48 3.47 -55.97 -22.01
N PHE D 49 3.60 -56.10 -20.70
CA PHE D 49 4.43 -57.14 -20.11
C PHE D 49 4.05 -58.53 -20.62
N GLU D 50 2.75 -58.79 -20.73
CA GLU D 50 2.28 -60.08 -21.20
C GLU D 50 2.64 -60.27 -22.67
N VAL D 51 2.33 -59.28 -23.50
CA VAL D 51 2.64 -59.36 -24.92
C VAL D 51 4.15 -59.60 -25.06
N ALA D 52 4.90 -59.15 -24.07
CA ALA D 52 6.34 -59.32 -24.06
C ALA D 52 6.70 -60.79 -23.84
N SER D 53 5.73 -61.67 -24.10
CA SER D 53 5.93 -63.10 -23.95
C SER D 53 5.51 -63.85 -25.20
N ARG D 54 4.65 -63.23 -26.00
CA ARG D 54 4.17 -63.83 -27.25
C ARG D 54 5.07 -63.42 -28.41
N VAL D 55 5.45 -62.15 -28.43
CA VAL D 55 6.30 -61.59 -29.48
C VAL D 55 7.75 -61.46 -29.01
N PRO D 56 8.71 -61.48 -29.95
CA PRO D 56 10.13 -61.36 -29.58
C PRO D 56 10.51 -59.95 -29.12
N SER D 57 9.69 -58.97 -29.51
CA SER D 57 9.92 -57.57 -29.14
C SER D 57 8.62 -56.78 -29.20
N VAL D 58 8.09 -56.42 -28.03
CA VAL D 58 6.85 -55.66 -27.95
C VAL D 58 7.04 -54.27 -28.54
N LEU D 59 8.07 -53.57 -28.06
CA LEU D 59 8.36 -52.23 -28.53
C LEU D 59 8.43 -52.21 -30.05
N GLN D 60 9.29 -53.07 -30.59
CA GLN D 60 9.47 -53.17 -32.03
C GLN D 60 8.17 -53.46 -32.78
N SER D 61 7.33 -54.31 -32.22
CA SER D 61 6.06 -54.65 -32.85
C SER D 61 5.00 -53.56 -32.67
N VAL D 62 4.96 -52.96 -31.48
CA VAL D 62 4.00 -51.88 -31.23
C VAL D 62 4.31 -50.68 -32.11
N ALA D 63 5.58 -50.29 -32.14
CA ALA D 63 6.00 -49.15 -32.94
C ALA D 63 5.60 -49.30 -34.40
N MET D 64 5.52 -50.54 -34.87
CA MET D 64 5.15 -50.80 -36.25
C MET D 64 3.65 -50.71 -36.48
N HIS D 65 2.86 -51.15 -35.50
CA HIS D 65 1.41 -51.07 -35.63
C HIS D 65 0.95 -49.61 -35.67
N VAL D 66 1.50 -48.81 -34.75
CA VAL D 66 1.15 -47.40 -34.67
C VAL D 66 1.48 -46.74 -36.01
N ALA D 67 2.68 -47.01 -36.51
CA ALA D 67 3.13 -46.45 -37.77
C ALA D 67 2.13 -46.73 -38.89
N LEU D 68 1.68 -47.98 -38.97
CA LEU D 68 0.71 -48.38 -39.99
C LEU D 68 -0.68 -47.85 -39.63
N ALA D 69 -1.03 -47.94 -38.36
CA ALA D 69 -2.33 -47.48 -37.89
C ALA D 69 -2.55 -46.00 -38.18
N TRP D 70 -1.47 -45.22 -38.19
CA TRP D 70 -1.59 -43.80 -38.46
C TRP D 70 -1.07 -43.41 -39.83
N ASP D 71 -0.97 -44.39 -40.73
CA ASP D 71 -0.51 -44.16 -42.09
C ASP D 71 0.68 -43.19 -42.12
N PHE D 72 1.77 -43.59 -41.47
CA PHE D 72 2.97 -42.76 -41.41
C PHE D 72 3.72 -42.61 -42.72
N PHE D 73 4.06 -43.76 -43.32
CA PHE D 73 4.85 -43.78 -44.54
C PHE D 73 4.12 -43.89 -45.88
N ALA D 74 4.76 -43.35 -46.92
CA ALA D 74 4.24 -43.36 -48.27
C ALA D 74 5.08 -44.33 -49.10
N SER D 75 6.34 -44.51 -48.67
CA SER D 75 7.27 -45.41 -49.36
C SER D 75 7.82 -46.42 -48.36
N GLN D 76 8.25 -47.58 -48.87
CA GLN D 76 8.79 -48.62 -48.01
C GLN D 76 10.14 -48.24 -47.40
N GLU D 77 10.92 -47.42 -48.11
CA GLU D 77 12.22 -47.01 -47.59
C GLU D 77 12.03 -46.31 -46.24
N GLU D 78 10.97 -45.53 -46.13
CA GLU D 78 10.68 -44.82 -44.89
C GLU D 78 10.37 -45.85 -43.80
N ALA D 79 9.56 -46.83 -44.15
CA ALA D 79 9.17 -47.89 -43.22
C ALA D 79 10.38 -48.67 -42.72
N GLN D 80 11.30 -48.97 -43.61
CA GLN D 80 12.50 -49.73 -43.25
C GLN D 80 13.35 -48.95 -42.26
N LYS D 81 13.62 -47.68 -42.54
CA LYS D 81 14.41 -46.86 -41.65
C LYS D 81 13.75 -46.84 -40.27
N TRP D 82 12.43 -46.80 -40.26
CA TRP D 82 11.66 -46.80 -39.03
C TRP D 82 11.91 -48.08 -38.25
N ALA D 83 11.80 -49.22 -38.93
CA ALA D 83 12.01 -50.51 -38.30
C ALA D 83 13.41 -50.57 -37.68
N PHE D 84 14.40 -50.13 -38.45
CA PHE D 84 15.79 -50.12 -38.00
C PHE D 84 16.02 -49.14 -36.87
N LEU D 85 15.33 -48.00 -36.92
CA LEU D 85 15.46 -46.99 -35.88
C LEU D 85 14.98 -47.56 -34.55
N VAL D 86 13.79 -48.18 -34.58
CA VAL D 86 13.21 -48.79 -33.39
C VAL D 86 14.16 -49.83 -32.81
N ALA D 87 14.64 -50.73 -33.67
CA ALA D 87 15.56 -51.77 -33.22
C ALA D 87 16.77 -51.11 -32.58
N ALA D 88 17.25 -50.03 -33.20
CA ALA D 88 18.40 -49.31 -32.67
C ALA D 88 18.05 -48.70 -31.32
N VAL D 89 16.83 -48.17 -31.20
CA VAL D 89 16.39 -47.56 -29.95
C VAL D 89 16.27 -48.63 -28.87
N GLU D 90 15.64 -49.76 -29.20
CA GLU D 90 15.50 -50.83 -28.23
C GLU D 90 16.89 -51.28 -27.76
N ASN D 91 17.86 -51.25 -28.67
CA ASN D 91 19.23 -51.65 -28.35
C ASN D 91 19.90 -50.61 -27.46
N ASN D 92 19.19 -49.52 -27.15
CA ASN D 92 19.74 -48.48 -26.30
C ASN D 92 19.03 -48.38 -24.95
N TYR D 93 18.08 -49.28 -24.72
CA TYR D 93 17.35 -49.31 -23.46
C TYR D 93 17.98 -50.37 -22.56
N ARG D 94 18.46 -49.96 -21.39
CA ARG D 94 19.07 -50.89 -20.44
C ARG D 94 18.06 -51.89 -19.91
N PRO D 95 18.53 -53.09 -19.54
CA PRO D 95 17.65 -54.13 -19.01
C PRO D 95 17.21 -53.84 -17.58
N ASN D 96 16.80 -52.61 -17.33
CA ASN D 96 16.36 -52.19 -16.01
C ASN D 96 15.06 -52.88 -15.62
N PRO D 97 14.72 -52.86 -14.33
CA PRO D 97 13.48 -53.50 -13.87
C PRO D 97 12.27 -52.73 -14.44
N TYR D 98 12.37 -51.40 -14.42
CA TYR D 98 11.29 -50.54 -14.88
C TYR D 98 11.59 -49.79 -16.19
N HIS D 99 12.54 -48.87 -16.13
CA HIS D 99 12.89 -48.08 -17.31
C HIS D 99 13.62 -48.89 -18.37
N ASN D 100 12.84 -49.61 -19.17
CA ASN D 100 13.38 -50.47 -20.22
C ASN D 100 12.55 -50.38 -21.49
N ALA D 101 12.88 -51.23 -22.47
CA ALA D 101 12.17 -51.25 -23.74
C ALA D 101 10.69 -51.58 -23.56
N ILE D 102 10.37 -52.30 -22.49
CA ILE D 102 8.98 -52.65 -22.22
C ILE D 102 8.22 -51.38 -21.80
N HIS D 103 8.86 -50.56 -20.96
CA HIS D 103 8.26 -49.31 -20.51
C HIS D 103 8.03 -48.38 -21.70
N ALA D 104 8.98 -48.39 -22.63
CA ALA D 104 8.91 -47.57 -23.83
C ALA D 104 7.71 -47.98 -24.68
N ALA D 105 7.57 -49.29 -24.88
CA ALA D 105 6.47 -49.81 -25.68
C ALA D 105 5.15 -49.47 -25.01
N ASP D 106 5.10 -49.58 -23.68
CA ASP D 106 3.90 -49.30 -22.91
C ASP D 106 3.49 -47.82 -23.02
N VAL D 107 4.48 -46.93 -23.05
CA VAL D 107 4.18 -45.50 -23.15
C VAL D 107 3.73 -45.17 -24.57
N LEU D 108 4.35 -45.80 -25.55
CA LEU D 108 4.01 -45.57 -26.95
C LEU D 108 2.58 -46.02 -27.22
N GLN D 109 2.27 -47.24 -26.79
CA GLN D 109 0.92 -47.79 -26.99
C GLN D 109 -0.07 -46.97 -26.18
N GLY D 110 0.35 -46.54 -25.00
CA GLY D 110 -0.53 -45.73 -24.17
C GLY D 110 -0.84 -44.39 -24.81
N THR D 111 0.19 -43.75 -25.36
CA THR D 111 0.00 -42.46 -26.00
C THR D 111 -0.96 -42.62 -27.18
N PHE D 112 -0.80 -43.71 -27.92
CA PHE D 112 -1.66 -43.97 -29.07
C PHE D 112 -3.11 -44.17 -28.62
N SER D 113 -3.30 -44.94 -27.56
CA SER D 113 -4.65 -45.21 -27.04
C SER D 113 -5.32 -43.92 -26.62
N LEU D 114 -4.63 -43.12 -25.81
CA LEU D 114 -5.19 -41.85 -25.34
C LEU D 114 -5.51 -40.89 -26.47
N VAL D 115 -4.57 -40.70 -27.38
CA VAL D 115 -4.76 -39.78 -28.50
C VAL D 115 -5.88 -40.22 -29.44
N SER D 116 -5.85 -41.48 -29.85
CA SER D 116 -6.88 -41.99 -30.76
C SER D 116 -8.27 -41.98 -30.13
N ALA D 117 -8.34 -41.70 -28.84
CA ALA D 117 -9.62 -41.68 -28.14
C ALA D 117 -10.10 -40.26 -27.85
N ALA D 118 -9.32 -39.26 -28.25
CA ALA D 118 -9.69 -37.86 -28.04
C ALA D 118 -10.16 -37.24 -29.35
N LYS D 119 -11.48 -37.17 -29.53
CA LYS D 119 -12.11 -36.64 -30.73
C LYS D 119 -11.46 -35.40 -31.34
N PRO D 120 -11.53 -34.25 -30.65
CA PRO D 120 -10.93 -33.02 -31.19
C PRO D 120 -9.44 -33.14 -31.53
N LEU D 121 -8.71 -33.87 -30.72
CA LEU D 121 -7.28 -34.03 -30.95
C LEU D 121 -7.02 -34.82 -32.22
N MET D 122 -7.67 -35.97 -32.37
CA MET D 122 -7.51 -36.81 -33.54
C MET D 122 -7.92 -36.13 -34.85
N GLU D 123 -8.98 -35.35 -34.81
CA GLU D 123 -9.48 -34.67 -36.01
C GLU D 123 -8.65 -33.46 -36.42
N HIS D 124 -7.68 -33.07 -35.61
CA HIS D 124 -6.85 -31.90 -35.93
C HIS D 124 -5.35 -32.13 -35.97
N LEU D 125 -4.89 -33.23 -35.40
CA LEU D 125 -3.46 -33.53 -35.41
C LEU D 125 -2.98 -33.76 -36.84
N THR D 126 -1.78 -33.29 -37.15
CA THR D 126 -1.18 -33.46 -38.48
C THR D 126 -0.31 -34.71 -38.46
N PRO D 127 -0.04 -35.29 -39.63
CA PRO D 127 0.80 -36.49 -39.66
C PRO D 127 2.17 -36.27 -39.02
N LEU D 128 2.74 -35.09 -39.20
CA LEU D 128 4.04 -34.79 -38.61
C LEU D 128 3.96 -34.79 -37.08
N GLU D 129 2.87 -34.24 -36.54
CA GLU D 129 2.70 -34.19 -35.09
C GLU D 129 2.51 -35.60 -34.53
N CYS D 130 1.83 -36.45 -35.29
CA CYS D 130 1.61 -37.82 -34.85
C CYS D 130 2.93 -38.58 -34.88
N LYS D 131 3.76 -38.32 -35.88
CA LYS D 131 5.05 -38.98 -36.00
C LYS D 131 5.96 -38.51 -34.86
N ALA D 132 5.84 -37.24 -34.51
CA ALA D 132 6.63 -36.66 -33.44
C ALA D 132 6.25 -37.24 -32.08
N ALA D 133 4.96 -37.47 -31.89
CA ALA D 133 4.46 -38.03 -30.63
C ALA D 133 4.93 -39.47 -30.48
N ALA D 134 4.80 -40.24 -31.55
CA ALA D 134 5.21 -41.65 -31.55
C ALA D 134 6.71 -41.76 -31.28
N PHE D 135 7.49 -40.99 -32.02
CA PHE D 135 8.95 -41.00 -31.86
C PHE D 135 9.35 -40.54 -30.46
N ALA D 136 8.66 -39.54 -29.93
CA ALA D 136 8.96 -39.04 -28.60
C ALA D 136 8.72 -40.13 -27.55
N ALA D 137 7.52 -40.72 -27.60
CA ALA D 137 7.16 -41.77 -26.64
C ALA D 137 8.16 -42.92 -26.72
N LEU D 138 8.51 -43.30 -27.94
CA LEU D 138 9.45 -44.38 -28.22
C LEU D 138 10.82 -44.18 -27.60
N THR D 139 11.31 -42.93 -27.64
CA THR D 139 12.64 -42.62 -27.13
C THR D 139 12.68 -41.86 -25.79
N HIS D 140 11.51 -41.57 -25.22
CA HIS D 140 11.44 -40.79 -23.99
C HIS D 140 12.34 -41.18 -22.82
N ASP D 141 12.66 -42.46 -22.67
CA ASP D 141 13.53 -42.88 -21.57
C ASP D 141 14.80 -43.59 -22.07
N VAL D 142 15.14 -43.39 -23.34
CA VAL D 142 16.31 -44.04 -23.91
C VAL D 142 17.60 -43.83 -23.11
N CYS D 143 18.31 -44.93 -22.86
CA CYS D 143 19.57 -44.92 -22.11
C CYS D 143 19.39 -44.67 -20.63
N HIS D 144 18.16 -44.75 -20.13
CA HIS D 144 17.91 -44.52 -18.70
C HIS D 144 18.75 -45.47 -17.85
N PRO D 145 19.51 -44.92 -16.88
CA PRO D 145 20.37 -45.70 -15.99
C PRO D 145 19.71 -46.34 -14.76
N GLY D 146 18.39 -46.26 -14.67
CA GLY D 146 17.70 -46.84 -13.53
C GLY D 146 17.93 -46.07 -12.25
N ARG D 147 18.42 -44.85 -12.40
CA ARG D 147 18.68 -43.96 -11.26
C ARG D 147 18.03 -42.61 -11.55
N THR D 148 17.65 -41.88 -10.50
CA THR D 148 17.00 -40.60 -10.65
C THR D 148 17.94 -39.43 -10.94
N ASN D 149 17.35 -38.29 -11.31
CA ASN D 149 18.14 -37.09 -11.59
C ASN D 149 18.84 -36.67 -10.32
N ALA D 150 18.14 -36.76 -9.21
CA ALA D 150 18.72 -36.37 -7.92
C ALA D 150 19.94 -37.23 -7.61
N PHE D 151 19.90 -38.49 -8.02
CA PHE D 151 21.02 -39.41 -7.78
C PHE D 151 22.22 -39.06 -8.66
N LEU D 152 21.96 -38.79 -9.94
CA LEU D 152 23.02 -38.43 -10.86
C LEU D 152 23.78 -37.23 -10.32
N ALA D 153 23.04 -36.24 -9.82
CA ALA D 153 23.66 -35.03 -9.26
C ALA D 153 24.43 -35.35 -7.98
N ALA D 154 23.83 -36.17 -7.11
CA ALA D 154 24.47 -36.55 -5.85
C ALA D 154 25.82 -37.23 -6.10
N VAL D 155 25.87 -38.06 -7.14
CA VAL D 155 27.09 -38.77 -7.49
C VAL D 155 27.95 -37.92 -8.43
N GLN D 156 27.54 -36.68 -8.63
CA GLN D 156 28.27 -35.76 -9.49
C GLN D 156 28.59 -36.38 -10.85
N ASP D 157 27.63 -37.11 -11.41
CA ASP D 157 27.80 -37.75 -12.70
C ASP D 157 27.98 -36.69 -13.80
N PRO D 158 28.88 -36.95 -14.77
CA PRO D 158 29.12 -36.00 -15.85
C PRO D 158 27.89 -35.58 -16.65
N VAL D 159 26.87 -36.44 -16.70
CA VAL D 159 25.66 -36.11 -17.43
C VAL D 159 24.99 -34.92 -16.75
N SER D 160 25.14 -34.82 -15.43
CA SER D 160 24.56 -33.72 -14.66
C SER D 160 25.23 -32.39 -14.98
N PHE D 161 26.50 -32.46 -15.34
CA PHE D 161 27.26 -31.26 -15.70
C PHE D 161 27.04 -30.93 -17.17
N LYS D 162 26.83 -31.96 -17.98
CA LYS D 162 26.60 -31.77 -19.41
C LYS D 162 25.23 -31.15 -19.65
N PHE D 163 24.21 -31.68 -18.98
CA PHE D 163 22.86 -31.17 -19.13
C PHE D 163 22.47 -30.45 -17.84
N SER D 164 22.63 -29.13 -17.85
CA SER D 164 22.34 -28.28 -16.69
C SER D 164 20.87 -27.94 -16.48
N GLY D 165 20.55 -27.56 -15.26
CA GLY D 165 19.17 -27.21 -14.96
C GLY D 165 18.33 -28.44 -14.73
N LYS D 166 17.02 -28.24 -14.61
CA LYS D 166 16.08 -29.35 -14.37
C LYS D 166 15.95 -30.33 -15.54
N GLY D 167 15.50 -31.54 -15.22
CA GLY D 167 15.32 -32.55 -16.24
C GLY D 167 16.60 -33.06 -16.87
N THR D 168 17.58 -33.37 -16.04
CA THR D 168 18.86 -33.85 -16.54
C THR D 168 18.71 -35.01 -17.52
N LEU D 169 18.14 -36.12 -17.05
CA LEU D 169 17.94 -37.29 -17.91
C LEU D 169 17.08 -36.97 -19.13
N GLU D 170 15.99 -36.24 -18.92
CA GLU D 170 15.08 -35.87 -20.00
C GLU D 170 15.84 -35.18 -21.13
N GLN D 171 16.78 -34.30 -20.78
CA GLN D 171 17.56 -33.64 -21.80
C GLN D 171 18.45 -34.68 -22.48
N LEU D 172 18.89 -35.67 -21.70
CA LEU D 172 19.75 -36.71 -22.24
C LEU D 172 18.99 -37.60 -23.21
N HIS D 173 17.78 -38.02 -22.82
CA HIS D 173 16.97 -38.88 -23.68
C HIS D 173 16.74 -38.16 -25.02
N THR D 174 16.47 -36.86 -24.93
CA THR D 174 16.19 -36.06 -26.12
C THR D 174 17.39 -36.01 -27.06
N ALA D 175 18.57 -35.71 -26.51
CA ALA D 175 19.78 -35.63 -27.31
C ALA D 175 20.11 -36.99 -27.94
N THR D 176 19.92 -38.05 -27.16
CA THR D 176 20.20 -39.41 -27.65
C THR D 176 19.26 -39.77 -28.78
N ALA D 177 18.00 -39.36 -28.64
CA ALA D 177 16.98 -39.63 -29.65
C ALA D 177 17.37 -38.99 -30.98
N PHE D 178 17.83 -37.75 -30.95
CA PHE D 178 18.21 -37.08 -32.19
C PHE D 178 19.51 -37.66 -32.73
N GLU D 179 20.40 -38.07 -31.84
CA GLU D 179 21.66 -38.66 -32.21
C GLU D 179 21.42 -39.92 -33.05
N LEU D 180 20.40 -40.70 -32.66
CA LEU D 180 20.06 -41.92 -33.38
C LEU D 180 19.33 -41.62 -34.68
N LEU D 181 18.45 -40.61 -34.64
CA LEU D 181 17.69 -40.21 -35.81
C LEU D 181 18.61 -39.64 -36.88
N ASN D 182 19.81 -39.24 -36.47
CA ASN D 182 20.79 -38.67 -37.39
C ASN D 182 21.42 -39.74 -38.27
N VAL D 183 21.48 -40.98 -37.78
CA VAL D 183 22.05 -42.09 -38.55
C VAL D 183 21.19 -42.31 -39.80
N THR D 184 21.83 -42.22 -40.97
CA THR D 184 21.13 -42.38 -42.24
C THR D 184 20.24 -43.61 -42.35
N GLU D 185 20.63 -44.70 -41.70
CA GLU D 185 19.82 -45.91 -41.75
C GLU D 185 18.56 -45.80 -40.89
N PHE D 186 18.60 -44.92 -39.89
CA PHE D 186 17.46 -44.75 -39.00
C PHE D 186 16.67 -43.46 -39.27
N ASP D 187 17.29 -42.53 -39.99
CA ASP D 187 16.65 -41.25 -40.29
C ASP D 187 15.44 -41.39 -41.21
N PHE D 188 14.29 -41.68 -40.62
CA PHE D 188 13.06 -41.84 -41.40
C PHE D 188 12.44 -40.49 -41.71
N THR D 189 13.00 -39.42 -41.15
CA THR D 189 12.49 -38.07 -41.39
C THR D 189 13.40 -37.35 -42.36
N SER D 190 14.36 -38.09 -42.94
CA SER D 190 15.31 -37.50 -43.88
C SER D 190 14.61 -36.84 -45.07
N SER D 191 13.42 -37.32 -45.42
CA SER D 191 12.69 -36.75 -46.55
C SER D 191 11.92 -35.49 -46.17
N MET D 192 11.98 -35.10 -44.91
CA MET D 192 11.28 -33.90 -44.45
C MET D 192 11.97 -32.62 -44.88
N ASP D 193 11.17 -31.58 -45.11
CA ASP D 193 11.69 -30.27 -45.47
C ASP D 193 12.48 -29.81 -44.24
N ASN D 194 13.49 -28.97 -44.42
CA ASN D 194 14.26 -28.47 -43.28
C ASN D 194 13.29 -27.80 -42.31
N ALA D 195 12.30 -27.11 -42.87
CA ALA D 195 11.31 -26.43 -42.05
C ALA D 195 10.50 -27.44 -41.25
N SER D 196 10.08 -28.51 -41.91
CA SER D 196 9.29 -29.56 -41.25
C SER D 196 10.09 -30.29 -40.17
N PHE D 197 11.35 -30.63 -40.47
CA PHE D 197 12.18 -31.33 -39.51
C PHE D 197 12.42 -30.48 -38.26
N LEU D 198 12.48 -29.16 -38.43
CA LEU D 198 12.69 -28.26 -37.29
C LEU D 198 11.47 -28.34 -36.37
N GLU D 199 10.28 -28.31 -36.97
CA GLU D 199 9.02 -28.40 -36.23
C GLU D 199 8.97 -29.74 -35.51
N PHE D 200 9.42 -30.79 -36.20
CA PHE D 200 9.44 -32.13 -35.64
C PHE D 200 10.33 -32.16 -34.40
N LYS D 201 11.54 -31.63 -34.52
CA LYS D 201 12.46 -31.61 -33.38
C LYS D 201 11.92 -30.81 -32.19
N ASN D 202 11.35 -29.63 -32.46
CA ASN D 202 10.83 -28.83 -31.37
C ASN D 202 9.69 -29.52 -30.64
N ILE D 203 8.85 -30.24 -31.38
CA ILE D 203 7.76 -30.96 -30.76
C ILE D 203 8.32 -32.11 -29.93
N VAL D 204 9.28 -32.85 -30.50
CA VAL D 204 9.87 -33.96 -29.77
C VAL D 204 10.57 -33.46 -28.51
N SER D 205 11.30 -32.35 -28.63
CA SER D 205 12.01 -31.78 -27.49
C SER D 205 11.01 -31.41 -26.37
N HIS D 206 9.91 -30.77 -26.75
CA HIS D 206 8.89 -30.36 -25.79
C HIS D 206 8.27 -31.58 -25.10
N LEU D 207 7.84 -32.56 -25.90
CA LEU D 207 7.21 -33.76 -25.38
C LEU D 207 8.06 -34.53 -24.38
N ILE D 208 9.30 -34.86 -24.75
CA ILE D 208 10.17 -35.59 -23.84
C ILE D 208 10.55 -34.72 -22.65
N GLY D 209 10.82 -33.45 -22.92
CA GLY D 209 11.19 -32.54 -21.84
C GLY D 209 10.16 -32.49 -20.73
N HIS D 210 8.88 -32.65 -21.08
CA HIS D 210 7.81 -32.59 -20.09
C HIS D 210 7.47 -33.90 -19.39
N THR D 211 8.32 -34.91 -19.55
CA THR D 211 8.08 -36.17 -18.86
C THR D 211 8.81 -36.06 -17.52
N ASP D 212 9.47 -34.92 -17.33
CA ASP D 212 10.20 -34.65 -16.09
C ASP D 212 9.17 -34.39 -14.98
N MET D 213 9.06 -35.32 -14.04
CA MET D 213 8.12 -35.20 -12.94
C MET D 213 8.29 -33.91 -12.15
N SER D 214 9.42 -33.24 -12.39
CA SER D 214 9.75 -31.99 -11.72
C SER D 214 8.84 -30.84 -12.13
N LEU D 215 8.23 -30.97 -13.31
CA LEU D 215 7.36 -29.93 -13.83
C LEU D 215 5.88 -30.24 -13.58
N HIS D 216 5.61 -31.34 -12.90
CA HIS D 216 4.24 -31.75 -12.63
C HIS D 216 3.38 -30.63 -12.08
N SER D 217 3.56 -30.31 -10.80
CA SER D 217 2.80 -29.27 -10.14
C SER D 217 2.66 -28.00 -10.98
N GLU D 218 3.75 -27.64 -11.66
CA GLU D 218 3.76 -26.45 -12.49
C GLU D 218 2.79 -26.59 -13.66
N THR D 219 2.93 -27.69 -14.40
CA THR D 219 2.07 -27.96 -15.55
C THR D 219 0.61 -28.12 -15.13
N VAL D 220 0.39 -28.80 -14.01
CA VAL D 220 -0.96 -29.01 -13.50
C VAL D 220 -1.65 -27.66 -13.39
N ALA D 221 -1.02 -26.73 -12.67
CA ALA D 221 -1.58 -25.40 -12.51
C ALA D 221 -1.74 -24.72 -13.86
N LYS D 222 -0.78 -24.91 -14.74
CA LYS D 222 -0.81 -24.32 -16.08
C LYS D 222 -2.05 -24.76 -16.85
N HIS D 223 -2.35 -26.05 -16.78
CA HIS D 223 -3.52 -26.60 -17.46
C HIS D 223 -4.78 -26.15 -16.72
N GLY D 224 -4.66 -26.00 -15.41
CA GLY D 224 -5.80 -25.56 -14.62
C GLY D 224 -6.29 -24.23 -15.13
N ALA D 225 -5.35 -23.32 -15.39
CA ALA D 225 -5.68 -22.00 -15.90
C ALA D 225 -6.24 -22.12 -17.31
N LYS D 226 -5.67 -23.06 -18.08
CA LYS D 226 -6.10 -23.30 -19.45
C LYS D 226 -7.56 -23.75 -19.45
N LEU D 227 -7.87 -24.70 -18.57
CA LEU D 227 -9.23 -25.21 -18.44
C LEU D 227 -10.12 -24.06 -17.95
N SER D 228 -9.55 -23.24 -17.07
CA SER D 228 -10.25 -22.09 -16.51
C SER D 228 -10.65 -21.10 -17.60
N ALA D 229 -9.94 -21.15 -18.73
CA ALA D 229 -10.21 -20.27 -19.85
C ALA D 229 -10.92 -20.98 -20.99
N GLY D 230 -11.57 -22.11 -20.69
CA GLY D 230 -12.29 -22.83 -21.72
C GLY D 230 -11.69 -24.16 -22.15
N GLY D 231 -10.44 -24.41 -21.79
CA GLY D 231 -9.81 -25.65 -22.18
C GLY D 231 -9.00 -25.54 -23.46
N PHE D 232 -8.69 -26.68 -24.07
CA PHE D 232 -7.91 -26.72 -25.30
C PHE D 232 -8.67 -26.41 -26.58
N ASP D 233 -8.03 -25.67 -27.47
CA ASP D 233 -8.61 -25.32 -28.76
C ASP D 233 -7.71 -26.05 -29.77
N CYS D 234 -8.13 -27.24 -30.17
CA CYS D 234 -7.34 -28.04 -31.08
C CYS D 234 -7.02 -27.51 -32.47
N THR D 235 -7.60 -26.37 -32.85
CA THR D 235 -7.31 -25.79 -34.16
C THR D 235 -5.99 -25.03 -34.02
N CYS D 236 -5.61 -24.81 -32.77
CA CYS D 236 -4.38 -24.11 -32.45
C CYS D 236 -3.26 -25.11 -32.20
N LYS D 237 -2.28 -25.11 -33.09
CA LYS D 237 -1.14 -26.02 -32.98
C LYS D 237 -0.53 -25.97 -31.58
N GLU D 238 -0.49 -24.77 -30.99
CA GLU D 238 0.07 -24.57 -29.66
C GLU D 238 -0.66 -25.46 -28.66
N ASP D 239 -1.98 -25.41 -28.70
CA ASP D 239 -2.81 -26.19 -27.79
C ASP D 239 -2.65 -27.69 -28.04
N ARG D 240 -2.51 -28.08 -29.31
CA ARG D 240 -2.34 -29.50 -29.63
C ARG D 240 -1.06 -30.04 -29.02
N LEU D 241 0.00 -29.23 -29.03
CA LEU D 241 1.27 -29.64 -28.46
C LEU D 241 1.12 -29.82 -26.95
N GLU D 242 0.46 -28.86 -26.30
CA GLU D 242 0.26 -28.94 -24.86
C GLU D 242 -0.57 -30.18 -24.54
N ALA D 243 -1.56 -30.46 -25.38
CA ALA D 243 -2.41 -31.63 -25.20
C ALA D 243 -1.57 -32.89 -25.34
N LEU D 244 -0.84 -33.01 -26.45
CA LEU D 244 0.03 -34.17 -26.69
C LEU D 244 0.95 -34.38 -25.52
N SER D 245 1.46 -33.28 -24.98
CA SER D 245 2.38 -33.32 -23.86
C SER D 245 1.71 -33.93 -22.62
N LEU D 246 0.48 -33.52 -22.35
CA LEU D 246 -0.26 -34.04 -21.20
C LEU D 246 -0.54 -35.53 -21.35
N LEU D 247 -0.99 -35.95 -22.53
CA LEU D 247 -1.28 -37.36 -22.78
C LEU D 247 -0.03 -38.24 -22.67
N LEU D 248 1.07 -37.79 -23.26
CA LEU D 248 2.32 -38.56 -23.21
C LEU D 248 2.71 -38.75 -21.75
N HIS D 249 2.65 -37.66 -20.99
CA HIS D 249 2.97 -37.69 -19.57
C HIS D 249 2.08 -38.70 -18.85
N ALA D 250 0.77 -38.61 -19.09
CA ALA D 250 -0.20 -39.51 -18.48
C ALA D 250 0.10 -40.96 -18.81
N ALA D 251 0.43 -41.23 -20.07
CA ALA D 251 0.75 -42.59 -20.49
C ALA D 251 2.03 -43.05 -19.81
N ASP D 252 2.97 -42.12 -19.64
CA ASP D 252 4.24 -42.43 -19.01
C ASP D 252 4.07 -42.88 -17.56
N ILE D 253 3.19 -42.22 -16.83
CA ILE D 253 2.97 -42.55 -15.42
C ILE D 253 1.64 -43.26 -15.16
N GLY D 254 0.91 -43.61 -16.21
CA GLY D 254 -0.39 -44.23 -16.00
C GLY D 254 -0.59 -45.72 -16.12
N ALA D 255 0.47 -46.51 -16.00
CA ALA D 255 0.35 -47.96 -16.11
C ALA D 255 -0.60 -48.51 -15.04
N SER D 256 -0.57 -47.91 -13.86
CA SER D 256 -1.42 -48.37 -12.76
C SER D 256 -2.90 -48.06 -12.99
N SER D 257 -3.19 -47.29 -14.05
CA SER D 257 -4.57 -46.93 -14.37
C SER D 257 -5.11 -47.89 -15.42
N ARG D 258 -4.30 -48.88 -15.80
CA ARG D 258 -4.70 -49.85 -16.81
C ARG D 258 -5.40 -51.07 -16.20
N GLY D 259 -5.72 -50.99 -14.91
CA GLY D 259 -6.37 -52.11 -14.26
C GLY D 259 -5.49 -52.72 -13.18
N VAL D 260 -6.13 -53.33 -12.19
CA VAL D 260 -5.43 -53.93 -11.06
C VAL D 260 -4.33 -54.91 -11.47
N ALA D 261 -4.65 -55.80 -12.41
CA ALA D 261 -3.68 -56.79 -12.87
C ALA D 261 -2.41 -56.13 -13.37
N ILE D 262 -2.55 -55.28 -14.38
CA ILE D 262 -1.41 -54.57 -14.97
C ILE D 262 -0.63 -53.73 -13.96
N ALA D 263 -1.35 -52.96 -13.15
CA ALA D 263 -0.72 -52.11 -12.14
C ALA D 263 0.27 -52.90 -11.30
N ARG D 264 -0.13 -54.11 -10.91
CA ARG D 264 0.71 -54.98 -10.11
C ARG D 264 2.04 -55.25 -10.81
N LYS D 265 1.96 -55.65 -12.07
CA LYS D 265 3.14 -55.98 -12.87
C LYS D 265 4.18 -54.85 -12.91
N TRP D 266 3.74 -53.60 -12.93
CA TRP D 266 4.68 -52.49 -12.99
C TRP D 266 5.26 -52.06 -11.66
N LEU D 267 4.97 -52.82 -10.61
CA LEU D 267 5.49 -52.49 -9.29
C LEU D 267 7.00 -52.78 -9.24
N VAL D 268 7.53 -53.27 -10.35
CA VAL D 268 8.96 -53.55 -10.43
C VAL D 268 9.79 -52.30 -10.20
N ILE D 269 9.18 -51.14 -10.39
CA ILE D 269 9.86 -49.88 -10.19
C ILE D 269 10.46 -49.83 -8.79
N LEU D 270 9.77 -50.46 -7.84
CA LEU D 270 10.23 -50.49 -6.46
C LEU D 270 11.61 -51.12 -6.37
N GLN D 271 11.93 -51.98 -7.33
CA GLN D 271 13.21 -52.66 -7.35
C GLN D 271 14.33 -51.68 -7.70
N GLU D 272 14.06 -50.75 -8.60
CA GLU D 272 15.07 -49.76 -8.98
C GLU D 272 15.37 -48.83 -7.81
N PHE D 273 14.32 -48.45 -7.08
CA PHE D 273 14.52 -47.58 -5.93
C PHE D 273 15.34 -48.31 -4.90
N ALA D 274 14.99 -49.57 -4.66
CA ALA D 274 15.71 -50.39 -3.70
C ALA D 274 17.18 -50.45 -4.12
N ASP D 275 17.41 -50.69 -5.41
CA ASP D 275 18.77 -50.76 -5.93
C ASP D 275 19.46 -49.41 -5.71
N GLN D 276 18.73 -48.33 -5.96
CA GLN D 276 19.29 -46.99 -5.77
C GLN D 276 19.64 -46.76 -4.32
N ALA D 277 18.69 -47.05 -3.42
CA ALA D 277 18.90 -46.87 -1.99
C ALA D 277 20.15 -47.59 -1.50
N GLU D 278 20.31 -48.84 -1.93
CA GLU D 278 21.48 -49.62 -1.53
C GLU D 278 22.73 -49.07 -2.20
N ASP D 279 22.57 -48.64 -3.44
CA ASP D 279 23.67 -48.06 -4.20
C ASP D 279 24.13 -46.80 -3.49
N GLU D 280 23.17 -46.06 -2.94
CA GLU D 280 23.47 -44.83 -2.22
C GLU D 280 24.25 -45.13 -0.95
N ARG D 281 23.80 -46.13 -0.20
CA ARG D 281 24.47 -46.50 1.05
C ARG D 281 25.93 -46.85 0.79
N ARG D 282 26.15 -47.72 -0.20
CA ARG D 282 27.51 -48.14 -0.55
C ARG D 282 28.39 -46.95 -0.91
N ARG D 283 27.77 -45.86 -1.33
CA ARG D 283 28.50 -44.64 -1.69
C ARG D 283 28.65 -43.75 -0.47
N GLY D 284 27.90 -44.06 0.59
CA GLY D 284 27.97 -43.27 1.80
C GLY D 284 27.22 -41.97 1.61
N LEU D 285 26.09 -42.03 0.91
CA LEU D 285 25.28 -40.85 0.63
C LEU D 285 23.91 -41.00 1.28
N PRO D 286 23.26 -39.87 1.60
CA PRO D 286 21.93 -39.90 2.22
C PRO D 286 20.94 -40.71 1.38
N VAL D 287 20.40 -41.77 1.96
CA VAL D 287 19.45 -42.62 1.25
C VAL D 287 18.16 -41.87 0.96
N THR D 288 17.73 -41.92 -0.29
CA THR D 288 16.50 -41.25 -0.71
C THR D 288 15.35 -41.74 0.16
N PRO D 289 14.72 -40.81 0.91
CA PRO D 289 13.60 -41.14 1.79
C PRO D 289 12.54 -42.02 1.14
N GLY D 290 12.39 -43.24 1.65
CA GLY D 290 11.39 -44.15 1.13
C GLY D 290 11.79 -45.06 -0.02
N PHE D 291 13.05 -45.00 -0.44
CA PHE D 291 13.49 -45.85 -1.54
C PHE D 291 13.85 -47.27 -1.13
N GLU D 292 13.98 -47.50 0.17
CA GLU D 292 14.29 -48.83 0.67
C GLU D 292 12.98 -49.62 0.74
N THR D 293 13.07 -50.93 0.49
CA THR D 293 11.89 -51.80 0.52
C THR D 293 10.97 -51.45 1.69
N PRO D 294 9.77 -50.96 1.39
CA PRO D 294 8.77 -50.59 2.41
C PRO D 294 8.09 -51.79 3.02
N SER D 295 7.70 -51.65 4.29
CA SER D 295 7.03 -52.73 5.02
C SER D 295 5.69 -53.07 4.36
N SER D 296 5.07 -52.07 3.75
CA SER D 296 3.79 -52.28 3.09
C SER D 296 3.77 -51.61 1.72
N VAL D 297 3.95 -52.40 0.67
CA VAL D 297 3.97 -51.90 -0.69
C VAL D 297 2.71 -51.10 -1.03
N GLU D 298 1.56 -51.69 -0.74
CA GLU D 298 0.28 -51.04 -1.02
C GLU D 298 0.15 -49.67 -0.36
N LYS D 299 0.80 -49.50 0.79
CA LYS D 299 0.76 -48.24 1.51
C LYS D 299 1.74 -47.23 0.92
N SER D 300 2.77 -47.73 0.24
CA SER D 300 3.78 -46.87 -0.38
C SER D 300 3.31 -46.31 -1.72
N GLN D 301 2.32 -46.98 -2.32
CA GLN D 301 1.78 -46.55 -3.60
C GLN D 301 0.70 -45.50 -3.44
N ILE D 302 -0.01 -45.56 -2.32
CA ILE D 302 -1.09 -44.62 -2.04
C ILE D 302 -0.70 -43.17 -2.29
N PRO D 303 0.40 -42.70 -1.69
CA PRO D 303 0.82 -41.30 -1.90
C PRO D 303 1.04 -40.96 -3.37
N PHE D 304 1.62 -41.91 -4.10
CA PHE D 304 1.91 -41.71 -5.52
C PHE D 304 0.64 -41.54 -6.34
N LEU D 305 -0.39 -42.32 -6.01
CA LEU D 305 -1.65 -42.23 -6.72
C LEU D 305 -2.36 -40.91 -6.42
N ASP D 306 -2.45 -40.58 -5.13
CA ASP D 306 -3.12 -39.37 -4.71
C ASP D 306 -2.46 -38.07 -5.14
N PHE D 307 -1.13 -38.03 -5.14
CA PHE D 307 -0.42 -36.82 -5.50
C PHE D 307 -0.13 -36.68 -7.00
N PHE D 308 0.13 -37.80 -7.67
CA PHE D 308 0.46 -37.71 -9.08
C PHE D 308 -0.48 -38.35 -10.11
N VAL D 309 -0.64 -39.66 -10.04
CA VAL D 309 -1.47 -40.37 -11.00
C VAL D 309 -2.92 -39.91 -11.08
N ILE D 310 -3.64 -39.98 -9.97
CA ILE D 310 -5.05 -39.58 -9.96
C ILE D 310 -5.26 -38.14 -10.41
N PRO D 311 -4.57 -37.16 -9.79
CA PRO D 311 -4.78 -35.79 -10.24
C PRO D 311 -4.47 -35.59 -11.73
N THR D 312 -3.49 -36.33 -12.24
CA THR D 312 -3.16 -36.20 -13.66
C THR D 312 -4.31 -36.68 -14.54
N PHE D 313 -4.84 -37.87 -14.23
CA PHE D 313 -5.94 -38.37 -15.03
C PHE D 313 -7.26 -37.68 -14.77
N ASP D 314 -7.33 -36.95 -13.66
CA ASP D 314 -8.54 -36.20 -13.33
C ASP D 314 -8.55 -34.96 -14.21
N LEU D 315 -7.42 -34.28 -14.26
CA LEU D 315 -7.26 -33.09 -15.07
C LEU D 315 -7.46 -33.47 -16.53
N LEU D 316 -6.98 -34.66 -16.88
CA LEU D 316 -7.09 -35.16 -18.24
C LEU D 316 -8.57 -35.29 -18.59
N HIS D 317 -9.34 -35.88 -17.66
CA HIS D 317 -10.77 -36.06 -17.84
C HIS D 317 -11.48 -34.71 -17.95
N GLN D 318 -11.02 -33.74 -17.18
CA GLN D 318 -11.59 -32.39 -17.17
C GLN D 318 -11.46 -31.75 -18.54
N LEU D 319 -10.28 -31.90 -19.15
CA LEU D 319 -10.01 -31.34 -20.47
C LEU D 319 -10.61 -32.19 -21.58
N PHE D 320 -10.60 -33.51 -21.38
CA PHE D 320 -11.16 -34.43 -22.35
C PHE D 320 -12.16 -35.34 -21.65
N PRO D 321 -13.42 -34.92 -21.60
CA PRO D 321 -14.50 -35.67 -20.94
C PRO D 321 -14.70 -37.11 -21.42
N SER D 322 -14.25 -37.41 -22.63
CA SER D 322 -14.42 -38.75 -23.18
C SER D 322 -13.49 -39.76 -22.49
N ILE D 323 -12.41 -39.29 -21.91
CA ILE D 323 -11.45 -40.17 -21.24
C ILE D 323 -11.77 -40.29 -19.75
N GLU D 324 -12.53 -41.32 -19.40
CA GLU D 324 -12.93 -41.54 -18.01
C GLU D 324 -12.47 -42.89 -17.46
N GLU D 325 -12.37 -43.89 -18.34
CA GLU D 325 -11.96 -45.24 -17.92
C GLU D 325 -10.77 -45.30 -16.98
N PRO D 326 -9.61 -44.75 -17.39
CA PRO D 326 -8.43 -44.80 -16.51
C PRO D 326 -8.70 -44.32 -15.09
N LEU D 327 -9.45 -43.23 -14.96
CA LEU D 327 -9.77 -42.65 -13.67
C LEU D 327 -10.55 -43.65 -12.80
N HIS D 328 -11.39 -44.46 -13.44
CA HIS D 328 -12.17 -45.46 -12.73
C HIS D 328 -11.26 -46.56 -12.19
N ASN D 329 -10.27 -46.92 -12.99
CA ASN D 329 -9.33 -47.97 -12.60
C ASN D 329 -8.49 -47.54 -11.40
N LEU D 330 -8.12 -46.27 -11.33
CA LEU D 330 -7.33 -45.79 -10.21
C LEU D 330 -8.13 -45.91 -8.92
N ARG D 331 -9.39 -45.49 -8.97
CA ARG D 331 -10.27 -45.55 -7.81
C ARG D 331 -10.33 -46.96 -7.24
N LYS D 332 -10.57 -47.94 -8.11
CA LYS D 332 -10.65 -49.33 -7.67
C LYS D 332 -9.31 -49.79 -7.11
N LEU D 333 -8.22 -49.36 -7.76
CA LEU D 333 -6.88 -49.72 -7.34
C LEU D 333 -6.52 -49.12 -5.99
N ARG D 334 -6.77 -47.81 -5.85
CA ARG D 334 -6.47 -47.11 -4.60
C ARG D 334 -7.24 -47.69 -3.44
N GLU D 335 -8.51 -48.02 -3.68
CA GLU D 335 -9.36 -48.59 -2.65
C GLU D 335 -8.80 -49.95 -2.24
N LEU D 336 -8.26 -50.67 -3.22
CA LEU D 336 -7.67 -51.98 -2.96
C LEU D 336 -6.45 -51.83 -2.06
N TYR D 337 -5.67 -50.77 -2.30
CA TYR D 337 -4.48 -50.51 -1.49
C TYR D 337 -4.84 -50.13 -0.06
N ALA D 338 -5.80 -49.20 0.07
CA ALA D 338 -6.23 -48.75 1.38
C ALA D 338 -6.77 -49.91 2.20
N ALA D 339 -7.31 -50.91 1.53
CA ALA D 339 -7.85 -52.08 2.19
C ALA D 339 -6.72 -52.97 2.71
N LYS D 340 -5.73 -53.22 1.86
CA LYS D 340 -4.59 -54.05 2.21
C LYS D 340 -3.76 -53.36 3.29
N ALA D 341 -3.92 -52.04 3.40
CA ALA D 341 -3.19 -51.25 4.39
C ALA D 341 -3.99 -51.13 5.68
N THR E 11 -6.46 52.45 -2.29
CA THR E 11 -7.44 53.12 -1.37
C THR E 11 -8.85 52.61 -1.61
N ARG E 12 -9.29 51.70 -0.76
CA ARG E 12 -10.63 51.15 -0.89
C ARG E 12 -11.66 52.03 -0.18
N ARG E 13 -12.92 51.85 -0.54
CA ARG E 13 -13.99 52.66 0.04
C ARG E 13 -14.62 51.99 1.26
N LEU E 14 -13.79 51.70 2.25
CA LEU E 14 -14.28 51.08 3.48
C LEU E 14 -15.09 52.07 4.29
N PRO E 15 -16.22 51.61 4.84
CA PRO E 15 -17.09 52.49 5.63
C PRO E 15 -16.46 52.76 6.99
N PRO E 16 -16.98 53.74 7.74
CA PRO E 16 -16.41 54.02 9.06
C PRO E 16 -16.68 52.82 9.95
N SER E 17 -15.77 52.52 10.85
CA SER E 17 -15.94 51.37 11.74
C SER E 17 -17.01 51.60 12.79
N ILE E 18 -17.73 50.53 13.15
CA ILE E 18 -18.75 50.64 14.18
C ILE E 18 -18.07 50.49 15.53
N VAL E 19 -16.78 50.18 15.49
CA VAL E 19 -15.99 50.02 16.71
C VAL E 19 -15.39 51.37 17.06
N GLN E 20 -15.59 51.79 18.30
CA GLN E 20 -15.09 53.07 18.77
C GLN E 20 -13.61 53.02 19.08
N ASP E 21 -12.92 54.14 18.87
CA ASP E 21 -11.50 54.24 19.14
C ASP E 21 -11.28 54.05 20.64
N THR E 22 -10.05 53.69 21.01
CA THR E 22 -9.71 53.50 22.41
C THR E 22 -9.66 54.85 23.11
N ILE E 23 -10.19 54.92 24.32
CA ILE E 23 -10.18 56.16 25.09
C ILE E 23 -9.09 56.01 26.14
N LEU E 24 -8.01 56.77 25.98
CA LEU E 24 -6.86 56.70 26.88
C LEU E 24 -6.93 57.64 28.07
N ALA E 25 -7.96 58.47 28.11
CA ALA E 25 -8.13 59.44 29.19
C ALA E 25 -8.05 58.81 30.57
N VAL E 26 -7.33 59.48 31.47
CA VAL E 26 -7.21 59.02 32.84
C VAL E 26 -8.54 59.33 33.51
N VAL E 27 -9.24 58.30 33.97
CA VAL E 27 -10.53 58.48 34.63
C VAL E 27 -10.42 58.13 36.11
N PRO E 28 -11.00 58.96 36.98
CA PRO E 28 -10.93 58.67 38.43
C PRO E 28 -11.69 57.41 38.81
N PRO E 29 -11.00 56.47 39.49
CA PRO E 29 -11.68 55.23 39.89
C PRO E 29 -12.74 55.54 40.93
N LYS E 30 -13.71 54.66 41.07
CA LYS E 30 -14.77 54.87 42.04
C LYS E 30 -14.34 54.36 43.42
N SER E 31 -15.05 54.82 44.45
CA SER E 31 -14.75 54.44 45.83
C SER E 31 -14.54 52.95 46.03
N CYS E 32 -13.67 52.61 46.98
CA CYS E 32 -13.35 51.23 47.30
C CYS E 32 -14.44 50.49 48.06
N ALA E 33 -14.45 49.16 47.92
CA ALA E 33 -15.42 48.30 48.58
C ALA E 33 -16.85 48.57 48.12
N THR E 37 -18.90 44.29 48.06
CA THR E 37 -19.04 42.88 47.60
C THR E 37 -18.27 41.94 48.51
N ASP E 38 -18.98 41.13 49.30
CA ASP E 38 -18.30 40.21 50.20
C ASP E 38 -19.18 39.12 50.81
N VAL E 39 -19.43 38.08 50.02
CA VAL E 39 -20.22 36.93 50.45
C VAL E 39 -19.49 35.79 49.73
N ASP E 40 -18.17 35.95 49.67
CA ASP E 40 -17.27 35.02 49.01
C ASP E 40 -17.27 35.23 47.50
N LEU E 41 -16.22 35.87 47.03
CA LEU E 41 -16.06 36.12 45.61
C LEU E 41 -15.62 34.81 44.98
N ARG E 42 -15.43 33.80 45.83
CA ARG E 42 -15.03 32.48 45.38
C ARG E 42 -16.25 31.66 45.01
N ASP E 43 -17.42 32.11 45.47
CA ASP E 43 -18.67 31.42 45.21
C ASP E 43 -19.15 31.55 43.77
N TRP E 44 -19.42 30.41 43.14
CA TRP E 44 -19.90 30.40 41.76
C TRP E 44 -21.26 31.08 41.66
N GLY E 45 -21.97 31.14 42.79
CA GLY E 45 -23.29 31.75 42.82
C GLY E 45 -23.29 33.26 42.87
N PHE E 46 -22.12 33.86 42.71
CA PHE E 46 -21.99 35.31 42.71
C PHE E 46 -22.92 35.86 41.63
N ASP E 47 -23.75 36.84 41.99
CA ASP E 47 -24.69 37.47 41.04
C ASP E 47 -24.16 38.87 40.76
N THR E 48 -23.34 39.02 39.73
CA THR E 48 -22.76 40.33 39.45
C THR E 48 -23.76 41.38 38.98
N PHE E 49 -24.90 40.95 38.44
CA PHE E 49 -25.93 41.90 38.00
C PHE E 49 -26.55 42.55 39.24
N GLU E 50 -26.74 41.75 40.28
CA GLU E 50 -27.32 42.27 41.51
C GLU E 50 -26.32 43.22 42.17
N VAL E 51 -25.07 42.80 42.24
CA VAL E 51 -24.03 43.63 42.85
C VAL E 51 -23.95 44.99 42.16
N ALA E 52 -24.01 44.97 40.83
CA ALA E 52 -23.94 46.20 40.06
C ALA E 52 -25.07 47.16 40.46
N SER E 53 -26.10 46.60 41.10
CA SER E 53 -27.25 47.40 41.53
C SER E 53 -27.06 48.05 42.90
N ARG E 54 -25.99 47.69 43.60
CA ARG E 54 -25.75 48.22 44.94
C ARG E 54 -24.44 48.98 45.07
N VAL E 55 -23.55 48.82 44.10
CA VAL E 55 -22.26 49.47 44.15
C VAL E 55 -22.08 50.32 42.88
N PRO E 56 -21.23 51.35 42.93
CA PRO E 56 -21.03 52.18 41.74
C PRO E 56 -20.33 51.48 40.58
N SER E 57 -19.48 50.50 40.88
CA SER E 57 -18.78 49.77 39.83
C SER E 57 -18.46 48.33 40.23
N VAL E 58 -19.23 47.38 39.72
CA VAL E 58 -18.97 45.99 40.07
C VAL E 58 -17.63 45.54 39.50
N LEU E 59 -17.27 46.07 38.34
CA LEU E 59 -16.00 45.69 37.72
C LEU E 59 -14.83 46.17 38.55
N GLN E 60 -14.90 47.41 39.03
CA GLN E 60 -13.81 47.95 39.83
C GLN E 60 -13.77 47.29 41.21
N SER E 61 -14.92 46.93 41.74
CA SER E 61 -14.96 46.28 43.05
C SER E 61 -14.38 44.88 42.93
N VAL E 62 -14.83 44.12 41.92
CA VAL E 62 -14.34 42.77 41.70
C VAL E 62 -12.84 42.78 41.43
N ALA E 63 -12.39 43.70 40.58
CA ALA E 63 -10.98 43.78 40.23
C ALA E 63 -10.10 44.08 41.45
N MET E 64 -10.60 44.90 42.36
CA MET E 64 -9.82 45.24 43.55
C MET E 64 -9.69 44.05 44.49
N HIS E 65 -10.80 43.36 44.75
CA HIS E 65 -10.76 42.23 45.65
C HIS E 65 -9.97 41.04 45.10
N VAL E 66 -9.92 40.90 43.78
CA VAL E 66 -9.15 39.81 43.19
C VAL E 66 -7.67 40.12 43.49
N ALA E 67 -7.28 41.36 43.24
CA ALA E 67 -5.90 41.81 43.47
C ALA E 67 -5.49 41.65 44.93
N LEU E 68 -6.45 41.80 45.83
CA LEU E 68 -6.20 41.66 47.26
C LEU E 68 -6.15 40.19 47.67
N ALA E 69 -7.16 39.43 47.24
CA ALA E 69 -7.24 38.01 47.58
C ALA E 69 -6.02 37.25 47.06
N TRP E 70 -5.57 37.59 45.86
CA TRP E 70 -4.42 36.90 45.29
C TRP E 70 -3.10 37.62 45.56
N ASP E 71 -3.13 38.58 46.48
CA ASP E 71 -1.94 39.33 46.88
C ASP E 71 -1.08 39.81 45.70
N PHE E 72 -1.70 40.50 44.76
CA PHE E 72 -1.04 41.02 43.55
C PHE E 72 0.08 42.04 43.74
N PHE E 73 -0.13 43.03 44.61
CA PHE E 73 0.84 44.10 44.74
C PHE E 73 1.59 44.31 46.05
N ALA E 74 2.85 44.71 45.92
CA ALA E 74 3.70 44.97 47.07
C ALA E 74 3.91 46.47 47.30
N SER E 75 3.51 47.29 46.32
CA SER E 75 3.67 48.74 46.42
C SER E 75 2.38 49.50 46.12
N GLN E 76 2.27 50.72 46.62
CA GLN E 76 1.08 51.53 46.40
C GLN E 76 0.98 51.97 44.93
N GLU E 77 2.12 52.20 44.30
CA GLU E 77 2.13 52.61 42.90
C GLU E 77 1.49 51.55 42.02
N GLU E 78 1.82 50.28 42.27
CA GLU E 78 1.25 49.18 41.50
C GLU E 78 -0.27 49.12 41.68
N ALA E 79 -0.70 49.17 42.94
CA ALA E 79 -2.12 49.12 43.27
C ALA E 79 -2.89 50.28 42.66
N GLN E 80 -2.29 51.47 42.67
CA GLN E 80 -2.97 52.63 42.11
C GLN E 80 -3.11 52.51 40.60
N LYS E 81 -2.06 52.05 39.92
CA LYS E 81 -2.12 51.90 38.46
C LYS E 81 -3.19 50.87 38.10
N TRP E 82 -3.26 49.80 38.86
CA TRP E 82 -4.26 48.77 38.62
C TRP E 82 -5.63 49.42 38.76
N ALA E 83 -5.79 50.23 39.81
CA ALA E 83 -7.06 50.91 40.06
C ALA E 83 -7.46 51.79 38.87
N PHE E 84 -6.53 52.61 38.38
CA PHE E 84 -6.81 53.49 37.25
C PHE E 84 -6.99 52.71 35.95
N LEU E 85 -6.22 51.63 35.80
CA LEU E 85 -6.34 50.79 34.60
C LEU E 85 -7.77 50.29 34.50
N VAL E 86 -8.26 49.67 35.56
CA VAL E 86 -9.62 49.13 35.59
C VAL E 86 -10.67 50.22 35.32
N ALA E 87 -10.48 51.41 35.88
CA ALA E 87 -11.43 52.49 35.64
C ALA E 87 -11.46 52.82 34.15
N ALA E 88 -10.28 52.95 33.54
CA ALA E 88 -10.16 53.26 32.11
C ALA E 88 -10.74 52.12 31.27
N VAL E 89 -10.44 50.88 31.65
CA VAL E 89 -10.96 49.73 30.92
C VAL E 89 -12.49 49.80 30.95
N GLU E 90 -13.05 50.10 32.12
CA GLU E 90 -14.50 50.20 32.22
C GLU E 90 -15.00 51.31 31.29
N ASN E 91 -14.22 52.37 31.16
CA ASN E 91 -14.58 53.49 30.30
C ASN E 91 -14.50 53.11 28.81
N ASN E 92 -13.94 51.95 28.51
CA ASN E 92 -13.83 51.51 27.12
C ASN E 92 -14.83 50.44 26.72
N TYR E 93 -15.67 50.03 27.66
CA TYR E 93 -16.72 49.06 27.41
C TYR E 93 -17.98 49.86 27.05
N ARG E 94 -18.67 49.46 25.98
CA ARG E 94 -19.88 50.17 25.57
C ARG E 94 -21.09 49.71 26.38
N PRO E 95 -22.13 50.55 26.45
CA PRO E 95 -23.36 50.23 27.19
C PRO E 95 -24.25 49.27 26.42
N ASN E 96 -23.69 48.12 26.02
CA ASN E 96 -24.44 47.12 25.30
C ASN E 96 -25.29 46.32 26.28
N PRO E 97 -26.30 45.60 25.77
CA PRO E 97 -27.17 44.79 26.63
C PRO E 97 -26.38 43.66 27.30
N TYR E 98 -25.45 43.06 26.56
CA TYR E 98 -24.64 41.95 27.08
C TYR E 98 -23.13 42.24 27.19
N HIS E 99 -22.48 42.53 26.07
CA HIS E 99 -21.04 42.79 26.09
C HIS E 99 -20.71 44.17 26.64
N ASN E 100 -20.75 44.25 27.96
CA ASN E 100 -20.51 45.49 28.68
C ASN E 100 -19.60 45.23 29.89
N ALA E 101 -19.40 46.27 30.70
CA ALA E 101 -18.55 46.19 31.87
C ALA E 101 -19.04 45.21 32.93
N ILE E 102 -20.35 44.95 32.94
CA ILE E 102 -20.88 44.00 33.91
C ILE E 102 -20.49 42.59 33.47
N HIS E 103 -20.50 42.34 32.17
CA HIS E 103 -20.10 41.04 31.62
C HIS E 103 -18.63 40.81 31.97
N ALA E 104 -17.82 41.85 31.77
CA ALA E 104 -16.39 41.79 32.05
C ALA E 104 -16.16 41.44 33.52
N ALA E 105 -16.94 42.04 34.40
CA ALA E 105 -16.82 41.79 35.82
C ALA E 105 -17.25 40.36 36.13
N ASP E 106 -18.28 39.90 35.45
CA ASP E 106 -18.80 38.55 35.64
C ASP E 106 -17.76 37.51 35.24
N VAL E 107 -17.09 37.74 34.11
CA VAL E 107 -16.07 36.81 33.62
C VAL E 107 -14.83 36.84 34.51
N LEU E 108 -14.47 38.02 35.01
CA LEU E 108 -13.31 38.14 35.90
C LEU E 108 -13.57 37.37 37.20
N GLN E 109 -14.73 37.62 37.81
CA GLN E 109 -15.08 36.94 39.06
C GLN E 109 -15.23 35.44 38.79
N GLY E 110 -15.81 35.08 37.65
CA GLY E 110 -15.98 33.68 37.32
C GLY E 110 -14.65 32.95 37.19
N THR E 111 -13.70 33.62 36.54
CA THR E 111 -12.37 33.05 36.36
C THR E 111 -11.70 32.91 37.72
N PHE E 112 -11.91 33.89 38.59
CA PHE E 112 -11.35 33.86 39.93
C PHE E 112 -11.95 32.69 40.71
N SER E 113 -13.26 32.51 40.56
CA SER E 113 -13.96 31.43 41.24
C SER E 113 -13.50 30.04 40.79
N LEU E 114 -13.44 29.82 39.49
CA LEU E 114 -13.03 28.53 38.95
C LEU E 114 -11.60 28.18 39.34
N VAL E 115 -10.70 29.15 39.14
CA VAL E 115 -9.30 28.94 39.47
C VAL E 115 -9.12 28.63 40.96
N SER E 116 -9.77 29.41 41.82
CA SER E 116 -9.69 29.21 43.26
C SER E 116 -10.19 27.83 43.70
N ALA E 117 -11.09 27.26 42.91
CA ALA E 117 -11.63 25.94 43.23
C ALA E 117 -10.81 24.78 42.66
N ALA E 118 -9.75 25.10 41.93
CA ALA E 118 -8.90 24.07 41.34
C ALA E 118 -7.56 23.97 42.07
N LYS E 119 -7.49 23.02 43.00
CA LYS E 119 -6.31 22.78 43.82
C LYS E 119 -4.96 22.75 43.10
N PRO E 120 -4.79 21.86 42.10
CA PRO E 120 -3.52 21.82 41.39
C PRO E 120 -3.09 23.14 40.76
N LEU E 121 -4.06 23.91 40.26
CA LEU E 121 -3.76 25.20 39.66
C LEU E 121 -3.30 26.20 40.71
N MET E 122 -4.07 26.30 41.79
CA MET E 122 -3.75 27.21 42.87
C MET E 122 -2.37 26.92 43.46
N GLU E 123 -2.02 25.63 43.54
CA GLU E 123 -0.73 25.27 44.11
C GLU E 123 0.45 25.60 43.19
N HIS E 124 0.20 25.64 41.88
CA HIS E 124 1.29 25.88 40.93
C HIS E 124 1.27 27.16 40.10
N LEU E 125 0.16 27.88 40.09
CA LEU E 125 0.11 29.12 39.34
C LEU E 125 1.08 30.13 39.94
N THR E 126 1.73 30.90 39.08
CA THR E 126 2.67 31.90 39.56
C THR E 126 1.92 33.22 39.70
N PRO E 127 2.44 34.15 40.51
CA PRO E 127 1.71 35.40 40.63
C PRO E 127 1.56 36.07 39.26
N LEU E 128 2.58 35.90 38.42
CA LEU E 128 2.55 36.49 37.09
C LEU E 128 1.37 35.94 36.27
N GLU E 129 1.19 34.62 36.30
CA GLU E 129 0.10 33.98 35.59
C GLU E 129 -1.26 34.41 36.13
N CYS E 130 -1.36 34.62 37.44
CA CYS E 130 -2.62 35.04 38.04
C CYS E 130 -2.95 36.47 37.59
N LYS E 131 -1.93 37.32 37.53
CA LYS E 131 -2.15 38.71 37.09
C LYS E 131 -2.55 38.70 35.62
N ALA E 132 -1.89 37.88 34.82
CA ALA E 132 -2.21 37.77 33.41
C ALA E 132 -3.64 37.29 33.21
N ALA E 133 -4.04 36.29 33.98
CA ALA E 133 -5.38 35.74 33.88
C ALA E 133 -6.43 36.79 34.27
N ALA E 134 -6.18 37.53 35.35
CA ALA E 134 -7.12 38.53 35.80
C ALA E 134 -7.23 39.67 34.78
N PHE E 135 -6.09 40.10 34.28
CA PHE E 135 -6.04 41.17 33.29
C PHE E 135 -6.74 40.75 32.00
N ALA E 136 -6.57 39.49 31.61
CA ALA E 136 -7.19 39.01 30.39
C ALA E 136 -8.72 39.01 30.56
N ALA E 137 -9.18 38.48 31.68
CA ALA E 137 -10.63 38.43 31.93
C ALA E 137 -11.20 39.84 31.91
N LEU E 138 -10.51 40.74 32.59
CA LEU E 138 -10.91 42.15 32.67
C LEU E 138 -11.06 42.83 31.31
N THR E 139 -10.11 42.55 30.41
CA THR E 139 -10.08 43.18 29.10
C THR E 139 -10.57 42.32 27.93
N HIS E 140 -10.95 41.08 28.19
CA HIS E 140 -11.34 40.16 27.11
C HIS E 140 -12.38 40.63 26.07
N ASP E 141 -13.26 41.56 26.44
CA ASP E 141 -14.28 42.05 25.50
C ASP E 141 -14.25 43.57 25.38
N VAL E 142 -13.17 44.19 25.82
CA VAL E 142 -13.08 45.65 25.78
C VAL E 142 -13.39 46.22 24.39
N CYS E 143 -14.24 47.25 24.37
CA CYS E 143 -14.64 47.92 23.13
C CYS E 143 -15.57 47.12 22.22
N HIS E 144 -16.14 46.03 22.74
CA HIS E 144 -17.05 45.21 21.95
C HIS E 144 -18.22 46.07 21.43
N PRO E 145 -18.44 46.06 20.11
CA PRO E 145 -19.52 46.84 19.46
C PRO E 145 -20.93 46.24 19.56
N GLY E 146 -21.05 45.10 20.22
CA GLY E 146 -22.35 44.47 20.34
C GLY E 146 -22.76 43.76 19.07
N ARG E 147 -21.79 43.45 18.23
CA ARG E 147 -22.03 42.74 16.97
C ARG E 147 -20.96 41.65 16.83
N THR E 148 -21.30 40.57 16.12
CA THR E 148 -20.38 39.45 15.94
C THR E 148 -19.29 39.68 14.89
N ASN E 149 -18.29 38.80 14.89
CA ASN E 149 -17.20 38.89 13.91
C ASN E 149 -17.75 38.72 12.51
N ALA E 150 -18.76 37.86 12.35
CA ALA E 150 -19.35 37.62 11.03
C ALA E 150 -20.06 38.88 10.55
N PHE E 151 -20.65 39.62 11.49
CA PHE E 151 -21.35 40.85 11.14
C PHE E 151 -20.33 41.88 10.64
N LEU E 152 -19.23 42.03 11.37
CA LEU E 152 -18.17 42.96 10.98
C LEU E 152 -17.65 42.64 9.58
N ALA E 153 -17.54 41.35 9.28
CA ALA E 153 -17.05 40.91 7.97
C ALA E 153 -18.05 41.22 6.85
N ALA E 154 -19.33 41.00 7.14
CA ALA E 154 -20.39 41.23 6.16
C ALA E 154 -20.56 42.72 5.83
N VAL E 155 -20.24 43.58 6.78
CA VAL E 155 -20.34 45.02 6.57
C VAL E 155 -18.97 45.57 6.14
N GLN E 156 -17.99 44.67 6.03
CA GLN E 156 -16.64 45.06 5.63
C GLN E 156 -16.08 46.16 6.51
N ASP E 157 -16.33 46.05 7.81
CA ASP E 157 -15.85 47.04 8.77
C ASP E 157 -14.32 47.08 8.70
N PRO E 158 -13.73 48.28 8.84
CA PRO E 158 -12.28 48.42 8.80
C PRO E 158 -11.52 47.47 9.73
N VAL E 159 -12.11 47.16 10.89
CA VAL E 159 -11.45 46.29 11.84
C VAL E 159 -11.24 44.88 11.31
N SER E 160 -12.14 44.43 10.44
CA SER E 160 -12.04 43.09 9.85
C SER E 160 -10.86 43.03 8.89
N PHE E 161 -10.48 44.19 8.36
CA PHE E 161 -9.35 44.29 7.44
C PHE E 161 -8.06 44.46 8.23
N LYS E 162 -8.16 45.17 9.35
CA LYS E 162 -6.99 45.40 10.18
C LYS E 162 -6.57 44.10 10.86
N PHE E 163 -7.52 43.41 11.47
CA PHE E 163 -7.21 42.14 12.13
C PHE E 163 -7.73 40.98 11.28
N SER E 164 -6.83 40.39 10.50
CA SER E 164 -7.14 39.29 9.59
C SER E 164 -7.12 37.93 10.27
N GLY E 165 -7.84 36.96 9.71
CA GLY E 165 -7.87 35.66 10.32
C GLY E 165 -9.15 35.47 11.13
N LYS E 166 -9.22 34.35 11.83
CA LYS E 166 -10.40 33.99 12.61
C LYS E 166 -11.01 34.88 13.69
N GLY E 167 -10.25 35.29 14.69
CA GLY E 167 -10.86 36.08 15.75
C GLY E 167 -10.70 37.59 15.64
N THR E 168 -11.46 38.21 14.75
CA THR E 168 -11.38 39.64 14.53
C THR E 168 -11.47 40.46 15.83
N LEU E 169 -12.61 40.37 16.51
CA LEU E 169 -12.81 41.11 17.75
C LEU E 169 -11.80 40.75 18.84
N GLU E 170 -11.56 39.45 19.01
CA GLU E 170 -10.61 38.99 20.01
C GLU E 170 -9.23 39.63 19.82
N GLN E 171 -8.79 39.75 18.58
CA GLN E 171 -7.49 40.38 18.30
C GLN E 171 -7.56 41.85 18.70
N LEU E 172 -8.70 42.49 18.41
CA LEU E 172 -8.89 43.89 18.75
C LEU E 172 -8.92 44.07 20.26
N HIS E 173 -9.64 43.19 20.97
CA HIS E 173 -9.71 43.29 22.42
C HIS E 173 -8.30 43.22 22.98
N THR E 174 -7.50 42.31 22.44
CA THR E 174 -6.12 42.13 22.90
C THR E 174 -5.25 43.36 22.61
N ALA E 175 -5.37 43.91 21.40
CA ALA E 175 -4.57 45.08 21.05
C ALA E 175 -4.96 46.26 21.93
N THR E 176 -6.26 46.40 22.18
CA THR E 176 -6.76 47.49 23.01
C THR E 176 -6.27 47.36 24.46
N ALA E 177 -6.27 46.13 24.97
CA ALA E 177 -5.82 45.87 26.33
C ALA E 177 -4.38 46.33 26.51
N PHE E 178 -3.52 45.99 25.55
CA PHE E 178 -2.12 46.39 25.62
C PHE E 178 -1.94 47.89 25.42
N GLU E 179 -2.83 48.49 24.63
CA GLU E 179 -2.76 49.92 24.36
C GLU E 179 -3.01 50.67 25.68
N LEU E 180 -4.00 50.20 26.43
CA LEU E 180 -4.34 50.80 27.71
C LEU E 180 -3.25 50.53 28.74
N LEU E 181 -2.75 49.31 28.76
CA LEU E 181 -1.71 48.93 29.71
C LEU E 181 -0.44 49.74 29.49
N ASN E 182 -0.30 50.32 28.31
CA ASN E 182 0.87 51.10 27.98
C ASN E 182 0.78 52.53 28.51
N VAL E 183 -0.41 52.97 28.91
CA VAL E 183 -0.58 54.32 29.47
C VAL E 183 0.16 54.30 30.81
N THR E 184 1.14 55.20 30.97
CA THR E 184 1.93 55.23 32.20
C THR E 184 1.12 55.12 33.49
N GLU E 185 -0.01 55.81 33.56
CA GLU E 185 -0.84 55.78 34.77
C GLU E 185 -1.61 54.47 34.97
N PHE E 186 -1.67 53.62 33.95
CA PHE E 186 -2.38 52.35 34.06
C PHE E 186 -1.42 51.17 34.02
N ASP E 187 -0.15 51.44 33.72
CA ASP E 187 0.85 50.38 33.58
C ASP E 187 1.29 49.72 34.88
N PHE E 188 0.42 48.90 35.46
CA PHE E 188 0.74 48.22 36.72
C PHE E 188 1.82 47.15 36.56
N THR E 189 2.16 46.80 35.32
CA THR E 189 3.19 45.79 35.07
C THR E 189 4.55 46.43 34.76
N SER E 190 4.64 47.75 34.91
CA SER E 190 5.89 48.47 34.64
C SER E 190 7.08 47.97 35.45
N SER E 191 6.84 47.48 36.67
CA SER E 191 7.94 47.01 37.50
C SER E 191 8.49 45.65 37.06
N MET E 192 7.73 44.95 36.21
CA MET E 192 8.18 43.64 35.71
C MET E 192 9.39 43.84 34.81
N ASP E 193 10.28 42.85 34.79
CA ASP E 193 11.45 42.93 33.91
C ASP E 193 10.94 42.60 32.50
N ASN E 194 11.75 42.87 31.49
CA ASN E 194 11.36 42.60 30.11
C ASN E 194 10.93 41.17 29.85
N ALA E 195 11.70 40.21 30.38
CA ALA E 195 11.38 38.80 30.19
C ALA E 195 10.02 38.45 30.80
N SER E 196 9.77 38.93 32.01
CA SER E 196 8.49 38.66 32.67
C SER E 196 7.35 39.35 31.92
N PHE E 197 7.56 40.57 31.48
CA PHE E 197 6.50 41.29 30.77
C PHE E 197 6.16 40.60 29.44
N LEU E 198 7.17 40.00 28.80
CA LEU E 198 6.93 39.29 27.54
C LEU E 198 6.06 38.07 27.82
N GLU E 199 6.38 37.35 28.90
CA GLU E 199 5.61 36.17 29.28
C GLU E 199 4.16 36.59 29.58
N PHE E 200 4.01 37.73 30.24
CA PHE E 200 2.71 38.27 30.59
C PHE E 200 1.89 38.51 29.32
N LYS E 201 2.46 39.27 28.39
CA LYS E 201 1.77 39.56 27.14
C LYS E 201 1.40 38.29 26.38
N ASN E 202 2.33 37.35 26.27
CA ASN E 202 2.05 36.12 25.55
C ASN E 202 0.90 35.34 26.18
N ILE E 203 0.86 35.30 27.51
CA ILE E 203 -0.22 34.61 28.21
C ILE E 203 -1.56 35.31 27.92
N VAL E 204 -1.58 36.63 28.11
CA VAL E 204 -2.80 37.41 27.88
C VAL E 204 -3.30 37.23 26.43
N SER E 205 -2.38 37.30 25.47
CA SER E 205 -2.76 37.14 24.07
C SER E 205 -3.42 35.77 23.84
N HIS E 206 -2.83 34.73 24.43
CA HIS E 206 -3.37 33.38 24.28
C HIS E 206 -4.77 33.28 24.90
N LEU E 207 -4.88 33.74 26.15
CA LEU E 207 -6.15 33.70 26.87
C LEU E 207 -7.29 34.42 26.16
N ILE E 208 -7.09 35.68 25.81
CA ILE E 208 -8.13 36.43 25.11
C ILE E 208 -8.39 35.82 23.74
N GLY E 209 -7.31 35.49 23.03
CA GLY E 209 -7.48 34.89 21.72
C GLY E 209 -8.38 33.67 21.74
N HIS E 210 -8.29 32.88 22.79
CA HIS E 210 -9.10 31.68 22.89
C HIS E 210 -10.52 31.84 23.43
N THR E 211 -11.01 33.07 23.55
CA THR E 211 -12.39 33.25 23.97
C THR E 211 -13.24 33.27 22.69
N ASP E 212 -12.56 33.14 21.55
CA ASP E 212 -13.25 33.13 20.24
C ASP E 212 -14.06 31.84 20.11
N MET E 213 -15.38 31.98 20.09
CA MET E 213 -16.26 30.82 19.99
C MET E 213 -16.12 29.99 18.73
N SER E 214 -15.49 30.54 17.69
CA SER E 214 -15.33 29.80 16.44
C SER E 214 -14.37 28.63 16.62
N LEU E 215 -13.54 28.68 17.65
CA LEU E 215 -12.56 27.63 17.91
C LEU E 215 -13.10 26.58 18.90
N HIS E 216 -14.37 26.70 19.28
CA HIS E 216 -14.95 25.77 20.24
C HIS E 216 -14.71 24.30 19.93
N SER E 217 -15.35 23.78 18.89
CA SER E 217 -15.21 22.38 18.53
C SER E 217 -13.76 21.92 18.48
N GLU E 218 -12.90 22.75 17.92
CA GLU E 218 -11.48 22.42 17.81
C GLU E 218 -10.83 22.32 19.18
N THR E 219 -11.15 23.27 20.05
CA THR E 219 -10.57 23.29 21.38
C THR E 219 -11.11 22.13 22.23
N VAL E 220 -12.40 21.84 22.10
CA VAL E 220 -12.99 20.73 22.84
C VAL E 220 -12.27 19.43 22.46
N ALA E 221 -11.98 19.28 21.18
CA ALA E 221 -11.31 18.08 20.71
C ALA E 221 -9.89 18.02 21.28
N LYS E 222 -9.20 19.15 21.24
CA LYS E 222 -7.84 19.20 21.76
C LYS E 222 -7.83 18.83 23.25
N HIS E 223 -8.80 19.32 24.01
CA HIS E 223 -8.82 19.01 25.43
C HIS E 223 -9.24 17.57 25.68
N GLY E 224 -10.00 17.00 24.75
CA GLY E 224 -10.40 15.61 24.89
C GLY E 224 -9.16 14.74 24.80
N ALA E 225 -8.30 15.05 23.83
CA ALA E 225 -7.07 14.29 23.65
C ALA E 225 -6.20 14.43 24.88
N LYS E 226 -6.12 15.65 25.41
CA LYS E 226 -5.33 15.91 26.60
C LYS E 226 -5.84 15.03 27.74
N LEU E 227 -7.17 15.03 27.91
CA LEU E 227 -7.81 14.23 28.94
C LEU E 227 -7.46 12.77 28.70
N SER E 228 -7.69 12.34 27.46
CA SER E 228 -7.41 10.98 27.04
C SER E 228 -5.98 10.63 27.41
N ALA E 229 -5.10 11.63 27.35
CA ALA E 229 -3.69 11.42 27.68
C ALA E 229 -3.37 11.58 29.16
N GLY E 230 -4.40 11.73 29.99
CA GLY E 230 -4.15 11.87 31.42
C GLY E 230 -4.52 13.21 32.04
N GLY E 231 -4.87 14.18 31.20
CA GLY E 231 -5.25 15.48 31.73
C GLY E 231 -4.08 16.42 31.88
N PHE E 232 -4.30 17.52 32.61
CA PHE E 232 -3.27 18.53 32.83
C PHE E 232 -2.27 18.20 33.93
N ASP E 233 -1.03 18.62 33.70
CA ASP E 233 0.05 18.47 34.67
C ASP E 233 0.37 19.93 35.00
N CYS E 234 -0.23 20.44 36.06
CA CYS E 234 -0.04 21.83 36.44
C CYS E 234 1.37 22.21 36.88
N THR E 235 2.30 21.27 36.76
CA THR E 235 3.70 21.50 37.10
C THR E 235 4.34 22.05 35.83
N CYS E 236 3.63 21.86 34.71
CA CYS E 236 4.06 22.31 33.40
C CYS E 236 3.43 23.65 33.07
N LYS E 237 4.26 24.64 32.74
CA LYS E 237 3.80 25.99 32.40
C LYS E 237 2.79 25.97 31.25
N GLU E 238 3.05 25.17 30.22
CA GLU E 238 2.15 25.09 29.08
C GLU E 238 0.79 24.53 29.48
N ASP E 239 0.78 23.53 30.36
CA ASP E 239 -0.49 22.95 30.79
C ASP E 239 -1.31 23.95 31.60
N ARG E 240 -0.63 24.73 32.43
CA ARG E 240 -1.34 25.72 33.24
C ARG E 240 -1.96 26.76 32.32
N LEU E 241 -1.24 27.11 31.25
CA LEU E 241 -1.75 28.09 30.31
C LEU E 241 -3.00 27.55 29.65
N GLU E 242 -2.94 26.30 29.20
CA GLU E 242 -4.11 25.71 28.57
C GLU E 242 -5.26 25.61 29.56
N ALA E 243 -4.94 25.28 30.81
CA ALA E 243 -5.94 25.18 31.86
C ALA E 243 -6.60 26.53 32.09
N LEU E 244 -5.80 27.59 32.17
CA LEU E 244 -6.35 28.93 32.38
C LEU E 244 -7.25 29.30 31.22
N SER E 245 -6.82 28.93 30.02
CA SER E 245 -7.58 29.24 28.83
C SER E 245 -8.96 28.60 28.87
N LEU E 246 -9.02 27.36 29.35
CA LEU E 246 -10.28 26.65 29.44
C LEU E 246 -11.18 27.30 30.48
N LEU E 247 -10.62 27.59 31.67
CA LEU E 247 -11.39 28.23 32.73
C LEU E 247 -11.88 29.63 32.35
N LEU E 248 -11.06 30.38 31.62
CA LEU E 248 -11.47 31.73 31.20
C LEU E 248 -12.65 31.58 30.24
N HIS E 249 -12.50 30.71 29.25
CA HIS E 249 -13.58 30.48 28.30
C HIS E 249 -14.86 30.04 29.01
N ALA E 250 -14.71 29.16 30.00
CA ALA E 250 -15.85 28.67 30.76
C ALA E 250 -16.57 29.79 31.48
N ALA E 251 -15.80 30.67 32.10
CA ALA E 251 -16.38 31.80 32.81
C ALA E 251 -17.07 32.74 31.82
N ASP E 252 -16.44 32.95 30.66
CA ASP E 252 -16.98 33.83 29.63
C ASP E 252 -18.40 33.41 29.21
N ILE E 253 -18.61 32.12 28.97
CA ILE E 253 -19.95 31.63 28.58
C ILE E 253 -20.63 30.89 29.75
N GLY E 254 -20.16 31.10 30.96
CA GLY E 254 -20.71 30.37 32.10
C GLY E 254 -21.84 30.91 32.96
N ALA E 255 -22.32 32.11 32.67
CA ALA E 255 -23.39 32.69 33.48
C ALA E 255 -24.63 31.80 33.61
N SER E 256 -24.98 31.08 32.54
CA SER E 256 -26.16 30.21 32.59
C SER E 256 -25.97 28.99 33.49
N SER E 257 -24.79 28.85 34.07
CA SER E 257 -24.51 27.72 34.94
C SER E 257 -24.42 28.15 36.39
N ARG E 258 -24.72 29.43 36.64
CA ARG E 258 -24.67 29.98 37.99
C ARG E 258 -26.00 29.88 38.74
N GLY E 259 -26.99 29.27 38.12
CA GLY E 259 -28.29 29.15 38.77
C GLY E 259 -29.37 29.70 37.87
N VAL E 260 -30.59 29.18 38.02
CA VAL E 260 -31.72 29.62 37.20
C VAL E 260 -31.96 31.12 37.26
N ALA E 261 -31.91 31.69 38.45
CA ALA E 261 -32.15 33.13 38.62
C ALA E 261 -31.11 33.95 37.87
N ILE E 262 -29.83 33.65 38.08
CA ILE E 262 -28.76 34.39 37.42
C ILE E 262 -28.81 34.19 35.91
N ALA E 263 -29.08 32.95 35.49
CA ALA E 263 -29.16 32.64 34.06
C ALA E 263 -30.20 33.50 33.35
N ARG E 264 -31.32 33.75 34.02
CA ARG E 264 -32.39 34.54 33.43
C ARG E 264 -31.92 35.94 33.10
N LYS E 265 -31.17 36.54 34.01
CA LYS E 265 -30.67 37.91 33.83
C LYS E 265 -29.77 38.07 32.61
N TRP E 266 -29.03 37.03 32.26
CA TRP E 266 -28.12 37.12 31.13
C TRP E 266 -28.75 36.88 29.75
N LEU E 267 -30.06 36.72 29.71
CA LEU E 267 -30.74 36.50 28.44
C LEU E 267 -30.75 37.80 27.63
N VAL E 268 -30.20 38.86 28.22
CA VAL E 268 -30.13 40.15 27.54
C VAL E 268 -29.31 40.04 26.26
N ILE E 269 -28.55 38.96 26.14
CA ILE E 269 -27.73 38.72 24.95
C ILE E 269 -28.67 38.66 23.74
N LEU E 270 -29.89 38.17 23.98
CA LEU E 270 -30.87 38.05 22.91
C LEU E 270 -31.21 39.43 22.36
N GLN E 271 -31.08 40.46 23.20
CA GLN E 271 -31.36 41.83 22.75
C GLN E 271 -30.35 42.22 21.68
N GLU E 272 -29.09 41.86 21.91
CA GLU E 272 -28.04 42.19 20.94
C GLU E 272 -28.26 41.45 19.64
N PHE E 273 -28.65 40.18 19.72
CA PHE E 273 -28.91 39.42 18.50
C PHE E 273 -30.08 40.07 17.77
N ALA E 274 -31.08 40.49 18.54
CA ALA E 274 -32.26 41.14 17.97
C ALA E 274 -31.80 42.42 17.28
N ASP E 275 -30.98 43.19 17.98
CA ASP E 275 -30.46 44.44 17.42
C ASP E 275 -29.69 44.14 16.14
N GLN E 276 -28.90 43.07 16.16
CA GLN E 276 -28.13 42.70 14.98
C GLN E 276 -29.02 42.24 13.84
N ALA E 277 -30.00 41.40 14.14
CA ALA E 277 -30.91 40.90 13.11
C ALA E 277 -31.62 42.08 12.45
N GLU E 278 -31.93 43.11 13.23
CA GLU E 278 -32.59 44.29 12.70
C GLU E 278 -31.59 45.17 11.96
N ASP E 279 -30.38 45.26 12.50
CA ASP E 279 -29.32 46.05 11.90
C ASP E 279 -29.02 45.48 10.51
N GLU E 280 -28.95 44.15 10.45
CA GLU E 280 -28.70 43.46 9.19
C GLU E 280 -29.77 43.78 8.15
N ARG E 281 -31.04 43.78 8.57
CA ARG E 281 -32.13 44.08 7.66
C ARG E 281 -32.09 45.51 7.15
N ARG E 282 -31.73 46.45 8.01
CA ARG E 282 -31.64 47.85 7.56
C ARG E 282 -30.50 48.03 6.58
N ARG E 283 -29.46 47.20 6.71
CA ARG E 283 -28.31 47.27 5.81
C ARG E 283 -28.57 46.41 4.57
N GLY E 284 -29.72 45.76 4.54
CA GLY E 284 -30.07 44.92 3.42
C GLY E 284 -29.25 43.64 3.36
N LEU E 285 -28.60 43.31 4.46
CA LEU E 285 -27.77 42.11 4.53
C LEU E 285 -28.59 40.89 4.95
N PRO E 286 -28.13 39.68 4.58
CA PRO E 286 -28.86 38.47 4.95
C PRO E 286 -28.96 38.39 6.47
N VAL E 287 -30.16 38.20 6.99
CA VAL E 287 -30.35 38.12 8.44
C VAL E 287 -29.77 36.83 9.01
N THR E 288 -28.96 36.96 10.05
CA THR E 288 -28.34 35.80 10.69
C THR E 288 -29.43 34.86 11.17
N PRO E 289 -29.36 33.59 10.77
CA PRO E 289 -30.35 32.57 11.16
C PRO E 289 -30.54 32.47 12.68
N GLY E 290 -31.74 32.75 13.15
CA GLY E 290 -32.04 32.64 14.56
C GLY E 290 -31.70 33.84 15.43
N PHE E 291 -31.29 34.95 14.84
CA PHE E 291 -30.97 36.13 15.62
C PHE E 291 -32.19 36.98 15.91
N GLU E 292 -33.27 36.71 15.18
CA GLU E 292 -34.51 37.43 15.40
C GLU E 292 -35.15 36.79 16.62
N THR E 293 -35.73 37.62 17.50
CA THR E 293 -36.35 37.10 18.71
C THR E 293 -37.27 35.93 18.37
N PRO E 294 -36.98 34.75 18.96
CA PRO E 294 -37.76 33.53 18.73
C PRO E 294 -39.09 33.54 19.48
N SER E 295 -40.05 32.75 19.00
CA SER E 295 -41.35 32.66 19.64
C SER E 295 -41.18 31.94 20.98
N SER E 296 -40.18 31.06 21.04
CA SER E 296 -39.88 30.31 22.26
C SER E 296 -38.46 30.60 22.72
N VAL E 297 -38.33 31.58 23.62
CA VAL E 297 -37.04 31.97 24.16
C VAL E 297 -36.36 30.78 24.83
N GLU E 298 -37.16 29.95 25.51
CA GLU E 298 -36.65 28.78 26.21
C GLU E 298 -36.11 27.72 25.25
N LYS E 299 -36.88 27.41 24.22
CA LYS E 299 -36.48 26.40 23.24
C LYS E 299 -35.32 26.87 22.37
N SER E 300 -34.98 28.16 22.48
CA SER E 300 -33.88 28.73 21.70
C SER E 300 -32.54 28.59 22.43
N GLN E 301 -32.59 28.56 23.75
CA GLN E 301 -31.38 28.43 24.55
C GLN E 301 -30.92 26.98 24.62
N ILE E 302 -31.89 26.07 24.51
CA ILE E 302 -31.60 24.64 24.55
C ILE E 302 -30.45 24.23 23.62
N PRO E 303 -30.47 24.70 22.36
CA PRO E 303 -29.39 24.34 21.44
C PRO E 303 -28.02 24.83 21.93
N PHE E 304 -27.99 26.05 22.45
CA PHE E 304 -26.77 26.65 22.96
C PHE E 304 -26.22 25.85 24.13
N LEU E 305 -27.10 25.45 25.04
CA LEU E 305 -26.69 24.69 26.19
C LEU E 305 -26.16 23.31 25.79
N ASP E 306 -26.88 22.64 24.90
CA ASP E 306 -26.48 21.31 24.45
C ASP E 306 -25.20 21.26 23.63
N PHE E 307 -24.98 22.25 22.77
CA PHE E 307 -23.81 22.26 21.91
C PHE E 307 -22.59 22.97 22.47
N PHE E 308 -22.79 24.01 23.26
CA PHE E 308 -21.66 24.77 23.78
C PHE E 308 -21.42 24.77 25.30
N VAL E 309 -22.38 25.27 26.05
CA VAL E 309 -22.23 25.38 27.50
C VAL E 309 -22.05 24.08 28.27
N ILE E 310 -22.91 23.10 28.02
CA ILE E 310 -22.81 21.84 28.74
C ILE E 310 -21.53 21.08 28.40
N PRO E 311 -21.20 20.94 27.10
CA PRO E 311 -19.98 20.22 26.73
C PRO E 311 -18.74 20.88 27.33
N THR E 312 -18.77 22.21 27.45
CA THR E 312 -17.63 22.93 28.01
C THR E 312 -17.47 22.59 29.48
N PHE E 313 -18.54 22.71 30.25
CA PHE E 313 -18.44 22.42 31.67
C PHE E 313 -18.32 20.93 31.98
N ASP E 314 -18.75 20.09 31.06
CA ASP E 314 -18.65 18.65 31.27
C ASP E 314 -17.18 18.30 31.10
N LEU E 315 -16.54 18.89 30.10
CA LEU E 315 -15.12 18.67 29.84
C LEU E 315 -14.32 19.22 31.02
N LEU E 316 -14.74 20.39 31.49
CA LEU E 316 -14.09 21.03 32.63
C LEU E 316 -14.11 20.10 33.84
N HIS E 317 -15.28 19.53 34.12
CA HIS E 317 -15.44 18.61 35.25
C HIS E 317 -14.57 17.36 35.07
N GLN E 318 -14.44 16.89 33.84
CA GLN E 318 -13.64 15.70 33.56
C GLN E 318 -12.18 16.00 33.88
N LEU E 319 -11.71 17.16 33.45
CA LEU E 319 -10.33 17.57 33.69
C LEU E 319 -10.06 17.97 35.14
N PHE E 320 -11.04 18.58 35.78
CA PHE E 320 -10.92 19.02 37.18
C PHE E 320 -12.17 18.56 37.93
N PRO E 321 -12.13 17.33 38.47
CA PRO E 321 -13.23 16.71 39.22
C PRO E 321 -13.89 17.54 40.33
N SER E 322 -13.14 18.46 40.92
CA SER E 322 -13.70 19.28 41.99
C SER E 322 -14.73 20.29 41.49
N ILE E 323 -14.69 20.62 40.19
CA ILE E 323 -15.63 21.59 39.64
C ILE E 323 -16.86 20.84 39.12
N GLU E 324 -17.87 20.71 39.98
CA GLU E 324 -19.10 19.99 39.66
C GLU E 324 -20.37 20.85 39.64
N GLU E 325 -20.44 21.80 40.57
CA GLU E 325 -21.60 22.69 40.70
C GLU E 325 -22.21 23.22 39.40
N PRO E 326 -21.38 23.88 38.56
CA PRO E 326 -21.91 24.42 37.31
C PRO E 326 -22.58 23.38 36.41
N LEU E 327 -21.94 22.24 36.23
CA LEU E 327 -22.49 21.18 35.40
C LEU E 327 -23.83 20.75 36.00
N HIS E 328 -23.91 20.76 37.33
CA HIS E 328 -25.13 20.40 38.02
C HIS E 328 -26.22 21.43 37.72
N ASN E 329 -25.85 22.71 37.79
CA ASN E 329 -26.81 23.79 37.53
C ASN E 329 -27.28 23.80 36.09
N LEU E 330 -26.41 23.41 35.17
CA LEU E 330 -26.76 23.40 33.75
C LEU E 330 -27.79 22.33 33.44
N ARG E 331 -27.56 21.12 33.95
CA ARG E 331 -28.51 20.05 33.70
C ARG E 331 -29.86 20.40 34.29
N LYS E 332 -29.87 21.15 35.38
CA LYS E 332 -31.14 21.56 35.98
C LYS E 332 -31.80 22.59 35.06
N LEU E 333 -31.00 23.56 34.62
CA LEU E 333 -31.50 24.62 33.75
C LEU E 333 -32.07 24.04 32.46
N ARG E 334 -31.37 23.07 31.88
CA ARG E 334 -31.82 22.44 30.66
C ARG E 334 -33.19 21.79 30.81
N GLU E 335 -33.39 21.07 31.91
CA GLU E 335 -34.67 20.40 32.15
C GLU E 335 -35.76 21.47 32.26
N LEU E 336 -35.42 22.59 32.91
CA LEU E 336 -36.36 23.69 33.07
C LEU E 336 -36.83 24.18 31.71
N TYR E 337 -35.88 24.43 30.80
CA TYR E 337 -36.22 24.91 29.47
C TYR E 337 -36.99 23.83 28.71
N ALA E 338 -36.68 22.57 29.00
CA ALA E 338 -37.36 21.46 28.34
C ALA E 338 -38.83 21.48 28.68
N ALA E 339 -39.15 21.55 29.98
CA ALA E 339 -40.53 21.60 30.42
C ALA E 339 -41.22 22.85 29.89
N LYS E 340 -40.62 24.00 30.15
CA LYS E 340 -41.15 25.28 29.72
C LYS E 340 -41.55 25.29 28.25
N ALA E 341 -40.70 24.70 27.40
CA ALA E 341 -40.97 24.67 25.96
C ALA E 341 -41.63 23.38 25.50
N GLY E 342 -41.38 22.28 26.22
CA GLY E 342 -41.96 21.01 25.85
C GLY E 342 -40.95 20.05 25.24
N THR F 11 11.25 -1.36 60.05
CA THR F 11 10.35 -0.22 60.36
C THR F 11 9.78 0.38 59.07
N ARG F 12 9.04 -0.42 58.32
CA ARG F 12 8.44 0.04 57.08
C ARG F 12 6.95 -0.32 57.09
N ARG F 13 6.13 0.65 57.48
CA ARG F 13 4.68 0.45 57.57
C ARG F 13 3.96 0.59 56.23
N LEU F 14 3.14 -0.40 55.91
CA LEU F 14 2.36 -0.40 54.66
C LEU F 14 1.05 -1.13 54.93
N PRO F 15 -0.04 -0.67 54.29
CA PRO F 15 -1.34 -1.33 54.49
C PRO F 15 -1.35 -2.66 53.74
N PRO F 16 -2.36 -3.51 53.98
CA PRO F 16 -2.40 -4.79 53.26
C PRO F 16 -2.67 -4.48 51.79
N SER F 17 -2.20 -5.33 50.90
CA SER F 17 -2.40 -5.11 49.48
C SER F 17 -3.83 -5.40 49.06
N ILE F 18 -4.29 -4.75 48.00
CA ILE F 18 -5.63 -4.97 47.49
C ILE F 18 -5.55 -6.09 46.46
N VAL F 19 -4.33 -6.54 46.19
CA VAL F 19 -4.11 -7.60 45.22
C VAL F 19 -4.05 -8.93 45.97
N GLN F 20 -4.83 -9.91 45.53
CA GLN F 20 -4.84 -11.21 46.18
C GLN F 20 -3.61 -12.03 45.77
N ASP F 21 -3.10 -12.83 46.70
CA ASP F 21 -1.94 -13.67 46.41
C ASP F 21 -2.35 -14.78 45.44
N THR F 22 -1.35 -15.43 44.86
CA THR F 22 -1.57 -16.50 43.89
C THR F 22 -2.27 -17.69 44.52
N ILE F 23 -3.29 -18.22 43.85
CA ILE F 23 -4.01 -19.39 44.32
C ILE F 23 -3.42 -20.57 43.55
N LEU F 24 -2.62 -21.39 44.24
CA LEU F 24 -1.96 -22.52 43.61
C LEU F 24 -2.78 -23.80 43.57
N ALA F 25 -3.98 -23.75 44.15
CA ALA F 25 -4.85 -24.91 44.21
C ALA F 25 -5.11 -25.57 42.85
N VAL F 26 -5.06 -26.90 42.84
CA VAL F 26 -5.31 -27.66 41.63
C VAL F 26 -6.82 -27.72 41.47
N VAL F 27 -7.33 -27.07 40.43
CA VAL F 27 -8.77 -27.08 40.19
C VAL F 27 -9.08 -27.88 38.94
N PRO F 28 -10.18 -28.64 38.97
CA PRO F 28 -10.57 -29.45 37.81
C PRO F 28 -10.93 -28.60 36.60
N PRO F 29 -10.33 -28.91 35.44
CA PRO F 29 -10.64 -28.13 34.23
C PRO F 29 -12.09 -28.36 33.84
N LYS F 30 -12.74 -27.32 33.32
CA LYS F 30 -14.14 -27.44 32.93
C LYS F 30 -14.30 -28.07 31.55
N SER F 31 -15.54 -28.48 31.26
CA SER F 31 -15.92 -29.13 30.01
C SER F 31 -15.11 -28.80 28.75
N CYS F 32 -15.13 -27.53 28.33
CA CYS F 32 -14.44 -27.10 27.11
C CYS F 32 -15.30 -27.44 25.91
N ALA F 33 -16.52 -26.91 25.89
CA ALA F 33 -17.45 -27.17 24.79
C ALA F 33 -16.95 -26.57 23.49
N ALA F 34 -17.68 -26.83 22.40
CA ALA F 34 -17.30 -26.32 21.09
C ALA F 34 -17.54 -24.81 21.06
N ILE F 35 -16.57 -24.05 20.55
CA ILE F 35 -16.71 -22.61 20.48
C ILE F 35 -16.67 -22.10 19.05
N GLY F 36 -16.69 -23.03 18.09
CA GLY F 36 -16.68 -22.64 16.70
C GLY F 36 -15.70 -23.41 15.81
N THR F 37 -15.81 -23.18 14.51
CA THR F 37 -14.95 -23.82 13.53
C THR F 37 -13.57 -23.17 13.60
N ASP F 38 -12.58 -23.79 12.98
CA ASP F 38 -11.24 -23.24 12.98
C ASP F 38 -11.28 -21.85 12.34
N VAL F 39 -12.19 -21.68 11.40
CA VAL F 39 -12.32 -20.39 10.72
C VAL F 39 -12.85 -19.34 11.70
N ASP F 40 -13.84 -19.73 12.49
CA ASP F 40 -14.40 -18.81 13.47
C ASP F 40 -13.32 -18.39 14.47
N LEU F 41 -12.50 -19.33 14.88
CA LEU F 41 -11.44 -19.06 15.85
C LEU F 41 -10.33 -18.14 15.34
N ARG F 42 -10.12 -18.13 14.03
CA ARG F 42 -9.10 -17.26 13.45
C ARG F 42 -9.68 -15.88 13.16
N ASP F 43 -11.00 -15.77 13.22
CA ASP F 43 -11.66 -14.51 12.90
C ASP F 43 -11.58 -13.43 13.97
N TRP F 44 -11.35 -12.20 13.51
CA TRP F 44 -11.24 -11.05 14.40
C TRP F 44 -12.63 -10.72 14.91
N GLY F 45 -13.65 -11.20 14.21
CA GLY F 45 -15.03 -10.97 14.61
C GLY F 45 -15.54 -11.89 15.72
N PHE F 46 -14.64 -12.71 16.26
CA PHE F 46 -14.98 -13.63 17.35
C PHE F 46 -15.52 -12.79 18.51
N ASP F 47 -16.70 -13.15 19.02
CA ASP F 47 -17.32 -12.41 20.12
C ASP F 47 -17.15 -13.19 21.41
N THR F 48 -16.03 -12.94 22.10
CA THR F 48 -15.72 -13.65 23.34
C THR F 48 -16.82 -13.58 24.41
N PHE F 49 -17.46 -12.43 24.57
CA PHE F 49 -18.53 -12.31 25.57
C PHE F 49 -19.72 -13.20 25.25
N GLU F 50 -20.15 -13.21 23.99
CA GLU F 50 -21.29 -14.02 23.58
C GLU F 50 -21.00 -15.50 23.77
N VAL F 51 -19.77 -15.92 23.48
CA VAL F 51 -19.38 -17.30 23.65
C VAL F 51 -19.38 -17.71 25.12
N ALA F 52 -18.88 -16.81 25.97
CA ALA F 52 -18.82 -17.06 27.41
C ALA F 52 -20.22 -17.29 27.98
N SER F 53 -21.21 -16.68 27.35
CA SER F 53 -22.58 -16.84 27.82
C SER F 53 -23.18 -18.16 27.33
N ARG F 54 -22.44 -18.86 26.48
CA ARG F 54 -22.90 -20.14 25.91
C ARG F 54 -22.16 -21.37 26.42
N VAL F 55 -20.92 -21.19 26.89
CA VAL F 55 -20.14 -22.33 27.36
C VAL F 55 -19.65 -22.19 28.79
N PRO F 56 -19.23 -23.30 29.41
CA PRO F 56 -18.73 -23.25 30.79
C PRO F 56 -17.52 -22.35 30.99
N SER F 57 -16.57 -22.39 30.05
CA SER F 57 -15.37 -21.56 30.15
C SER F 57 -14.80 -21.19 28.78
N VAL F 58 -15.02 -19.96 28.35
CA VAL F 58 -14.51 -19.53 27.06
C VAL F 58 -12.98 -19.50 27.09
N LEU F 59 -12.41 -19.20 28.26
CA LEU F 59 -10.95 -19.17 28.37
C LEU F 59 -10.36 -20.57 28.21
N GLN F 60 -10.96 -21.55 28.86
CA GLN F 60 -10.45 -22.91 28.75
C GLN F 60 -10.69 -23.49 27.35
N SER F 61 -11.81 -23.14 26.72
CA SER F 61 -12.09 -23.63 25.38
C SER F 61 -11.13 -23.02 24.36
N VAL F 62 -10.89 -21.72 24.47
CA VAL F 62 -9.99 -21.02 23.55
C VAL F 62 -8.57 -21.54 23.72
N ALA F 63 -8.13 -21.66 24.97
CA ALA F 63 -6.78 -22.14 25.24
C ALA F 63 -6.58 -23.55 24.69
N MET F 64 -7.61 -24.37 24.75
CA MET F 64 -7.47 -25.73 24.24
C MET F 64 -7.43 -25.71 22.72
N HIS F 65 -8.28 -24.88 22.11
CA HIS F 65 -8.31 -24.77 20.66
C HIS F 65 -6.96 -24.28 20.12
N VAL F 66 -6.38 -23.27 20.76
CA VAL F 66 -5.10 -22.74 20.32
C VAL F 66 -4.00 -23.80 20.44
N ALA F 67 -4.00 -24.54 21.54
CA ALA F 67 -3.00 -25.58 21.75
C ALA F 67 -3.12 -26.67 20.67
N LEU F 68 -4.35 -26.96 20.26
CA LEU F 68 -4.56 -27.96 19.23
C LEU F 68 -4.24 -27.41 17.84
N ALA F 69 -4.77 -26.24 17.54
CA ALA F 69 -4.56 -25.60 16.23
C ALA F 69 -3.09 -25.35 15.92
N TRP F 70 -2.28 -25.13 16.96
CA TRP F 70 -0.86 -24.88 16.75
C TRP F 70 0.01 -26.05 17.19
N ASP F 71 -0.60 -27.23 17.23
CA ASP F 71 0.10 -28.48 17.59
C ASP F 71 1.13 -28.33 18.71
N PHE F 72 0.67 -27.91 19.88
CA PHE F 72 1.54 -27.71 21.04
C PHE F 72 2.12 -28.96 21.69
N PHE F 73 1.33 -30.02 21.80
CA PHE F 73 1.79 -31.20 22.53
C PHE F 73 1.99 -32.52 21.80
N ALA F 74 3.04 -33.22 22.20
CA ALA F 74 3.35 -34.54 21.63
C ALA F 74 2.67 -35.59 22.49
N SER F 75 2.77 -35.44 23.81
CA SER F 75 2.18 -36.39 24.75
C SER F 75 0.88 -35.89 25.36
N GLN F 76 0.11 -36.81 25.91
CA GLN F 76 -1.15 -36.47 26.55
C GLN F 76 -0.83 -35.80 27.89
N GLU F 77 0.31 -36.15 28.46
CA GLU F 77 0.73 -35.58 29.74
C GLU F 77 0.85 -34.07 29.63
N GLU F 78 1.61 -33.61 28.63
CA GLU F 78 1.79 -32.18 28.44
C GLU F 78 0.44 -31.50 28.25
N ALA F 79 -0.42 -32.09 27.43
CA ALA F 79 -1.74 -31.54 27.17
C ALA F 79 -2.57 -31.43 28.46
N GLN F 80 -2.44 -32.44 29.32
CA GLN F 80 -3.18 -32.44 30.57
C GLN F 80 -2.71 -31.28 31.43
N LYS F 81 -1.39 -31.11 31.53
CA LYS F 81 -0.83 -30.03 32.34
C LYS F 81 -1.31 -28.66 31.86
N TRP F 82 -1.45 -28.50 30.55
CA TRP F 82 -1.92 -27.26 29.96
C TRP F 82 -3.37 -27.03 30.37
N ALA F 83 -4.16 -28.10 30.36
CA ALA F 83 -5.58 -28.00 30.74
C ALA F 83 -5.71 -27.54 32.18
N PHE F 84 -4.91 -28.14 33.06
CA PHE F 84 -4.95 -27.80 34.47
C PHE F 84 -4.38 -26.41 34.73
N LEU F 85 -3.35 -26.04 33.98
CA LEU F 85 -2.75 -24.72 34.12
C LEU F 85 -3.78 -23.64 33.81
N VAL F 86 -4.46 -23.77 32.67
CA VAL F 86 -5.44 -22.76 32.27
C VAL F 86 -6.57 -22.66 33.27
N ALA F 87 -6.98 -23.80 33.82
CA ALA F 87 -8.05 -23.83 34.82
C ALA F 87 -7.59 -23.02 36.04
N ALA F 88 -6.35 -23.24 36.47
CA ALA F 88 -5.83 -22.53 37.63
C ALA F 88 -5.71 -21.03 37.33
N VAL F 89 -5.24 -20.70 36.13
CA VAL F 89 -5.10 -19.30 35.75
C VAL F 89 -6.47 -18.63 35.83
N GLU F 90 -7.50 -19.30 35.33
CA GLU F 90 -8.85 -18.75 35.36
C GLU F 90 -9.28 -18.50 36.80
N ASN F 91 -8.85 -19.39 37.69
CA ASN F 91 -9.16 -19.32 39.10
C ASN F 91 -8.44 -18.14 39.76
N ASN F 92 -7.48 -17.56 39.04
CA ASN F 92 -6.71 -16.44 39.56
C ASN F 92 -7.12 -15.08 39.00
N TYR F 93 -8.13 -15.05 38.15
CA TYR F 93 -8.65 -13.79 37.63
C TYR F 93 -9.83 -13.39 38.53
N ARG F 94 -9.92 -12.12 38.90
CA ARG F 94 -11.02 -11.66 39.75
C ARG F 94 -12.28 -11.42 38.95
N PRO F 95 -13.43 -11.31 39.64
CA PRO F 95 -14.71 -11.07 38.95
C PRO F 95 -14.88 -9.59 38.60
N ASN F 96 -13.88 -9.04 37.91
CA ASN F 96 -13.90 -7.65 37.51
C ASN F 96 -14.81 -7.43 36.30
N PRO F 97 -15.27 -6.20 36.11
CA PRO F 97 -16.13 -5.91 34.97
C PRO F 97 -15.37 -6.13 33.65
N TYR F 98 -14.11 -5.69 33.62
CA TYR F 98 -13.26 -5.79 32.44
C TYR F 98 -12.04 -6.70 32.57
N HIS F 99 -11.17 -6.44 33.56
CA HIS F 99 -9.96 -7.25 33.73
C HIS F 99 -10.25 -8.58 34.41
N ASN F 100 -10.87 -9.47 33.64
CA ASN F 100 -11.30 -10.78 34.12
C ASN F 100 -10.88 -11.89 33.15
N ALA F 101 -11.36 -13.11 33.42
CA ALA F 101 -11.05 -14.27 32.58
C ALA F 101 -11.59 -14.13 31.16
N ILE F 102 -12.65 -13.35 30.96
CA ILE F 102 -13.18 -13.19 29.62
C ILE F 102 -12.24 -12.31 28.78
N HIS F 103 -11.67 -11.27 29.40
CA HIS F 103 -10.70 -10.40 28.72
C HIS F 103 -9.47 -11.26 28.37
N ALA F 104 -9.07 -12.12 29.31
CA ALA F 104 -7.93 -13.00 29.10
C ALA F 104 -8.15 -13.87 27.87
N ALA F 105 -9.33 -14.46 27.76
CA ALA F 105 -9.66 -15.31 26.63
C ALA F 105 -9.74 -14.49 25.34
N ASP F 106 -10.22 -13.26 25.47
CA ASP F 106 -10.37 -12.37 24.34
C ASP F 106 -8.99 -11.98 23.79
N VAL F 107 -8.04 -11.73 24.68
CA VAL F 107 -6.70 -11.34 24.26
C VAL F 107 -5.96 -12.54 23.68
N LEU F 108 -6.18 -13.72 24.26
CA LEU F 108 -5.55 -14.94 23.75
C LEU F 108 -6.05 -15.22 22.34
N GLN F 109 -7.36 -15.15 22.14
CA GLN F 109 -7.96 -15.41 20.84
C GLN F 109 -7.55 -14.32 19.84
N GLY F 110 -7.49 -13.08 20.32
CA GLY F 110 -7.10 -11.97 19.44
C GLY F 110 -5.66 -12.12 18.97
N THR F 111 -4.79 -12.56 19.88
CA THR F 111 -3.38 -12.76 19.58
C THR F 111 -3.28 -13.89 18.57
N PHE F 112 -4.07 -14.94 18.79
CA PHE F 112 -4.11 -16.10 17.89
C PHE F 112 -4.55 -15.64 16.50
N SER F 113 -5.59 -14.81 16.45
CA SER F 113 -6.13 -14.28 15.19
C SER F 113 -5.14 -13.38 14.45
N LEU F 114 -4.53 -12.42 15.15
CA LEU F 114 -3.57 -11.51 14.52
C LEU F 114 -2.36 -12.27 13.98
N VAL F 115 -1.79 -13.15 14.78
CA VAL F 115 -0.64 -13.93 14.35
C VAL F 115 -1.03 -14.80 13.14
N SER F 116 -2.18 -15.45 13.23
CA SER F 116 -2.65 -16.33 12.16
C SER F 116 -2.84 -15.60 10.83
N ALA F 117 -3.13 -14.30 10.88
CA ALA F 117 -3.34 -13.53 9.67
C ALA F 117 -2.05 -12.98 9.06
N ALA F 118 -0.94 -13.05 9.80
CA ALA F 118 0.34 -12.55 9.31
C ALA F 118 1.24 -13.70 8.86
N LYS F 119 1.16 -14.02 7.57
CA LYS F 119 1.90 -15.12 6.95
C LYS F 119 3.39 -15.24 7.29
N PRO F 120 4.15 -14.15 7.14
CA PRO F 120 5.59 -14.24 7.46
C PRO F 120 5.88 -14.62 8.90
N LEU F 121 5.04 -14.14 9.82
CA LEU F 121 5.22 -14.46 11.24
C LEU F 121 4.85 -15.92 11.47
N MET F 122 3.77 -16.37 10.82
CA MET F 122 3.29 -17.74 10.94
C MET F 122 4.28 -18.77 10.39
N GLU F 123 4.99 -18.41 9.33
CA GLU F 123 5.94 -19.34 8.73
C GLU F 123 7.29 -19.40 9.43
N HIS F 124 7.62 -18.39 10.24
CA HIS F 124 8.93 -18.40 10.89
C HIS F 124 8.91 -18.48 12.42
N LEU F 125 7.74 -18.40 13.02
CA LEU F 125 7.64 -18.51 14.47
C LEU F 125 7.93 -19.96 14.85
N THR F 126 8.72 -20.16 15.90
CA THR F 126 9.02 -21.52 16.34
C THR F 126 7.89 -21.98 17.27
N PRO F 127 7.74 -23.29 17.47
CA PRO F 127 6.67 -23.76 18.35
C PRO F 127 6.81 -23.17 19.76
N LEU F 128 8.05 -23.01 20.21
CA LEU F 128 8.32 -22.45 21.53
C LEU F 128 7.78 -21.03 21.63
N GLU F 129 8.05 -20.22 20.61
CA GLU F 129 7.58 -18.83 20.58
C GLU F 129 6.04 -18.80 20.57
N CYS F 130 5.43 -19.76 19.88
CA CYS F 130 3.97 -19.82 19.82
C CYS F 130 3.40 -20.16 21.19
N LYS F 131 4.07 -21.05 21.90
CA LYS F 131 3.63 -21.46 23.23
C LYS F 131 3.81 -20.28 24.18
N ALA F 132 4.90 -19.53 24.02
CA ALA F 132 5.18 -18.39 24.86
C ALA F 132 4.14 -17.28 24.64
N ALA F 133 3.76 -17.09 23.38
CA ALA F 133 2.77 -16.06 23.06
C ALA F 133 1.40 -16.41 23.66
N ALA F 134 1.00 -17.67 23.54
CA ALA F 134 -0.29 -18.11 24.07
C ALA F 134 -0.31 -18.00 25.61
N PHE F 135 0.74 -18.47 26.24
CA PHE F 135 0.84 -18.42 27.71
C PHE F 135 0.81 -16.97 28.19
N ALA F 136 1.54 -16.11 27.49
CA ALA F 136 1.61 -14.70 27.85
C ALA F 136 0.22 -14.07 27.81
N ALA F 137 -0.48 -14.23 26.69
CA ALA F 137 -1.82 -13.67 26.52
C ALA F 137 -2.78 -14.18 27.59
N LEU F 138 -2.74 -15.50 27.83
CA LEU F 138 -3.57 -16.14 28.83
C LEU F 138 -3.35 -15.58 30.24
N THR F 139 -2.10 -15.32 30.57
CA THR F 139 -1.75 -14.83 31.90
C THR F 139 -1.49 -13.33 32.03
N HIS F 140 -1.53 -12.59 30.94
CA HIS F 140 -1.18 -11.17 30.97
C HIS F 140 -1.81 -10.23 32.02
N ASP F 141 -3.00 -10.57 32.52
CA ASP F 141 -3.68 -9.73 33.51
C ASP F 141 -4.09 -10.51 34.76
N VAL F 142 -3.50 -11.69 34.95
CA VAL F 142 -3.86 -12.52 36.09
C VAL F 142 -3.72 -11.79 37.43
N CYS F 143 -4.78 -11.90 38.25
CA CYS F 143 -4.84 -11.26 39.57
C CYS F 143 -5.06 -9.75 39.51
N HIS F 144 -5.35 -9.22 38.33
CA HIS F 144 -5.59 -7.78 38.20
C HIS F 144 -6.69 -7.39 39.20
N PRO F 145 -6.45 -6.34 40.00
CA PRO F 145 -7.41 -5.88 41.01
C PRO F 145 -8.49 -4.91 40.54
N GLY F 146 -8.49 -4.57 39.25
CA GLY F 146 -9.50 -3.65 38.76
C GLY F 146 -9.18 -2.20 39.07
N ARG F 147 -7.90 -1.95 39.31
CA ARG F 147 -7.38 -0.62 39.62
C ARG F 147 -6.07 -0.48 38.85
N THR F 148 -5.73 0.75 38.47
CA THR F 148 -4.52 1.02 37.68
C THR F 148 -3.23 1.03 38.51
N ASN F 149 -2.10 1.11 37.82
CA ASN F 149 -0.80 1.17 38.49
C ASN F 149 -0.71 2.44 39.34
N ALA F 150 -1.24 3.54 38.81
CA ALA F 150 -1.22 4.82 39.51
C ALA F 150 -2.02 4.76 40.81
N PHE F 151 -3.15 4.05 40.79
CA PHE F 151 -3.95 3.94 42.00
C PHE F 151 -3.18 3.16 43.07
N LEU F 152 -2.54 2.07 42.65
CA LEU F 152 -1.74 1.26 43.58
C LEU F 152 -0.68 2.11 44.26
N ALA F 153 -0.02 2.95 43.47
CA ALA F 153 1.01 3.85 44.00
C ALA F 153 0.40 4.85 44.97
N ALA F 154 -0.74 5.43 44.58
CA ALA F 154 -1.44 6.42 45.41
C ALA F 154 -1.89 5.90 46.77
N VAL F 155 -2.22 4.62 46.87
CA VAL F 155 -2.63 4.07 48.16
C VAL F 155 -1.43 3.39 48.83
N GLN F 156 -0.26 3.54 48.22
CA GLN F 156 0.97 2.96 48.75
C GLN F 156 0.83 1.46 48.97
N ASP F 157 0.24 0.77 48.00
CA ASP F 157 0.06 -0.67 48.09
C ASP F 157 1.42 -1.38 48.09
N PRO F 158 1.59 -2.41 48.93
CA PRO F 158 2.87 -3.10 48.97
C PRO F 158 3.34 -3.65 47.62
N VAL F 159 2.42 -3.89 46.70
CA VAL F 159 2.82 -4.39 45.39
C VAL F 159 3.61 -3.32 44.64
N SER F 160 3.33 -2.04 44.91
CA SER F 160 4.02 -0.94 44.25
C SER F 160 5.46 -0.82 44.76
N PHE F 161 5.68 -1.24 46.00
CA PHE F 161 7.01 -1.20 46.58
C PHE F 161 7.77 -2.48 46.21
N LYS F 162 7.03 -3.57 46.01
CA LYS F 162 7.64 -4.84 45.66
C LYS F 162 8.15 -4.83 44.21
N PHE F 163 7.33 -4.31 43.31
CA PHE F 163 7.74 -4.24 41.91
C PHE F 163 7.96 -2.77 41.59
N SER F 164 9.24 -2.38 41.59
CA SER F 164 9.60 -1.00 41.34
C SER F 164 9.74 -0.65 39.89
N GLY F 165 9.64 0.64 39.60
CA GLY F 165 9.75 1.14 38.24
C GLY F 165 8.38 1.13 37.60
N LYS F 166 8.36 1.33 36.29
CA LYS F 166 7.08 1.33 35.58
C LYS F 166 6.51 -0.10 35.47
N GLY F 167 5.25 -0.21 35.06
CA GLY F 167 4.60 -1.50 34.90
C GLY F 167 4.44 -2.36 36.13
N THR F 168 4.01 -1.75 37.23
CA THR F 168 3.83 -2.48 38.48
C THR F 168 3.04 -3.78 38.31
N LEU F 169 1.79 -3.66 37.89
CA LEU F 169 0.94 -4.82 37.72
C LEU F 169 1.48 -5.79 36.68
N GLU F 170 2.02 -5.25 35.59
CA GLU F 170 2.57 -6.10 34.54
C GLU F 170 3.67 -7.00 35.10
N GLN F 171 4.47 -6.47 36.02
CA GLN F 171 5.52 -7.29 36.65
C GLN F 171 4.85 -8.34 37.53
N LEU F 172 3.78 -7.94 38.23
CA LEU F 172 3.07 -8.87 39.10
C LEU F 172 2.41 -9.97 38.28
N HIS F 173 1.80 -9.62 37.16
CA HIS F 173 1.14 -10.64 36.31
C HIS F 173 2.21 -11.65 35.88
N THR F 174 3.38 -11.15 35.51
CA THR F 174 4.48 -11.99 35.05
C THR F 174 4.93 -12.96 36.14
N ALA F 175 5.27 -12.42 37.31
CA ALA F 175 5.71 -13.24 38.42
C ALA F 175 4.65 -14.28 38.79
N THR F 176 3.37 -13.89 38.74
CA THR F 176 2.27 -14.79 39.07
C THR F 176 2.16 -15.91 38.05
N ALA F 177 2.35 -15.57 36.79
CA ALA F 177 2.30 -16.56 35.70
C ALA F 177 3.35 -17.65 35.93
N PHE F 178 4.58 -17.23 36.22
CA PHE F 178 5.66 -18.18 36.45
C PHE F 178 5.47 -18.99 37.73
N GLU F 179 4.86 -18.39 38.74
CA GLU F 179 4.62 -19.07 40.00
C GLU F 179 3.65 -20.23 39.74
N LEU F 180 2.62 -19.98 38.94
CA LEU F 180 1.64 -21.00 38.60
C LEU F 180 2.25 -22.10 37.74
N LEU F 181 3.03 -21.70 36.74
CA LEU F 181 3.67 -22.65 35.84
C LEU F 181 4.64 -23.55 36.61
N ASN F 182 5.06 -23.10 37.79
CA ASN F 182 6.00 -23.87 38.60
C ASN F 182 5.33 -25.03 39.35
N VAL F 183 4.00 -25.02 39.42
CA VAL F 183 3.28 -26.09 40.09
C VAL F 183 3.37 -27.34 39.21
N THR F 184 3.93 -28.42 39.76
CA THR F 184 4.11 -29.66 39.00
C THR F 184 2.94 -30.03 38.10
N GLU F 185 1.72 -29.96 38.62
CA GLU F 185 0.54 -30.31 37.85
C GLU F 185 0.22 -29.39 36.68
N PHE F 186 0.76 -28.17 36.69
CA PHE F 186 0.48 -27.21 35.60
C PHE F 186 1.68 -26.97 34.70
N ASP F 187 2.85 -27.49 35.09
CA ASP F 187 4.07 -27.27 34.32
C ASP F 187 4.14 -28.01 32.99
N PHE F 188 3.48 -27.48 31.97
CA PHE F 188 3.47 -28.11 30.67
C PHE F 188 4.81 -27.96 29.94
N THR F 189 5.67 -27.08 30.43
CA THR F 189 6.97 -26.88 29.81
C THR F 189 8.05 -27.68 30.52
N SER F 190 7.64 -28.51 31.49
CA SER F 190 8.60 -29.31 32.24
C SER F 190 9.53 -30.15 31.38
N SER F 191 9.03 -30.62 30.24
CA SER F 191 9.86 -31.44 29.36
C SER F 191 10.87 -30.58 28.60
N MET F 192 10.76 -29.26 28.74
CA MET F 192 11.68 -28.36 28.06
C MET F 192 13.09 -28.44 28.62
N ASP F 193 14.04 -28.18 27.74
CA ASP F 193 15.46 -28.16 28.03
C ASP F 193 15.66 -26.86 28.85
N ASN F 194 16.70 -26.79 29.68
CA ASN F 194 16.94 -25.58 30.46
C ASN F 194 17.10 -24.35 29.57
N ALA F 195 17.85 -24.50 28.48
CA ALA F 195 18.06 -23.40 27.55
C ALA F 195 16.73 -22.96 26.95
N SER F 196 15.90 -23.95 26.63
CA SER F 196 14.60 -23.69 26.03
C SER F 196 13.62 -23.02 27.00
N PHE F 197 13.57 -23.52 28.23
CA PHE F 197 12.69 -22.92 29.22
C PHE F 197 13.10 -21.48 29.48
N LEU F 198 14.41 -21.22 29.51
CA LEU F 198 14.90 -19.86 29.72
C LEU F 198 14.40 -18.93 28.62
N GLU F 199 14.49 -19.38 27.38
CA GLU F 199 14.03 -18.58 26.25
C GLU F 199 12.53 -18.34 26.39
N PHE F 200 11.80 -19.37 26.80
CA PHE F 200 10.36 -19.28 26.98
C PHE F 200 10.04 -18.17 27.98
N LYS F 201 10.71 -18.21 29.12
CA LYS F 201 10.51 -17.24 30.20
C LYS F 201 10.83 -15.81 29.75
N ASN F 202 11.90 -15.64 28.98
CA ASN F 202 12.28 -14.32 28.53
C ASN F 202 11.27 -13.75 27.56
N ILE F 203 10.74 -14.59 26.67
CA ILE F 203 9.74 -14.13 25.71
C ILE F 203 8.49 -13.70 26.48
N VAL F 204 7.99 -14.58 27.35
CA VAL F 204 6.81 -14.29 28.15
C VAL F 204 6.98 -13.00 28.97
N SER F 205 8.13 -12.84 29.61
CA SER F 205 8.41 -11.66 30.42
C SER F 205 8.36 -10.42 29.55
N HIS F 206 8.96 -10.51 28.37
CA HIS F 206 8.98 -9.40 27.42
C HIS F 206 7.55 -9.07 26.95
N LEU F 207 6.79 -10.10 26.55
CA LEU F 207 5.44 -9.92 26.05
C LEU F 207 4.48 -9.30 27.07
N ILE F 208 4.41 -9.86 28.27
CA ILE F 208 3.54 -9.33 29.30
C ILE F 208 4.00 -7.93 29.68
N GLY F 209 5.32 -7.77 29.74
CA GLY F 209 5.88 -6.48 30.10
C GLY F 209 5.43 -5.38 29.17
N HIS F 210 5.29 -5.70 27.88
CA HIS F 210 4.89 -4.70 26.92
C HIS F 210 3.40 -4.40 26.81
N THR F 211 2.60 -4.94 27.72
CA THR F 211 1.17 -4.62 27.73
C THR F 211 1.00 -3.38 28.62
N ASP F 212 2.10 -2.93 29.23
CA ASP F 212 2.07 -1.75 30.10
C ASP F 212 1.74 -0.52 29.24
N MET F 213 0.60 0.08 29.52
CA MET F 213 0.14 1.26 28.77
C MET F 213 1.05 2.48 28.77
N SER F 214 1.92 2.60 29.76
CA SER F 214 2.81 3.76 29.82
C SER F 214 3.79 3.78 28.65
N LEU F 215 4.10 2.59 28.12
CA LEU F 215 5.03 2.44 27.02
C LEU F 215 4.42 2.63 25.64
N HIS F 216 3.13 2.94 25.60
CA HIS F 216 2.45 3.10 24.32
C HIS F 216 3.10 4.04 23.31
N SER F 217 3.21 5.32 23.68
CA SER F 217 3.80 6.32 22.79
C SER F 217 5.18 5.90 22.32
N GLU F 218 6.00 5.41 23.24
CA GLU F 218 7.35 5.00 22.91
C GLU F 218 7.34 3.85 21.90
N THR F 219 6.46 2.88 22.12
CA THR F 219 6.38 1.73 21.23
C THR F 219 5.90 2.14 19.83
N VAL F 220 4.90 3.01 19.78
CA VAL F 220 4.39 3.48 18.50
C VAL F 220 5.48 4.23 17.73
N ALA F 221 6.26 5.04 18.44
CA ALA F 221 7.34 5.80 17.82
C ALA F 221 8.41 4.87 17.25
N LYS F 222 8.78 3.86 18.02
CA LYS F 222 9.79 2.90 17.61
C LYS F 222 9.37 2.06 16.40
N HIS F 223 8.18 1.47 16.44
CA HIS F 223 7.72 0.67 15.31
C HIS F 223 7.45 1.54 14.10
N GLY F 224 7.13 2.81 14.34
CA GLY F 224 6.91 3.71 13.23
C GLY F 224 8.22 3.85 12.48
N ALA F 225 9.31 3.97 13.22
CA ALA F 225 10.64 4.09 12.61
C ALA F 225 11.01 2.75 11.98
N LYS F 226 10.64 1.66 12.64
CA LYS F 226 10.92 0.33 12.12
C LYS F 226 10.24 0.22 10.76
N LEU F 227 8.99 0.68 10.71
CA LEU F 227 8.21 0.67 9.48
C LEU F 227 8.94 1.44 8.38
N SER F 228 9.41 2.63 8.71
CA SER F 228 10.13 3.44 7.74
C SER F 228 11.39 2.74 7.27
N ALA F 229 11.98 1.93 8.14
CA ALA F 229 13.20 1.19 7.82
C ALA F 229 12.93 -0.12 7.06
N GLY F 230 11.66 -0.39 6.74
CA GLY F 230 11.34 -1.60 6.00
C GLY F 230 10.48 -2.64 6.69
N GLY F 231 10.00 -2.34 7.90
CA GLY F 231 9.17 -3.30 8.61
C GLY F 231 9.99 -4.39 9.29
N PHE F 232 9.30 -5.42 9.75
CA PHE F 232 9.94 -6.54 10.43
C PHE F 232 10.50 -7.61 9.49
N ASP F 233 11.62 -8.20 9.88
CA ASP F 233 12.22 -9.30 9.13
C ASP F 233 11.98 -10.47 10.06
N CYS F 234 10.90 -11.21 9.81
CA CYS F 234 10.54 -12.33 10.68
C CYS F 234 11.50 -13.51 10.65
N THR F 235 12.55 -13.42 9.82
CA THR F 235 13.54 -14.48 9.77
C THR F 235 14.43 -14.24 10.99
N CYS F 236 14.33 -13.03 11.53
CA CYS F 236 15.11 -12.60 12.68
C CYS F 236 14.34 -12.80 13.99
N LYS F 237 14.91 -13.60 14.89
CA LYS F 237 14.27 -13.88 16.17
C LYS F 237 13.88 -12.62 16.95
N GLU F 238 14.76 -11.63 16.95
CA GLU F 238 14.49 -10.37 17.65
C GLU F 238 13.28 -9.68 17.05
N ASP F 239 13.20 -9.63 15.72
CA ASP F 239 12.05 -9.00 15.06
C ASP F 239 10.76 -9.73 15.38
N ARG F 240 10.80 -11.06 15.41
CA ARG F 240 9.60 -11.83 15.72
C ARG F 240 9.10 -11.51 17.12
N LEU F 241 10.03 -11.31 18.05
CA LEU F 241 9.64 -10.99 19.41
C LEU F 241 8.95 -9.63 19.47
N GLU F 242 9.52 -8.64 18.78
CA GLU F 242 8.95 -7.31 18.76
C GLU F 242 7.59 -7.34 18.07
N ALA F 243 7.48 -8.13 17.00
CA ALA F 243 6.21 -8.23 16.28
C ALA F 243 5.17 -8.86 17.20
N LEU F 244 5.56 -9.90 17.92
CA LEU F 244 4.63 -10.57 18.84
C LEU F 244 4.17 -9.60 19.93
N SER F 245 5.11 -8.82 20.47
CA SER F 245 4.78 -7.86 21.53
C SER F 245 3.76 -6.83 21.06
N LEU F 246 3.96 -6.34 19.84
CA LEU F 246 3.06 -5.36 19.26
C LEU F 246 1.68 -5.98 19.04
N LEU F 247 1.64 -7.20 18.51
CA LEU F 247 0.37 -7.86 18.24
C LEU F 247 -0.39 -8.17 19.54
N LEU F 248 0.33 -8.60 20.57
CA LEU F 248 -0.30 -8.92 21.85
C LEU F 248 -0.93 -7.65 22.41
N HIS F 249 -0.16 -6.56 22.41
CA HIS F 249 -0.61 -5.27 22.90
C HIS F 249 -1.85 -4.80 22.14
N ALA F 250 -1.86 -5.03 20.82
CA ALA F 250 -2.98 -4.64 19.98
C ALA F 250 -4.22 -5.45 20.36
N ALA F 251 -4.07 -6.75 20.55
CA ALA F 251 -5.20 -7.59 20.92
C ALA F 251 -5.70 -7.15 22.31
N ASP F 252 -4.77 -6.83 23.20
CA ASP F 252 -5.10 -6.40 24.56
C ASP F 252 -6.01 -5.17 24.56
N ILE F 253 -5.66 -4.14 23.80
CA ILE F 253 -6.46 -2.92 23.74
C ILE F 253 -7.37 -2.84 22.51
N GLY F 254 -7.53 -3.94 21.79
CA GLY F 254 -8.31 -3.90 20.56
C GLY F 254 -9.74 -4.39 20.44
N ALA F 255 -10.40 -4.70 21.55
CA ALA F 255 -11.77 -5.18 21.46
C ALA F 255 -12.67 -4.19 20.73
N SER F 256 -12.38 -2.89 20.88
CA SER F 256 -13.19 -1.88 20.22
C SER F 256 -13.08 -1.91 18.69
N SER F 257 -12.11 -2.66 18.18
CA SER F 257 -11.91 -2.75 16.72
C SER F 257 -12.49 -4.03 16.10
N ARG F 258 -13.20 -4.82 16.91
CA ARG F 258 -13.78 -6.07 16.45
C ARG F 258 -15.19 -5.97 15.88
N GLY F 259 -15.71 -4.75 15.78
CA GLY F 259 -17.06 -4.56 15.28
C GLY F 259 -17.89 -3.79 16.29
N VAL F 260 -18.88 -3.05 15.79
CA VAL F 260 -19.74 -2.24 16.65
C VAL F 260 -20.41 -2.95 17.83
N ALA F 261 -21.01 -4.11 17.58
CA ALA F 261 -21.68 -4.83 18.67
C ALA F 261 -20.70 -5.29 19.75
N ILE F 262 -19.55 -5.79 19.33
CA ILE F 262 -18.55 -6.23 20.28
C ILE F 262 -17.97 -5.03 21.03
N ALA F 263 -17.67 -3.97 20.29
CA ALA F 263 -17.11 -2.77 20.90
C ALA F 263 -17.97 -2.31 22.07
N ARG F 264 -19.28 -2.31 21.89
CA ARG F 264 -20.19 -1.87 22.94
C ARG F 264 -20.08 -2.71 24.21
N LYS F 265 -19.87 -4.02 24.04
CA LYS F 265 -19.79 -4.89 25.21
C LYS F 265 -18.58 -4.59 26.09
N TRP F 266 -17.49 -4.14 25.48
CA TRP F 266 -16.27 -3.86 26.23
C TRP F 266 -16.19 -2.51 26.91
N LEU F 267 -17.27 -1.73 26.81
CA LEU F 267 -17.32 -0.43 27.45
C LEU F 267 -17.40 -0.65 28.98
N VAL F 268 -17.46 -1.90 29.40
CA VAL F 268 -17.49 -2.21 30.83
C VAL F 268 -16.23 -1.71 31.50
N ILE F 269 -15.24 -1.31 30.70
CA ILE F 269 -14.00 -0.79 31.27
C ILE F 269 -14.37 0.48 32.06
N LEU F 270 -15.40 1.18 31.59
CA LEU F 270 -15.84 2.42 32.26
C LEU F 270 -16.37 2.18 33.66
N GLN F 271 -16.83 0.96 33.92
CA GLN F 271 -17.35 0.61 35.24
C GLN F 271 -16.17 0.53 36.21
N GLU F 272 -15.04 -0.03 35.76
CA GLU F 272 -13.86 -0.10 36.64
C GLU F 272 -13.32 1.31 36.88
N PHE F 273 -13.33 2.16 35.86
CA PHE F 273 -12.83 3.52 36.04
C PHE F 273 -13.73 4.25 37.05
N ALA F 274 -15.05 4.09 36.90
CA ALA F 274 -16.01 4.72 37.80
C ALA F 274 -15.85 4.18 39.23
N ASP F 275 -15.59 2.88 39.35
CA ASP F 275 -15.40 2.27 40.66
C ASP F 275 -14.16 2.87 41.31
N GLN F 276 -13.09 3.02 40.52
CA GLN F 276 -11.85 3.58 41.04
C GLN F 276 -12.04 5.02 41.49
N ALA F 277 -12.77 5.80 40.70
CA ALA F 277 -13.02 7.20 41.06
C ALA F 277 -13.74 7.31 42.40
N GLU F 278 -14.67 6.40 42.67
CA GLU F 278 -15.43 6.41 43.93
C GLU F 278 -14.50 5.95 45.05
N ASP F 279 -13.67 4.96 44.74
CA ASP F 279 -12.70 4.40 45.69
C ASP F 279 -11.77 5.54 46.12
N GLU F 280 -11.28 6.31 45.16
CA GLU F 280 -10.41 7.44 45.44
C GLU F 280 -11.15 8.46 46.32
N ARG F 281 -12.39 8.75 45.95
CA ARG F 281 -13.18 9.71 46.73
C ARG F 281 -13.33 9.24 48.19
N ARG F 282 -13.71 7.98 48.38
CA ARG F 282 -13.89 7.42 49.72
C ARG F 282 -12.61 7.45 50.55
N ARG F 283 -11.46 7.32 49.89
CA ARG F 283 -10.18 7.33 50.58
C ARG F 283 -9.68 8.76 50.82
N GLY F 284 -10.36 9.73 50.21
CA GLY F 284 -9.95 11.12 50.37
C GLY F 284 -8.80 11.49 49.44
N LEU F 285 -8.62 10.72 48.38
CA LEU F 285 -7.56 10.96 47.41
C LEU F 285 -8.08 11.74 46.22
N PRO F 286 -7.18 12.41 45.49
CA PRO F 286 -7.58 13.18 44.31
C PRO F 286 -8.24 12.21 43.32
N VAL F 287 -9.36 12.63 42.74
CA VAL F 287 -10.06 11.79 41.77
C VAL F 287 -9.35 11.86 40.43
N THR F 288 -9.12 10.71 39.81
CA THR F 288 -8.45 10.66 38.52
C THR F 288 -9.32 11.29 37.45
N PRO F 289 -8.79 12.29 36.73
CA PRO F 289 -9.52 12.99 35.66
C PRO F 289 -10.11 12.04 34.63
N GLY F 290 -11.39 12.23 34.32
CA GLY F 290 -12.05 11.40 33.32
C GLY F 290 -12.49 10.01 33.75
N PHE F 291 -12.22 9.63 35.00
CA PHE F 291 -12.63 8.30 35.43
C PHE F 291 -14.08 8.18 35.87
N GLU F 292 -14.70 9.29 36.26
CA GLU F 292 -16.10 9.22 36.66
C GLU F 292 -16.90 8.96 35.38
N THR F 293 -18.02 8.26 35.51
CA THR F 293 -18.86 7.93 34.37
C THR F 293 -19.12 9.12 33.46
N PRO F 294 -18.79 9.01 32.17
CA PRO F 294 -19.01 10.13 31.26
C PRO F 294 -20.49 10.32 30.97
N SER F 295 -20.91 11.59 30.81
CA SER F 295 -22.30 11.89 30.52
C SER F 295 -22.65 11.35 29.13
N SER F 296 -21.67 11.42 28.22
CA SER F 296 -21.85 10.90 26.87
C SER F 296 -20.75 9.89 26.60
N VAL F 297 -21.12 8.61 26.60
CA VAL F 297 -20.17 7.55 26.36
C VAL F 297 -19.55 7.69 24.98
N GLU F 298 -20.38 7.86 23.97
CA GLU F 298 -19.90 8.00 22.59
C GLU F 298 -18.90 9.13 22.43
N LYS F 299 -19.21 10.30 22.98
CA LYS F 299 -18.30 11.43 22.85
C LYS F 299 -16.98 11.09 23.50
N SER F 300 -17.04 10.57 24.72
CA SER F 300 -15.85 10.20 25.47
C SER F 300 -14.96 9.19 24.77
N GLN F 301 -15.55 8.30 23.98
CA GLN F 301 -14.77 7.28 23.26
C GLN F 301 -13.97 7.81 22.07
N ILE F 302 -14.49 8.86 21.41
CA ILE F 302 -13.81 9.41 20.25
C ILE F 302 -12.35 9.78 20.47
N PRO F 303 -12.04 10.54 21.54
CA PRO F 303 -10.64 10.90 21.79
C PRO F 303 -9.78 9.66 22.05
N PHE F 304 -10.38 8.67 22.70
CA PHE F 304 -9.70 7.41 23.01
C PHE F 304 -9.34 6.70 21.71
N LEU F 305 -10.28 6.66 20.78
CA LEU F 305 -10.03 6.03 19.49
C LEU F 305 -8.98 6.79 18.68
N ASP F 306 -9.07 8.12 18.67
CA ASP F 306 -8.12 8.93 17.90
C ASP F 306 -6.70 8.93 18.47
N PHE F 307 -6.60 8.94 19.80
CA PHE F 307 -5.30 9.00 20.46
C PHE F 307 -4.60 7.66 20.64
N PHE F 308 -5.35 6.63 21.03
CA PHE F 308 -4.77 5.32 21.28
C PHE F 308 -4.96 4.24 20.23
N VAL F 309 -6.21 3.81 20.09
CA VAL F 309 -6.54 2.70 19.21
C VAL F 309 -6.33 2.85 17.72
N ILE F 310 -6.87 3.90 17.12
CA ILE F 310 -6.70 4.07 15.67
C ILE F 310 -5.22 4.14 15.26
N PRO F 311 -4.40 4.94 15.98
CA PRO F 311 -2.99 5.01 15.59
C PRO F 311 -2.31 3.65 15.71
N THR F 312 -2.69 2.86 16.72
CA THR F 312 -2.08 1.54 16.89
C THR F 312 -2.38 0.63 15.72
N PHE F 313 -3.64 0.59 15.28
CA PHE F 313 -4.01 -0.28 14.18
C PHE F 313 -3.67 0.24 12.79
N ASP F 314 -3.32 1.52 12.70
CA ASP F 314 -2.90 2.09 11.42
C ASP F 314 -1.47 1.56 11.28
N LEU F 315 -0.71 1.69 12.37
CA LEU F 315 0.68 1.22 12.41
C LEU F 315 0.72 -0.28 12.11
N LEU F 316 -0.17 -1.00 12.75
CA LEU F 316 -0.24 -2.45 12.57
C LEU F 316 -0.51 -2.80 11.10
N HIS F 317 -1.47 -2.09 10.50
CA HIS F 317 -1.82 -2.31 9.10
C HIS F 317 -0.66 -2.02 8.14
N GLN F 318 0.13 -1.00 8.44
CA GLN F 318 1.26 -0.65 7.58
C GLN F 318 2.38 -1.66 7.69
N LEU F 319 2.57 -2.22 8.90
CA LEU F 319 3.60 -3.21 9.13
C LEU F 319 3.17 -4.59 8.62
N PHE F 320 1.88 -4.89 8.74
CA PHE F 320 1.33 -6.16 8.28
C PHE F 320 0.07 -5.85 7.46
N PRO F 321 0.22 -5.60 6.15
CA PRO F 321 -0.89 -5.27 5.25
C PRO F 321 -2.13 -6.15 5.39
N SER F 322 -1.93 -7.41 5.76
CA SER F 322 -3.01 -8.36 5.94
C SER F 322 -3.96 -7.99 7.09
N ILE F 323 -3.47 -7.23 8.06
CA ILE F 323 -4.30 -6.84 9.20
C ILE F 323 -4.97 -5.52 8.89
N GLU F 324 -6.08 -5.60 8.15
CA GLU F 324 -6.83 -4.44 7.69
C GLU F 324 -8.19 -4.26 8.36
N GLU F 325 -8.84 -5.36 8.71
CA GLU F 325 -10.17 -5.29 9.33
C GLU F 325 -10.26 -4.42 10.59
N PRO F 326 -9.30 -4.56 11.52
CA PRO F 326 -9.40 -3.72 12.72
C PRO F 326 -9.43 -2.20 12.45
N LEU F 327 -8.55 -1.70 11.58
CA LEU F 327 -8.53 -0.28 11.27
C LEU F 327 -9.85 0.15 10.63
N HIS F 328 -10.34 -0.69 9.71
CA HIS F 328 -11.60 -0.43 9.02
C HIS F 328 -12.74 -0.34 10.03
N ASN F 329 -12.80 -1.32 10.94
CA ASN F 329 -13.85 -1.33 11.96
C ASN F 329 -13.81 -0.12 12.87
N LEU F 330 -12.61 0.37 13.16
CA LEU F 330 -12.47 1.54 14.04
C LEU F 330 -13.00 2.81 13.37
N ARG F 331 -12.81 2.94 12.07
CA ARG F 331 -13.30 4.13 11.38
C ARG F 331 -14.83 4.08 11.36
N LYS F 332 -15.38 2.88 11.16
CA LYS F 332 -16.83 2.73 11.18
C LYS F 332 -17.36 3.04 12.57
N LEU F 333 -16.66 2.59 13.61
CA LEU F 333 -17.08 2.85 14.98
C LEU F 333 -17.04 4.34 15.34
N ARG F 334 -15.94 5.00 14.98
CA ARG F 334 -15.79 6.42 15.27
C ARG F 334 -16.90 7.22 14.59
N GLU F 335 -17.23 6.83 13.36
CA GLU F 335 -18.28 7.53 12.63
C GLU F 335 -19.61 7.35 13.34
N LEU F 336 -19.86 6.14 13.84
CA LEU F 336 -21.11 5.87 14.54
C LEU F 336 -21.18 6.70 15.82
N TYR F 337 -20.06 6.78 16.55
CA TYR F 337 -20.02 7.57 17.78
C TYR F 337 -20.20 9.05 17.47
N ALA F 338 -19.49 9.54 16.45
CA ALA F 338 -19.58 10.94 16.05
C ALA F 338 -21.00 11.31 15.65
N ALA F 339 -21.69 10.38 15.00
CA ALA F 339 -23.07 10.61 14.58
C ALA F 339 -23.99 10.65 15.80
N LYS F 340 -23.96 9.57 16.58
CA LYS F 340 -24.77 9.46 17.78
C LYS F 340 -24.54 10.64 18.72
N ALA F 341 -23.29 11.07 18.82
CA ALA F 341 -22.93 12.19 19.69
C ALA F 341 -23.30 13.54 19.09
N GLY F 342 -23.89 13.51 17.90
CA GLY F 342 -24.27 14.76 17.24
C GLY F 342 -23.04 15.60 16.92
N VAL F 343 -21.90 14.93 16.77
CA VAL F 343 -20.64 15.61 16.46
C VAL F 343 -20.52 15.87 14.96
N THR F 344 -20.20 17.10 14.60
CA THR F 344 -20.04 17.47 13.20
C THR F 344 -18.57 17.40 12.80
N THR G 11 6.95 52.68 28.09
CA THR G 11 8.35 53.19 28.11
C THR G 11 9.34 52.03 28.27
N ARG G 12 9.04 50.91 27.62
CA ARG G 12 9.90 49.74 27.71
C ARG G 12 11.29 49.99 27.15
N ARG G 13 12.30 49.42 27.82
CA ARG G 13 13.68 49.57 27.41
C ARG G 13 14.07 48.34 26.58
N LEU G 14 13.89 48.42 25.27
CA LEU G 14 14.20 47.31 24.39
C LEU G 14 15.27 47.64 23.35
N PRO G 15 16.09 46.64 22.98
CA PRO G 15 17.15 46.83 22.00
C PRO G 15 16.54 46.92 20.60
N PRO G 16 17.33 47.39 19.61
CA PRO G 16 16.79 47.49 18.24
C PRO G 16 16.62 46.08 17.68
N SER G 17 15.53 45.87 16.94
CA SER G 17 15.24 44.57 16.35
C SER G 17 16.29 44.09 15.36
N ILE G 18 16.47 42.78 15.28
CA ILE G 18 17.41 42.19 14.34
C ILE G 18 16.71 42.01 12.99
N VAL G 19 15.40 42.22 13.00
CA VAL G 19 14.60 42.09 11.79
C VAL G 19 14.56 43.43 11.07
N GLN G 20 14.84 43.41 9.77
CA GLN G 20 14.83 44.63 8.98
C GLN G 20 13.40 45.05 8.66
N ASP G 21 13.19 46.35 8.56
CA ASP G 21 11.88 46.91 8.23
C ASP G 21 11.58 46.56 6.78
N THR G 22 10.31 46.69 6.41
CA THR G 22 9.87 46.40 5.05
C THR G 22 10.47 47.41 4.08
N ILE G 23 10.94 46.92 2.94
CA ILE G 23 11.50 47.78 1.91
C ILE G 23 10.40 47.91 0.86
N LEU G 24 9.78 49.10 0.80
CA LEU G 24 8.68 49.36 -0.11
C LEU G 24 9.10 49.84 -1.50
N ALA G 25 10.39 50.08 -1.68
CA ALA G 25 10.91 50.57 -2.96
C ALA G 25 10.49 49.71 -4.15
N VAL G 26 10.11 50.37 -5.24
CA VAL G 26 9.72 49.68 -6.46
C VAL G 26 11.00 49.25 -7.16
N VAL G 27 11.15 47.95 -7.37
CA VAL G 27 12.33 47.43 -8.04
C VAL G 27 11.94 46.79 -9.37
N PRO G 28 12.78 46.94 -10.39
CA PRO G 28 12.48 46.36 -11.70
C PRO G 28 12.59 44.84 -11.67
N PRO G 29 11.51 44.14 -12.05
CA PRO G 29 11.58 42.68 -12.05
C PRO G 29 12.67 42.18 -12.99
N LYS G 30 13.27 41.04 -12.67
CA LYS G 30 14.32 40.46 -13.50
C LYS G 30 13.72 39.64 -14.64
N SER G 31 14.59 39.14 -15.50
CA SER G 31 14.17 38.33 -16.65
C SER G 31 13.50 37.03 -16.18
N CYS G 32 12.28 36.79 -16.63
CA CYS G 32 11.55 35.58 -16.24
C CYS G 32 11.79 34.47 -17.26
N ALA G 33 13.06 34.09 -17.43
CA ALA G 33 13.41 33.03 -18.37
C ALA G 33 12.63 31.76 -18.02
N ALA G 34 12.51 30.86 -18.98
CA ALA G 34 11.78 29.62 -18.78
C ALA G 34 12.54 28.60 -17.93
N ILE G 35 11.78 27.75 -17.24
CA ILE G 35 12.35 26.71 -16.39
C ILE G 35 12.16 25.36 -17.05
N GLY G 36 11.15 25.27 -17.93
CA GLY G 36 10.90 24.02 -18.62
C GLY G 36 9.42 23.81 -18.84
N THR G 37 9.05 22.56 -19.16
CA THR G 37 7.67 22.19 -19.41
C THR G 37 6.82 22.38 -18.16
N ASP G 38 5.50 22.47 -18.35
CA ASP G 38 4.59 22.63 -17.24
C ASP G 38 4.68 21.36 -16.39
N VAL G 39 4.91 20.23 -17.07
CA VAL G 39 5.06 18.96 -16.40
C VAL G 39 6.21 19.10 -15.40
N ASP G 40 7.25 19.80 -15.84
CA ASP G 40 8.42 20.03 -15.01
C ASP G 40 8.07 20.84 -13.75
N LEU G 41 7.29 21.91 -13.92
CA LEU G 41 6.90 22.76 -12.79
C LEU G 41 5.93 22.09 -11.83
N ARG G 42 5.18 21.12 -12.32
CA ARG G 42 4.22 20.40 -11.49
C ARG G 42 4.91 19.25 -10.77
N ASP G 43 6.13 18.95 -11.20
CA ASP G 43 6.90 17.85 -10.64
C ASP G 43 7.53 18.13 -9.27
N TRP G 44 7.46 17.14 -8.39
CA TRP G 44 8.01 17.26 -7.04
C TRP G 44 9.53 17.21 -7.07
N GLY G 45 10.09 16.68 -8.15
CA GLY G 45 11.53 16.56 -8.29
C GLY G 45 12.21 17.88 -8.69
N PHE G 46 11.41 18.92 -8.85
CA PHE G 46 11.92 20.24 -9.22
C PHE G 46 13.05 20.62 -8.24
N ASP G 47 14.22 20.95 -8.77
CA ASP G 47 15.35 21.33 -7.93
C ASP G 47 15.49 22.85 -7.97
N THR G 48 14.95 23.54 -6.96
CA THR G 48 14.99 25.00 -6.94
C THR G 48 16.41 25.58 -6.86
N PHE G 49 17.29 24.96 -6.10
CA PHE G 49 18.65 25.44 -6.00
C PHE G 49 19.33 25.37 -7.37
N GLU G 50 19.07 24.28 -8.08
CA GLU G 50 19.65 24.09 -9.40
C GLU G 50 19.21 25.21 -10.35
N VAL G 51 17.90 25.42 -10.45
CA VAL G 51 17.37 26.44 -11.34
C VAL G 51 17.85 27.84 -10.96
N ALA G 52 18.11 28.06 -9.66
CA ALA G 52 18.57 29.36 -9.20
C ALA G 52 19.97 29.64 -9.73
N SER G 53 20.76 28.60 -9.94
CA SER G 53 22.12 28.77 -10.43
C SER G 53 22.16 28.98 -11.94
N ARG G 54 21.00 28.93 -12.59
CA ARG G 54 20.93 29.07 -14.03
C ARG G 54 20.14 30.26 -14.56
N VAL G 55 19.29 30.87 -13.72
CA VAL G 55 18.50 32.00 -14.16
C VAL G 55 18.64 33.20 -13.23
N PRO G 56 18.23 34.40 -13.70
CA PRO G 56 18.34 35.59 -12.86
C PRO G 56 17.57 35.51 -11.54
N SER G 57 16.34 35.00 -11.58
CA SER G 57 15.54 34.87 -10.37
C SER G 57 14.57 33.69 -10.45
N VAL G 58 14.87 32.61 -9.72
CA VAL G 58 13.98 31.47 -9.74
C VAL G 58 12.64 31.83 -9.09
N LEU G 59 12.68 32.70 -8.10
CA LEU G 59 11.44 33.10 -7.43
C LEU G 59 10.52 33.81 -8.40
N GLN G 60 11.05 34.80 -9.11
CA GLN G 60 10.22 35.54 -10.07
C GLN G 60 9.77 34.67 -11.24
N SER G 61 10.60 33.74 -11.69
CA SER G 61 10.23 32.85 -12.79
C SER G 61 9.12 31.90 -12.35
N VAL G 62 9.28 31.29 -11.18
CA VAL G 62 8.27 30.37 -10.67
C VAL G 62 6.95 31.11 -10.48
N ALA G 63 7.02 32.29 -9.87
CA ALA G 63 5.82 33.08 -9.59
C ALA G 63 5.09 33.44 -10.87
N MET G 64 5.85 33.74 -11.92
CA MET G 64 5.26 34.09 -13.19
C MET G 64 4.59 32.86 -13.80
N HIS G 65 5.27 31.73 -13.73
CA HIS G 65 4.71 30.51 -14.30
C HIS G 65 3.43 30.10 -13.58
N VAL G 66 3.43 30.19 -12.25
CA VAL G 66 2.26 29.82 -11.49
C VAL G 66 1.07 30.68 -11.89
N ALA G 67 1.29 32.00 -11.99
CA ALA G 67 0.22 32.93 -12.36
C ALA G 67 -0.35 32.62 -13.73
N LEU G 68 0.51 32.21 -14.66
CA LEU G 68 0.07 31.87 -15.99
C LEU G 68 -0.62 30.51 -15.97
N ALA G 69 0.05 29.51 -15.41
CA ALA G 69 -0.50 28.16 -15.34
C ALA G 69 -1.91 28.14 -14.76
N TRP G 70 -2.15 28.97 -13.75
CA TRP G 70 -3.46 29.02 -13.12
C TRP G 70 -4.32 30.19 -13.59
N ASP G 71 -3.94 30.79 -14.72
CA ASP G 71 -4.68 31.90 -15.32
C ASP G 71 -5.15 32.93 -14.29
N PHE G 72 -4.20 33.48 -13.55
CA PHE G 72 -4.49 34.48 -12.52
C PHE G 72 -5.07 35.79 -13.03
N PHE G 73 -4.56 36.30 -14.16
CA PHE G 73 -4.98 37.60 -14.65
C PHE G 73 -5.63 37.72 -16.03
N ALA G 74 -6.55 38.67 -16.14
CA ALA G 74 -7.26 38.94 -17.37
C ALA G 74 -6.65 40.17 -18.06
N SER G 75 -6.07 41.07 -17.27
CA SER G 75 -5.46 42.28 -17.80
C SER G 75 -3.96 42.29 -17.53
N GLN G 76 -3.18 42.76 -18.51
CA GLN G 76 -1.74 42.81 -18.36
C GLN G 76 -1.35 43.79 -17.25
N GLU G 77 -2.34 44.56 -16.82
CA GLU G 77 -2.15 45.54 -15.76
C GLU G 77 -2.01 44.80 -14.43
N GLU G 78 -2.85 43.80 -14.24
CA GLU G 78 -2.82 42.99 -13.01
C GLU G 78 -1.51 42.21 -13.00
N ALA G 79 -1.18 41.60 -14.13
CA ALA G 79 0.04 40.81 -14.24
C ALA G 79 1.29 41.65 -13.99
N GLN G 80 1.24 42.93 -14.34
CA GLN G 80 2.39 43.79 -14.13
C GLN G 80 2.58 44.07 -12.65
N LYS G 81 1.47 44.31 -11.94
CA LYS G 81 1.56 44.59 -10.52
C LYS G 81 2.12 43.36 -9.81
N TRP G 82 1.70 42.18 -10.27
CA TRP G 82 2.17 40.93 -9.70
C TRP G 82 3.67 40.77 -9.93
N ALA G 83 4.14 41.07 -11.14
CA ALA G 83 5.57 40.95 -11.45
C ALA G 83 6.37 41.87 -10.54
N PHE G 84 5.89 43.10 -10.36
CA PHE G 84 6.57 44.05 -9.50
C PHE G 84 6.50 43.62 -8.04
N LEU G 85 5.34 43.13 -7.63
CA LEU G 85 5.15 42.65 -6.26
C LEU G 85 6.18 41.58 -5.94
N VAL G 86 6.29 40.58 -6.81
CA VAL G 86 7.24 39.50 -6.56
C VAL G 86 8.68 39.99 -6.48
N ALA G 87 9.04 40.96 -7.32
CA ALA G 87 10.39 41.50 -7.29
C ALA G 87 10.64 42.18 -5.94
N ALA G 88 9.63 42.91 -5.46
CA ALA G 88 9.74 43.60 -4.17
C ALA G 88 9.85 42.54 -3.06
N VAL G 89 9.05 41.50 -3.15
CA VAL G 89 9.09 40.44 -2.16
C VAL G 89 10.51 39.88 -2.09
N GLU G 90 11.08 39.57 -3.25
CA GLU G 90 12.45 39.03 -3.28
C GLU G 90 13.42 40.01 -2.63
N ASN G 91 13.18 41.29 -2.85
CA ASN G 91 14.02 42.36 -2.31
C ASN G 91 13.94 42.41 -0.77
N ASN G 92 12.95 41.73 -0.22
CA ASN G 92 12.73 41.73 1.23
C ASN G 92 13.17 40.46 1.95
N TYR G 93 13.74 39.51 1.19
CA TYR G 93 14.24 38.29 1.79
C TYR G 93 15.73 38.53 2.05
N ARG G 94 16.20 38.09 3.20
CA ARG G 94 17.60 38.26 3.56
C ARG G 94 18.43 37.21 2.87
N PRO G 95 19.74 37.45 2.76
CA PRO G 95 20.65 36.51 2.13
C PRO G 95 21.03 35.42 3.13
N ASN G 96 20.02 34.81 3.74
CA ASN G 96 20.25 33.74 4.71
C ASN G 96 20.64 32.44 4.00
N PRO G 97 21.29 31.52 4.73
CA PRO G 97 21.67 30.26 4.10
C PRO G 97 20.42 29.46 3.71
N TYR G 98 19.37 29.53 4.53
CA TYR G 98 18.13 28.79 4.28
C TYR G 98 16.87 29.62 4.07
N HIS G 99 16.52 30.47 5.02
CA HIS G 99 15.31 31.29 4.89
C HIS G 99 15.56 32.49 4.00
N ASN G 100 15.63 32.19 2.70
CA ASN G 100 15.92 33.18 1.67
C ASN G 100 14.90 33.09 0.52
N ALA G 101 15.15 33.83 -0.56
CA ALA G 101 14.26 33.85 -1.72
C ALA G 101 14.21 32.51 -2.43
N ILE G 102 15.27 31.71 -2.32
CA ILE G 102 15.26 30.40 -2.95
C ILE G 102 14.26 29.51 -2.18
N HIS G 103 14.23 29.63 -0.86
CA HIS G 103 13.29 28.86 -0.04
C HIS G 103 11.88 29.33 -0.42
N ALA G 104 11.69 30.63 -0.61
CA ALA G 104 10.38 31.14 -0.99
C ALA G 104 9.93 30.51 -2.30
N ALA G 105 10.83 30.45 -3.27
CA ALA G 105 10.50 29.88 -4.58
C ALA G 105 10.21 28.40 -4.45
N ASP G 106 11.01 27.73 -3.62
CA ASP G 106 10.87 26.31 -3.40
C ASP G 106 9.50 25.98 -2.81
N VAL G 107 9.10 26.76 -1.81
CA VAL G 107 7.82 26.54 -1.15
C VAL G 107 6.65 26.90 -2.07
N LEU G 108 6.84 27.91 -2.92
CA LEU G 108 5.80 28.31 -3.86
C LEU G 108 5.62 27.22 -4.90
N GLN G 109 6.72 26.67 -5.40
CA GLN G 109 6.67 25.61 -6.41
C GLN G 109 6.12 24.33 -5.78
N GLY G 110 6.55 24.05 -4.55
CA GLY G 110 6.07 22.87 -3.85
C GLY G 110 4.57 22.92 -3.65
N THR G 111 4.07 24.06 -3.19
CA THR G 111 2.64 24.23 -2.97
C THR G 111 1.93 24.05 -4.31
N PHE G 112 2.52 24.61 -5.36
CA PHE G 112 1.95 24.50 -6.69
C PHE G 112 1.90 23.03 -7.09
N SER G 113 2.99 22.31 -6.85
CA SER G 113 3.07 20.89 -7.17
C SER G 113 2.07 20.04 -6.39
N LEU G 114 2.01 20.24 -5.07
CA LEU G 114 1.09 19.46 -4.23
C LEU G 114 -0.37 19.71 -4.57
N VAL G 115 -0.73 20.98 -4.73
CA VAL G 115 -2.11 21.32 -5.05
C VAL G 115 -2.50 20.74 -6.41
N SER G 116 -1.64 20.91 -7.41
CA SER G 116 -1.92 20.41 -8.75
C SER G 116 -2.15 18.90 -8.74
N ALA G 117 -1.49 18.20 -7.82
CA ALA G 117 -1.64 16.75 -7.73
C ALA G 117 -2.87 16.32 -6.94
N ALA G 118 -3.52 17.28 -6.26
CA ALA G 118 -4.70 16.98 -5.45
C ALA G 118 -6.00 17.25 -6.20
N LYS G 119 -6.51 16.21 -6.86
CA LYS G 119 -7.74 16.28 -7.66
C LYS G 119 -8.94 16.99 -7.02
N PRO G 120 -9.37 16.55 -5.83
CA PRO G 120 -10.52 17.24 -5.22
C PRO G 120 -10.28 18.71 -4.95
N LEU G 121 -9.01 19.07 -4.78
CA LEU G 121 -8.65 20.46 -4.53
C LEU G 121 -8.67 21.26 -5.82
N MET G 122 -8.13 20.68 -6.90
CA MET G 122 -8.12 21.37 -8.18
C MET G 122 -9.54 21.59 -8.72
N GLU G 123 -10.47 20.73 -8.31
CA GLU G 123 -11.85 20.84 -8.77
C GLU G 123 -12.64 21.97 -8.08
N HIS G 124 -12.37 22.17 -6.80
CA HIS G 124 -13.12 23.14 -6.03
C HIS G 124 -12.43 24.43 -5.61
N LEU G 125 -11.12 24.54 -5.81
CA LEU G 125 -10.44 25.76 -5.43
C LEU G 125 -10.91 26.92 -6.32
N THR G 126 -11.22 28.06 -5.73
CA THR G 126 -11.65 29.21 -6.52
C THR G 126 -10.39 29.94 -6.98
N PRO G 127 -10.51 30.78 -8.02
CA PRO G 127 -9.31 31.50 -8.47
C PRO G 127 -8.75 32.40 -7.37
N LEU G 128 -9.64 32.95 -6.54
CA LEU G 128 -9.22 33.81 -5.44
C LEU G 128 -8.38 32.99 -4.46
N GLU G 129 -8.84 31.77 -4.15
CA GLU G 129 -8.11 30.92 -3.23
C GLU G 129 -6.74 30.52 -3.77
N CYS G 130 -6.64 30.25 -5.07
CA CYS G 130 -5.35 29.90 -5.68
C CYS G 130 -4.38 31.08 -5.62
N LYS G 131 -4.89 32.29 -5.82
CA LYS G 131 -4.05 33.47 -5.77
C LYS G 131 -3.56 33.68 -4.33
N ALA G 132 -4.44 33.43 -3.37
CA ALA G 132 -4.08 33.58 -1.97
C ALA G 132 -2.99 32.56 -1.62
N ALA G 133 -3.14 31.35 -2.13
CA ALA G 133 -2.17 30.30 -1.87
C ALA G 133 -0.79 30.65 -2.41
N ALA G 134 -0.75 31.11 -3.65
CA ALA G 134 0.53 31.46 -4.27
C ALA G 134 1.16 32.65 -3.55
N PHE G 135 0.34 33.66 -3.25
CA PHE G 135 0.82 34.85 -2.56
C PHE G 135 1.33 34.51 -1.16
N ALA G 136 0.63 33.60 -0.48
CA ALA G 136 1.03 33.20 0.86
C ALA G 136 2.38 32.45 0.82
N ALA G 137 2.52 31.50 -0.09
CA ALA G 137 3.78 30.74 -0.21
C ALA G 137 4.97 31.65 -0.51
N LEU G 138 4.75 32.56 -1.46
CA LEU G 138 5.76 33.53 -1.89
C LEU G 138 6.26 34.42 -0.75
N THR G 139 5.34 34.88 0.09
CA THR G 139 5.66 35.77 1.19
C THR G 139 5.78 35.15 2.58
N HIS G 140 5.56 33.84 2.69
CA HIS G 140 5.55 33.17 3.99
C HIS G 140 6.73 33.34 4.94
N ASP G 141 7.92 33.63 4.43
CA ASP G 141 9.11 33.82 5.27
C ASP G 141 9.77 35.18 5.01
N VAL G 142 9.07 36.09 4.36
CA VAL G 142 9.66 37.39 4.04
C VAL G 142 10.22 38.14 5.26
N CYS G 143 11.46 38.61 5.12
CA CYS G 143 12.17 39.35 6.16
C CYS G 143 12.68 38.44 7.26
N HIS G 144 12.63 37.13 7.05
CA HIS G 144 13.10 36.19 8.05
C HIS G 144 14.56 36.55 8.39
N PRO G 145 14.89 36.63 9.69
CA PRO G 145 16.26 36.97 10.11
C PRO G 145 17.25 35.83 10.29
N GLY G 146 16.82 34.59 10.01
CA GLY G 146 17.74 33.47 10.16
C GLY G 146 17.90 33.05 11.60
N ARG G 147 16.89 33.37 12.41
CA ARG G 147 16.86 33.04 13.84
C ARG G 147 15.42 32.61 14.14
N THR G 148 15.24 31.78 15.16
CA THR G 148 13.91 31.28 15.51
C THR G 148 13.09 32.22 16.37
N ASN G 149 11.81 31.88 16.55
CA ASN G 149 10.93 32.67 17.41
C ASN G 149 11.45 32.66 18.84
N ALA G 150 11.99 31.52 19.27
CA ALA G 150 12.51 31.41 20.62
C ALA G 150 13.71 32.34 20.82
N PHE G 151 14.57 32.42 19.81
CA PHE G 151 15.74 33.30 19.90
C PHE G 151 15.29 34.76 20.04
N LEU G 152 14.30 35.16 19.25
CA LEU G 152 13.81 36.52 19.31
C LEU G 152 13.32 36.85 20.72
N ALA G 153 12.60 35.91 21.33
CA ALA G 153 12.11 36.12 22.69
C ALA G 153 13.28 36.22 23.68
N ALA G 154 14.26 35.34 23.53
CA ALA G 154 15.42 35.30 24.44
C ALA G 154 16.24 36.58 24.44
N VAL G 155 16.27 37.27 23.31
CA VAL G 155 17.03 38.52 23.18
C VAL G 155 16.11 39.70 23.45
N GLN G 156 14.84 39.42 23.70
CA GLN G 156 13.85 40.44 23.98
C GLN G 156 13.70 41.41 22.80
N ASP G 157 13.64 40.85 21.59
CA ASP G 157 13.51 41.65 20.37
C ASP G 157 12.15 42.34 20.34
N PRO G 158 12.12 43.61 19.90
CA PRO G 158 10.83 44.31 19.86
C PRO G 158 9.74 43.57 19.08
N VAL G 159 10.11 42.82 18.05
CA VAL G 159 9.11 42.09 17.27
C VAL G 159 8.35 41.09 18.14
N SER G 160 9.02 40.54 19.16
CA SER G 160 8.39 39.59 20.06
C SER G 160 7.37 40.28 20.96
N PHE G 161 7.58 41.57 21.20
CA PHE G 161 6.64 42.34 22.00
C PHE G 161 5.51 42.85 21.11
N LYS G 162 5.82 43.19 19.87
CA LYS G 162 4.80 43.70 18.95
C LYS G 162 3.80 42.60 18.55
N PHE G 163 4.30 41.42 18.21
CA PHE G 163 3.43 40.32 17.84
C PHE G 163 3.45 39.32 19.00
N SER G 164 2.39 39.37 19.79
CA SER G 164 2.25 38.53 20.97
C SER G 164 1.68 37.16 20.71
N GLY G 165 1.95 36.25 21.63
CA GLY G 165 1.48 34.89 21.48
C GLY G 165 2.40 34.07 20.62
N LYS G 166 1.93 32.90 20.18
CA LYS G 166 2.75 32.05 19.35
C LYS G 166 2.87 32.56 17.91
N GLY G 167 3.89 32.07 17.21
CA GLY G 167 4.09 32.45 15.82
C GLY G 167 4.53 33.88 15.62
N THR G 168 5.51 34.32 16.42
CA THR G 168 6.01 35.68 16.33
C THR G 168 6.38 36.06 14.90
N LEU G 169 7.34 35.34 14.31
CA LEU G 169 7.77 35.63 12.95
C LEU G 169 6.65 35.50 11.92
N GLU G 170 5.85 34.44 12.06
CA GLU G 170 4.74 34.20 11.15
C GLU G 170 3.78 35.39 11.12
N GLN G 171 3.53 36.00 12.27
CA GLN G 171 2.66 37.17 12.32
C GLN G 171 3.33 38.32 11.58
N LEU G 172 4.65 38.41 11.71
CA LEU G 172 5.40 39.48 11.03
C LEU G 172 5.45 39.28 9.52
N HIS G 173 5.70 38.03 9.08
CA HIS G 173 5.73 37.75 7.65
C HIS G 173 4.41 38.19 7.04
N THR G 174 3.32 37.87 7.73
CA THR G 174 1.97 38.22 7.27
C THR G 174 1.79 39.74 7.19
N ALA G 175 2.15 40.46 8.24
CA ALA G 175 2.02 41.90 8.25
C ALA G 175 2.81 42.53 7.12
N THR G 176 4.02 42.03 6.91
CA THR G 176 4.90 42.53 5.86
C THR G 176 4.29 42.28 4.49
N ALA G 177 3.69 41.10 4.31
CA ALA G 177 3.06 40.73 3.05
C ALA G 177 1.97 41.73 2.66
N PHE G 178 1.07 42.03 3.60
CA PHE G 178 0.00 42.97 3.34
C PHE G 178 0.49 44.40 3.18
N GLU G 179 1.64 44.70 3.78
CA GLU G 179 2.21 46.03 3.68
C GLU G 179 2.68 46.24 2.23
N LEU G 180 3.35 45.24 1.69
CA LEU G 180 3.85 45.29 0.32
C LEU G 180 2.69 45.30 -0.67
N LEU G 181 1.70 44.45 -0.43
CA LEU G 181 0.54 44.35 -1.31
C LEU G 181 -0.21 45.67 -1.35
N ASN G 182 -0.02 46.49 -0.32
CA ASN G 182 -0.69 47.78 -0.22
C ASN G 182 -0.08 48.84 -1.13
N VAL G 183 1.13 48.60 -1.60
CA VAL G 183 1.81 49.55 -2.50
C VAL G 183 1.07 49.54 -3.85
N THR G 184 0.61 50.71 -4.28
CA THR G 184 -0.13 50.82 -5.53
C THR G 184 0.46 50.02 -6.67
N GLU G 185 1.77 50.13 -6.87
CA GLU G 185 2.46 49.42 -7.95
C GLU G 185 2.50 47.89 -7.78
N PHE G 186 2.28 47.42 -6.55
CA PHE G 186 2.32 45.98 -6.30
C PHE G 186 0.94 45.37 -6.03
N ASP G 187 -0.07 46.22 -5.88
CA ASP G 187 -1.42 45.74 -5.56
C ASP G 187 -2.16 45.07 -6.71
N PHE G 188 -1.85 43.80 -6.97
CA PHE G 188 -2.52 43.08 -8.05
C PHE G 188 -3.95 42.70 -7.68
N THR G 189 -4.34 42.92 -6.43
CA THR G 189 -5.68 42.60 -5.98
C THR G 189 -6.57 43.84 -5.89
N SER G 190 -6.06 44.97 -6.34
CA SER G 190 -6.83 46.22 -6.29
C SER G 190 -8.14 46.09 -7.06
N SER G 191 -8.18 45.15 -8.01
CA SER G 191 -9.38 44.93 -8.81
C SER G 191 -10.46 44.13 -8.09
N MET G 192 -10.10 43.48 -6.98
CA MET G 192 -11.08 42.70 -6.22
C MET G 192 -11.97 43.65 -5.44
N ASP G 193 -13.26 43.29 -5.30
CA ASP G 193 -14.16 44.13 -4.53
C ASP G 193 -13.82 43.91 -3.05
N ASN G 194 -14.29 44.79 -2.19
CA ASN G 194 -14.02 44.71 -0.76
C ASN G 194 -14.29 43.36 -0.11
N ALA G 195 -15.40 42.71 -0.46
CA ALA G 195 -15.72 41.40 0.13
C ALA G 195 -14.70 40.34 -0.29
N SER G 196 -14.28 40.38 -1.56
CA SER G 196 -13.30 39.42 -2.07
C SER G 196 -11.93 39.65 -1.45
N PHE G 197 -11.51 40.91 -1.36
CA PHE G 197 -10.22 41.24 -0.79
C PHE G 197 -10.14 40.82 0.68
N LEU G 198 -11.27 40.93 1.38
CA LEU G 198 -11.31 40.54 2.79
C LEU G 198 -11.06 39.04 2.86
N GLU G 199 -11.79 38.29 2.03
CA GLU G 199 -11.64 36.84 1.99
C GLU G 199 -10.17 36.50 1.68
N PHE G 200 -9.59 37.23 0.73
CA PHE G 200 -8.20 37.00 0.35
C PHE G 200 -7.26 37.15 1.55
N LYS G 201 -7.38 38.26 2.26
CA LYS G 201 -6.53 38.50 3.43
C LYS G 201 -6.69 37.43 4.50
N ASN G 202 -7.93 37.05 4.79
CA ASN G 202 -8.19 36.05 5.81
C ASN G 202 -7.57 34.70 5.46
N ILE G 203 -7.57 34.36 4.18
CA ILE G 203 -7.00 33.09 3.75
C ILE G 203 -5.48 33.14 3.87
N VAL G 204 -4.89 34.24 3.42
CA VAL G 204 -3.45 34.41 3.48
C VAL G 204 -2.97 34.39 4.93
N SER G 205 -3.70 35.08 5.81
CA SER G 205 -3.36 35.14 7.22
C SER G 205 -3.36 33.74 7.83
N HIS G 206 -4.38 32.97 7.50
CA HIS G 206 -4.50 31.60 8.00
C HIS G 206 -3.35 30.74 7.49
N LEU G 207 -3.08 30.81 6.19
CA LEU G 207 -2.02 30.02 5.56
C LEU G 207 -0.60 30.29 6.10
N ILE G 208 -0.21 31.56 6.17
CA ILE G 208 1.10 31.89 6.69
C ILE G 208 1.12 31.56 8.19
N GLY G 209 0.03 31.87 8.87
CA GLY G 209 -0.05 31.57 10.29
C GLY G 209 0.20 30.11 10.59
N HIS G 210 -0.26 29.23 9.71
CA HIS G 210 -0.05 27.81 9.93
C HIS G 210 1.30 27.24 9.53
N THR G 211 2.24 28.12 9.18
CA THR G 211 3.60 27.67 8.87
C THR G 211 4.39 27.63 10.19
N ASP G 212 3.75 28.08 11.27
CA ASP G 212 4.39 28.08 12.60
C ASP G 212 4.61 26.63 13.03
N MET G 213 5.87 26.27 13.24
CA MET G 213 6.23 24.92 13.65
C MET G 213 5.60 24.49 14.97
N SER G 214 5.35 25.44 15.86
CA SER G 214 4.76 25.12 17.16
C SER G 214 3.39 24.49 17.00
N LEU G 215 2.77 24.69 15.84
CA LEU G 215 1.44 24.16 15.57
C LEU G 215 1.46 22.78 14.93
N HIS G 216 2.65 22.32 14.57
CA HIS G 216 2.80 21.03 13.91
C HIS G 216 2.06 19.85 14.52
N SER G 217 2.52 19.37 15.67
CA SER G 217 1.91 18.23 16.35
C SER G 217 0.39 18.30 16.41
N GLU G 218 -0.12 19.49 16.75
CA GLU G 218 -1.55 19.72 16.86
C GLU G 218 -2.27 19.55 15.52
N THR G 219 -1.68 20.08 14.45
CA THR G 219 -2.30 19.96 13.13
C THR G 219 -2.29 18.52 12.64
N VAL G 220 -1.21 17.80 12.93
CA VAL G 220 -1.11 16.41 12.52
C VAL G 220 -2.18 15.57 13.22
N ALA G 221 -2.38 15.82 14.52
CA ALA G 221 -3.39 15.08 15.27
C ALA G 221 -4.78 15.46 14.76
N LYS G 222 -4.97 16.74 14.46
CA LYS G 222 -6.25 17.24 13.96
C LYS G 222 -6.65 16.60 12.62
N HIS G 223 -5.76 16.69 11.65
CA HIS G 223 -6.05 16.13 10.33
C HIS G 223 -6.06 14.60 10.35
N GLY G 224 -5.31 14.01 11.28
CA GLY G 224 -5.31 12.56 11.39
C GLY G 224 -6.71 12.11 11.77
N ALA G 225 -7.37 12.87 12.65
CA ALA G 225 -8.72 12.54 13.06
C ALA G 225 -9.66 12.83 11.90
N LYS G 226 -9.38 13.89 11.16
CA LYS G 226 -10.20 14.29 10.00
C LYS G 226 -10.15 13.12 9.04
N LEU G 227 -8.95 12.55 8.91
CA LEU G 227 -8.72 11.41 8.04
C LEU G 227 -9.66 10.28 8.44
N SER G 228 -9.64 9.93 9.72
CA SER G 228 -10.47 8.86 10.23
C SER G 228 -11.95 9.09 9.91
N ALA G 229 -12.34 10.37 9.89
CA ALA G 229 -13.73 10.71 9.61
C ALA G 229 -14.04 10.81 8.11
N GLY G 230 -13.08 10.43 7.26
CA GLY G 230 -13.33 10.48 5.83
C GLY G 230 -12.51 11.49 5.03
N GLY G 231 -11.66 12.26 5.71
CA GLY G 231 -10.85 13.25 5.02
C GLY G 231 -11.55 14.57 4.76
N PHE G 232 -10.97 15.39 3.89
CA PHE G 232 -11.54 16.69 3.58
C PHE G 232 -12.69 16.63 2.58
N ASP G 233 -13.68 17.50 2.77
CA ASP G 233 -14.81 17.61 1.85
C ASP G 233 -14.54 18.94 1.16
N CYS G 234 -13.85 18.88 0.04
CA CYS G 234 -13.47 20.11 -0.67
C CYS G 234 -14.58 20.96 -1.27
N THR G 235 -15.83 20.55 -1.10
CA THR G 235 -16.94 21.35 -1.61
C THR G 235 -17.16 22.44 -0.55
N CYS G 236 -16.56 22.21 0.61
CA CYS G 236 -16.65 23.12 1.76
C CYS G 236 -15.44 24.07 1.81
N LYS G 237 -15.72 25.36 1.90
CA LYS G 237 -14.69 26.39 1.96
C LYS G 237 -13.72 26.15 3.10
N GLU G 238 -14.27 25.84 4.27
CA GLU G 238 -13.48 25.59 5.47
C GLU G 238 -12.47 24.47 5.24
N ASP G 239 -12.93 23.36 4.67
CA ASP G 239 -12.04 22.23 4.42
C ASP G 239 -10.94 22.54 3.42
N ARG G 240 -11.29 23.27 2.37
CA ARG G 240 -10.30 23.64 1.35
C ARG G 240 -9.19 24.45 2.00
N LEU G 241 -9.56 25.38 2.87
CA LEU G 241 -8.58 26.21 3.55
C LEU G 241 -7.65 25.35 4.41
N GLU G 242 -8.23 24.40 5.13
CA GLU G 242 -7.45 23.50 5.97
C GLU G 242 -6.50 22.66 5.13
N ALA G 243 -7.00 22.19 3.97
CA ALA G 243 -6.18 21.37 3.09
C ALA G 243 -5.01 22.19 2.53
N LEU G 244 -5.29 23.42 2.08
CA LEU G 244 -4.23 24.29 1.55
C LEU G 244 -3.20 24.54 2.64
N SER G 245 -3.68 24.76 3.85
CA SER G 245 -2.84 25.02 4.99
C SER G 245 -1.87 23.85 5.23
N LEU G 246 -2.36 22.63 5.07
CA LEU G 246 -1.53 21.45 5.26
C LEU G 246 -0.52 21.29 4.12
N LEU G 247 -0.98 21.52 2.90
CA LEU G 247 -0.09 21.41 1.74
C LEU G 247 1.01 22.48 1.77
N LEU G 248 0.66 23.70 2.18
CA LEU G 248 1.65 24.77 2.28
C LEU G 248 2.71 24.39 3.31
N HIS G 249 2.26 23.93 4.48
CA HIS G 249 3.15 23.51 5.56
C HIS G 249 4.03 22.35 5.13
N ALA G 250 3.46 21.38 4.41
CA ALA G 250 4.22 20.22 3.95
C ALA G 250 5.32 20.67 2.97
N ALA G 251 4.99 21.58 2.06
CA ALA G 251 5.95 22.08 1.09
C ALA G 251 7.05 22.87 1.81
N ASP G 252 6.66 23.65 2.80
CA ASP G 252 7.58 24.47 3.57
C ASP G 252 8.68 23.62 4.23
N ILE G 253 8.27 22.51 4.85
CA ILE G 253 9.23 21.63 5.51
C ILE G 253 9.57 20.37 4.71
N GLY G 254 9.16 20.30 3.45
CA GLY G 254 9.41 19.07 2.69
C GLY G 254 10.49 18.93 1.64
N ALA G 255 11.41 19.89 1.55
CA ALA G 255 12.47 19.78 0.55
C ALA G 255 13.22 18.45 0.64
N SER G 256 13.39 17.92 1.85
CA SER G 256 14.11 16.66 2.03
C SER G 256 13.36 15.45 1.43
N SER G 257 12.11 15.64 1.01
CA SER G 257 11.33 14.55 0.41
C SER G 257 11.31 14.67 -1.11
N ARG G 258 12.13 15.56 -1.65
CA ARG G 258 12.17 15.77 -3.09
C ARG G 258 13.19 14.91 -3.82
N GLY G 259 14.03 14.22 -3.07
CA GLY G 259 15.05 13.38 -3.67
C GLY G 259 16.33 13.51 -2.87
N VAL G 260 17.18 12.51 -2.91
CA VAL G 260 18.42 12.54 -2.16
C VAL G 260 19.34 13.73 -2.49
N ALA G 261 19.50 14.03 -3.77
CA ALA G 261 20.36 15.13 -4.19
C ALA G 261 19.83 16.46 -3.68
N ILE G 262 18.53 16.68 -3.81
CA ILE G 262 17.92 17.93 -3.35
C ILE G 262 17.97 18.03 -1.82
N ALA G 263 17.66 16.95 -1.13
CA ALA G 263 17.69 16.96 0.33
C ALA G 263 19.04 17.46 0.85
N ARG G 264 20.13 16.97 0.27
CA ARG G 264 21.45 17.39 0.71
C ARG G 264 21.67 18.90 0.61
N LYS G 265 21.13 19.52 -0.43
CA LYS G 265 21.31 20.96 -0.62
C LYS G 265 20.62 21.78 0.46
N TRP G 266 19.51 21.27 0.98
CA TRP G 266 18.79 22.00 2.01
C TRP G 266 19.31 21.80 3.42
N LEU G 267 20.46 21.15 3.54
CA LEU G 267 21.06 20.94 4.85
C LEU G 267 21.66 22.27 5.32
N VAL G 268 21.60 23.28 4.44
CA VAL G 268 22.12 24.61 4.77
C VAL G 268 21.38 25.18 5.98
N ILE G 269 20.27 24.55 6.36
CA ILE G 269 19.52 25.00 7.52
C ILE G 269 20.44 24.86 8.75
N LEU G 270 21.31 23.85 8.73
CA LEU G 270 22.24 23.62 9.83
C LEU G 270 23.19 24.80 10.02
N GLN G 271 23.40 25.57 8.95
CA GLN G 271 24.27 26.74 9.05
C GLN G 271 23.58 27.81 9.88
N GLU G 272 22.27 27.99 9.68
CA GLU G 272 21.55 28.98 10.47
C GLU G 272 21.48 28.57 11.94
N PHE G 273 21.30 27.28 12.20
CA PHE G 273 21.25 26.80 13.58
C PHE G 273 22.60 27.05 14.26
N ALA G 274 23.69 26.70 13.58
CA ALA G 274 25.02 26.91 14.14
C ALA G 274 25.28 28.41 14.37
N ASP G 275 24.89 29.23 13.41
CA ASP G 275 25.08 30.67 13.54
C ASP G 275 24.32 31.15 14.78
N GLN G 276 23.10 30.65 14.95
CA GLN G 276 22.29 31.03 16.10
C GLN G 276 22.94 30.58 17.41
N ALA G 277 23.49 29.37 17.40
CA ALA G 277 24.14 28.85 18.59
C ALA G 277 25.35 29.69 18.98
N GLU G 278 26.10 30.16 17.98
CA GLU G 278 27.27 31.00 18.23
C GLU G 278 26.81 32.39 18.69
N ASP G 279 25.67 32.83 18.16
CA ASP G 279 25.10 34.13 18.50
C ASP G 279 24.70 34.12 19.98
N GLU G 280 24.05 33.04 20.40
CA GLU G 280 23.63 32.89 21.79
C GLU G 280 24.85 32.89 22.70
N ARG G 281 25.89 32.17 22.31
CA ARG G 281 27.11 32.10 23.11
C ARG G 281 27.72 33.50 23.26
N ARG G 282 27.80 34.24 22.17
CA ARG G 282 28.37 35.59 22.21
C ARG G 282 27.56 36.50 23.13
N ARG G 283 26.24 36.34 23.12
CA ARG G 283 25.35 37.16 23.95
C ARG G 283 25.28 36.66 25.39
N GLY G 284 25.98 35.58 25.68
CA GLY G 284 25.96 35.02 27.03
C GLY G 284 24.65 34.32 27.36
N LEU G 285 23.89 33.95 26.33
CA LEU G 285 22.63 33.26 26.54
C LEU G 285 22.83 31.76 26.47
N PRO G 286 21.86 30.99 26.99
CA PRO G 286 21.98 29.53 26.97
C PRO G 286 21.95 29.07 25.51
N VAL G 287 22.85 28.18 25.15
CA VAL G 287 22.89 27.67 23.78
C VAL G 287 21.76 26.68 23.58
N THR G 288 21.01 26.84 22.49
CA THR G 288 19.89 25.96 22.20
C THR G 288 20.38 24.55 21.87
N PRO G 289 19.86 23.54 22.58
CA PRO G 289 20.25 22.14 22.38
C PRO G 289 20.15 21.68 20.92
N GLY G 290 21.20 21.02 20.44
CA GLY G 290 21.20 20.52 19.09
C GLY G 290 21.49 21.48 17.95
N PHE G 291 21.66 22.76 18.26
CA PHE G 291 21.91 23.73 17.20
C PHE G 291 23.35 23.82 16.73
N GLU G 292 24.31 23.47 17.57
CA GLU G 292 25.70 23.50 17.14
C GLU G 292 25.87 22.42 16.07
N THR G 293 26.74 22.69 15.10
CA THR G 293 26.99 21.77 14.00
C THR G 293 27.16 20.34 14.53
N PRO G 294 26.30 19.43 14.07
CA PRO G 294 26.42 18.04 14.52
C PRO G 294 27.64 17.33 13.94
N SER G 295 28.28 16.51 14.76
CA SER G 295 29.46 15.76 14.31
C SER G 295 29.03 14.85 13.17
N SER G 296 27.84 14.28 13.29
CA SER G 296 27.30 13.41 12.25
C SER G 296 25.98 14.00 11.75
N VAL G 297 26.03 14.67 10.61
CA VAL G 297 24.84 15.28 10.02
C VAL G 297 23.80 14.19 9.74
N GLU G 298 24.21 13.13 9.05
CA GLU G 298 23.30 12.04 8.72
C GLU G 298 22.57 11.49 9.94
N LYS G 299 23.31 11.19 11.01
CA LYS G 299 22.71 10.66 12.23
C LYS G 299 21.67 11.60 12.83
N SER G 300 21.98 12.89 12.88
CA SER G 300 21.06 13.84 13.47
C SER G 300 19.83 14.11 12.61
N GLN G 301 19.93 13.84 11.31
CA GLN G 301 18.80 14.06 10.42
C GLN G 301 17.71 13.01 10.61
N ILE G 302 18.11 11.82 11.02
CA ILE G 302 17.18 10.71 11.23
C ILE G 302 15.98 11.02 12.15
N PRO G 303 16.23 11.57 13.35
CA PRO G 303 15.10 11.88 14.23
C PRO G 303 14.16 12.91 13.61
N PHE G 304 14.75 13.86 12.88
CA PHE G 304 13.99 14.91 12.20
C PHE G 304 13.05 14.27 11.19
N LEU G 305 13.57 13.33 10.42
CA LEU G 305 12.77 12.63 9.44
C LEU G 305 11.65 11.84 10.12
N ASP G 306 12.00 11.10 11.16
CA ASP G 306 11.02 10.27 11.88
C ASP G 306 9.96 11.03 12.66
N PHE G 307 10.35 12.13 13.28
CA PHE G 307 9.44 12.91 14.11
C PHE G 307 8.59 13.95 13.38
N PHE G 308 9.13 14.54 12.32
CA PHE G 308 8.41 15.58 11.59
C PHE G 308 7.94 15.27 10.18
N VAL G 309 8.90 15.16 9.28
CA VAL G 309 8.64 14.93 7.87
C VAL G 309 7.88 13.68 7.47
N ILE G 310 8.38 12.51 7.85
CA ILE G 310 7.71 11.27 7.47
C ILE G 310 6.24 11.22 7.93
N PRO G 311 5.96 11.58 9.20
CA PRO G 311 4.55 11.54 9.63
C PRO G 311 3.68 12.48 8.79
N THR G 312 4.24 13.64 8.46
CA THR G 312 3.54 14.64 7.66
C THR G 312 3.14 14.10 6.29
N PHE G 313 4.10 13.52 5.58
CA PHE G 313 3.80 12.99 4.25
C PHE G 313 3.08 11.64 4.24
N ASP G 314 3.08 10.97 5.39
CA ASP G 314 2.35 9.71 5.50
C ASP G 314 0.90 10.19 5.59
N LEU G 315 0.67 11.20 6.42
CA LEU G 315 -0.66 11.77 6.57
C LEU G 315 -1.16 12.29 5.22
N LEU G 316 -0.31 13.06 4.53
CA LEU G 316 -0.68 13.61 3.22
C LEU G 316 -1.07 12.51 2.24
N HIS G 317 -0.29 11.43 2.23
CA HIS G 317 -0.57 10.32 1.31
C HIS G 317 -1.91 9.64 1.64
N GLN G 318 -2.22 9.53 2.92
CA GLN G 318 -3.48 8.90 3.32
C GLN G 318 -4.67 9.80 2.98
N LEU G 319 -4.50 11.11 3.14
CA LEU G 319 -5.58 12.04 2.82
C LEU G 319 -5.75 12.17 1.30
N PHE G 320 -4.63 12.26 0.58
CA PHE G 320 -4.65 12.38 -0.88
C PHE G 320 -3.72 11.33 -1.48
N PRO G 321 -4.25 10.13 -1.73
CA PRO G 321 -3.48 9.02 -2.30
C PRO G 321 -2.60 9.30 -3.51
N SER G 322 -2.88 10.35 -4.27
CA SER G 322 -2.06 10.65 -5.43
C SER G 322 -0.68 11.16 -5.00
N ILE G 323 -0.58 11.67 -3.78
CA ILE G 323 0.69 12.18 -3.26
C ILE G 323 1.49 11.04 -2.63
N GLU G 324 2.19 10.27 -3.46
CA GLU G 324 2.97 9.12 -3.00
C GLU G 324 4.48 9.31 -2.91
N GLU G 325 5.05 9.86 -3.99
CA GLU G 325 6.50 10.08 -4.10
C GLU G 325 7.24 10.63 -2.89
N PRO G 326 6.73 11.72 -2.28
CA PRO G 326 7.46 12.25 -1.13
C PRO G 326 7.73 11.23 -0.04
N LEU G 327 6.68 10.53 0.40
CA LEU G 327 6.85 9.53 1.44
C LEU G 327 7.93 8.52 1.02
N HIS G 328 7.85 8.09 -0.23
CA HIS G 328 8.81 7.14 -0.77
C HIS G 328 10.25 7.70 -0.70
N ASN G 329 10.41 8.94 -1.13
CA ASN G 329 11.73 9.57 -1.13
C ASN G 329 12.30 9.69 0.27
N LEU G 330 11.44 10.00 1.24
CA LEU G 330 11.88 10.13 2.62
C LEU G 330 12.41 8.82 3.18
N ARG G 331 11.73 7.71 2.90
CA ARG G 331 12.19 6.41 3.39
C ARG G 331 13.52 6.03 2.76
N LYS G 332 13.70 6.38 1.49
CA LYS G 332 14.96 6.09 0.80
C LYS G 332 16.06 6.96 1.41
N LEU G 333 15.74 8.23 1.66
CA LEU G 333 16.73 9.13 2.26
C LEU G 333 17.12 8.63 3.65
N ARG G 334 16.11 8.27 4.45
CA ARG G 334 16.36 7.78 5.81
C ARG G 334 17.26 6.55 5.82
N GLU G 335 17.06 5.65 4.86
CA GLU G 335 17.89 4.44 4.78
C GLU G 335 19.34 4.82 4.44
N LEU G 336 19.51 5.76 3.53
CA LEU G 336 20.84 6.20 3.13
C LEU G 336 21.55 6.83 4.34
N TYR G 337 20.83 7.63 5.11
CA TYR G 337 21.43 8.26 6.30
C TYR G 337 21.85 7.21 7.33
N ALA G 338 20.93 6.33 7.68
CA ALA G 338 21.21 5.29 8.65
C ALA G 338 22.43 4.45 8.25
N ALA G 339 22.52 4.10 6.97
CA ALA G 339 23.64 3.31 6.48
C ALA G 339 24.95 4.07 6.57
N LYS G 340 24.95 5.32 6.09
CA LYS G 340 26.14 6.15 6.11
C LYS G 340 26.62 6.37 7.54
N ALA G 341 25.67 6.58 8.44
CA ALA G 341 25.99 6.82 9.86
C ALA G 341 26.20 5.53 10.63
N GLY G 342 26.06 4.39 9.95
CA GLY G 342 26.25 3.12 10.63
C GLY G 342 25.23 2.91 11.74
N VAL G 343 23.99 3.32 11.48
CA VAL G 343 22.91 3.18 12.45
C VAL G 343 22.06 1.95 12.11
N THR G 344 21.95 1.02 13.07
CA THR G 344 21.18 -0.20 12.87
C THR G 344 19.69 0.04 13.18
N THR H 11 11.36 -31.70 39.30
CA THR H 11 11.59 -30.23 39.44
C THR H 11 12.74 -29.78 38.55
N ARG H 12 12.87 -28.48 38.38
CA ARG H 12 13.93 -27.91 37.55
C ARG H 12 15.28 -27.97 38.23
N ARG H 13 16.19 -28.74 37.64
CA ARG H 13 17.53 -28.81 38.20
C ARG H 13 18.35 -27.78 37.42
N LEU H 14 18.78 -26.74 38.11
CA LEU H 14 19.59 -25.71 37.47
C LEU H 14 21.00 -25.77 38.03
N PRO H 15 21.98 -25.26 37.27
CA PRO H 15 23.37 -25.28 37.75
C PRO H 15 23.52 -24.25 38.86
N PRO H 16 24.58 -24.35 39.66
CA PRO H 16 24.73 -23.34 40.71
C PRO H 16 24.99 -22.01 40.00
N SER H 17 24.83 -20.90 40.71
CA SER H 17 25.03 -19.57 40.13
C SER H 17 26.43 -19.00 40.30
N ILE H 18 26.93 -18.30 39.28
CA ILE H 18 28.27 -17.71 39.38
C ILE H 18 28.19 -16.45 40.24
N VAL H 19 26.96 -15.99 40.51
CA VAL H 19 26.76 -14.80 41.32
C VAL H 19 26.70 -15.19 42.80
N GLN H 20 27.46 -14.48 43.63
CA GLN H 20 27.50 -14.75 45.06
C GLN H 20 26.27 -14.20 45.78
N ASP H 21 26.00 -14.76 46.95
CA ASP H 21 24.86 -14.34 47.76
C ASP H 21 25.10 -12.94 48.36
N THR H 22 24.02 -12.20 48.56
CA THR H 22 24.13 -10.87 49.14
C THR H 22 24.67 -11.04 50.56
N ILE H 23 25.61 -10.19 50.95
CA ILE H 23 26.18 -10.24 52.30
C ILE H 23 25.63 -9.06 53.10
N LEU H 24 24.76 -9.36 54.06
CA LEU H 24 24.12 -8.33 54.87
C LEU H 24 24.87 -7.91 56.14
N ALA H 25 25.94 -8.61 56.48
CA ALA H 25 26.70 -8.29 57.68
C ALA H 25 27.10 -6.82 57.76
N VAL H 26 26.92 -6.24 58.94
CA VAL H 26 27.27 -4.84 59.16
C VAL H 26 28.79 -4.74 59.24
N VAL H 27 29.39 -4.05 58.27
CA VAL H 27 30.83 -3.88 58.26
C VAL H 27 31.19 -2.47 58.69
N PRO H 28 32.21 -2.33 59.55
CA PRO H 28 32.60 -1.00 60.02
C PRO H 28 33.19 -0.15 58.88
N PRO H 29 32.69 1.08 58.73
CA PRO H 29 33.18 1.96 57.67
C PRO H 29 34.63 2.35 57.90
N LYS H 30 35.40 2.51 56.82
CA LYS H 30 36.80 2.87 56.94
C LYS H 30 37.02 4.35 57.27
N SER H 31 38.26 4.70 57.52
CA SER H 31 38.66 6.07 57.86
C SER H 31 38.03 7.16 57.01
N CYS H 32 37.94 6.94 55.71
CA CYS H 32 37.38 7.92 54.79
C CYS H 32 38.28 9.15 54.76
N ALA H 33 39.36 9.06 54.01
CA ALA H 33 40.31 10.17 53.89
C ALA H 33 39.68 11.31 53.09
N ALA H 34 40.52 12.05 52.37
CA ALA H 34 40.05 13.17 51.56
C ALA H 34 40.76 13.18 50.21
N VAL H 39 36.44 19.25 46.68
CA VAL H 39 37.23 20.29 45.96
C VAL H 39 37.41 19.92 44.49
N ASP H 40 38.20 18.89 44.24
CA ASP H 40 38.46 18.42 42.87
C ASP H 40 37.47 17.31 42.54
N LEU H 41 36.41 17.21 43.33
CA LEU H 41 35.41 16.17 43.11
C LEU H 41 34.45 16.50 41.97
N ARG H 42 34.41 17.75 41.56
CA ARG H 42 33.54 18.14 40.45
C ARG H 42 34.27 18.03 39.13
N ASP H 43 35.59 17.82 39.19
CA ASP H 43 36.42 17.72 38.00
C ASP H 43 36.34 16.37 37.30
N TRP H 44 36.03 16.42 36.01
CA TRP H 44 35.91 15.21 35.20
C TRP H 44 37.26 14.50 35.13
N GLY H 45 38.31 15.24 35.47
CA GLY H 45 39.66 14.69 35.45
C GLY H 45 40.01 13.84 36.66
N PHE H 46 39.06 13.71 37.58
CA PHE H 46 39.26 12.93 38.79
C PHE H 46 39.73 11.53 38.40
N ASP H 47 40.85 11.08 38.98
CA ASP H 47 41.40 9.76 38.67
C ASP H 47 41.12 8.82 39.83
N THR H 48 40.00 8.10 39.76
CA THR H 48 39.59 7.17 40.82
C THR H 48 40.62 6.11 41.19
N PHE H 49 41.28 5.53 40.19
CA PHE H 49 42.28 4.50 40.44
C PHE H 49 43.45 5.09 41.25
N GLU H 50 43.94 6.26 40.86
CA GLU H 50 45.03 6.88 41.59
C GLU H 50 44.63 7.07 43.04
N VAL H 51 43.48 7.68 43.27
CA VAL H 51 43.00 7.92 44.63
C VAL H 51 42.87 6.61 45.40
N ALA H 52 42.45 5.55 44.70
CA ALA H 52 42.28 4.25 45.31
C ALA H 52 43.60 3.70 45.86
N SER H 53 44.71 4.22 45.36
CA SER H 53 46.02 3.75 45.82
C SER H 53 46.53 4.54 47.03
N ARG H 54 45.83 5.60 47.39
CA ARG H 54 46.20 6.44 48.53
C ARG H 54 45.30 6.21 49.75
N VAL H 55 44.01 6.43 49.58
CA VAL H 55 43.03 6.28 50.66
C VAL H 55 42.66 4.80 50.85
N PRO H 56 42.17 4.43 52.03
CA PRO H 56 41.81 3.02 52.25
C PRO H 56 40.54 2.59 51.51
N SER H 57 39.69 3.57 51.17
CA SER H 57 38.45 3.28 50.45
C SER H 57 37.97 4.49 49.67
N VAL H 58 38.28 4.51 48.37
CA VAL H 58 37.86 5.63 47.55
C VAL H 58 36.33 5.68 47.45
N LEU H 59 35.68 4.52 47.51
CA LEU H 59 34.22 4.46 47.41
C LEU H 59 33.59 5.15 48.61
N GLN H 60 34.06 4.81 49.81
CA GLN H 60 33.51 5.41 51.02
C GLN H 60 33.83 6.90 51.12
N SER H 61 35.01 7.30 50.64
CA SER H 61 35.38 8.70 50.69
C SER H 61 34.53 9.51 49.70
N VAL H 62 34.39 9.00 48.47
CA VAL H 62 33.59 9.68 47.46
C VAL H 62 32.12 9.79 47.89
N ALA H 63 31.59 8.70 48.44
CA ALA H 63 30.20 8.67 48.87
C ALA H 63 29.92 9.67 49.99
N MET H 64 30.86 9.82 50.91
CA MET H 64 30.66 10.76 52.00
C MET H 64 30.78 12.18 51.48
N HIS H 65 31.72 12.39 50.57
CA HIS H 65 31.91 13.72 49.99
C HIS H 65 30.65 14.18 49.26
N VAL H 66 30.11 13.33 48.40
CA VAL H 66 28.91 13.69 47.64
C VAL H 66 27.75 14.00 48.59
N ALA H 67 27.55 13.15 49.59
CA ALA H 67 26.48 13.34 50.54
C ALA H 67 26.58 14.70 51.24
N LEU H 68 27.81 15.11 51.56
CA LEU H 68 28.02 16.39 52.21
C LEU H 68 27.84 17.54 51.22
N ALA H 69 28.50 17.45 50.08
CA ALA H 69 28.42 18.48 49.05
C ALA H 69 26.98 18.77 48.65
N TRP H 70 26.13 17.75 48.70
CA TRP H 70 24.73 17.91 48.34
C TRP H 70 23.84 17.91 49.58
N ASP H 71 24.46 18.12 50.74
CA ASP H 71 23.77 18.18 52.03
C ASP H 71 22.61 17.18 52.12
N PHE H 72 22.92 15.89 52.02
CA PHE H 72 21.91 14.85 52.07
C PHE H 72 21.22 14.68 53.42
N PHE H 73 22.00 14.79 54.49
CA PHE H 73 21.47 14.55 55.83
C PHE H 73 21.21 15.77 56.72
N ALA H 74 20.18 15.62 57.53
CA ALA H 74 19.79 16.65 58.49
C ALA H 74 20.20 16.17 59.87
N SER H 75 20.34 14.86 60.02
CA SER H 75 20.71 14.28 61.30
C SER H 75 21.93 13.36 61.23
N GLN H 76 22.62 13.25 62.37
CA GLN H 76 23.80 12.40 62.49
C GLN H 76 23.45 10.95 62.17
N GLU H 77 22.31 10.49 62.68
CA GLU H 77 21.87 9.12 62.48
C GLU H 77 21.75 8.75 61.00
N GLU H 78 21.26 9.68 60.19
CA GLU H 78 21.12 9.42 58.77
C GLU H 78 22.51 9.26 58.16
N ALA H 79 23.39 10.20 58.47
CA ALA H 79 24.75 10.17 57.96
C ALA H 79 25.47 8.87 58.27
N GLN H 80 25.28 8.35 59.48
CA GLN H 80 25.93 7.11 59.87
C GLN H 80 25.35 5.90 59.13
N LYS H 81 24.03 5.86 58.97
CA LYS H 81 23.40 4.77 58.26
C LYS H 81 23.96 4.72 56.85
N TRP H 82 24.20 5.91 56.29
CA TRP H 82 24.73 6.01 54.95
C TRP H 82 26.17 5.50 54.95
N ALA H 83 26.95 5.92 55.93
CA ALA H 83 28.34 5.49 56.04
C ALA H 83 28.40 3.97 56.14
N PHE H 84 27.45 3.40 56.87
CA PHE H 84 27.42 1.95 57.04
C PHE H 84 26.88 1.26 55.79
N LEU H 85 26.01 1.95 55.05
CA LEU H 85 25.45 1.40 53.82
C LEU H 85 26.55 1.22 52.80
N VAL H 86 27.28 2.30 52.53
CA VAL H 86 28.35 2.28 51.55
C VAL H 86 29.40 1.23 51.90
N ALA H 87 29.69 1.09 53.19
CA ALA H 87 30.67 0.11 53.63
C ALA H 87 30.19 -1.30 53.27
N ALA H 88 28.89 -1.54 53.49
CA ALA H 88 28.31 -2.85 53.18
C ALA H 88 28.26 -3.06 51.67
N VAL H 89 27.95 -1.99 50.93
CA VAL H 89 27.88 -2.08 49.47
C VAL H 89 29.24 -2.48 48.92
N GLU H 90 30.29 -1.81 49.39
CA GLU H 90 31.65 -2.11 48.93
C GLU H 90 31.94 -3.58 49.24
N ASN H 91 31.40 -4.05 50.36
CA ASN H 91 31.58 -5.43 50.80
C ASN H 91 30.83 -6.40 49.88
N ASN H 92 29.97 -5.88 49.03
CA ASN H 92 29.21 -6.75 48.11
C ASN H 92 29.73 -6.66 46.68
N TYR H 93 30.81 -5.91 46.49
CA TYR H 93 31.43 -5.79 45.18
C TYR H 93 32.58 -6.80 45.12
N ARG H 94 32.62 -7.60 44.07
CA ARG H 94 33.67 -8.60 43.93
C ARG H 94 34.97 -7.94 43.46
N PRO H 95 36.12 -8.58 43.74
CA PRO H 95 37.40 -8.03 43.33
C PRO H 95 37.71 -8.27 41.84
N ASN H 96 36.76 -7.91 40.99
CA ASN H 96 36.94 -8.08 39.55
C ASN H 96 37.95 -7.06 39.04
N PRO H 97 38.49 -7.28 37.83
CA PRO H 97 39.47 -6.36 37.25
C PRO H 97 38.82 -5.00 36.95
N TYR H 98 37.56 -5.03 36.53
CA TYR H 98 36.84 -3.82 36.18
C TYR H 98 35.59 -3.55 37.03
N HIS H 99 34.62 -4.46 37.00
CA HIS H 99 33.39 -4.25 37.76
C HIS H 99 33.59 -4.50 39.24
N ASN H 100 34.22 -3.52 39.89
CA ASN H 100 34.55 -3.58 41.30
C ASN H 100 34.13 -2.30 42.01
N ALA H 101 34.50 -2.20 43.29
CA ALA H 101 34.19 -1.05 44.11
C ALA H 101 34.78 0.24 43.57
N ILE H 102 35.92 0.14 42.89
CA ILE H 102 36.56 1.32 42.32
C ILE H 102 35.71 1.87 41.17
N HIS H 103 35.12 0.97 40.38
CA HIS H 103 34.25 1.36 39.26
C HIS H 103 33.01 2.06 39.85
N ALA H 104 32.50 1.52 40.95
CA ALA H 104 31.33 2.10 41.61
C ALA H 104 31.64 3.53 42.03
N ALA H 105 32.82 3.73 42.61
CA ALA H 105 33.24 5.06 43.06
C ALA H 105 33.40 5.99 41.87
N ASP H 106 34.04 5.48 40.82
CA ASP H 106 34.27 6.25 39.59
C ASP H 106 32.95 6.69 38.95
N VAL H 107 31.96 5.79 38.93
CA VAL H 107 30.67 6.10 38.35
C VAL H 107 29.93 7.09 39.24
N LEU H 108 30.07 6.95 40.55
CA LEU H 108 29.44 7.87 41.48
C LEU H 108 30.01 9.27 41.32
N GLN H 109 31.33 9.37 41.31
CA GLN H 109 32.00 10.66 41.16
C GLN H 109 31.70 11.27 39.80
N GLY H 110 31.67 10.44 38.77
CA GLY H 110 31.36 10.93 37.44
C GLY H 110 29.96 11.48 37.36
N THR H 111 29.02 10.77 37.97
CA THR H 111 27.63 11.20 37.96
C THR H 111 27.55 12.54 38.68
N PHE H 112 28.27 12.67 39.79
CA PHE H 112 28.30 13.91 40.56
C PHE H 112 28.89 15.04 39.73
N SER H 113 29.96 14.74 39.00
CA SER H 113 30.63 15.72 38.16
C SER H 113 29.73 16.20 37.02
N LEU H 114 29.09 15.26 36.33
CA LEU H 114 28.20 15.59 35.22
C LEU H 114 26.99 16.42 35.64
N VAL H 115 26.34 16.02 36.74
CA VAL H 115 25.18 16.74 37.23
C VAL H 115 25.56 18.15 37.68
N SER H 116 26.61 18.25 38.49
CA SER H 116 27.07 19.54 38.99
C SER H 116 27.37 20.52 37.86
N ALA H 117 27.74 19.98 36.70
CA ALA H 117 28.08 20.80 35.54
C ALA H 117 26.88 21.19 34.66
N ALA H 118 25.70 20.67 34.97
CA ALA H 118 24.52 20.98 34.19
C ALA H 118 23.64 21.99 34.94
N LYS H 119 23.78 23.26 34.56
CA LYS H 119 23.02 24.35 35.17
C LYS H 119 21.53 24.05 35.35
N PRO H 120 20.79 23.90 34.24
CA PRO H 120 19.36 23.61 34.36
C PRO H 120 19.04 22.44 35.27
N LEU H 121 19.71 21.32 35.05
CA LEU H 121 19.46 20.13 35.84
C LEU H 121 19.77 20.39 37.31
N MET H 122 20.90 21.04 37.57
CA MET H 122 21.33 21.34 38.92
C MET H 122 20.36 22.26 39.67
N GLU H 123 19.68 23.13 38.92
CA GLU H 123 18.74 24.07 39.52
C GLU H 123 17.34 23.51 39.81
N HIS H 124 17.00 22.36 39.21
CA HIS H 124 15.68 21.79 39.41
C HIS H 124 15.61 20.44 40.12
N LEU H 125 16.75 19.80 40.35
CA LEU H 125 16.75 18.51 41.04
C LEU H 125 16.39 18.66 42.52
N THR H 126 15.56 17.75 43.02
CA THR H 126 15.16 17.80 44.42
C THR H 126 16.18 17.00 45.21
N PRO H 127 16.26 17.22 46.53
CA PRO H 127 17.23 16.44 47.30
C PRO H 127 16.98 14.94 47.19
N LEU H 128 15.71 14.56 47.13
CA LEU H 128 15.34 13.15 47.02
C LEU H 128 15.88 12.56 45.72
N GLU H 129 15.79 13.32 44.63
CA GLU H 129 16.30 12.86 43.36
C GLU H 129 17.82 12.74 43.40
N CYS H 130 18.49 13.68 44.06
CA CYS H 130 19.95 13.63 44.16
C CYS H 130 20.39 12.41 44.96
N LYS H 131 19.63 12.05 45.98
CA LYS H 131 19.95 10.90 46.81
C LYS H 131 19.77 9.61 46.00
N ALA H 132 18.69 9.54 45.23
CA ALA H 132 18.41 8.37 44.41
C ALA H 132 19.53 8.21 43.39
N ALA H 133 19.96 9.33 42.82
CA ALA H 133 21.03 9.33 41.82
C ALA H 133 22.34 8.79 42.40
N ALA H 134 22.74 9.31 43.55
CA ALA H 134 23.96 8.87 44.21
C ALA H 134 23.87 7.40 44.62
N PHE H 135 22.74 7.03 45.24
CA PHE H 135 22.54 5.65 45.66
C PHE H 135 22.55 4.72 44.45
N ALA H 136 21.90 5.15 43.36
CA ALA H 136 21.87 4.33 42.15
C ALA H 136 23.29 4.10 41.62
N ALA H 137 24.05 5.18 41.49
CA ALA H 137 25.44 5.08 41.01
C ALA H 137 26.23 4.15 41.94
N LEU H 138 26.09 4.37 43.24
CA LEU H 138 26.79 3.57 44.24
C LEU H 138 26.59 2.06 44.12
N THR H 139 25.35 1.64 43.90
CA THR H 139 25.02 0.23 43.80
C THR H 139 24.80 -0.32 42.39
N HIS H 140 24.92 0.51 41.36
CA HIS H 140 24.61 0.09 40.00
C HIS H 140 25.21 -1.22 39.48
N ASP H 141 26.34 -1.66 40.05
CA ASP H 141 26.95 -2.92 39.60
C ASP H 141 27.19 -3.89 40.76
N VAL H 142 26.56 -3.63 41.90
CA VAL H 142 26.76 -4.47 43.07
C VAL H 142 26.59 -5.96 42.79
N CYS H 143 27.56 -6.75 43.25
CA CYS H 143 27.59 -8.20 43.09
C CYS H 143 27.89 -8.66 41.66
N HIS H 144 28.30 -7.75 40.79
CA HIS H 144 28.63 -8.10 39.40
C HIS H 144 29.68 -9.22 39.42
N PRO H 145 29.44 -10.31 38.66
CA PRO H 145 30.36 -11.45 38.61
C PRO H 145 31.48 -11.40 37.56
N GLY H 146 31.58 -10.30 36.82
CA GLY H 146 32.61 -10.20 35.82
C GLY H 146 32.27 -10.91 34.52
N ARG H 147 30.98 -11.15 34.31
CA ARG H 147 30.50 -11.81 33.09
C ARG H 147 29.27 -11.03 32.61
N THR H 148 28.98 -11.11 31.32
CA THR H 148 27.85 -10.39 30.73
C THR H 148 26.51 -11.11 30.89
N ASN H 149 25.43 -10.39 30.58
CA ASN H 149 24.10 -10.98 30.66
C ASN H 149 23.98 -12.11 29.66
N ALA H 150 24.59 -11.94 28.49
CA ALA H 150 24.53 -12.96 27.45
C ALA H 150 25.23 -14.23 27.93
N PHE H 151 26.24 -14.07 28.78
CA PHE H 151 26.97 -15.22 29.30
C PHE H 151 26.07 -15.99 30.28
N LEU H 152 25.47 -15.26 31.22
CA LEU H 152 24.60 -15.87 32.22
C LEU H 152 23.49 -16.68 31.56
N ALA H 153 22.93 -16.15 30.48
CA ALA H 153 21.88 -16.85 29.76
C ALA H 153 22.45 -18.10 29.09
N ALA H 154 23.64 -17.98 28.50
CA ALA H 154 24.28 -19.09 27.80
C ALA H 154 24.60 -20.26 28.71
N VAL H 155 24.81 -20.00 30.00
CA VAL H 155 25.11 -21.07 30.95
C VAL H 155 23.90 -21.44 31.78
N GLN H 156 22.75 -20.86 31.44
CA GLN H 156 21.50 -21.10 32.14
C GLN H 156 21.64 -20.85 33.64
N ASP H 157 22.30 -19.76 33.99
CA ASP H 157 22.51 -19.38 35.40
C ASP H 157 21.17 -19.08 36.06
N PRO H 158 20.97 -19.58 37.30
CA PRO H 158 19.71 -19.33 38.01
C PRO H 158 19.28 -17.86 38.08
N VAL H 159 20.25 -16.96 38.07
CA VAL H 159 19.93 -15.54 38.13
C VAL H 159 19.18 -15.10 36.88
N SER H 160 19.38 -15.82 35.78
CA SER H 160 18.72 -15.50 34.52
C SER H 160 17.29 -15.98 34.55
N PHE H 161 17.01 -16.94 35.43
CA PHE H 161 15.68 -17.50 35.58
C PHE H 161 14.88 -16.68 36.60
N LYS H 162 15.57 -16.16 37.59
CA LYS H 162 14.94 -15.34 38.63
C LYS H 162 14.56 -13.97 38.07
N PHE H 163 15.48 -13.37 37.34
CA PHE H 163 15.24 -12.06 36.74
C PHE H 163 15.13 -12.27 35.24
N SER H 164 13.89 -12.40 34.75
CA SER H 164 13.63 -12.65 33.34
C SER H 164 13.63 -11.41 32.48
N GLY H 165 13.73 -11.61 31.17
CA GLY H 165 13.75 -10.50 30.24
C GLY H 165 15.12 -9.87 30.14
N LYS H 166 15.18 -8.73 29.47
CA LYS H 166 16.45 -8.02 29.30
C LYS H 166 17.00 -7.51 30.64
N GLY H 167 18.26 -7.11 30.63
CA GLY H 167 18.90 -6.58 31.83
C GLY H 167 18.93 -7.46 33.07
N THR H 168 19.29 -8.73 32.88
CA THR H 168 19.34 -9.67 34.00
C THR H 168 20.15 -9.11 35.17
N LEU H 169 21.41 -8.79 34.93
CA LEU H 169 22.27 -8.26 35.98
C LEU H 169 21.77 -6.97 36.59
N GLU H 170 21.27 -6.06 35.75
CA GLU H 170 20.76 -4.78 36.23
C GLU H 170 19.59 -4.97 37.20
N GLN H 171 18.75 -5.96 36.92
CA GLN H 171 17.63 -6.24 37.81
C GLN H 171 18.21 -6.74 39.12
N LEU H 172 19.27 -7.55 39.01
CA LEU H 172 19.94 -8.12 40.17
C LEU H 172 20.55 -7.00 41.02
N HIS H 173 21.27 -6.08 40.39
CA HIS H 173 21.89 -4.99 41.12
C HIS H 173 20.82 -4.19 41.88
N THR H 174 19.73 -3.89 41.21
CA THR H 174 18.63 -3.13 41.80
C THR H 174 18.05 -3.85 43.02
N ALA H 175 17.69 -5.12 42.85
CA ALA H 175 17.13 -5.92 43.95
C ALA H 175 18.11 -6.00 45.12
N THR H 176 19.39 -6.14 44.82
CA THR H 176 20.41 -6.23 45.86
C THR H 176 20.53 -4.88 46.57
N ALA H 177 20.47 -3.81 45.80
CA ALA H 177 20.56 -2.46 46.35
C ALA H 177 19.46 -2.27 47.40
N PHE H 178 18.24 -2.66 47.06
CA PHE H 178 17.12 -2.52 47.97
C PHE H 178 17.21 -3.48 49.16
N GLU H 179 17.76 -4.66 48.92
CA GLU H 179 17.91 -5.65 49.98
C GLU H 179 18.84 -5.10 51.07
N LEU H 180 19.91 -4.42 50.65
CA LEU H 180 20.86 -3.86 51.59
C LEU H 180 20.28 -2.64 52.31
N LEU H 181 19.55 -1.81 51.57
CA LEU H 181 18.94 -0.60 52.12
C LEU H 181 17.86 -0.95 53.14
N ASN H 182 17.31 -2.15 53.04
CA ASN H 182 16.26 -2.61 53.94
C ASN H 182 16.81 -2.93 55.35
N VAL H 183 18.14 -3.06 55.45
CA VAL H 183 18.81 -3.34 56.71
C VAL H 183 18.74 -2.08 57.58
N THR H 184 18.13 -2.20 58.76
CA THR H 184 17.98 -1.06 59.66
C THR H 184 19.21 -0.18 59.79
N GLU H 185 20.38 -0.78 59.99
CA GLU H 185 21.61 0.01 60.13
C GLU H 185 22.07 0.71 58.86
N PHE H 186 21.56 0.27 57.70
CA PHE H 186 21.96 0.89 56.44
C PHE H 186 20.83 1.74 55.84
N ASP H 187 19.64 1.63 56.41
CA ASP H 187 18.48 2.36 55.92
C ASP H 187 18.52 3.86 56.19
N PHE H 188 19.27 4.59 55.38
CA PHE H 188 19.38 6.03 55.57
C PHE H 188 18.13 6.74 55.05
N THR H 189 17.22 5.98 54.43
CA THR H 189 15.98 6.57 53.91
C THR H 189 14.78 6.29 54.82
N SER H 190 15.02 5.61 55.93
CA SER H 190 13.93 5.29 56.86
C SER H 190 13.14 6.53 57.30
N SER H 191 13.81 7.66 57.43
CA SER H 191 13.13 8.89 57.85
C SER H 191 12.21 9.41 56.74
N MET H 192 12.33 8.81 55.56
CA MET H 192 11.54 9.21 54.41
C MET H 192 10.07 8.82 54.47
N ASP H 193 9.25 9.65 53.82
CA ASP H 193 7.81 9.47 53.70
C ASP H 193 7.55 8.18 52.94
N ASN H 194 6.40 7.54 53.16
CA ASN H 194 6.08 6.31 52.42
C ASN H 194 6.00 6.66 50.93
N ALA H 195 5.38 7.79 50.63
CA ALA H 195 5.24 8.23 49.25
C ALA H 195 6.59 8.62 48.69
N SER H 196 7.42 9.23 49.54
CA SER H 196 8.75 9.64 49.12
C SER H 196 9.64 8.43 48.87
N PHE H 197 9.58 7.45 49.76
CA PHE H 197 10.40 6.24 49.60
C PHE H 197 10.04 5.51 48.31
N LEU H 198 8.75 5.55 47.97
CA LEU H 198 8.26 4.92 46.74
C LEU H 198 8.88 5.60 45.53
N GLU H 199 8.87 6.93 45.55
CA GLU H 199 9.43 7.74 44.48
C GLU H 199 10.91 7.38 44.34
N PHE H 200 11.59 7.31 45.47
CA PHE H 200 13.00 6.98 45.53
C PHE H 200 13.28 5.63 44.86
N LYS H 201 12.55 4.60 45.25
CA LYS H 201 12.75 3.27 44.67
C LYS H 201 12.50 3.25 43.16
N ASN H 202 11.47 3.96 42.71
CA ASN H 202 11.17 3.99 41.29
C ASN H 202 12.23 4.71 40.48
N ILE H 203 12.85 5.72 41.08
CA ILE H 203 13.91 6.45 40.38
C ILE H 203 15.16 5.56 40.32
N VAL H 204 15.51 4.95 41.45
CA VAL H 204 16.68 4.08 41.53
C VAL H 204 16.53 2.90 40.56
N SER H 205 15.33 2.34 40.51
CA SER H 205 15.04 1.20 39.64
C SER H 205 15.25 1.61 38.18
N HIS H 206 14.74 2.79 37.84
CA HIS H 206 14.89 3.32 36.48
C HIS H 206 16.36 3.56 36.14
N LEU H 207 17.06 4.28 37.01
CA LEU H 207 18.47 4.59 36.78
C LEU H 207 19.37 3.36 36.60
N ILE H 208 19.27 2.40 37.50
CA ILE H 208 20.10 1.20 37.38
C ILE H 208 19.67 0.39 36.16
N GLY H 209 18.36 0.22 36.00
CA GLY H 209 17.85 -0.55 34.87
C GLY H 209 18.37 -0.02 33.54
N HIS H 210 18.49 1.30 33.44
CA HIS H 210 18.96 1.89 32.20
C HIS H 210 20.46 1.90 31.97
N THR H 211 21.22 1.17 32.80
CA THR H 211 22.66 1.08 32.60
C THR H 211 22.93 -0.15 31.73
N ASP H 212 21.86 -0.85 31.35
CA ASP H 212 21.97 -2.04 30.50
C ASP H 212 22.42 -1.61 29.11
N MET H 213 23.65 -1.95 28.73
CA MET H 213 24.18 -1.57 27.41
C MET H 213 23.39 -2.19 26.27
N SER H 214 22.54 -3.15 26.62
CA SER H 214 21.70 -3.82 25.64
C SER H 214 20.72 -2.84 24.98
N LEU H 215 20.31 -1.82 25.73
CA LEU H 215 19.36 -0.83 25.24
C LEU H 215 20.00 0.42 24.62
N HIS H 216 21.31 0.40 24.43
CA HIS H 216 22.00 1.55 23.88
C HIS H 216 21.34 2.18 22.65
N SER H 217 21.26 1.43 21.56
CA SER H 217 20.67 1.94 20.33
C SER H 217 19.28 2.54 20.52
N GLU H 218 18.40 1.80 21.18
CA GLU H 218 17.05 2.29 21.41
C GLU H 218 17.09 3.55 22.27
N THR H 219 18.04 3.62 23.19
CA THR H 219 18.16 4.76 24.07
C THR H 219 18.61 6.01 23.32
N VAL H 220 19.61 5.85 22.45
CA VAL H 220 20.11 6.97 21.68
C VAL H 220 19.02 7.47 20.74
N ALA H 221 18.23 6.54 20.21
CA ALA H 221 17.16 6.91 19.30
C ALA H 221 16.12 7.72 20.07
N LYS H 222 15.84 7.31 21.30
CA LYS H 222 14.86 7.98 22.14
C LYS H 222 15.28 9.41 22.48
N HIS H 223 16.52 9.58 22.93
CA HIS H 223 17.01 10.90 23.29
C HIS H 223 17.11 11.77 22.03
N GLY H 224 17.40 11.13 20.90
CA GLY H 224 17.49 11.86 19.65
C GLY H 224 16.15 12.52 19.36
N ALA H 225 15.08 11.78 19.61
CA ALA H 225 13.73 12.30 19.37
C ALA H 225 13.49 13.44 20.34
N LYS H 226 13.86 13.23 21.60
CA LYS H 226 13.69 14.25 22.62
C LYS H 226 14.40 15.52 22.18
N LEU H 227 15.63 15.35 21.71
CA LEU H 227 16.43 16.48 21.25
C LEU H 227 15.74 17.18 20.09
N SER H 228 15.18 16.39 19.17
CA SER H 228 14.49 16.94 18.01
C SER H 228 13.18 17.61 18.42
N ALA H 229 12.68 17.25 19.59
CA ALA H 229 11.43 17.82 20.09
C ALA H 229 11.68 19.03 20.98
N GLY H 230 12.95 19.39 21.14
CA GLY H 230 13.27 20.56 21.96
C GLY H 230 14.26 20.30 23.07
N GLY H 231 14.49 19.03 23.41
CA GLY H 231 15.43 18.72 24.47
C GLY H 231 14.74 18.59 25.82
N PHE H 232 15.53 18.48 26.88
CA PHE H 232 14.99 18.32 28.22
C PHE H 232 14.43 19.60 28.83
N ASP H 233 13.29 19.46 29.50
CA ASP H 233 12.67 20.57 30.21
C ASP H 233 12.82 20.11 31.65
N CYS H 234 13.88 20.59 32.31
CA CYS H 234 14.17 20.19 33.68
C CYS H 234 13.14 20.63 34.71
N THR H 235 12.07 21.26 34.22
CA THR H 235 11.01 21.70 35.10
C THR H 235 10.08 20.49 35.29
N CYS H 236 10.18 19.55 34.37
CA CYS H 236 9.36 18.33 34.39
C CYS H 236 10.13 17.14 35.02
N LYS H 237 9.56 16.58 36.09
CA LYS H 237 10.15 15.43 36.78
C LYS H 237 10.61 14.35 35.81
N GLU H 238 9.70 13.99 34.89
CA GLU H 238 9.97 12.96 33.90
C GLU H 238 11.25 13.24 33.13
N ASP H 239 11.43 14.48 32.67
CA ASP H 239 12.63 14.83 31.94
C ASP H 239 13.87 14.75 32.80
N ARG H 240 13.75 15.14 34.08
CA ARG H 240 14.89 15.09 34.98
C ARG H 240 15.34 13.63 35.19
N LEU H 241 14.37 12.72 35.26
CA LEU H 241 14.71 11.31 35.45
C LEU H 241 15.44 10.81 34.21
N GLU H 242 14.94 11.18 33.04
CA GLU H 242 15.55 10.78 31.78
C GLU H 242 16.97 11.34 31.69
N ALA H 243 17.12 12.61 32.04
CA ALA H 243 18.42 13.27 32.01
C ALA H 243 19.38 12.56 32.97
N LEU H 244 18.91 12.31 34.19
CA LEU H 244 19.74 11.62 35.17
C LEU H 244 20.15 10.25 34.64
N SER H 245 19.23 9.58 33.98
CA SER H 245 19.52 8.26 33.44
C SER H 245 20.62 8.34 32.39
N LEU H 246 20.62 9.42 31.62
CA LEU H 246 21.62 9.60 30.58
C LEU H 246 22.98 9.90 31.19
N LEU H 247 23.00 10.80 32.18
CA LEU H 247 24.25 11.17 32.83
C LEU H 247 24.88 9.99 33.57
N LEU H 248 24.05 9.21 34.25
CA LEU H 248 24.55 8.06 34.99
C LEU H 248 25.15 7.05 34.02
N HIS H 249 24.47 6.83 32.90
CA HIS H 249 24.94 5.91 31.88
C HIS H 249 26.28 6.39 31.28
N ALA H 250 26.38 7.70 31.06
CA ALA H 250 27.60 8.28 30.50
C ALA H 250 28.74 8.12 31.50
N ALA H 251 28.43 8.31 32.77
CA ALA H 251 29.45 8.15 33.79
C ALA H 251 29.88 6.68 33.85
N ASP H 252 28.91 5.77 33.68
CA ASP H 252 29.17 4.34 33.72
C ASP H 252 30.21 3.93 32.66
N ILE H 253 30.03 4.41 31.43
CA ILE H 253 30.95 4.08 30.35
C ILE H 253 31.86 5.25 29.95
N GLY H 254 32.07 6.20 30.84
CA GLY H 254 32.88 7.35 30.48
C GLY H 254 34.31 7.48 30.96
N ALA H 255 34.82 6.46 31.64
CA ALA H 255 36.19 6.54 32.13
C ALA H 255 37.17 6.85 31.00
N SER H 256 36.93 6.29 29.81
CA SER H 256 37.84 6.53 28.69
C SER H 256 37.76 7.95 28.13
N SER H 257 36.86 8.76 28.70
CA SER H 257 36.70 10.15 28.24
C SER H 257 37.28 11.13 29.25
N ARG H 258 37.91 10.61 30.29
CA ARG H 258 38.50 11.44 31.33
C ARG H 258 39.96 11.76 31.05
N GLY H 259 40.44 11.41 29.85
CA GLY H 259 41.83 11.67 29.51
C GLY H 259 42.57 10.39 29.15
N VAL H 260 43.59 10.52 28.32
CA VAL H 260 44.40 9.39 27.87
C VAL H 260 44.93 8.53 29.02
N ALA H 261 45.48 9.18 30.04
CA ALA H 261 46.05 8.48 31.20
C ALA H 261 45.05 7.59 31.92
N ILE H 262 43.89 8.16 32.26
CA ILE H 262 42.86 7.41 32.96
C ILE H 262 42.27 6.33 32.05
N ALA H 263 42.02 6.70 30.80
CA ALA H 263 41.46 5.75 29.83
C ALA H 263 42.22 4.43 29.86
N ARG H 264 43.55 4.51 29.82
CA ARG H 264 44.38 3.31 29.83
C ARG H 264 44.16 2.44 31.06
N LYS H 265 44.04 3.07 32.22
CA LYS H 265 43.84 2.34 33.46
C LYS H 265 42.59 1.46 33.43
N TRP H 266 41.55 1.91 32.75
CA TRP H 266 40.31 1.14 32.69
C TRP H 266 40.27 0.08 31.62
N LEU H 267 41.39 -0.12 30.94
CA LEU H 267 41.45 -1.14 29.90
C LEU H 267 41.47 -2.50 30.60
N VAL H 268 41.44 -2.48 31.93
CA VAL H 268 41.44 -3.71 32.71
C VAL H 268 40.20 -4.53 32.36
N ILE H 269 39.23 -3.89 31.72
CA ILE H 269 38.00 -4.58 31.33
C ILE H 269 38.31 -5.73 30.37
N LEU H 270 39.36 -5.57 29.58
CA LEU H 270 39.74 -6.59 28.62
C LEU H 270 40.07 -7.92 29.30
N GLN H 271 40.48 -7.86 30.56
CA GLN H 271 40.81 -9.08 31.31
C GLN H 271 39.54 -9.88 31.54
N GLU H 272 38.46 -9.19 31.92
CA GLU H 272 37.19 -9.87 32.15
C GLU H 272 36.70 -10.52 30.87
N PHE H 273 36.87 -9.82 29.76
CA PHE H 273 36.47 -10.33 28.46
C PHE H 273 37.28 -11.56 28.09
N ALA H 274 38.58 -11.50 28.34
CA ALA H 274 39.48 -12.62 28.04
C ALA H 274 39.12 -13.80 28.94
N ASP H 275 38.87 -13.50 30.21
CA ASP H 275 38.48 -14.53 31.18
C ASP H 275 37.18 -15.19 30.72
N GLN H 276 36.22 -14.37 30.26
CA GLN H 276 34.94 -14.91 29.80
C GLN H 276 35.12 -15.75 28.54
N ALA H 277 35.99 -15.31 27.63
CA ALA H 277 36.25 -16.04 26.40
C ALA H 277 36.77 -17.45 26.70
N GLU H 278 37.67 -17.54 27.67
CA GLU H 278 38.23 -18.82 28.07
C GLU H 278 37.18 -19.64 28.84
N ASP H 279 36.37 -18.95 29.63
CA ASP H 279 35.33 -19.60 30.41
C ASP H 279 34.35 -20.24 29.42
N GLU H 280 33.96 -19.49 28.39
CA GLU H 280 33.05 -19.99 27.38
C GLU H 280 33.64 -21.21 26.68
N ARG H 281 34.92 -21.15 26.32
CA ARG H 281 35.57 -22.27 25.65
C ARG H 281 35.55 -23.51 26.53
N ARG H 282 35.95 -23.35 27.79
CA ARG H 282 35.98 -24.48 28.73
C ARG H 282 34.59 -25.08 28.94
N ARG H 283 33.55 -24.25 28.90
CA ARG H 283 32.19 -24.73 29.06
C ARG H 283 31.64 -25.29 27.76
N GLY H 284 32.44 -25.25 26.70
CA GLY H 284 32.01 -25.76 25.42
C GLY H 284 30.96 -24.88 24.75
N LEU H 285 31.06 -23.58 24.96
CA LEU H 285 30.10 -22.65 24.38
C LEU H 285 30.75 -21.79 23.31
N PRO H 286 29.95 -21.24 22.39
CA PRO H 286 30.52 -20.40 21.35
C PRO H 286 31.27 -19.27 22.04
N VAL H 287 32.47 -18.96 21.56
CA VAL H 287 33.27 -17.89 22.15
C VAL H 287 32.76 -16.54 21.64
N THR H 288 32.52 -15.62 22.56
CA THR H 288 32.04 -14.29 22.19
C THR H 288 33.09 -13.59 21.32
N PRO H 289 32.70 -13.20 20.10
CA PRO H 289 33.60 -12.53 19.16
C PRO H 289 34.25 -11.29 19.77
N GLY H 290 35.56 -11.16 19.58
CA GLY H 290 36.27 -10.00 20.11
C GLY H 290 36.70 -10.05 21.56
N PHE H 291 36.13 -10.95 22.37
CA PHE H 291 36.50 -11.02 23.78
C PHE H 291 37.89 -11.58 24.05
N GLU H 292 38.38 -12.44 23.18
CA GLU H 292 39.71 -12.99 23.38
C GLU H 292 40.68 -11.82 23.29
N THR H 293 41.80 -11.90 23.99
CA THR H 293 42.78 -10.81 23.97
C THR H 293 43.09 -10.40 22.53
N PRO H 294 42.84 -9.12 22.19
CA PRO H 294 43.09 -8.60 20.85
C PRO H 294 44.58 -8.42 20.57
N SER H 295 44.98 -8.63 19.32
CA SER H 295 46.38 -8.46 18.92
C SER H 295 46.74 -6.99 19.06
N SER H 296 45.78 -6.12 18.76
CA SER H 296 45.96 -4.69 18.85
C SER H 296 44.86 -4.07 19.71
N VAL H 297 45.12 -3.94 21.00
CA VAL H 297 44.15 -3.36 21.92
C VAL H 297 43.67 -2.01 21.41
N GLU H 298 44.62 -1.18 20.96
CA GLU H 298 44.31 0.13 20.44
C GLU H 298 43.34 0.08 19.27
N LYS H 299 43.51 -0.93 18.41
CA LYS H 299 42.64 -1.08 17.25
C LYS H 299 41.27 -1.60 17.66
N SER H 300 41.24 -2.42 18.70
CA SER H 300 39.98 -3.00 19.17
C SER H 300 39.11 -1.98 19.91
N GLN H 301 39.74 -0.96 20.47
CA GLN H 301 39.01 0.07 21.21
C GLN H 301 38.32 1.08 20.31
N ILE H 302 38.83 1.22 19.09
CA ILE H 302 38.26 2.16 18.13
C ILE H 302 36.77 1.92 17.87
N PRO H 303 36.38 0.66 17.59
CA PRO H 303 34.97 0.37 17.34
C PRO H 303 34.10 0.76 18.54
N PHE H 304 34.56 0.38 19.73
CA PHE H 304 33.84 0.69 20.96
C PHE H 304 33.57 2.19 21.09
N LEU H 305 34.58 3.00 20.79
CA LEU H 305 34.44 4.45 20.89
C LEU H 305 33.50 5.00 19.82
N ASP H 306 33.61 4.49 18.60
CA ASP H 306 32.78 4.96 17.51
C ASP H 306 31.31 4.62 17.62
N PHE H 307 31.00 3.46 18.18
CA PHE H 307 29.61 3.04 18.28
C PHE H 307 28.93 3.24 19.64
N PHE H 308 29.70 3.41 20.70
CA PHE H 308 29.09 3.58 22.01
C PHE H 308 29.48 4.83 22.78
N VAL H 309 30.73 4.91 23.19
CA VAL H 309 31.20 6.05 23.96
C VAL H 309 31.00 7.39 23.26
N ILE H 310 31.61 7.56 22.10
CA ILE H 310 31.48 8.82 21.37
C ILE H 310 30.01 9.19 21.15
N PRO H 311 29.20 8.29 20.54
CA PRO H 311 27.80 8.64 20.33
C PRO H 311 27.09 9.11 21.61
N THR H 312 27.41 8.48 22.73
CA THR H 312 26.79 8.82 23.99
C THR H 312 27.15 10.24 24.45
N PHE H 313 28.43 10.59 24.38
CA PHE H 313 28.83 11.92 24.80
C PHE H 313 28.49 13.01 23.78
N ASP H 314 28.35 12.62 22.52
CA ASP H 314 27.98 13.59 21.50
C ASP H 314 26.53 13.96 21.83
N LEU H 315 25.70 12.94 22.02
CA LEU H 315 24.30 13.14 22.36
C LEU H 315 24.21 13.95 23.65
N LEU H 316 25.07 13.64 24.61
CA LEU H 316 25.08 14.35 25.88
C LEU H 316 25.36 15.83 25.64
N HIS H 317 26.33 16.12 24.78
CA HIS H 317 26.68 17.52 24.48
C HIS H 317 25.54 18.23 23.76
N GLN H 318 24.83 17.50 22.90
CA GLN H 318 23.70 18.04 22.16
C GLN H 318 22.63 18.56 23.11
N LEU H 319 22.30 17.73 24.09
CA LEU H 319 21.26 18.05 25.07
C LEU H 319 21.73 19.00 26.16
N PHE H 320 23.02 18.96 26.48
CA PHE H 320 23.61 19.82 27.50
C PHE H 320 24.92 20.41 26.97
N PRO H 321 24.82 21.50 26.19
CA PRO H 321 25.92 22.24 25.57
C PRO H 321 27.13 22.57 26.46
N SER H 322 26.90 22.72 27.77
CA SER H 322 27.99 23.04 28.68
C SER H 322 29.00 21.92 28.85
N ILE H 323 28.59 20.69 28.57
CA ILE H 323 29.45 19.52 28.73
C ILE H 323 30.19 19.17 27.44
N GLU H 324 31.43 19.65 27.31
CA GLU H 324 32.23 19.41 26.13
C GLU H 324 33.53 18.64 26.35
N GLU H 325 34.19 18.89 27.47
CA GLU H 325 35.47 18.24 27.77
C GLU H 325 35.50 16.75 27.40
N PRO H 326 34.53 15.96 27.89
CA PRO H 326 34.53 14.54 27.56
C PRO H 326 34.55 14.28 26.06
N LEU H 327 33.67 14.97 25.34
CA LEU H 327 33.61 14.82 23.89
C LEU H 327 34.96 15.17 23.28
N HIS H 328 35.62 16.17 23.87
CA HIS H 328 36.93 16.62 23.39
C HIS H 328 38.00 15.57 23.68
N ASN H 329 37.94 14.99 24.89
CA ASN H 329 38.91 13.97 25.25
C ASN H 329 38.80 12.72 24.37
N LEU H 330 37.58 12.27 24.10
CA LEU H 330 37.38 11.10 23.26
C LEU H 330 38.04 11.29 21.91
N ARG H 331 37.71 12.39 21.25
CA ARG H 331 38.26 12.69 19.94
C ARG H 331 39.78 12.58 19.92
N LYS H 332 40.42 12.96 21.02
CA LYS H 332 41.87 12.85 21.09
C LYS H 332 42.34 11.43 21.38
N LEU H 333 41.53 10.68 22.12
CA LEU H 333 41.88 9.30 22.44
C LEU H 333 41.77 8.42 21.21
N ARG H 334 40.68 8.56 20.47
CA ARG H 334 40.46 7.77 19.26
C ARG H 334 41.49 8.15 18.20
N GLU H 335 41.82 9.43 18.14
CA GLU H 335 42.79 9.94 17.19
C GLU H 335 44.15 9.34 17.57
N LEU H 336 44.32 9.04 18.86
CA LEU H 336 45.55 8.45 19.37
C LEU H 336 45.63 6.97 19.04
N TYR H 337 44.52 6.26 19.19
CA TYR H 337 44.48 4.83 18.91
C TYR H 337 44.70 4.58 17.42
N ALA H 338 44.11 5.44 16.59
CA ALA H 338 44.23 5.31 15.14
C ALA H 338 45.70 5.39 14.71
N ALA H 339 46.48 6.22 15.38
CA ALA H 339 47.89 6.39 15.05
C ALA H 339 48.74 5.22 15.54
N LYS H 340 48.34 4.64 16.66
CA LYS H 340 49.06 3.52 17.24
C LYS H 340 48.78 2.24 16.44
N ALA H 341 47.56 2.12 15.95
CA ALA H 341 47.15 0.95 15.19
C ALA H 341 47.20 1.19 13.69
N GLY H 342 47.46 2.44 13.30
CA GLY H 342 47.52 2.78 11.89
C GLY H 342 46.16 2.67 11.22
ZN ZN I . -24.59 -12.34 -12.30
MG MG J . -24.98 -12.53 -15.96
ZN ZN K . 18.92 -9.21 -22.66
MG MG L . 18.22 -12.44 -24.26
ZN ZN M . -19.50 4.13 -42.95
MG MG N . -21.32 3.99 -39.82
ZN ZN O . 9.09 -43.02 -18.64
MG MG P . 11.85 -40.46 -17.86
ZN ZN Q . -17.15 37.71 26.69
MG MG R . -15.59 38.07 23.36
ZN ZN S . -5.28 -6.66 29.44
MG MG T . -2.84 -5.42 31.80
ZN ZN U . 9.58 28.52 5.40
MG MG V . 8.57 30.37 8.44
ZN ZN W . 29.01 -0.21 35.50
MG MG X . 26.40 -2.74 34.88
#